data_8WH2
#
_entry.id   8WH2
#
_cell.length_a   1.00
_cell.length_b   1.00
_cell.length_c   1.00
_cell.angle_alpha   90.00
_cell.angle_beta   90.00
_cell.angle_gamma   90.00
#
_symmetry.space_group_name_H-M   'P 1'
#
loop_
_entity.id
_entity.type
_entity.pdbx_description
1 polymer 'Uncoating factor OPG117'
2 polymer "DNA (5'-D(P*CP*CP*CP*CP*C)-3')"
3 non-polymer "ADENOSINE-5'-TRIPHOSPHATE"
4 non-polymer 'MAGNESIUM ION'
5 non-polymer "ADENOSINE-5'-DIPHOSPHATE"
#
loop_
_entity_poly.entity_id
_entity_poly.type
_entity_poly.pdbx_seq_one_letter_code
_entity_poly.pdbx_strand_id
1 'polypeptide(L)'
;MDAAIRGNDVIFVLKTIGVPSACRQNEDPRFVEAFKCDELERYIDNNPECTLFESLRDEEAYSIVRIFMDVDLDACLDEI
DYLTAIQDFIIEVSNCVARFAFTECGAIHENVIKSMRSNFSLTKSTNRDKTSFHIIFLDTYTTMDTLIAMKRTLLELSRS
SENPLTRSIDTAVYRRKTTLRVVGTRKNPNCDTIHVMQPPHDNIEDYLFTYVDMNNNSYYFSLQRRLEDLVPDKLWEPGF
ISFEDAIKRVSKIFINSIINFNDLDENNFTTVPLVIDYVTPCALCKKRSHKHPHQLSLENGAIRIYKTGNPHSCKVKIVP
LDGNKLFNIAQRILDTNSVLLTERGDHIVWINNSWKFNSEEPLITKLILSIRHQLPKEYSSELLCPRKRKTVEANIRDML
VDSVETDTYPDKLPFKNGVLDLVDGMFYSGDDAKKYTCTVSTGFKFDDTKFVEDSPEMEELMNIINDIQPLTDENKKNRE
LYEKTLSSCLCGATKGCLTFFFGETATGKSTTKRLLKSAIGDLFVETGQTILTDVLDKGPNPFIANMHLKRSVFCSELPD
FACSGSKKIRSDNIKKLTEPCVIGRPCFSNKINNRNHATIIIDTNYKPVFDRIDNALMRRIAVVRFRTHFSQPSGREAAE
NNDAYDKVKLLDEGLDGKIQNNRYRFAFLYLLVKWYKKYHIPIMKLYPTPEEIPDFAFYLKIGTLLVSSSVKHIPLMTDL
SKKGYILYDNVVTLPLTTFQQKISKYFNSRLFGHDIESFINRHKKFANVSDEYLQYIFIEDISSP
;
A,B,C,D,E,F
2 'polydeoxyribonucleotide' (DC)(DC)(DC)(DC)(DC) T
#
loop_
_chem_comp.id
_chem_comp.type
_chem_comp.name
_chem_comp.formula
ADP non-polymer ADENOSINE-5'-DIPHOSPHATE 'C10 H15 N5 O10 P2'
ATP non-polymer ADENOSINE-5'-TRIPHOSPHATE 'C10 H16 N5 O13 P3'
DC DNA linking 2'-DEOXYCYTIDINE-5'-MONOPHOSPHATE 'C9 H14 N3 O7 P'
MG non-polymer 'MAGNESIUM ION' 'Mg 2'
#
# COMPACT_ATOMS: atom_id res chain seq x y z
N GLY A 323 -27.97 51.50 5.01
CA GLY A 323 -28.30 50.63 3.90
C GLY A 323 -28.03 49.17 4.18
N ASN A 324 -28.21 48.33 3.16
CA ASN A 324 -27.98 46.88 3.25
C ASN A 324 -28.84 46.25 4.34
N LYS A 325 -30.16 46.25 4.06
CA LYS A 325 -31.14 45.50 4.83
C LYS A 325 -30.63 44.11 5.21
N LEU A 326 -29.96 43.43 4.28
CA LEU A 326 -29.44 42.10 4.56
C LEU A 326 -28.33 42.14 5.60
N PHE A 327 -27.46 43.15 5.53
CA PHE A 327 -26.44 43.32 6.56
C PHE A 327 -27.06 43.59 7.91
N ASN A 328 -28.13 44.39 7.93
CA ASN A 328 -28.83 44.66 9.19
C ASN A 328 -29.46 43.39 9.76
N ILE A 329 -30.04 42.55 8.89
CA ILE A 329 -30.59 41.28 9.34
C ILE A 329 -29.50 40.40 9.93
N ALA A 330 -28.36 40.33 9.25
CA ALA A 330 -27.26 39.52 9.77
C ALA A 330 -26.75 40.03 11.10
N GLN A 331 -26.65 41.35 11.25
CA GLN A 331 -26.23 41.93 12.52
C GLN A 331 -27.23 41.63 13.63
N ARG A 332 -28.54 41.73 13.33
CA ARG A 332 -29.55 41.40 14.32
C ARG A 332 -29.46 39.94 14.75
N ILE A 333 -29.27 39.03 13.78
CA ILE A 333 -29.13 37.62 14.11
C ILE A 333 -27.88 37.38 14.95
N LEU A 334 -26.78 38.05 14.62
CA LEU A 334 -25.55 37.89 15.38
C LEU A 334 -25.70 38.43 16.80
N ASP A 335 -26.55 39.43 17.00
CA ASP A 335 -26.74 40.00 18.33
C ASP A 335 -27.46 39.05 19.28
N THR A 336 -28.11 38.00 18.76
CA THR A 336 -28.79 37.03 19.60
C THR A 336 -27.84 35.97 20.17
N ASN A 337 -26.60 35.93 19.72
CA ASN A 337 -25.62 34.92 20.16
C ASN A 337 -26.13 33.50 19.90
N SER A 338 -26.62 33.28 18.68
CA SER A 338 -27.14 31.98 18.28
C SER A 338 -26.21 31.22 17.34
N VAL A 339 -25.19 31.88 16.78
CA VAL A 339 -24.15 31.23 16.00
C VAL A 339 -22.81 31.53 16.65
N LEU A 340 -22.02 30.49 16.88
CA LEU A 340 -20.70 30.66 17.49
C LEU A 340 -19.67 29.88 16.71
N LEU A 341 -18.43 30.36 16.76
CA LEU A 341 -17.28 29.70 16.15
C LEU A 341 -16.41 29.11 17.25
N THR A 342 -16.09 27.82 17.13
CA THR A 342 -15.33 27.13 18.16
C THR A 342 -13.83 27.20 17.86
N GLU A 343 -13.03 26.84 18.85
CA GLU A 343 -11.58 26.86 18.70
C GLU A 343 -11.11 25.88 17.63
N ARG A 344 -11.87 24.80 17.40
CA ARG A 344 -11.49 23.84 16.36
C ARG A 344 -11.78 24.37 14.97
N GLY A 345 -12.83 25.17 14.82
CA GLY A 345 -13.19 25.72 13.53
C GLY A 345 -14.63 25.44 13.16
N ASP A 346 -15.39 24.91 14.11
CA ASP A 346 -16.79 24.57 13.88
C ASP A 346 -17.67 25.80 13.92
N HIS A 347 -18.89 25.65 13.40
CA HIS A 347 -19.93 26.66 13.50
C HIS A 347 -21.12 26.01 14.21
N ILE A 348 -21.31 26.35 15.48
CA ILE A 348 -22.37 25.78 16.30
C ILE A 348 -23.54 26.74 16.32
N VAL A 349 -24.74 26.20 16.09
CA VAL A 349 -25.96 27.00 16.04
C VAL A 349 -26.94 26.48 17.07
N TRP A 350 -27.80 27.39 17.56
CA TRP A 350 -28.77 27.07 18.61
C TRP A 350 -30.14 26.95 17.98
N ILE A 351 -30.58 25.71 17.76
CA ILE A 351 -31.90 25.44 17.21
C ILE A 351 -32.64 24.47 18.11
N ASN A 352 -33.95 24.69 18.26
CA ASN A 352 -34.85 23.75 18.93
C ASN A 352 -34.31 23.35 20.30
N ASN A 353 -33.81 24.34 21.05
CA ASN A 353 -33.32 24.16 22.41
C ASN A 353 -32.05 23.30 22.48
N SER A 354 -31.18 23.38 21.47
CA SER A 354 -29.93 22.66 21.55
C SER A 354 -28.88 23.28 20.63
N TRP A 355 -27.62 23.18 21.05
CA TRP A 355 -26.48 23.54 20.21
C TRP A 355 -26.13 22.37 19.30
N LYS A 356 -25.97 22.64 18.01
CA LYS A 356 -25.62 21.63 17.04
C LYS A 356 -24.52 22.13 16.12
N PHE A 357 -23.65 21.21 15.70
CA PHE A 357 -22.70 21.47 14.63
C PHE A 357 -22.70 20.27 13.69
N ASN A 358 -22.62 20.56 12.39
CA ASN A 358 -22.60 19.51 11.37
C ASN A 358 -22.01 20.13 10.11
N SER A 359 -20.85 19.63 9.67
CA SER A 359 -20.19 20.20 8.52
C SER A 359 -20.88 19.85 7.20
N GLU A 360 -21.85 18.93 7.22
CA GLU A 360 -22.53 18.50 6.01
C GLU A 360 -23.92 19.09 5.85
N GLU A 361 -24.44 19.81 6.85
CA GLU A 361 -25.79 20.35 6.79
C GLU A 361 -25.75 21.88 6.80
N PRO A 362 -26.72 22.53 6.15
CA PRO A 362 -26.79 24.00 6.12
C PRO A 362 -27.40 24.58 7.39
N LEU A 363 -26.67 24.43 8.50
CA LEU A 363 -27.20 24.80 9.81
C LEU A 363 -27.44 26.30 9.97
N ILE A 364 -26.57 27.14 9.40
CA ILE A 364 -26.75 28.58 9.57
C ILE A 364 -27.99 29.07 8.82
N THR A 365 -28.20 28.60 7.59
CA THR A 365 -29.42 28.96 6.87
C THR A 365 -30.65 28.38 7.54
N LYS A 366 -30.52 27.19 8.13
CA LYS A 366 -31.61 26.62 8.90
C LYS A 366 -31.98 27.54 10.06
N LEU A 367 -30.98 28.04 10.78
CA LEU A 367 -31.24 28.98 11.88
C LEU A 367 -31.88 30.26 11.39
N ILE A 368 -31.40 30.80 10.26
CA ILE A 368 -31.96 32.02 9.72
C ILE A 368 -33.45 31.84 9.42
N LEU A 369 -33.80 30.74 8.73
CA LEU A 369 -35.19 30.46 8.43
C LEU A 369 -36.00 30.25 9.70
N SER A 370 -35.40 29.60 10.71
CA SER A 370 -36.14 29.31 11.93
C SER A 370 -36.44 30.56 12.72
N ILE A 371 -35.48 31.49 12.82
CA ILE A 371 -35.65 32.68 13.64
C ILE A 371 -36.10 33.89 12.81
N ARG A 372 -36.52 33.67 11.56
CA ARG A 372 -37.15 34.76 10.81
C ARG A 372 -38.36 35.36 11.54
N HIS A 373 -38.91 34.67 12.54
CA HIS A 373 -40.12 35.14 13.21
C HIS A 373 -39.84 36.17 14.30
N GLN A 374 -38.60 36.30 14.77
CA GLN A 374 -38.29 37.24 15.84
C GLN A 374 -37.80 38.58 15.34
N LEU A 375 -37.69 38.76 14.03
CA LEU A 375 -37.31 40.01 13.41
C LEU A 375 -38.54 40.81 13.03
N PRO A 376 -38.38 42.11 12.68
CA PRO A 376 -39.53 42.89 12.24
C PRO A 376 -40.28 42.29 11.05
N LYS A 377 -41.50 42.77 10.83
CA LYS A 377 -42.34 42.23 9.76
C LYS A 377 -41.74 42.51 8.39
N GLU A 378 -41.01 43.61 8.23
CA GLU A 378 -40.35 43.89 6.96
C GLU A 378 -39.08 43.08 6.77
N TYR A 379 -38.54 42.50 7.83
CA TYR A 379 -37.40 41.59 7.71
C TYR A 379 -37.82 40.14 7.56
N SER A 380 -39.01 39.78 8.04
CA SER A 380 -39.46 38.39 7.95
C SER A 380 -39.65 37.96 6.50
N SER A 381 -40.19 38.84 5.66
CA SER A 381 -40.49 38.46 4.28
C SER A 381 -39.23 38.36 3.42
N GLU A 382 -38.13 38.97 3.83
CA GLU A 382 -36.90 38.92 3.05
C GLU A 382 -36.18 37.59 3.19
N LEU A 383 -36.50 36.80 4.20
CA LEU A 383 -35.77 35.57 4.52
C LEU A 383 -36.37 34.33 3.89
N LEU A 384 -37.40 34.49 3.06
CA LEU A 384 -38.00 33.36 2.37
C LEU A 384 -37.28 32.99 1.08
N CYS A 385 -36.25 33.76 0.68
CA CYS A 385 -35.49 33.49 -0.53
C CYS A 385 -34.17 32.85 -0.18
N PRO A 386 -33.86 31.68 -0.76
CA PRO A 386 -32.59 31.01 -0.46
C PRO A 386 -31.36 31.85 -0.76
N ARG A 387 -31.40 32.63 -1.85
CA ARG A 387 -30.25 33.48 -2.18
C ARG A 387 -30.01 34.53 -1.11
N LYS A 388 -31.09 35.17 -0.64
CA LYS A 388 -30.94 36.17 0.42
C LYS A 388 -30.49 35.52 1.73
N ARG A 389 -30.98 34.33 2.03
CA ARG A 389 -30.50 33.63 3.22
C ARG A 389 -29.01 33.31 3.10
N LYS A 390 -28.55 32.96 1.90
CA LYS A 390 -27.13 32.68 1.70
C LYS A 390 -26.29 33.95 1.84
N THR A 391 -26.82 35.09 1.37
CA THR A 391 -26.12 36.35 1.56
C THR A 391 -26.00 36.68 3.05
N VAL A 392 -27.08 36.48 3.81
CA VAL A 392 -27.04 36.72 5.25
C VAL A 392 -26.02 35.79 5.91
N GLU A 393 -25.97 34.53 5.46
CA GLU A 393 -25.00 33.59 6.02
C GLU A 393 -23.56 34.04 5.74
N ALA A 394 -23.32 34.54 4.53
CA ALA A 394 -21.99 35.06 4.21
C ALA A 394 -21.61 36.23 5.10
N ASN A 395 -22.57 37.14 5.32
CA ASN A 395 -22.31 38.26 6.24
C ASN A 395 -21.99 37.77 7.64
N ILE A 396 -22.75 36.78 8.13
CA ILE A 396 -22.50 36.24 9.47
C ILE A 396 -21.13 35.60 9.54
N ARG A 397 -20.76 34.83 8.52
CA ARG A 397 -19.47 34.16 8.51
C ARG A 397 -18.32 35.17 8.53
N ASP A 398 -18.47 36.27 7.80
CA ASP A 398 -17.45 37.31 7.86
C ASP A 398 -17.47 38.07 9.18
N MET A 399 -18.61 38.13 9.86
CA MET A 399 -18.70 38.79 11.16
C MET A 399 -18.10 37.98 12.30
N LEU A 400 -18.11 36.65 12.22
CA LEU A 400 -17.58 35.81 13.28
C LEU A 400 -16.06 35.78 13.18
N VAL A 401 -15.38 36.47 14.10
CA VAL A 401 -13.92 36.49 14.12
C VAL A 401 -13.33 35.86 15.37
N ASP A 402 -14.09 35.75 16.46
CA ASP A 402 -13.57 35.27 17.73
C ASP A 402 -14.10 33.88 18.05
N SER A 403 -13.22 33.02 18.57
CA SER A 403 -13.59 31.69 18.99
C SER A 403 -14.09 31.70 20.43
N VAL A 404 -14.80 30.63 20.80
CA VAL A 404 -15.37 30.49 22.13
C VAL A 404 -14.95 29.13 22.69
N GLU A 405 -15.12 28.99 24.01
CA GLU A 405 -14.86 27.74 24.71
C GLU A 405 -16.18 27.00 24.89
N THR A 406 -16.21 25.73 24.49
CA THR A 406 -17.42 24.93 24.52
C THR A 406 -17.16 23.64 25.29
N ASP A 407 -18.22 23.10 25.88
CA ASP A 407 -18.20 21.82 26.59
C ASP A 407 -17.22 21.84 27.75
N THR A 408 -17.43 22.79 28.66
CA THR A 408 -16.55 23.00 29.80
C THR A 408 -17.17 22.61 31.13
N TYR A 409 -18.45 22.18 31.14
CA TYR A 409 -19.09 21.76 32.38
C TYR A 409 -19.14 20.24 32.41
N PRO A 410 -18.36 19.58 33.28
CA PRO A 410 -18.37 18.11 33.30
C PRO A 410 -19.53 17.48 34.05
N ASP A 411 -20.42 18.28 34.65
CA ASP A 411 -21.54 17.75 35.43
C ASP A 411 -22.88 18.18 34.86
N LYS A 412 -22.95 18.42 33.56
CA LYS A 412 -24.20 18.73 32.88
C LYS A 412 -24.46 17.69 31.81
N LEU A 413 -25.65 17.10 31.82
CA LEU A 413 -26.00 16.08 30.84
C LEU A 413 -26.94 16.68 29.81
N PRO A 414 -26.53 16.82 28.55
CA PRO A 414 -27.38 17.47 27.56
C PRO A 414 -28.37 16.51 26.89
N PHE A 415 -29.61 16.97 26.78
CA PHE A 415 -30.67 16.26 26.09
C PHE A 415 -31.09 17.02 24.84
N LYS A 416 -32.14 16.53 24.17
CA LYS A 416 -32.62 17.19 22.97
C LYS A 416 -33.45 18.44 23.27
N ASN A 417 -33.89 18.62 24.52
CA ASN A 417 -34.75 19.73 24.88
C ASN A 417 -34.28 20.48 26.13
N GLY A 418 -33.07 20.23 26.59
CA GLY A 418 -32.58 20.90 27.78
C GLY A 418 -31.36 20.21 28.33
N VAL A 419 -30.92 20.69 29.49
CA VAL A 419 -29.71 20.21 30.15
C VAL A 419 -30.07 19.82 31.57
N LEU A 420 -29.66 18.61 31.98
CA LEU A 420 -29.90 18.12 33.34
C LEU A 420 -28.68 18.41 34.20
N ASP A 421 -28.92 18.94 35.39
CA ASP A 421 -27.86 19.25 36.35
C ASP A 421 -27.57 18.01 37.17
N LEU A 422 -26.38 17.42 36.97
CA LEU A 422 -26.07 16.17 37.64
C LEU A 422 -25.68 16.38 39.09
N VAL A 423 -25.37 17.61 39.48
CA VAL A 423 -25.03 17.89 40.87
C VAL A 423 -26.25 18.32 41.68
N ASP A 424 -27.36 18.68 41.02
CA ASP A 424 -28.52 19.23 41.69
C ASP A 424 -29.84 18.55 41.32
N GLY A 425 -29.95 17.94 40.15
CA GLY A 425 -31.20 17.33 39.73
C GLY A 425 -32.17 18.25 39.05
N MET A 426 -31.74 19.46 38.68
CA MET A 426 -32.60 20.45 38.03
C MET A 426 -32.44 20.33 36.51
N PHE A 427 -33.57 20.38 35.80
CA PHE A 427 -33.58 20.30 34.35
C PHE A 427 -33.90 21.68 33.79
N TYR A 428 -33.01 22.21 32.96
CA TYR A 428 -33.12 23.55 32.41
C TYR A 428 -33.50 23.47 30.94
N SER A 429 -34.41 24.33 30.52
CA SER A 429 -34.84 24.43 29.13
C SER A 429 -34.71 25.86 28.65
N GLY A 430 -34.28 26.04 27.41
CA GLY A 430 -34.19 27.36 26.83
C GLY A 430 -32.92 28.09 27.20
N ASP A 431 -33.07 29.39 27.44
CA ASP A 431 -31.92 30.24 27.76
C ASP A 431 -31.23 29.81 29.05
N ASP A 432 -31.94 29.07 29.92
CA ASP A 432 -31.28 28.50 31.09
C ASP A 432 -30.25 27.45 30.69
N ALA A 433 -30.58 26.61 29.71
CA ALA A 433 -29.65 25.61 29.21
C ALA A 433 -28.69 26.17 28.18
N LYS A 434 -28.93 27.38 27.68
CA LYS A 434 -28.09 27.94 26.63
C LYS A 434 -26.73 28.38 27.13
N LYS A 435 -26.60 28.71 28.43
CA LYS A 435 -25.33 29.22 28.93
C LYS A 435 -24.26 28.14 29.02
N TYR A 436 -24.64 26.87 29.12
CA TYR A 436 -23.69 25.77 29.03
C TYR A 436 -23.61 25.35 27.57
N THR A 437 -22.50 25.68 26.92
CA THR A 437 -22.33 25.39 25.50
C THR A 437 -22.03 23.89 25.33
N CYS A 438 -23.08 23.10 25.55
CA CYS A 438 -23.01 21.65 25.39
C CYS A 438 -23.36 21.34 23.94
N THR A 439 -22.34 21.06 23.13
CA THR A 439 -22.50 20.92 21.70
C THR A 439 -22.90 19.51 21.26
N VAL A 440 -23.15 18.60 22.21
CA VAL A 440 -23.67 17.28 21.92
C VAL A 440 -24.94 17.08 22.74
N SER A 441 -25.60 15.95 22.52
CA SER A 441 -26.83 15.64 23.23
C SER A 441 -27.07 14.13 23.15
N THR A 442 -28.03 13.66 23.96
CA THR A 442 -28.39 12.25 23.93
C THR A 442 -29.21 11.91 22.70
N GLY A 443 -29.90 12.89 22.12
CA GLY A 443 -30.69 12.67 20.92
C GLY A 443 -32.17 12.48 21.16
N PHE A 444 -32.59 12.32 22.42
CA PHE A 444 -33.99 12.15 22.75
C PHE A 444 -34.39 13.12 23.84
N LYS A 445 -35.70 13.27 24.03
CA LYS A 445 -36.23 14.26 24.96
C LYS A 445 -36.32 13.71 26.38
N PHE A 446 -35.95 14.55 27.34
CA PHE A 446 -36.09 14.20 28.75
C PHE A 446 -37.56 14.18 29.14
N ASP A 447 -37.98 13.14 29.85
CA ASP A 447 -39.35 12.99 30.33
C ASP A 447 -39.32 12.85 31.84
N ASP A 448 -39.71 13.91 32.55
CA ASP A 448 -39.66 13.90 34.01
C ASP A 448 -40.72 12.99 34.62
N THR A 449 -41.73 12.58 33.85
CA THR A 449 -42.73 11.66 34.36
C THR A 449 -42.21 10.22 34.39
N LYS A 450 -41.11 9.93 33.69
CA LYS A 450 -40.49 8.62 33.73
C LYS A 450 -39.19 8.60 34.53
N PHE A 451 -38.63 9.76 34.84
CA PHE A 451 -37.41 9.87 35.63
C PHE A 451 -37.74 9.75 37.11
N VAL A 452 -38.39 8.64 37.47
CA VAL A 452 -38.95 8.44 38.79
C VAL A 452 -38.34 7.20 39.43
N GLU A 453 -38.31 7.20 40.76
CA GLU A 453 -37.61 6.17 41.51
C GLU A 453 -38.39 4.84 41.54
N ASP A 454 -39.71 4.91 41.72
CA ASP A 454 -40.53 3.71 41.85
C ASP A 454 -41.43 3.57 40.64
N SER A 455 -41.37 2.41 40.00
CA SER A 455 -42.14 2.14 38.79
C SER A 455 -42.15 0.63 38.55
N PRO A 456 -43.07 0.13 37.71
CA PRO A 456 -42.99 -1.30 37.36
C PRO A 456 -41.70 -1.68 36.66
N GLU A 457 -41.09 -0.75 35.92
CA GLU A 457 -39.84 -1.05 35.22
C GLU A 457 -38.64 -1.03 36.17
N MET A 458 -38.68 -0.22 37.22
CA MET A 458 -37.52 -0.10 38.10
C MET A 458 -37.25 -1.40 38.86
N GLU A 459 -38.30 -2.07 39.33
CA GLU A 459 -38.09 -3.33 40.04
C GLU A 459 -37.50 -4.39 39.13
N GLU A 460 -37.99 -4.47 37.88
CA GLU A 460 -37.43 -5.40 36.92
C GLU A 460 -35.97 -5.08 36.62
N LEU A 461 -35.65 -3.80 36.44
CA LEU A 461 -34.26 -3.42 36.16
C LEU A 461 -33.36 -3.74 37.34
N MET A 462 -33.83 -3.50 38.56
CA MET A 462 -33.03 -3.83 39.73
C MET A 462 -32.81 -5.34 39.84
N ASN A 463 -33.83 -6.13 39.52
CA ASN A 463 -33.66 -7.58 39.49
C ASN A 463 -32.62 -7.99 38.45
N ILE A 464 -32.65 -7.36 37.27
CA ILE A 464 -31.68 -7.68 36.23
C ILE A 464 -30.26 -7.35 36.69
N ILE A 465 -30.09 -6.17 37.29
CA ILE A 465 -28.76 -5.74 37.73
C ILE A 465 -28.25 -6.63 38.85
N ASN A 466 -29.12 -7.02 39.78
CA ASN A 466 -28.72 -7.90 40.86
C ASN A 466 -28.45 -9.32 40.38
N ASP A 467 -29.08 -9.73 39.26
CA ASP A 467 -28.73 -11.01 38.66
C ASP A 467 -27.35 -10.96 38.02
N ILE A 468 -27.07 -9.88 37.27
CA ILE A 468 -25.80 -9.78 36.57
C ILE A 468 -24.64 -9.64 37.56
N GLN A 469 -24.77 -8.73 38.52
CA GLN A 469 -23.76 -8.52 39.56
C GLN A 469 -24.41 -8.73 40.92
N PRO A 470 -24.27 -9.92 41.52
CA PRO A 470 -24.95 -10.20 42.79
C PRO A 470 -24.47 -9.28 43.91
N LEU A 471 -25.39 -8.98 44.83
CA LEU A 471 -25.09 -8.17 46.01
C LEU A 471 -24.56 -9.04 47.15
N THR A 472 -23.54 -9.83 46.88
CA THR A 472 -22.94 -10.71 47.86
C THR A 472 -21.63 -10.13 48.39
N ASP A 473 -21.15 -10.72 49.48
CA ASP A 473 -19.99 -10.17 50.17
C ASP A 473 -18.71 -10.36 49.38
N GLU A 474 -18.56 -11.50 48.71
CA GLU A 474 -17.36 -11.73 47.91
C GLU A 474 -17.35 -10.91 46.64
N ASN A 475 -18.48 -10.33 46.25
CA ASN A 475 -18.59 -9.50 45.07
C ASN A 475 -18.76 -8.02 45.40
N LYS A 476 -18.44 -7.61 46.63
CA LYS A 476 -18.66 -6.22 47.02
C LYS A 476 -17.76 -5.27 46.24
N LYS A 477 -16.46 -5.55 46.21
CA LYS A 477 -15.52 -4.67 45.53
C LYS A 477 -15.77 -4.66 44.02
N ASN A 478 -16.00 -5.84 43.44
CA ASN A 478 -16.26 -5.91 42.00
C ASN A 478 -17.56 -5.19 41.64
N ARG A 479 -18.60 -5.35 42.47
CA ARG A 479 -19.86 -4.68 42.21
C ARG A 479 -19.70 -3.16 42.31
N GLU A 480 -18.94 -2.69 43.29
CA GLU A 480 -18.72 -1.25 43.42
C GLU A 480 -17.93 -0.71 42.24
N LEU A 481 -16.91 -1.46 41.78
CA LEU A 481 -16.16 -1.03 40.60
C LEU A 481 -17.05 -1.00 39.36
N TYR A 482 -17.94 -1.99 39.22
CA TYR A 482 -18.88 -2.02 38.11
C TYR A 482 -19.81 -0.80 38.15
N GLU A 483 -20.34 -0.49 39.33
CA GLU A 483 -21.21 0.68 39.48
C GLU A 483 -20.46 1.97 39.13
N LYS A 484 -19.23 2.10 39.63
CA LYS A 484 -18.43 3.31 39.39
C LYS A 484 -18.14 3.48 37.90
N THR A 485 -17.72 2.39 37.24
CA THR A 485 -17.43 2.47 35.82
C THR A 485 -18.67 2.83 35.01
N LEU A 486 -19.82 2.25 35.36
CA LEU A 486 -21.03 2.57 34.62
C LEU A 486 -21.47 4.01 34.87
N SER A 487 -21.31 4.51 36.10
CA SER A 487 -21.74 5.87 36.40
C SER A 487 -20.81 6.91 35.80
N SER A 488 -19.53 6.56 35.59
CA SER A 488 -18.59 7.51 35.02
C SER A 488 -18.91 7.87 33.57
N CYS A 489 -19.81 7.15 32.92
CA CYS A 489 -20.22 7.48 31.55
C CYS A 489 -21.08 8.73 31.48
N LEU A 490 -21.45 9.31 32.62
CA LEU A 490 -22.25 10.54 32.64
C LEU A 490 -21.39 11.79 32.72
N CYS A 491 -20.29 11.74 33.46
CA CYS A 491 -19.46 12.93 33.68
C CYS A 491 -18.57 13.18 32.47
N GLY A 492 -18.72 14.36 31.87
CA GLY A 492 -17.97 14.69 30.67
C GLY A 492 -16.61 15.27 30.92
N ALA A 493 -15.68 14.43 31.39
CA ALA A 493 -14.29 14.81 31.58
C ALA A 493 -13.42 13.70 31.03
N THR A 494 -12.10 13.90 31.11
CA THR A 494 -11.14 12.92 30.60
C THR A 494 -10.88 11.87 31.68
N LYS A 495 -11.25 10.63 31.41
CA LYS A 495 -10.99 9.53 32.32
C LYS A 495 -9.66 8.89 31.97
N GLY A 496 -8.94 8.44 33.00
CA GLY A 496 -7.59 7.97 32.80
C GLY A 496 -7.37 6.49 33.01
N CYS A 497 -8.36 5.67 32.65
CA CYS A 497 -8.23 4.23 32.73
C CYS A 497 -9.02 3.58 31.61
N LEU A 498 -8.59 2.39 31.21
CA LEU A 498 -9.33 1.55 30.27
C LEU A 498 -9.85 0.33 31.02
N THR A 499 -11.15 0.12 30.97
CA THR A 499 -11.81 -0.94 31.73
C THR A 499 -12.10 -2.12 30.82
N PHE A 500 -11.95 -3.32 31.35
CA PHE A 500 -12.16 -4.56 30.60
C PHE A 500 -13.29 -5.34 31.26
N PHE A 501 -14.39 -5.51 30.54
CA PHE A 501 -15.51 -6.34 31.01
C PHE A 501 -15.19 -7.78 30.64
N PHE A 502 -14.57 -8.49 31.59
CA PHE A 502 -14.06 -9.83 31.34
C PHE A 502 -14.99 -10.87 31.94
N GLY A 503 -15.18 -11.96 31.22
CA GLY A 503 -15.98 -13.07 31.72
C GLY A 503 -16.11 -14.13 30.66
N GLU A 504 -16.76 -15.22 31.04
CA GLU A 504 -17.06 -16.30 30.11
C GLU A 504 -18.29 -15.93 29.29
N THR A 505 -18.81 -16.88 28.53
CA THR A 505 -19.94 -16.61 27.66
C THR A 505 -21.25 -16.53 28.44
N ALA A 506 -22.19 -15.74 27.92
CA ALA A 506 -23.53 -15.58 28.48
C ALA A 506 -23.47 -15.19 29.96
N THR A 507 -22.86 -14.02 30.21
CA THR A 507 -22.71 -13.53 31.57
C THR A 507 -23.31 -12.15 31.79
N GLY A 508 -23.76 -11.46 30.75
CA GLY A 508 -24.42 -10.17 30.90
C GLY A 508 -23.68 -8.96 30.38
N LYS A 509 -22.51 -9.15 29.76
CA LYS A 509 -21.73 -8.01 29.30
C LYS A 509 -22.44 -7.26 28.17
N SER A 510 -22.96 -7.97 27.18
CA SER A 510 -23.68 -7.32 26.11
C SER A 510 -25.00 -6.73 26.60
N THR A 511 -25.64 -7.37 27.57
CA THR A 511 -26.84 -6.78 28.17
C THR A 511 -26.52 -5.46 28.83
N THR A 512 -25.39 -5.39 29.56
CA THR A 512 -24.98 -4.13 30.17
C THR A 512 -24.69 -3.07 29.10
N LYS A 513 -24.01 -3.47 28.03
CA LYS A 513 -23.70 -2.55 26.95
C LYS A 513 -24.98 -1.98 26.33
N ARG A 514 -25.95 -2.85 26.06
CA ARG A 514 -27.20 -2.39 25.44
C ARG A 514 -28.00 -1.52 26.40
N LEU A 515 -28.00 -1.85 27.69
CA LEU A 515 -28.67 -1.00 28.67
C LEU A 515 -28.07 0.39 28.69
N LEU A 516 -26.73 0.47 28.71
CA LEU A 516 -26.07 1.78 28.74
C LEU A 516 -26.33 2.55 27.45
N LYS A 517 -26.33 1.86 26.31
CA LYS A 517 -26.63 2.53 25.04
C LYS A 517 -28.04 3.09 25.04
N SER A 518 -29.00 2.32 25.54
CA SER A 518 -30.37 2.81 25.65
C SER A 518 -30.45 4.01 26.59
N ALA A 519 -29.69 3.97 27.69
CA ALA A 519 -29.75 5.04 28.68
C ALA A 519 -29.22 6.36 28.13
N ILE A 520 -28.02 6.34 27.54
CA ILE A 520 -27.34 7.60 27.23
C ILE A 520 -27.38 7.95 25.75
N GLY A 521 -28.02 7.11 24.92
CA GLY A 521 -28.35 7.53 23.56
C GLY A 521 -27.13 7.85 22.71
N ASP A 522 -27.10 9.08 22.20
CA ASP A 522 -26.09 9.51 21.23
C ASP A 522 -24.75 9.85 21.86
N LEU A 523 -24.65 9.87 23.18
CA LEU A 523 -23.36 10.04 23.83
C LEU A 523 -22.56 8.74 23.87
N PHE A 524 -23.11 7.67 23.33
CA PHE A 524 -22.51 6.35 23.33
C PHE A 524 -22.07 6.00 21.91
N VAL A 525 -20.85 5.51 21.76
CA VAL A 525 -20.35 5.12 20.45
C VAL A 525 -19.64 3.78 20.56
N GLU A 526 -19.59 3.07 19.44
CA GLU A 526 -18.91 1.78 19.34
C GLU A 526 -17.94 1.83 18.16
N THR A 527 -16.71 1.42 18.40
CA THR A 527 -15.66 1.44 17.39
C THR A 527 -15.01 0.06 17.30
N GLY A 528 -13.96 -0.03 16.48
CA GLY A 528 -13.27 -1.29 16.27
C GLY A 528 -12.00 -1.40 17.08
N GLN A 529 -11.42 -2.60 17.04
CA GLN A 529 -10.16 -2.87 17.74
C GLN A 529 -8.96 -2.22 17.07
N THR A 530 -9.14 -1.62 15.88
CA THR A 530 -8.06 -0.92 15.22
C THR A 530 -7.51 0.21 16.07
N ILE A 531 -8.36 0.87 16.88
CA ILE A 531 -7.88 1.90 17.79
C ILE A 531 -7.01 1.34 18.91
N LEU A 532 -7.00 0.03 19.09
CA LEU A 532 -6.13 -0.61 20.07
C LEU A 532 -4.92 -1.31 19.46
N THR A 533 -5.02 -1.75 18.19
CA THR A 533 -3.95 -2.54 17.59
C THR A 533 -3.34 -1.91 16.34
N ASP A 534 -3.64 -0.65 16.04
CA ASP A 534 -3.15 -0.01 14.83
C ASP A 534 -2.50 1.32 15.16
N VAL A 535 -1.94 1.95 14.14
CA VAL A 535 -1.28 3.25 14.29
C VAL A 535 -2.31 4.36 14.17
N LEU A 536 -2.34 5.25 15.17
CA LEU A 536 -3.36 6.29 15.21
C LEU A 536 -3.04 7.48 14.31
N ASP A 537 -1.76 7.70 13.98
CA ASP A 537 -1.41 8.81 13.10
C ASP A 537 -2.03 8.62 11.73
N LYS A 538 -1.59 7.58 11.01
CA LYS A 538 -2.14 7.15 9.73
C LYS A 538 -2.61 8.29 8.83
N GLY A 539 -3.82 8.15 8.28
CA GLY A 539 -4.42 9.19 7.47
C GLY A 539 -5.82 9.52 7.96
N PRO A 540 -6.80 9.38 7.08
CA PRO A 540 -8.21 9.56 7.51
C PRO A 540 -8.64 8.40 8.39
N ASN A 541 -9.03 8.70 9.62
CA ASN A 541 -9.38 7.69 10.62
C ASN A 541 -10.72 8.06 11.25
N PRO A 542 -11.84 7.76 10.56
CA PRO A 542 -13.15 8.00 11.18
C PRO A 542 -13.38 7.16 12.43
N PHE A 543 -12.70 6.03 12.57
CA PHE A 543 -12.86 5.21 13.77
C PHE A 543 -12.40 5.95 15.02
N ILE A 544 -11.48 6.90 14.87
CA ILE A 544 -11.08 7.76 15.97
C ILE A 544 -11.84 9.09 15.95
N ALA A 545 -12.08 9.63 14.75
CA ALA A 545 -12.78 10.89 14.62
C ALA A 545 -14.23 10.82 15.05
N ASN A 546 -14.79 9.63 15.23
CA ASN A 546 -16.17 9.48 15.68
C ASN A 546 -16.31 9.50 17.19
N MET A 547 -15.21 9.60 17.93
CA MET A 547 -15.23 9.62 19.38
C MET A 547 -15.16 11.03 19.94
N HIS A 548 -15.30 12.06 19.10
CA HIS A 548 -15.20 13.43 19.56
C HIS A 548 -16.35 13.76 20.51
N LEU A 549 -16.01 14.04 21.76
CA LEU A 549 -16.93 14.44 22.83
C LEU A 549 -17.86 13.33 23.28
N LYS A 550 -17.68 12.11 22.79
CA LYS A 550 -18.48 10.98 23.28
C LYS A 550 -18.10 10.66 24.72
N ARG A 551 -19.11 10.37 25.54
CA ARG A 551 -18.89 10.07 26.94
C ARG A 551 -18.71 8.57 27.20
N SER A 552 -18.92 7.72 26.20
CA SER A 552 -18.72 6.29 26.37
C SER A 552 -18.36 5.67 25.02
N VAL A 553 -17.28 4.90 24.99
CA VAL A 553 -16.83 4.19 23.80
C VAL A 553 -16.71 2.71 24.14
N PHE A 554 -17.29 1.87 23.31
CA PHE A 554 -17.22 0.43 23.49
C PHE A 554 -16.45 -0.24 22.36
N CYS A 555 -15.58 -1.18 22.72
CA CYS A 555 -14.94 -2.09 21.79
C CYS A 555 -15.21 -3.50 22.28
N SER A 556 -15.29 -4.46 21.35
CA SER A 556 -15.78 -5.78 21.70
C SER A 556 -14.94 -6.86 21.03
N GLU A 557 -15.01 -8.06 21.62
CA GLU A 557 -14.49 -9.29 21.03
C GLU A 557 -12.98 -9.22 20.75
N LEU A 558 -12.21 -9.11 21.83
CA LEU A 558 -10.78 -9.35 21.72
C LEU A 558 -10.53 -10.81 21.40
N PRO A 559 -9.55 -11.11 20.53
CA PRO A 559 -9.22 -12.50 20.23
C PRO A 559 -8.32 -13.09 21.30
N ASP A 560 -8.07 -14.39 21.16
CA ASP A 560 -7.11 -15.08 22.02
C ASP A 560 -5.71 -14.86 21.46
N PHE A 561 -4.89 -14.12 22.20
CA PHE A 561 -3.55 -13.80 21.73
C PHE A 561 -2.56 -14.95 21.91
N ALA A 562 -2.92 -15.96 22.69
CA ALA A 562 -2.03 -17.11 22.87
C ALA A 562 -1.81 -17.84 21.55
N CYS A 563 -2.87 -18.06 20.77
CA CYS A 563 -2.72 -18.64 19.44
C CYS A 563 -2.12 -17.60 18.53
N SER A 564 -0.89 -17.86 18.06
CA SER A 564 -0.17 -16.88 17.27
C SER A 564 -0.91 -16.58 15.96
N GLY A 565 -0.99 -15.30 15.62
CA GLY A 565 -1.67 -14.87 14.41
C GLY A 565 -2.50 -13.62 14.60
N SER A 566 -2.56 -13.11 15.82
CA SER A 566 -3.32 -11.91 16.14
C SER A 566 -2.38 -10.85 16.73
N LYS A 567 -2.53 -9.63 16.25
CA LYS A 567 -1.69 -8.53 16.72
C LYS A 567 -1.97 -8.24 18.20
N LYS A 568 -0.92 -7.88 18.92
CA LYS A 568 -1.06 -7.51 20.32
C LYS A 568 -1.50 -6.06 20.45
N ILE A 569 -1.97 -5.71 21.65
CA ILE A 569 -2.43 -4.36 21.93
C ILE A 569 -1.21 -3.44 22.08
N ARG A 570 -1.27 -2.28 21.42
CA ARG A 570 -0.15 -1.34 21.46
C ARG A 570 -0.23 -0.47 22.72
N SER A 571 0.80 -0.57 23.55
CA SER A 571 0.88 0.26 24.74
C SER A 571 0.96 1.74 24.38
N ASP A 572 1.56 2.07 23.22
CA ASP A 572 1.55 3.45 22.75
C ASP A 572 0.12 3.92 22.51
N ASN A 573 -0.71 3.09 21.89
CA ASN A 573 -2.11 3.45 21.69
C ASN A 573 -2.83 3.57 23.02
N ILE A 574 -2.56 2.66 23.96
CA ILE A 574 -3.21 2.71 25.26
C ILE A 574 -2.88 4.01 25.98
N LYS A 575 -1.61 4.44 25.94
CA LYS A 575 -1.22 5.69 26.57
C LYS A 575 -1.75 6.89 25.81
N LYS A 576 -1.90 6.79 24.49
CA LYS A 576 -2.42 7.89 23.69
C LYS A 576 -3.92 8.07 23.83
N LEU A 577 -4.64 7.03 24.25
CA LEU A 577 -6.09 7.11 24.39
C LEU A 577 -6.55 7.74 25.70
N THR A 578 -5.64 7.93 26.66
CA THR A 578 -5.99 8.54 27.94
C THR A 578 -5.68 10.02 28.01
N GLU A 579 -5.16 10.60 26.92
CA GLU A 579 -4.85 12.02 26.88
C GLU A 579 -6.10 12.83 26.55
N PRO A 580 -6.15 14.11 26.95
CA PRO A 580 -7.36 14.92 26.70
C PRO A 580 -7.66 15.17 25.24
N CYS A 581 -6.70 14.95 24.33
CA CYS A 581 -6.93 15.11 22.91
C CYS A 581 -6.37 13.92 22.15
N VAL A 582 -7.07 13.50 21.10
CA VAL A 582 -6.69 12.36 20.29
C VAL A 582 -6.59 12.81 18.84
N ILE A 583 -5.55 12.35 18.14
CA ILE A 583 -5.32 12.77 16.76
C ILE A 583 -5.97 11.77 15.81
N GLY A 584 -6.86 12.26 14.96
CA GLY A 584 -7.53 11.47 13.95
C GLY A 584 -8.60 12.27 13.27
N ARG A 585 -8.68 12.19 11.95
CA ARG A 585 -9.56 13.06 11.19
C ARG A 585 -10.41 12.24 10.22
N PRO A 586 -11.59 12.73 9.87
CA PRO A 586 -12.46 12.02 8.93
C PRO A 586 -11.95 12.17 7.50
N CYS A 587 -12.74 11.65 6.56
CA CYS A 587 -12.47 11.85 5.15
C CYS A 587 -13.04 13.20 4.70
N PHE A 588 -12.28 13.88 3.84
CA PHE A 588 -12.66 15.19 3.31
C PHE A 588 -12.87 16.21 4.44
N SER A 589 -12.03 16.12 5.47
CA SER A 589 -12.07 17.04 6.60
C SER A 589 -10.65 17.35 7.03
N ASN A 590 -10.48 18.53 7.64
CA ASN A 590 -9.17 19.00 8.08
C ASN A 590 -9.06 19.11 9.60
N LYS A 591 -10.07 18.64 10.34
CA LYS A 591 -10.06 18.74 11.80
C LYS A 591 -9.47 17.45 12.34
N ILE A 592 -8.23 17.53 12.83
CA ILE A 592 -7.47 16.32 13.18
C ILE A 592 -7.53 15.97 14.67
N ASN A 593 -7.76 16.94 15.55
CA ASN A 593 -7.74 16.70 16.99
C ASN A 593 -9.15 16.66 17.55
N ASN A 594 -9.45 15.61 18.31
CA ASN A 594 -10.75 15.38 18.91
C ASN A 594 -10.63 15.39 20.43
N ARG A 595 -11.65 15.91 21.10
CA ARG A 595 -11.64 16.00 22.55
C ARG A 595 -12.06 14.68 23.18
N ASN A 596 -11.31 14.25 24.18
CA ASN A 596 -11.50 12.94 24.81
C ASN A 596 -12.27 13.11 26.12
N HIS A 597 -13.55 12.73 26.11
CA HIS A 597 -14.37 12.68 27.32
C HIS A 597 -14.89 11.26 27.57
N ALA A 598 -14.21 10.25 27.04
CA ALA A 598 -14.79 8.93 26.88
C ALA A 598 -14.39 7.98 27.99
N THR A 599 -15.32 7.11 28.37
CA THR A 599 -15.04 5.91 29.14
C THR A 599 -14.95 4.76 28.15
N ILE A 600 -13.76 4.18 28.00
CA ILE A 600 -13.51 3.14 27.02
C ILE A 600 -13.61 1.79 27.69
N ILE A 601 -14.58 0.98 27.25
CA ILE A 601 -14.85 -0.33 27.83
C ILE A 601 -14.72 -1.37 26.72
N ILE A 602 -14.03 -2.47 27.03
CA ILE A 602 -13.78 -3.54 26.06
C ILE A 602 -14.38 -4.82 26.60
N ASP A 603 -15.30 -5.41 25.83
CA ASP A 603 -15.83 -6.73 26.13
C ASP A 603 -14.86 -7.80 25.65
N THR A 604 -14.64 -8.81 26.49
CA THR A 604 -13.66 -9.83 26.15
C THR A 604 -13.94 -11.10 26.94
N ASN A 605 -13.71 -12.24 26.30
CA ASN A 605 -13.60 -13.52 26.99
C ASN A 605 -12.17 -13.84 27.40
N TYR A 606 -11.20 -13.05 26.95
CA TYR A 606 -9.79 -13.31 27.17
C TYR A 606 -9.11 -12.07 27.73
N LYS A 607 -8.10 -12.28 28.56
CA LYS A 607 -7.35 -11.17 29.13
C LYS A 607 -6.46 -10.53 28.06
N PRO A 608 -6.20 -9.24 28.17
CA PRO A 608 -5.39 -8.56 27.15
C PRO A 608 -3.91 -8.92 27.26
N VAL A 609 -3.24 -8.87 26.11
CA VAL A 609 -1.79 -9.05 26.03
C VAL A 609 -1.24 -7.89 25.23
N PHE A 610 -0.30 -7.16 25.83
CA PHE A 610 0.28 -5.98 25.20
C PHE A 610 1.67 -6.30 24.65
N ASP A 611 2.08 -5.53 23.63
CA ASP A 611 3.37 -5.77 23.00
C ASP A 611 4.52 -5.45 23.95
N ARG A 612 4.40 -4.38 24.73
CA ARG A 612 5.47 -3.93 25.61
C ARG A 612 4.89 -3.50 26.94
N ILE A 613 5.48 -3.98 28.03
CA ILE A 613 5.00 -3.73 29.39
C ILE A 613 5.98 -2.79 30.08
N ASP A 614 5.44 -1.73 30.67
CA ASP A 614 6.23 -0.82 31.50
C ASP A 614 5.33 -0.28 32.60
N ASN A 615 5.95 0.47 33.53
CA ASN A 615 5.23 0.91 34.72
C ASN A 615 4.08 1.86 34.38
N ALA A 616 4.25 2.71 33.37
CA ALA A 616 3.18 3.62 32.99
C ALA A 616 1.94 2.87 32.51
N LEU A 617 2.14 1.86 31.66
CA LEU A 617 1.01 1.12 31.11
C LEU A 617 0.17 0.48 32.20
N MET A 618 0.82 0.04 33.28
CA MET A 618 0.10 -0.61 34.38
C MET A 618 -0.76 0.35 35.17
N ARG A 619 -0.67 1.67 34.92
CA ARG A 619 -1.48 2.64 35.63
C ARG A 619 -2.79 2.96 34.93
N ARG A 620 -3.10 2.30 33.81
CA ARG A 620 -4.24 2.68 32.99
C ARG A 620 -5.11 1.48 32.63
N ILE A 621 -5.10 0.41 33.42
CA ILE A 621 -5.85 -0.80 33.11
C ILE A 621 -6.67 -1.21 34.33
N ALA A 622 -7.97 -1.44 34.12
CA ALA A 622 -8.86 -1.93 35.16
C ALA A 622 -9.71 -3.07 34.59
N VAL A 623 -10.14 -3.96 35.48
CA VAL A 623 -10.85 -5.18 35.07
C VAL A 623 -12.08 -5.36 35.95
N VAL A 624 -13.23 -5.57 35.32
CA VAL A 624 -14.46 -5.98 35.98
C VAL A 624 -14.85 -7.36 35.44
N ARG A 625 -15.15 -8.29 36.34
CA ARG A 625 -15.40 -9.67 35.97
C ARG A 625 -16.87 -10.03 36.15
N PHE A 626 -17.39 -10.85 35.24
CA PHE A 626 -18.78 -11.28 35.22
C PHE A 626 -18.82 -12.79 35.46
N ARG A 627 -19.57 -13.22 36.48
CA ARG A 627 -19.51 -14.61 36.92
C ARG A 627 -20.91 -15.17 37.22
N THR A 628 -21.89 -14.82 36.40
CA THR A 628 -23.22 -15.40 36.50
C THR A 628 -23.66 -15.89 35.13
N HIS A 629 -24.13 -17.13 35.05
CA HIS A 629 -24.51 -17.75 33.79
C HIS A 629 -26.02 -17.75 33.62
N PHE A 630 -26.48 -17.45 32.41
CA PHE A 630 -27.89 -17.51 32.03
C PHE A 630 -28.01 -18.55 30.92
N SER A 631 -28.59 -19.70 31.24
CA SER A 631 -28.58 -20.84 30.34
C SER A 631 -29.99 -21.37 30.12
N GLN A 632 -30.17 -22.06 28.99
CA GLN A 632 -31.40 -22.78 28.74
C GLN A 632 -31.46 -24.02 29.64
N PRO A 633 -32.67 -24.54 29.90
CA PRO A 633 -32.77 -25.67 30.84
C PRO A 633 -31.99 -26.91 30.41
N SER A 634 -31.77 -27.09 29.10
CA SER A 634 -31.06 -28.27 28.64
C SER A 634 -29.60 -28.27 29.09
N GLY A 635 -28.95 -27.10 29.06
CA GLY A 635 -27.54 -27.02 29.39
C GLY A 635 -27.24 -26.47 30.76
N ARG A 636 -28.19 -26.60 31.69
CA ARG A 636 -28.00 -26.06 33.04
C ARG A 636 -27.03 -26.92 33.85
N GLU A 637 -27.17 -28.24 33.75
CA GLU A 637 -26.36 -29.13 34.58
C GLU A 637 -24.88 -29.01 34.24
N ALA A 638 -24.55 -28.92 32.95
CA ALA A 638 -23.15 -28.78 32.55
C ALA A 638 -22.59 -27.44 33.02
N ALA A 639 -23.42 -26.41 33.07
CA ALA A 639 -22.97 -25.10 33.54
C ALA A 639 -22.75 -25.10 35.04
N GLU A 640 -23.57 -25.86 35.79
CA GLU A 640 -23.43 -25.89 37.23
C GLU A 640 -22.10 -26.50 37.70
N ASN A 641 -21.41 -27.24 36.84
CA ASN A 641 -20.13 -27.85 37.18
C ASN A 641 -18.95 -27.10 36.57
N ASN A 642 -19.18 -25.94 35.98
CA ASN A 642 -18.11 -25.14 35.40
C ASN A 642 -17.48 -24.25 36.47
N ASP A 643 -16.17 -24.05 36.36
CA ASP A 643 -15.43 -23.26 37.33
C ASP A 643 -15.39 -21.78 36.97
N ALA A 644 -15.94 -21.39 35.83
CA ALA A 644 -15.98 -19.99 35.41
C ALA A 644 -17.26 -19.28 35.84
N TYR A 645 -18.18 -19.98 36.50
CA TYR A 645 -19.44 -19.40 36.92
C TYR A 645 -19.64 -19.63 38.41
N ASP A 646 -20.10 -18.59 39.11
CA ASP A 646 -20.47 -18.70 40.51
C ASP A 646 -21.95 -19.00 40.72
N LYS A 647 -22.79 -18.67 39.74
CA LYS A 647 -24.23 -18.81 39.85
C LYS A 647 -24.81 -19.03 38.47
N VAL A 648 -25.88 -19.83 38.39
CA VAL A 648 -26.54 -20.17 37.14
C VAL A 648 -28.00 -19.76 37.26
N LYS A 649 -28.48 -19.02 36.25
CA LYS A 649 -29.86 -18.55 36.21
C LYS A 649 -30.51 -18.95 34.90
N LEU A 650 -31.83 -18.86 34.86
CA LEU A 650 -32.58 -19.23 33.67
C LEU A 650 -32.61 -18.07 32.67
N LEU A 651 -32.33 -18.38 31.41
CA LEU A 651 -32.29 -17.37 30.36
C LEU A 651 -33.67 -16.81 30.09
N ASP A 652 -33.73 -15.51 29.82
CA ASP A 652 -34.96 -14.82 29.48
C ASP A 652 -34.92 -14.48 27.99
N GLU A 653 -35.96 -14.88 27.25
CA GLU A 653 -35.95 -14.79 25.79
C GLU A 653 -36.60 -13.53 25.25
N GLY A 654 -37.21 -12.70 26.11
CA GLY A 654 -37.81 -11.46 25.65
C GLY A 654 -37.06 -10.23 26.13
N LEU A 655 -36.03 -10.48 26.94
CA LEU A 655 -35.27 -9.37 27.52
C LEU A 655 -34.54 -8.56 26.46
N ASP A 656 -34.01 -9.23 25.43
CA ASP A 656 -33.31 -8.52 24.37
C ASP A 656 -34.25 -7.55 23.65
N GLY A 657 -35.46 -8.02 23.31
CA GLY A 657 -36.42 -7.14 22.68
C GLY A 657 -36.88 -6.01 23.58
N LYS A 658 -37.09 -6.31 24.87
CA LYS A 658 -37.49 -5.27 25.81
C LYS A 658 -36.42 -4.18 25.91
N ILE A 659 -35.15 -4.58 25.99
CA ILE A 659 -34.07 -3.60 26.03
C ILE A 659 -33.99 -2.83 24.71
N GLN A 660 -34.17 -3.52 23.58
CA GLN A 660 -34.09 -2.86 22.29
C GLN A 660 -35.17 -1.81 22.12
N ASN A 661 -36.35 -2.03 22.71
CA ASN A 661 -37.45 -1.09 22.61
C ASN A 661 -37.39 0.03 23.64
N ASN A 662 -36.23 0.26 24.24
CA ASN A 662 -36.01 1.38 25.18
C ASN A 662 -36.99 1.33 26.35
N ARG A 663 -37.18 0.15 26.93
CA ARG A 663 -38.10 0.02 28.06
C ARG A 663 -37.48 0.57 29.34
N TYR A 664 -36.18 0.34 29.56
CA TYR A 664 -35.51 0.72 30.80
C TYR A 664 -34.64 1.95 30.63
N ARG A 665 -34.94 2.80 29.64
CA ARG A 665 -34.08 3.94 29.36
C ARG A 665 -34.02 4.89 30.55
N PHE A 666 -35.17 5.43 30.97
CA PHE A 666 -35.17 6.40 32.05
C PHE A 666 -34.95 5.76 33.42
N ALA A 667 -35.35 4.50 33.60
CA ALA A 667 -35.04 3.80 34.85
C ALA A 667 -33.54 3.64 35.03
N PHE A 668 -32.85 3.17 33.98
CA PHE A 668 -31.40 3.03 34.05
C PHE A 668 -30.72 4.39 34.15
N LEU A 669 -31.30 5.43 33.53
CA LEU A 669 -30.74 6.77 33.67
C LEU A 669 -30.81 7.24 35.13
N TYR A 670 -31.95 7.01 35.78
CA TYR A 670 -32.07 7.38 37.20
C TYR A 670 -31.09 6.58 38.05
N LEU A 671 -30.94 5.29 37.78
CA LEU A 671 -29.98 4.48 38.51
C LEU A 671 -28.56 5.01 38.33
N LEU A 672 -28.21 5.37 37.10
CA LEU A 672 -26.88 5.91 36.82
C LEU A 672 -26.65 7.22 37.55
N VAL A 673 -27.67 8.09 37.59
CA VAL A 673 -27.52 9.37 38.28
C VAL A 673 -27.33 9.15 39.78
N LYS A 674 -28.08 8.21 40.36
CA LYS A 674 -27.91 7.90 41.78
C LYS A 674 -26.51 7.36 42.05
N TRP A 675 -26.01 6.48 41.19
CA TRP A 675 -24.65 5.98 41.36
C TRP A 675 -23.62 7.10 41.21
N TYR A 676 -23.87 8.04 40.29
CA TYR A 676 -22.99 9.19 40.13
C TYR A 676 -22.92 9.99 41.42
N LYS A 677 -24.06 10.25 42.04
CA LYS A 677 -24.07 10.95 43.31
C LYS A 677 -23.33 10.17 44.38
N LYS A 678 -23.52 8.85 44.42
CA LYS A 678 -22.90 8.04 45.47
C LYS A 678 -21.38 7.98 45.33
N TYR A 679 -20.89 7.85 44.10
CA TYR A 679 -19.46 7.68 43.86
C TYR A 679 -18.74 8.97 43.51
N HIS A 680 -19.44 10.11 43.54
CA HIS A 680 -18.79 11.39 43.28
C HIS A 680 -18.49 12.15 44.55
N ILE A 681 -18.02 11.45 45.58
CA ILE A 681 -17.31 12.07 46.70
C ILE A 681 -16.29 13.01 46.08
N PRO A 682 -15.86 14.09 46.77
CA PRO A 682 -15.51 15.35 46.07
C PRO A 682 -14.95 15.20 44.67
N ILE A 683 -14.04 14.26 44.44
CA ILE A 683 -13.48 14.00 43.13
C ILE A 683 -13.66 12.53 42.79
N MET A 684 -14.16 12.25 41.59
CA MET A 684 -14.27 10.89 41.08
C MET A 684 -13.06 10.57 40.21
N LYS A 685 -12.41 9.44 40.48
CA LYS A 685 -11.26 9.01 39.71
C LYS A 685 -11.24 7.49 39.63
N LEU A 686 -10.89 6.98 38.46
CA LEU A 686 -10.82 5.54 38.23
C LEU A 686 -9.41 5.05 38.53
N TYR A 687 -9.31 3.98 39.34
CA TYR A 687 -8.00 3.48 39.70
C TYR A 687 -7.72 2.14 39.03
N PRO A 688 -6.48 1.90 38.61
CA PRO A 688 -6.16 0.63 37.94
C PRO A 688 -6.18 -0.54 38.91
N THR A 689 -6.34 -1.74 38.33
CA THR A 689 -6.29 -3.00 39.07
C THR A 689 -5.27 -3.89 38.39
N PRO A 690 -3.98 -3.67 38.64
CA PRO A 690 -2.95 -4.44 37.92
C PRO A 690 -2.77 -5.87 38.42
N GLU A 691 -3.39 -6.24 39.53
CA GLU A 691 -3.25 -7.59 40.06
C GLU A 691 -4.13 -8.61 39.34
N GLU A 692 -4.97 -8.17 38.41
CA GLU A 692 -5.86 -9.08 37.70
C GLU A 692 -5.27 -9.56 36.38
N ILE A 693 -4.43 -8.76 35.74
CA ILE A 693 -3.88 -9.10 34.43
C ILE A 693 -2.71 -10.06 34.60
N PRO A 694 -2.77 -11.27 34.03
CA PRO A 694 -1.62 -12.19 34.13
C PRO A 694 -0.36 -11.66 33.49
N ASP A 695 -0.47 -10.79 32.48
CA ASP A 695 0.70 -10.26 31.81
C ASP A 695 1.55 -9.40 32.73
N PHE A 696 0.94 -8.83 33.78
CA PHE A 696 1.65 -7.91 34.67
C PHE A 696 2.24 -8.61 35.88
N ALA A 697 2.01 -9.92 36.04
CA ALA A 697 2.41 -10.61 37.26
C ALA A 697 3.92 -10.63 37.42
N PHE A 698 4.65 -10.89 36.33
CA PHE A 698 6.11 -10.96 36.42
C PHE A 698 6.71 -9.62 36.83
N TYR A 699 6.21 -8.53 36.26
CA TYR A 699 6.69 -7.21 36.65
C TYR A 699 6.31 -6.88 38.09
N LEU A 700 5.07 -7.20 38.49
CA LEU A 700 4.62 -6.88 39.84
C LEU A 700 5.43 -7.63 40.88
N LYS A 701 5.71 -8.91 40.65
CA LYS A 701 6.45 -9.69 41.63
C LYS A 701 7.90 -9.22 41.74
N ILE A 702 8.58 -9.05 40.61
CA ILE A 702 9.99 -8.70 40.64
C ILE A 702 10.18 -7.26 41.06
N GLY A 703 9.15 -6.41 40.93
CA GLY A 703 9.28 -5.03 41.34
C GLY A 703 9.36 -4.83 42.83
N THR A 704 8.90 -5.81 43.60
CA THR A 704 8.97 -5.75 45.06
C THR A 704 10.10 -6.60 45.63
N LEU A 705 10.99 -7.10 44.78
CA LEU A 705 12.09 -7.95 45.21
C LEU A 705 13.46 -7.38 44.92
N LEU A 706 13.64 -6.70 43.79
CA LEU A 706 14.92 -6.14 43.40
C LEU A 706 14.81 -4.62 43.27
N VAL A 707 15.81 -3.92 43.81
CA VAL A 707 15.85 -2.46 43.78
C VAL A 707 17.22 -2.02 43.31
N SER A 708 17.30 -0.76 42.86
CA SER A 708 18.54 -0.21 42.32
C SER A 708 19.63 -0.13 43.38
N SER A 709 20.82 0.32 42.99
CA SER A 709 21.96 0.36 43.89
C SER A 709 21.65 1.15 45.15
N SER A 710 22.37 0.84 46.22
CA SER A 710 22.10 1.40 47.54
C SER A 710 23.31 2.19 48.04
N VAL A 711 23.04 3.37 48.59
CA VAL A 711 24.08 4.23 49.15
C VAL A 711 24.11 4.16 50.67
N LYS A 712 22.95 4.26 51.32
CA LYS A 712 22.91 4.15 52.77
C LYS A 712 23.23 2.74 53.24
N HIS A 713 23.13 1.75 52.35
CA HIS A 713 23.54 0.38 52.65
C HIS A 713 24.99 0.12 52.25
N ILE A 714 25.75 1.16 51.91
CA ILE A 714 27.17 0.98 51.57
C ILE A 714 27.91 0.31 52.72
N PRO A 715 27.64 0.60 53.99
CA PRO A 715 28.37 -0.08 55.06
C PRO A 715 27.92 -1.52 55.25
N LEU A 716 27.70 -2.22 54.14
CA LEU A 716 27.40 -3.64 54.16
C LEU A 716 28.13 -4.39 53.04
N MET A 717 29.23 -3.82 52.51
CA MET A 717 29.92 -4.43 51.39
C MET A 717 30.47 -5.81 51.75
N THR A 718 30.87 -6.00 53.02
CA THR A 718 31.29 -7.34 53.45
C THR A 718 30.13 -8.33 53.36
N ASP A 719 28.94 -7.91 53.78
CA ASP A 719 27.77 -8.78 53.66
C ASP A 719 27.45 -9.06 52.19
N LEU A 720 27.59 -8.05 51.33
CA LEU A 720 27.35 -8.27 49.90
C LEU A 720 28.35 -9.26 49.31
N SER A 721 29.63 -9.14 49.69
CA SER A 721 30.63 -10.09 49.22
C SER A 721 30.34 -11.50 49.72
N LYS A 722 29.95 -11.62 50.99
CA LYS A 722 29.58 -12.94 51.52
C LYS A 722 28.35 -13.51 50.84
N LYS A 723 27.42 -12.66 50.39
CA LYS A 723 26.24 -13.12 49.68
C LYS A 723 26.47 -13.31 48.19
N GLY A 724 27.62 -12.87 47.67
CA GLY A 724 27.97 -13.06 46.29
C GLY A 724 28.05 -11.78 45.46
N TYR A 725 27.63 -10.65 46.01
CA TYR A 725 27.69 -9.40 45.28
C TYR A 725 29.12 -8.85 45.23
N ILE A 726 29.35 -7.92 44.32
CA ILE A 726 30.65 -7.31 44.12
C ILE A 726 30.49 -5.80 44.05
N LEU A 727 31.56 -5.08 44.35
CA LEU A 727 31.57 -3.62 44.34
C LEU A 727 32.43 -3.13 43.18
N TYR A 728 31.89 -2.19 42.41
CA TYR A 728 32.60 -1.58 41.29
C TYR A 728 32.18 -0.13 41.21
N ASP A 729 33.11 0.79 41.54
CA ASP A 729 32.82 2.21 41.61
C ASP A 729 31.65 2.49 42.57
N ASN A 730 31.67 1.78 43.70
CA ASN A 730 30.62 1.89 44.72
C ASN A 730 29.24 1.58 44.15
N VAL A 731 29.18 0.60 43.25
CA VAL A 731 27.94 0.14 42.64
C VAL A 731 27.85 -1.37 42.82
N VAL A 732 26.73 -1.83 43.37
CA VAL A 732 26.53 -3.25 43.62
C VAL A 732 26.30 -3.96 42.29
N THR A 733 27.03 -5.06 42.08
CA THR A 733 26.90 -5.86 40.87
C THR A 733 26.74 -7.32 41.25
N LEU A 734 25.87 -8.03 40.54
CA LEU A 734 25.65 -9.43 40.82
C LEU A 734 26.11 -10.29 39.65
N PRO A 735 26.80 -11.40 39.91
CA PRO A 735 27.19 -12.30 38.82
C PRO A 735 25.96 -12.84 38.10
N LEU A 736 26.11 -13.04 36.79
CA LEU A 736 24.97 -13.49 35.98
C LEU A 736 24.51 -14.89 36.39
N THR A 737 25.45 -15.80 36.61
CA THR A 737 25.10 -17.15 37.01
C THR A 737 24.43 -17.17 38.38
N THR A 738 24.97 -16.39 39.33
CA THR A 738 24.36 -16.30 40.65
C THR A 738 22.96 -15.70 40.58
N PHE A 739 22.77 -14.69 39.73
CA PHE A 739 21.45 -14.10 39.56
C PHE A 739 20.46 -15.09 38.97
N GLN A 740 20.91 -15.88 37.99
CA GLN A 740 20.05 -16.90 37.42
C GLN A 740 19.67 -17.95 38.45
N GLN A 741 20.64 -18.38 39.27
CA GLN A 741 20.35 -19.35 40.31
C GLN A 741 19.37 -18.78 41.34
N LYS A 742 19.54 -17.52 41.72
CA LYS A 742 18.63 -16.88 42.66
C LYS A 742 17.22 -16.75 42.08
N ILE A 743 17.12 -16.40 40.80
CA ILE A 743 15.82 -16.28 40.16
C ILE A 743 15.14 -17.63 40.06
N SER A 744 15.91 -18.70 39.85
CA SER A 744 15.33 -20.04 39.75
C SER A 744 14.59 -20.46 41.01
N LYS A 745 14.96 -19.92 42.18
CA LYS A 745 14.28 -20.28 43.41
C LYS A 745 12.85 -19.74 43.44
N TYR A 746 12.68 -18.45 43.14
CA TYR A 746 11.35 -17.85 43.19
C TYR A 746 10.51 -18.23 41.97
N PHE A 747 11.13 -18.30 40.80
CA PHE A 747 10.45 -18.66 39.56
C PHE A 747 11.29 -19.71 38.84
N ASN A 748 10.70 -20.89 38.63
CA ASN A 748 11.44 -22.01 38.05
C ASN A 748 11.90 -21.68 36.64
N SER A 749 13.08 -22.20 36.29
CA SER A 749 13.61 -22.01 34.94
C SER A 749 12.65 -22.60 33.91
N ARG A 750 12.21 -23.84 34.12
CA ARG A 750 11.28 -24.45 33.18
C ARG A 750 9.99 -23.64 33.06
N LEU A 751 9.55 -23.03 34.16
CA LEU A 751 8.30 -22.27 34.14
C LEU A 751 8.45 -20.96 33.36
N PHE A 752 9.48 -20.18 33.66
CA PHE A 752 9.59 -18.82 33.14
C PHE A 752 11.00 -18.51 32.66
N GLY A 753 11.56 -19.41 31.85
CA GLY A 753 12.89 -19.16 31.30
C GLY A 753 12.95 -17.93 30.43
N HIS A 754 11.97 -17.75 29.54
CA HIS A 754 11.97 -16.57 28.67
C HIS A 754 11.88 -15.30 29.48
N ASP A 755 10.98 -15.26 30.48
CA ASP A 755 10.82 -14.07 31.29
C ASP A 755 12.09 -13.77 32.10
N ILE A 756 12.68 -14.81 32.69
CA ILE A 756 13.87 -14.61 33.52
C ILE A 756 15.04 -14.13 32.66
N GLU A 757 15.23 -14.75 31.49
CA GLU A 757 16.32 -14.33 30.59
C GLU A 757 16.10 -12.92 30.09
N SER A 758 14.86 -12.56 29.74
CA SER A 758 14.59 -11.20 29.30
C SER A 758 14.85 -10.19 30.40
N PHE A 759 14.45 -10.52 31.64
CA PHE A 759 14.73 -9.62 32.76
C PHE A 759 16.22 -9.47 33.00
N ILE A 760 16.97 -10.57 32.91
CA ILE A 760 18.41 -10.51 33.11
C ILE A 760 19.07 -9.65 32.04
N ASN A 761 18.63 -9.81 30.78
CA ASN A 761 19.22 -9.04 29.69
C ASN A 761 18.76 -7.59 29.68
N ARG A 762 17.63 -7.27 30.31
CA ARG A 762 17.06 -5.93 30.26
C ARG A 762 17.43 -5.07 31.46
N HIS A 763 17.47 -5.64 32.66
CA HIS A 763 17.76 -4.86 33.85
C HIS A 763 19.25 -4.71 34.12
N LYS A 764 20.10 -5.33 33.31
CA LYS A 764 21.54 -5.34 33.54
C LYS A 764 22.25 -4.49 32.50
N LYS A 765 23.27 -3.75 32.94
CA LYS A 765 24.10 -2.99 32.03
C LYS A 765 25.29 -3.83 31.57
N PHE A 766 25.80 -3.48 30.39
CA PHE A 766 26.87 -4.23 29.74
C PHE A 766 28.20 -3.61 30.15
N ALA A 767 28.93 -4.31 31.03
CA ALA A 767 30.30 -3.94 31.34
C ALA A 767 31.25 -4.26 30.19
N ASN A 768 30.80 -5.02 29.20
CA ASN A 768 31.57 -5.36 28.02
C ASN A 768 30.61 -5.96 27.00
N VAL A 769 31.16 -6.45 25.88
CA VAL A 769 30.35 -7.14 24.89
C VAL A 769 29.79 -8.43 25.48
N SER A 770 30.62 -9.17 26.21
CA SER A 770 30.21 -10.43 26.84
C SER A 770 30.02 -10.28 28.35
N ASP A 771 31.03 -9.80 29.05
CA ASP A 771 30.91 -9.60 30.49
C ASP A 771 30.02 -8.40 30.79
N GLU A 772 29.07 -8.60 31.70
CA GLU A 772 28.13 -7.55 32.06
C GLU A 772 27.75 -7.71 33.53
N TYR A 773 26.95 -6.78 34.02
CA TYR A 773 26.53 -6.83 35.41
C TYR A 773 25.22 -6.09 35.58
N LEU A 774 24.46 -6.48 36.59
CA LEU A 774 23.16 -5.88 36.87
C LEU A 774 23.30 -4.87 38.00
N GLN A 775 22.89 -3.63 37.73
CA GLN A 775 22.87 -2.59 38.76
C GLN A 775 21.58 -2.65 39.57
N TYR A 776 21.26 -3.86 40.06
CA TYR A 776 20.05 -4.09 40.85
C TYR A 776 20.35 -5.19 41.84
N ILE A 777 20.08 -4.93 43.12
CA ILE A 777 20.33 -5.87 44.19
C ILE A 777 19.01 -6.29 44.81
N PHE A 778 18.98 -7.51 45.34
CA PHE A 778 17.77 -8.02 45.96
C PHE A 778 17.45 -7.26 47.25
N ILE A 779 16.15 -7.09 47.51
CA ILE A 779 15.74 -6.45 48.76
C ILE A 779 16.09 -7.33 49.95
N GLU A 780 15.94 -8.65 49.80
CA GLU A 780 16.29 -9.55 50.90
C GLU A 780 17.78 -9.55 51.17
N ASP A 781 18.60 -9.46 50.12
CA ASP A 781 20.05 -9.44 50.31
C ASP A 781 20.48 -8.23 51.11
N ILE A 782 19.93 -7.06 50.79
CA ILE A 782 20.23 -5.86 51.57
C ILE A 782 19.62 -5.95 52.97
N SER A 783 18.48 -6.66 53.10
CA SER A 783 17.89 -6.86 54.41
C SER A 783 18.78 -7.70 55.31
N SER A 784 19.52 -8.64 54.72
CA SER A 784 20.45 -9.44 55.50
C SER A 784 21.58 -8.55 56.03
N PRO A 785 21.82 -8.52 57.35
CA PRO A 785 22.85 -7.66 57.95
C PRO A 785 24.26 -8.21 57.76
N GLY B 323 -47.36 35.86 -1.72
CA GLY B 323 -45.93 36.08 -1.67
C GLY B 323 -45.12 34.81 -1.52
N ASN B 324 -44.09 34.65 -2.36
CA ASN B 324 -43.24 33.47 -2.38
C ASN B 324 -44.05 32.20 -2.62
N LYS B 325 -44.58 32.13 -3.85
CA LYS B 325 -45.22 30.90 -4.32
C LYS B 325 -44.32 29.69 -4.10
N LEU B 326 -43.00 29.85 -4.31
CA LEU B 326 -42.09 28.74 -4.14
C LEU B 326 -42.01 28.30 -2.68
N PHE B 327 -41.97 29.26 -1.75
CA PHE B 327 -41.97 28.91 -0.33
C PHE B 327 -43.28 28.24 0.08
N ASN B 328 -44.40 28.73 -0.47
CA ASN B 328 -45.69 28.10 -0.18
C ASN B 328 -45.73 26.67 -0.71
N ILE B 329 -45.19 26.43 -1.90
CA ILE B 329 -45.12 25.08 -2.45
C ILE B 329 -44.24 24.21 -1.56
N ALA B 330 -43.10 24.73 -1.11
CA ALA B 330 -42.22 23.96 -0.25
C ALA B 330 -42.90 23.58 1.06
N GLN B 331 -43.61 24.52 1.67
CA GLN B 331 -44.32 24.23 2.92
C GLN B 331 -45.43 23.22 2.69
N ARG B 332 -46.16 23.34 1.58
CA ARG B 332 -47.22 22.38 1.28
C ARG B 332 -46.66 20.98 1.10
N ILE B 333 -45.53 20.86 0.38
CA ILE B 333 -44.92 19.55 0.19
C ILE B 333 -44.39 19.01 1.50
N LEU B 334 -43.87 19.89 2.37
CA LEU B 334 -43.37 19.44 3.66
C LEU B 334 -44.52 19.03 4.58
N ASP B 335 -45.74 19.50 4.31
CA ASP B 335 -46.87 19.12 5.15
C ASP B 335 -47.36 17.69 4.88
N THR B 336 -46.94 17.09 3.77
CA THR B 336 -47.33 15.72 3.45
C THR B 336 -46.40 14.67 4.05
N ASN B 337 -45.28 15.09 4.65
CA ASN B 337 -44.31 14.17 5.24
C ASN B 337 -43.79 13.18 4.20
N SER B 338 -43.59 13.65 2.97
CA SER B 338 -43.04 12.83 1.91
C SER B 338 -41.52 12.93 1.80
N VAL B 339 -40.89 13.83 2.56
CA VAL B 339 -39.45 13.92 2.66
C VAL B 339 -39.08 13.80 4.13
N LEU B 340 -38.12 12.92 4.44
CA LEU B 340 -37.66 12.75 5.80
C LEU B 340 -36.14 12.76 5.83
N LEU B 341 -35.59 13.27 6.92
CA LEU B 341 -34.15 13.26 7.16
C LEU B 341 -33.84 12.19 8.19
N THR B 342 -33.03 11.22 7.81
CA THR B 342 -32.73 10.08 8.67
C THR B 342 -31.54 10.36 9.57
N GLU B 343 -31.34 9.49 10.56
CA GLU B 343 -30.27 9.67 11.53
C GLU B 343 -28.89 9.35 10.96
N ARG B 344 -28.82 8.75 9.78
CA ARG B 344 -27.56 8.55 9.08
C ARG B 344 -27.22 9.69 8.13
N GLY B 345 -28.08 10.70 8.03
CA GLY B 345 -27.83 11.84 7.18
C GLY B 345 -28.45 11.79 5.81
N ASP B 346 -29.34 10.83 5.56
CA ASP B 346 -29.95 10.66 4.25
C ASP B 346 -31.29 11.38 4.19
N HIS B 347 -31.66 11.79 2.97
CA HIS B 347 -32.98 12.35 2.69
C HIS B 347 -33.78 11.31 1.93
N ILE B 348 -34.75 10.69 2.60
CA ILE B 348 -35.59 9.66 2.01
C ILE B 348 -36.88 10.31 1.52
N VAL B 349 -37.32 9.91 0.33
CA VAL B 349 -38.51 10.48 -0.29
C VAL B 349 -39.48 9.36 -0.64
N TRP B 350 -40.76 9.71 -0.68
CA TRP B 350 -41.84 8.75 -0.90
C TRP B 350 -42.33 8.91 -2.35
N ILE B 351 -41.79 8.09 -3.24
CA ILE B 351 -42.15 8.08 -4.65
C ILE B 351 -42.58 6.67 -5.03
N ASN B 352 -43.70 6.58 -5.74
CA ASN B 352 -44.16 5.31 -6.32
C ASN B 352 -44.38 4.24 -5.25
N ASN B 353 -44.91 4.67 -4.09
CA ASN B 353 -45.30 3.77 -3.01
C ASN B 353 -44.10 3.06 -2.37
N SER B 354 -42.98 3.79 -2.23
CA SER B 354 -41.83 3.26 -1.50
C SER B 354 -40.93 4.40 -1.08
N TRP B 355 -40.17 4.18 -0.01
CA TRP B 355 -39.16 5.14 0.43
C TRP B 355 -37.86 4.88 -0.31
N LYS B 356 -37.31 5.92 -0.93
CA LYS B 356 -36.10 5.83 -1.73
C LYS B 356 -35.11 6.91 -1.33
N PHE B 357 -33.83 6.60 -1.50
CA PHE B 357 -32.77 7.58 -1.27
C PHE B 357 -31.58 7.22 -2.14
N ASN B 358 -30.79 8.23 -2.50
CA ASN B 358 -29.56 8.04 -3.25
C ASN B 358 -28.56 9.08 -2.79
N SER B 359 -27.48 8.64 -2.15
CA SER B 359 -26.51 9.58 -1.57
C SER B 359 -25.83 10.40 -2.65
N GLU B 360 -25.52 9.78 -3.80
CA GLU B 360 -24.81 10.48 -4.86
C GLU B 360 -25.72 11.33 -5.74
N GLU B 361 -27.04 11.15 -5.66
CA GLU B 361 -27.97 11.92 -6.48
C GLU B 361 -29.29 12.00 -5.74
N PRO B 362 -29.51 13.07 -4.97
CA PRO B 362 -30.74 13.19 -4.19
C PRO B 362 -31.98 13.23 -5.07
N LEU B 363 -33.10 12.79 -4.51
CA LEU B 363 -34.34 12.59 -5.26
C LEU B 363 -35.42 13.60 -4.90
N ILE B 364 -35.06 14.70 -4.25
CA ILE B 364 -36.06 15.67 -3.81
C ILE B 364 -36.72 16.35 -5.01
N THR B 365 -35.93 16.68 -6.04
CA THR B 365 -36.52 17.26 -7.25
C THR B 365 -37.41 16.26 -7.98
N LYS B 366 -37.03 14.99 -7.98
CA LYS B 366 -37.90 13.95 -8.52
C LYS B 366 -39.23 13.93 -7.77
N LEU B 367 -39.19 14.01 -6.45
CA LEU B 367 -40.43 14.04 -5.66
C LEU B 367 -41.25 15.28 -5.99
N ILE B 368 -40.61 16.43 -6.13
CA ILE B 368 -41.34 17.66 -6.43
C ILE B 368 -42.07 17.51 -7.77
N LEU B 369 -41.37 17.03 -8.79
CA LEU B 369 -41.98 16.86 -10.10
C LEU B 369 -43.13 15.86 -10.04
N SER B 370 -42.93 14.75 -9.31
CA SER B 370 -43.99 13.73 -9.24
C SER B 370 -45.19 14.24 -8.46
N ILE B 371 -44.96 15.02 -7.41
CA ILE B 371 -46.04 15.48 -6.53
C ILE B 371 -46.74 16.73 -7.05
N ARG B 372 -46.22 17.36 -8.11
CA ARG B 372 -46.86 18.56 -8.67
C ARG B 372 -48.34 18.37 -8.99
N HIS B 373 -48.82 17.13 -9.09
CA HIS B 373 -50.21 16.90 -9.47
C HIS B 373 -51.19 17.04 -8.32
N GLN B 374 -50.72 17.03 -7.07
CA GLN B 374 -51.59 17.16 -5.91
C GLN B 374 -51.68 18.60 -5.40
N LEU B 375 -51.02 19.54 -6.07
CA LEU B 375 -51.05 20.94 -5.71
C LEU B 375 -52.07 21.69 -6.55
N PRO B 376 -52.47 22.90 -6.12
CA PRO B 376 -53.38 23.71 -6.95
C PRO B 376 -52.86 23.96 -8.36
N LYS B 377 -53.77 24.39 -9.24
CA LYS B 377 -53.44 24.56 -10.65
C LYS B 377 -52.41 25.66 -10.85
N GLU B 378 -52.52 26.75 -10.09
CA GLU B 378 -51.55 27.84 -10.18
C GLU B 378 -50.19 27.46 -9.61
N TYR B 379 -50.11 26.36 -8.85
CA TYR B 379 -48.84 25.88 -8.32
C TYR B 379 -48.21 24.78 -9.17
N SER B 380 -49.02 24.01 -9.90
CA SER B 380 -48.48 22.93 -10.71
C SER B 380 -47.65 23.42 -11.88
N SER B 381 -47.96 24.62 -12.41
CA SER B 381 -47.25 25.10 -13.58
C SER B 381 -45.85 25.62 -13.26
N GLU B 382 -45.64 26.11 -12.03
CA GLU B 382 -44.34 26.64 -11.66
C GLU B 382 -43.28 25.55 -11.52
N LEU B 383 -43.69 24.30 -11.33
CA LEU B 383 -42.75 23.22 -11.03
C LEU B 383 -42.25 22.53 -12.29
N LEU B 384 -42.51 23.09 -13.47
CA LEU B 384 -41.97 22.55 -14.71
C LEU B 384 -40.60 23.11 -15.05
N CYS B 385 -40.07 24.03 -14.22
CA CYS B 385 -38.75 24.62 -14.43
C CYS B 385 -37.75 24.03 -13.44
N PRO B 386 -36.62 23.51 -13.93
CA PRO B 386 -35.62 22.95 -13.00
C PRO B 386 -35.09 23.96 -12.00
N ARG B 387 -34.94 25.23 -12.39
CA ARG B 387 -34.47 26.24 -11.45
C ARG B 387 -35.45 26.45 -10.31
N LYS B 388 -36.75 26.53 -10.62
CA LYS B 388 -37.75 26.68 -9.57
C LYS B 388 -37.82 25.44 -8.69
N ARG B 389 -37.69 24.25 -9.29
CA ARG B 389 -37.66 23.03 -8.49
C ARG B 389 -36.47 23.03 -7.54
N LYS B 390 -35.32 23.53 -7.99
CA LYS B 390 -34.15 23.60 -7.12
C LYS B 390 -34.37 24.61 -5.99
N THR B 391 -35.03 25.72 -6.29
CA THR B 391 -35.36 26.67 -5.22
C THR B 391 -36.26 26.03 -4.17
N VAL B 392 -37.28 25.29 -4.61
CA VAL B 392 -38.17 24.59 -3.67
C VAL B 392 -37.38 23.56 -2.86
N GLU B 393 -36.45 22.86 -3.51
CA GLU B 393 -35.64 21.88 -2.80
C GLU B 393 -34.78 22.54 -1.73
N ALA B 394 -34.19 23.70 -2.04
CA ALA B 394 -33.41 24.43 -1.03
C ALA B 394 -34.28 24.83 0.15
N ASN B 395 -35.50 25.31 -0.13
CA ASN B 395 -36.41 25.66 0.95
C ASN B 395 -36.72 24.44 1.82
N ILE B 396 -36.99 23.30 1.20
CA ILE B 396 -37.31 22.08 1.94
C ILE B 396 -36.12 21.66 2.80
N ARG B 397 -34.91 21.74 2.24
CA ARG B 397 -33.72 21.34 2.98
C ARG B 397 -33.50 22.22 4.19
N ASP B 398 -33.73 23.53 4.05
CA ASP B 398 -33.67 24.40 5.21
C ASP B 398 -34.78 24.10 6.21
N MET B 399 -35.92 23.60 5.72
CA MET B 399 -37.04 23.28 6.61
C MET B 399 -36.82 22.01 7.44
N LEU B 400 -36.10 21.03 6.91
CA LEU B 400 -35.91 19.75 7.61
C LEU B 400 -34.83 19.90 8.67
N VAL B 401 -35.22 19.82 9.94
CA VAL B 401 -34.31 20.01 11.07
C VAL B 401 -34.18 18.74 11.91
N ASP B 402 -35.30 18.11 12.24
CA ASP B 402 -35.30 16.94 13.12
C ASP B 402 -35.09 15.66 12.31
N SER B 403 -34.51 14.67 12.98
CA SER B 403 -34.23 13.37 12.38
C SER B 403 -35.24 12.32 12.87
N VAL B 404 -35.35 11.24 12.09
CA VAL B 404 -36.28 10.17 12.38
C VAL B 404 -35.56 8.83 12.35
N GLU B 405 -36.21 7.82 12.93
CA GLU B 405 -35.71 6.45 12.96
C GLU B 405 -36.46 5.61 11.94
N THR B 406 -35.73 4.77 11.21
CA THR B 406 -36.29 3.98 10.13
C THR B 406 -36.03 2.50 10.36
N ASP B 407 -36.83 1.66 9.69
CA ASP B 407 -36.65 0.22 9.66
C ASP B 407 -36.77 -0.40 11.05
N THR B 408 -37.81 0.00 11.78
CA THR B 408 -38.01 -0.44 13.15
C THR B 408 -39.04 -1.54 13.30
N TYR B 409 -39.65 -2.00 12.20
CA TYR B 409 -40.65 -3.07 12.27
C TYR B 409 -40.08 -4.36 11.70
N PRO B 410 -39.87 -5.39 12.51
CA PRO B 410 -39.30 -6.64 11.97
C PRO B 410 -40.29 -7.51 11.23
N ASP B 411 -41.60 -7.33 11.45
CA ASP B 411 -42.63 -8.18 10.86
C ASP B 411 -43.31 -7.53 9.67
N LYS B 412 -42.58 -6.72 8.90
CA LYS B 412 -43.11 -6.09 7.69
C LYS B 412 -42.14 -6.37 6.54
N LEU B 413 -42.66 -6.86 5.44
CA LEU B 413 -41.84 -7.19 4.28
C LEU B 413 -42.06 -6.15 3.18
N PRO B 414 -41.10 -5.27 2.91
CA PRO B 414 -41.36 -4.20 1.95
C PRO B 414 -41.12 -4.63 0.51
N PHE B 415 -42.04 -4.24 -0.36
CA PHE B 415 -41.98 -4.46 -1.80
C PHE B 415 -41.83 -3.11 -2.51
N LYS B 416 -41.88 -3.15 -3.84
CA LYS B 416 -41.73 -1.91 -4.61
C LYS B 416 -43.03 -1.12 -4.74
N ASN B 417 -44.16 -1.69 -4.32
CA ASN B 417 -45.44 -0.99 -4.39
C ASN B 417 -46.24 -1.07 -3.10
N GLY B 418 -45.65 -1.58 -2.03
CA GLY B 418 -46.38 -1.72 -0.78
C GLY B 418 -45.58 -2.53 0.22
N VAL B 419 -46.25 -2.84 1.33
CA VAL B 419 -45.64 -3.59 2.44
C VAL B 419 -46.56 -4.75 2.79
N LEU B 420 -46.01 -5.95 2.88
CA LEU B 420 -46.78 -7.13 3.25
C LEU B 420 -46.65 -7.36 4.75
N ASP B 421 -47.78 -7.51 5.43
CA ASP B 421 -47.82 -7.75 6.86
C ASP B 421 -47.62 -9.25 7.09
N LEU B 422 -46.41 -9.63 7.53
CA LEU B 422 -46.11 -11.05 7.70
C LEU B 422 -46.96 -11.68 8.79
N VAL B 423 -47.19 -10.96 9.90
CA VAL B 423 -47.96 -11.51 11.00
C VAL B 423 -49.43 -11.68 10.62
N ASP B 424 -49.98 -10.74 9.85
CA ASP B 424 -51.41 -10.74 9.52
C ASP B 424 -51.70 -11.32 8.15
N GLY B 425 -50.85 -11.04 7.15
CA GLY B 425 -51.09 -11.49 5.80
C GLY B 425 -51.66 -10.44 4.87
N MET B 426 -51.98 -9.26 5.38
CA MET B 426 -52.55 -8.20 4.56
C MET B 426 -51.45 -7.42 3.85
N PHE B 427 -51.73 -6.99 2.63
CA PHE B 427 -50.81 -6.19 1.83
C PHE B 427 -51.30 -4.75 1.80
N TYR B 428 -50.45 -3.82 2.22
CA TYR B 428 -50.81 -2.41 2.33
C TYR B 428 -50.13 -1.64 1.21
N SER B 429 -50.87 -0.74 0.58
CA SER B 429 -50.35 0.16 -0.44
C SER B 429 -50.90 1.56 -0.20
N GLY B 430 -50.07 2.55 -0.49
CA GLY B 430 -50.48 3.93 -0.29
C GLY B 430 -50.00 4.49 1.03
N ASP B 431 -50.88 5.22 1.73
CA ASP B 431 -50.52 5.80 3.02
C ASP B 431 -50.56 4.78 4.15
N ASP B 432 -51.05 3.57 3.91
CA ASP B 432 -50.97 2.52 4.92
C ASP B 432 -49.55 1.97 5.02
N ALA B 433 -48.88 1.81 3.88
CA ALA B 433 -47.48 1.37 3.87
C ALA B 433 -46.52 2.49 4.25
N LYS B 434 -46.99 3.74 4.32
CA LYS B 434 -46.12 4.86 4.62
C LYS B 434 -45.72 4.90 6.09
N LYS B 435 -46.55 4.34 6.97
CA LYS B 435 -46.26 4.40 8.41
C LYS B 435 -44.96 3.68 8.74
N TYR B 436 -44.70 2.56 8.10
CA TYR B 436 -43.50 1.76 8.33
C TYR B 436 -42.41 2.30 7.44
N THR B 437 -41.48 3.07 8.02
CA THR B 437 -40.43 3.70 7.23
C THR B 437 -39.38 2.67 6.84
N CYS B 438 -39.74 1.77 5.93
CA CYS B 438 -38.82 0.74 5.44
C CYS B 438 -38.03 1.30 4.27
N THR B 439 -36.74 1.55 4.49
CA THR B 439 -35.88 2.14 3.47
C THR B 439 -35.27 1.11 2.55
N VAL B 440 -35.60 -0.18 2.72
CA VAL B 440 -35.17 -1.24 1.81
C VAL B 440 -36.41 -1.87 1.21
N SER B 441 -36.21 -2.66 0.16
CA SER B 441 -37.31 -3.35 -0.51
C SER B 441 -36.75 -4.51 -1.31
N THR B 442 -37.66 -5.39 -1.73
CA THR B 442 -37.26 -6.51 -2.59
C THR B 442 -36.85 -6.05 -3.97
N GLY B 443 -37.42 -4.93 -4.45
CA GLY B 443 -37.12 -4.41 -5.76
C GLY B 443 -38.09 -4.81 -6.85
N PHE B 444 -39.11 -5.59 -6.52
CA PHE B 444 -40.13 -5.99 -7.49
C PHE B 444 -41.51 -5.86 -6.83
N LYS B 445 -42.53 -5.75 -7.68
CA LYS B 445 -43.88 -5.53 -7.18
C LYS B 445 -44.52 -6.83 -6.73
N PHE B 446 -45.44 -6.71 -5.77
CA PHE B 446 -46.14 -7.84 -5.21
C PHE B 446 -47.36 -8.17 -6.08
N ASP B 447 -47.44 -9.42 -6.53
CA ASP B 447 -48.53 -9.88 -7.38
C ASP B 447 -49.48 -10.72 -6.54
N ASP B 448 -50.71 -10.21 -6.33
CA ASP B 448 -51.67 -10.92 -5.50
C ASP B 448 -52.24 -12.14 -6.20
N THR B 449 -52.20 -12.17 -7.53
CA THR B 449 -52.73 -13.32 -8.26
C THR B 449 -51.78 -14.51 -8.20
N LYS B 450 -50.47 -14.24 -8.21
CA LYS B 450 -49.48 -15.32 -8.12
C LYS B 450 -49.20 -15.74 -6.68
N PHE B 451 -49.59 -14.94 -5.70
CA PHE B 451 -49.39 -15.28 -4.29
C PHE B 451 -50.51 -16.21 -3.81
N VAL B 452 -50.59 -17.37 -4.46
CA VAL B 452 -51.66 -18.33 -4.23
C VAL B 452 -51.07 -19.69 -3.91
N GLU B 453 -51.86 -20.50 -3.18
CA GLU B 453 -51.40 -21.82 -2.76
C GLU B 453 -51.63 -22.87 -3.84
N ASP B 454 -52.71 -22.75 -4.60
CA ASP B 454 -53.06 -23.70 -5.64
C ASP B 454 -52.62 -23.16 -6.99
N SER B 455 -51.57 -23.77 -7.55
CA SER B 455 -51.05 -23.35 -8.86
C SER B 455 -50.21 -24.48 -9.46
N PRO B 456 -50.03 -24.51 -10.79
CA PRO B 456 -49.11 -25.48 -11.37
C PRO B 456 -47.68 -25.33 -10.87
N GLU B 457 -47.25 -24.09 -10.58
CA GLU B 457 -45.90 -23.88 -10.09
C GLU B 457 -45.70 -24.47 -8.70
N MET B 458 -46.72 -24.41 -7.85
CA MET B 458 -46.58 -24.88 -6.48
C MET B 458 -46.31 -26.38 -6.42
N GLU B 459 -46.99 -27.16 -7.26
CA GLU B 459 -46.77 -28.61 -7.25
C GLU B 459 -45.32 -28.95 -7.60
N GLU B 460 -44.80 -28.33 -8.66
CA GLU B 460 -43.41 -28.56 -9.04
C GLU B 460 -42.46 -28.10 -7.94
N LEU B 461 -42.76 -26.96 -7.31
CA LEU B 461 -41.88 -26.45 -6.26
C LEU B 461 -41.84 -27.39 -5.06
N MET B 462 -43.00 -27.91 -4.64
CA MET B 462 -43.01 -28.86 -3.53
C MET B 462 -42.32 -30.16 -3.91
N ASN B 463 -42.46 -30.61 -5.17
CA ASN B 463 -41.69 -31.77 -5.60
C ASN B 463 -40.19 -31.52 -5.49
N ILE B 464 -39.75 -30.33 -5.91
CA ILE B 464 -38.32 -29.99 -5.85
C ILE B 464 -37.84 -29.97 -4.40
N ILE B 465 -38.62 -29.34 -3.52
CA ILE B 465 -38.21 -29.20 -2.13
C ILE B 465 -38.19 -30.55 -1.43
N ASN B 466 -39.16 -31.42 -1.75
CA ASN B 466 -39.16 -32.76 -1.16
C ASN B 466 -38.04 -33.62 -1.72
N ASP B 467 -37.61 -33.36 -2.96
CA ASP B 467 -36.42 -34.02 -3.48
C ASP B 467 -35.18 -33.59 -2.70
N ILE B 468 -35.00 -32.27 -2.52
CA ILE B 468 -33.80 -31.78 -1.86
C ILE B 468 -33.76 -32.21 -0.39
N GLN B 469 -34.86 -32.00 0.33
CA GLN B 469 -34.97 -32.39 1.74
C GLN B 469 -36.16 -33.32 1.90
N PRO B 470 -35.94 -34.63 1.95
CA PRO B 470 -37.07 -35.57 2.01
C PRO B 470 -37.85 -35.45 3.31
N LEU B 471 -39.10 -35.91 3.26
CA LEU B 471 -40.01 -35.88 4.40
C LEU B 471 -40.02 -37.19 5.18
N THR B 472 -38.88 -37.88 5.25
CA THR B 472 -38.79 -39.12 6.00
C THR B 472 -38.76 -38.83 7.50
N ASP B 473 -38.61 -39.89 8.29
CA ASP B 473 -38.49 -39.73 9.73
C ASP B 473 -37.06 -39.50 10.19
N GLU B 474 -36.08 -39.96 9.40
CA GLU B 474 -34.68 -39.72 9.74
C GLU B 474 -34.28 -38.28 9.46
N ASN B 475 -34.90 -37.64 8.48
CA ASN B 475 -34.55 -36.29 8.05
C ASN B 475 -35.52 -35.24 8.62
N LYS B 476 -36.24 -35.59 9.68
CA LYS B 476 -37.26 -34.69 10.22
C LYS B 476 -36.66 -33.45 10.88
N LYS B 477 -35.70 -33.64 11.80
CA LYS B 477 -35.07 -32.50 12.47
C LYS B 477 -34.29 -31.66 11.48
N ASN B 478 -33.57 -32.30 10.55
CA ASN B 478 -32.85 -31.57 9.53
C ASN B 478 -33.79 -30.76 8.65
N ARG B 479 -34.92 -31.35 8.26
CA ARG B 479 -35.89 -30.63 7.44
C ARG B 479 -36.48 -29.45 8.20
N GLU B 480 -36.79 -29.63 9.48
CA GLU B 480 -37.33 -28.53 10.27
C GLU B 480 -36.32 -27.40 10.40
N LEU B 481 -35.06 -27.73 10.62
CA LEU B 481 -34.01 -26.71 10.68
C LEU B 481 -33.87 -25.99 9.35
N TYR B 482 -33.95 -26.74 8.24
CA TYR B 482 -33.90 -26.16 6.91
C TYR B 482 -35.03 -25.15 6.70
N GLU B 483 -36.25 -25.54 7.03
CA GLU B 483 -37.40 -24.64 6.90
C GLU B 483 -37.23 -23.42 7.77
N LYS B 484 -36.78 -23.60 9.02
CA LYS B 484 -36.64 -22.48 9.95
C LYS B 484 -35.61 -21.48 9.45
N THR B 485 -34.44 -21.98 9.02
CA THR B 485 -33.40 -21.08 8.52
C THR B 485 -33.86 -20.36 7.26
N LEU B 486 -34.56 -21.05 6.36
CA LEU B 486 -35.02 -20.39 5.15
C LEU B 486 -36.07 -19.32 5.46
N SER B 487 -36.98 -19.61 6.40
CA SER B 487 -38.04 -18.66 6.72
C SER B 487 -37.54 -17.49 7.56
N SER B 488 -36.41 -17.64 8.25
CA SER B 488 -35.89 -16.54 9.04
C SER B 488 -35.29 -15.43 8.19
N CYS B 489 -35.34 -15.54 6.86
CA CYS B 489 -34.82 -14.50 5.98
C CYS B 489 -35.86 -13.43 5.65
N LEU B 490 -37.04 -13.49 6.26
CA LEU B 490 -38.10 -12.52 6.03
C LEU B 490 -38.20 -11.46 7.12
N CYS B 491 -37.60 -11.70 8.28
CA CYS B 491 -37.79 -10.82 9.43
C CYS B 491 -36.58 -9.89 9.60
N GLY B 492 -36.87 -8.61 9.81
CA GLY B 492 -35.82 -7.63 9.99
C GLY B 492 -35.36 -7.52 11.43
N ALA B 493 -34.63 -8.51 11.91
CA ALA B 493 -34.11 -8.52 13.27
C ALA B 493 -32.78 -9.25 13.27
N THR B 494 -32.00 -9.03 14.33
CA THR B 494 -30.69 -9.64 14.45
C THR B 494 -30.82 -11.10 14.86
N LYS B 495 -30.16 -11.99 14.12
CA LYS B 495 -30.17 -13.41 14.39
C LYS B 495 -28.92 -13.80 15.18
N GLY B 496 -29.03 -14.88 15.92
CA GLY B 496 -27.99 -15.29 16.84
C GLY B 496 -27.05 -16.38 16.38
N CYS B 497 -27.27 -16.95 15.20
CA CYS B 497 -26.45 -18.07 14.75
C CYS B 497 -26.03 -17.89 13.30
N LEU B 498 -24.90 -18.49 12.96
CA LEU B 498 -24.47 -18.66 11.58
C LEU B 498 -24.74 -20.09 11.16
N THR B 499 -25.29 -20.27 9.96
CA THR B 499 -25.71 -21.57 9.48
C THR B 499 -24.80 -22.02 8.34
N PHE B 500 -24.51 -23.31 8.31
CA PHE B 500 -23.69 -23.93 7.27
C PHE B 500 -24.52 -24.93 6.48
N PHE B 501 -24.55 -24.76 5.16
CA PHE B 501 -25.22 -25.70 4.27
C PHE B 501 -24.16 -26.69 3.80
N PHE B 502 -24.10 -27.84 4.46
CA PHE B 502 -23.01 -28.79 4.26
C PHE B 502 -23.50 -30.01 3.49
N GLY B 503 -22.75 -30.40 2.47
CA GLY B 503 -23.04 -31.61 1.73
C GLY B 503 -21.98 -31.84 0.68
N GLU B 504 -22.15 -32.93 -0.06
CA GLU B 504 -21.27 -33.23 -1.19
C GLU B 504 -21.73 -32.43 -2.40
N THR B 505 -21.16 -32.75 -3.56
CA THR B 505 -21.49 -32.02 -4.78
C THR B 505 -22.82 -32.49 -5.36
N ALA B 506 -23.53 -31.56 -6.00
CA ALA B 506 -24.82 -31.81 -6.64
C ALA B 506 -25.84 -32.35 -5.62
N THR B 507 -26.14 -31.52 -4.63
CA THR B 507 -27.08 -31.89 -3.58
C THR B 507 -28.16 -30.85 -3.32
N GLY B 508 -28.19 -29.76 -4.07
CA GLY B 508 -29.28 -28.80 -3.99
C GLY B 508 -29.00 -27.50 -3.25
N LYS B 509 -27.76 -27.28 -2.81
CA LYS B 509 -27.45 -26.09 -2.03
C LYS B 509 -27.52 -24.82 -2.87
N SER B 510 -26.90 -24.84 -4.06
CA SER B 510 -26.98 -23.68 -4.93
C SER B 510 -28.39 -23.48 -5.46
N THR B 511 -29.13 -24.58 -5.66
CA THR B 511 -30.54 -24.45 -6.04
C THR B 511 -31.33 -23.73 -4.95
N THR B 512 -31.09 -24.09 -3.68
CA THR B 512 -31.76 -23.40 -2.58
C THR B 512 -31.39 -21.92 -2.54
N LYS B 513 -30.10 -21.61 -2.72
CA LYS B 513 -29.67 -20.22 -2.71
C LYS B 513 -30.33 -19.43 -3.83
N ARG B 514 -30.38 -19.99 -5.04
CA ARG B 514 -30.99 -19.30 -6.17
C ARG B 514 -32.49 -19.13 -5.96
N LEU B 515 -33.15 -20.15 -5.40
CA LEU B 515 -34.58 -20.03 -5.12
C LEU B 515 -34.86 -18.91 -4.13
N LEU B 516 -34.07 -18.85 -3.05
CA LEU B 516 -34.28 -17.80 -2.05
C LEU B 516 -33.98 -16.41 -2.63
N LYS B 517 -32.94 -16.32 -3.48
CA LYS B 517 -32.63 -15.05 -4.12
C LYS B 517 -33.77 -14.60 -5.03
N SER B 518 -34.33 -15.53 -5.79
CA SER B 518 -35.49 -15.21 -6.63
C SER B 518 -36.66 -14.77 -5.78
N ALA B 519 -36.86 -15.39 -4.61
CA ALA B 519 -38.00 -15.07 -3.77
C ALA B 519 -37.89 -13.67 -3.18
N ILE B 520 -36.75 -13.33 -2.59
CA ILE B 520 -36.67 -12.11 -1.78
C ILE B 520 -35.90 -10.99 -2.46
N GLY B 521 -35.38 -11.20 -3.67
CA GLY B 521 -34.90 -10.08 -4.47
C GLY B 521 -33.72 -9.36 -3.85
N ASP B 522 -33.91 -8.06 -3.63
CA ASP B 522 -32.84 -7.16 -3.19
C ASP B 522 -32.59 -7.20 -1.70
N LEU B 523 -33.37 -7.96 -0.93
CA LEU B 523 -33.08 -8.20 0.47
C LEU B 523 -32.06 -9.31 0.66
N PHE B 524 -31.34 -9.66 -0.40
CA PHE B 524 -30.39 -10.76 -0.44
C PHE B 524 -29.06 -10.24 -0.95
N VAL B 525 -27.97 -10.59 -0.28
CA VAL B 525 -26.64 -10.17 -0.73
C VAL B 525 -25.68 -11.35 -0.62
N GLU B 526 -24.63 -11.30 -1.45
CA GLU B 526 -23.61 -12.33 -1.49
C GLU B 526 -22.24 -11.65 -1.37
N THR B 527 -21.41 -12.17 -0.47
CA THR B 527 -20.09 -11.58 -0.24
C THR B 527 -19.00 -12.63 -0.30
N GLY B 528 -17.78 -12.26 0.06
CA GLY B 528 -16.65 -13.16 0.02
C GLY B 528 -16.29 -13.72 1.39
N GLN B 529 -15.33 -14.65 1.38
CA GLN B 529 -14.85 -15.27 2.60
C GLN B 529 -13.93 -14.37 3.41
N THR B 530 -13.65 -13.16 2.92
CA THR B 530 -12.84 -12.22 3.70
C THR B 530 -13.52 -11.84 5.00
N ILE B 531 -14.85 -11.69 4.97
CA ILE B 531 -15.59 -11.38 6.19
C ILE B 531 -15.52 -12.49 7.21
N LEU B 532 -15.02 -13.67 6.82
CA LEU B 532 -14.81 -14.78 7.73
C LEU B 532 -13.36 -14.97 8.13
N THR B 533 -12.42 -14.72 7.22
CA THR B 533 -11.02 -15.03 7.46
C THR B 533 -10.12 -13.81 7.60
N ASP B 534 -10.68 -12.59 7.67
CA ASP B 534 -9.88 -11.38 7.68
C ASP B 534 -10.46 -10.36 8.65
N VAL B 535 -9.60 -9.42 9.05
CA VAL B 535 -10.01 -8.35 9.95
C VAL B 535 -11.00 -7.43 9.23
N LEU B 536 -12.04 -7.02 9.96
CA LEU B 536 -13.12 -6.23 9.36
C LEU B 536 -12.91 -4.72 9.46
N ASP B 537 -12.15 -4.25 10.45
CA ASP B 537 -12.07 -2.81 10.68
C ASP B 537 -11.13 -2.15 9.67
N LYS B 538 -9.84 -2.47 9.73
CA LYS B 538 -8.82 -2.08 8.77
C LYS B 538 -9.07 -0.72 8.11
N GLY B 539 -9.25 -0.73 6.79
CA GLY B 539 -9.65 0.45 6.07
C GLY B 539 -11.05 0.30 5.51
N PRO B 540 -11.26 0.75 4.27
CA PRO B 540 -12.58 0.60 3.65
C PRO B 540 -12.85 -0.86 3.28
N ASN B 541 -14.00 -1.37 3.71
CA ASN B 541 -14.40 -2.76 3.46
C ASN B 541 -15.81 -2.80 2.93
N PRO B 542 -16.00 -2.64 1.61
CA PRO B 542 -17.33 -2.75 1.03
C PRO B 542 -17.97 -4.11 1.23
N PHE B 543 -17.17 -5.16 1.40
CA PHE B 543 -17.74 -6.50 1.58
C PHE B 543 -18.52 -6.61 2.87
N ILE B 544 -18.06 -5.95 3.94
CA ILE B 544 -18.81 -5.92 5.18
C ILE B 544 -19.77 -4.75 5.26
N ALA B 545 -19.51 -3.66 4.52
CA ALA B 545 -20.39 -2.50 4.54
C ALA B 545 -21.59 -2.64 3.61
N ASN B 546 -21.62 -3.66 2.75
CA ASN B 546 -22.73 -3.86 1.83
C ASN B 546 -23.87 -4.65 2.43
N MET B 547 -23.74 -5.15 3.66
CA MET B 547 -24.79 -5.94 4.30
C MET B 547 -25.73 -5.11 5.16
N HIS B 548 -25.61 -3.78 5.12
CA HIS B 548 -26.45 -2.90 5.93
C HIS B 548 -27.93 -3.11 5.61
N LEU B 549 -28.68 -3.62 6.58
CA LEU B 549 -30.12 -3.86 6.53
C LEU B 549 -30.52 -5.00 5.59
N LYS B 550 -29.57 -5.74 5.03
CA LYS B 550 -29.91 -6.93 4.28
C LYS B 550 -30.46 -8.01 5.21
N ARG B 551 -31.43 -8.77 4.72
CA ARG B 551 -32.05 -9.82 5.52
C ARG B 551 -31.51 -11.21 5.20
N SER B 552 -30.53 -11.32 4.31
CA SER B 552 -29.90 -12.61 4.02
C SER B 552 -28.54 -12.36 3.39
N VAL B 553 -27.50 -12.98 3.95
CA VAL B 553 -26.15 -12.89 3.44
C VAL B 553 -25.66 -14.29 3.14
N PHE B 554 -25.14 -14.50 1.94
CA PHE B 554 -24.59 -15.80 1.54
C PHE B 554 -23.10 -15.70 1.26
N CYS B 555 -22.38 -16.72 1.73
CA CYS B 555 -20.99 -16.95 1.36
C CYS B 555 -20.88 -18.40 0.89
N SER B 556 -19.93 -18.64 -0.03
CA SER B 556 -19.88 -19.94 -0.68
C SER B 556 -18.44 -20.43 -0.77
N GLU B 557 -18.31 -21.76 -0.89
CA GLU B 557 -17.06 -22.42 -1.27
C GLU B 557 -15.93 -22.10 -0.28
N LEU B 558 -16.08 -22.61 0.93
CA LEU B 558 -14.99 -22.51 1.90
C LEU B 558 -13.77 -23.26 1.38
N PRO B 559 -12.58 -22.67 1.50
CA PRO B 559 -11.36 -23.30 0.97
C PRO B 559 -10.77 -24.35 1.91
N ASP B 560 -11.16 -25.61 1.72
CA ASP B 560 -10.83 -26.71 2.65
C ASP B 560 -9.45 -26.56 3.25
N PHE B 561 -9.40 -26.62 4.59
CA PHE B 561 -8.26 -26.19 5.35
C PHE B 561 -7.29 -27.32 5.71
N ALA B 562 -7.64 -28.57 5.41
CA ALA B 562 -6.75 -29.68 5.72
C ALA B 562 -5.44 -29.56 4.96
N CYS B 563 -5.51 -29.24 3.66
CA CYS B 563 -4.29 -28.96 2.90
C CYS B 563 -3.70 -27.64 3.37
N SER B 564 -2.65 -27.71 4.18
CA SER B 564 -2.09 -26.53 4.82
C SER B 564 -1.68 -25.50 3.77
N GLY B 565 -2.09 -24.25 4.02
CA GLY B 565 -1.88 -23.19 3.06
C GLY B 565 -3.11 -22.31 2.90
N SER B 566 -4.12 -22.56 3.72
CA SER B 566 -5.36 -21.78 3.70
C SER B 566 -5.62 -21.21 5.09
N LYS B 567 -6.06 -19.95 5.13
CA LYS B 567 -6.36 -19.30 6.40
C LYS B 567 -7.58 -19.94 7.06
N LYS B 568 -7.58 -19.92 8.39
CA LYS B 568 -8.68 -20.47 9.17
C LYS B 568 -9.72 -19.40 9.45
N ILE B 569 -10.88 -19.85 9.92
CA ILE B 569 -11.99 -18.95 10.25
C ILE B 569 -11.73 -18.31 11.61
N ARG B 570 -11.91 -16.99 11.69
CA ARG B 570 -11.64 -16.26 12.90
C ARG B 570 -12.85 -16.29 13.83
N SER B 571 -12.66 -16.84 15.04
CA SER B 571 -13.72 -16.85 16.03
C SER B 571 -14.11 -15.43 16.43
N ASP B 572 -13.16 -14.50 16.41
CA ASP B 572 -13.49 -13.10 16.66
C ASP B 572 -14.45 -12.57 15.61
N ASN B 573 -14.21 -12.90 14.34
CA ASN B 573 -15.14 -12.49 13.28
C ASN B 573 -16.50 -13.16 13.46
N ILE B 574 -16.51 -14.43 13.87
CA ILE B 574 -17.78 -15.12 14.09
C ILE B 574 -18.57 -14.45 15.20
N LYS B 575 -17.91 -14.07 16.29
CA LYS B 575 -18.57 -13.35 17.36
C LYS B 575 -19.03 -11.97 16.93
N LYS B 576 -18.26 -11.30 16.08
CA LYS B 576 -18.60 -9.94 15.66
C LYS B 576 -19.77 -9.92 14.67
N LEU B 577 -19.92 -10.97 13.86
CA LEU B 577 -20.99 -11.01 12.88
C LEU B 577 -22.36 -11.30 13.49
N THR B 578 -22.41 -11.64 14.77
CA THR B 578 -23.66 -11.92 15.46
C THR B 578 -24.23 -10.69 16.17
N GLU B 579 -23.40 -9.67 16.41
CA GLU B 579 -23.79 -8.46 17.12
C GLU B 579 -24.81 -7.66 16.31
N PRO B 580 -25.68 -6.90 17.00
CA PRO B 580 -26.66 -6.07 16.27
C PRO B 580 -26.04 -5.00 15.40
N CYS B 581 -24.82 -4.56 15.69
CA CYS B 581 -24.12 -3.56 14.87
C CYS B 581 -22.74 -4.08 14.50
N VAL B 582 -22.39 -3.92 13.22
CA VAL B 582 -21.12 -4.38 12.70
C VAL B 582 -20.32 -3.17 12.26
N ILE B 583 -19.04 -3.14 12.62
CA ILE B 583 -18.18 -1.99 12.40
C ILE B 583 -17.41 -2.20 11.09
N GLY B 584 -17.62 -1.29 10.15
CA GLY B 584 -16.97 -1.34 8.85
C GLY B 584 -17.45 -0.22 7.96
N ARG B 585 -16.58 0.29 7.09
CA ARG B 585 -16.93 1.45 6.29
C ARG B 585 -16.65 1.22 4.82
N PRO B 586 -17.41 1.84 3.94
CA PRO B 586 -17.14 1.78 2.50
C PRO B 586 -16.00 2.72 2.13
N CYS B 587 -15.76 2.83 0.84
CA CYS B 587 -14.82 3.82 0.33
C CYS B 587 -15.46 5.20 0.34
N PHE B 588 -14.67 6.20 0.74
CA PHE B 588 -15.10 7.60 0.77
C PHE B 588 -16.30 7.83 1.69
N SER B 589 -16.40 7.05 2.77
CA SER B 589 -17.53 7.15 3.69
C SER B 589 -17.04 7.18 5.13
N ASN B 590 -17.67 8.05 5.93
CA ASN B 590 -17.36 8.17 7.35
C ASN B 590 -18.26 7.30 8.22
N LYS B 591 -19.22 6.60 7.63
CA LYS B 591 -20.12 5.74 8.40
C LYS B 591 -19.41 4.45 8.75
N ILE B 592 -19.31 4.15 10.05
CA ILE B 592 -18.56 3.00 10.53
C ILE B 592 -19.45 2.00 11.25
N ASN B 593 -20.76 2.16 11.18
CA ASN B 593 -21.68 1.23 11.81
C ASN B 593 -22.72 0.76 10.80
N ASN B 594 -23.05 -0.53 10.85
CA ASN B 594 -24.01 -1.15 9.97
C ASN B 594 -24.98 -1.98 10.79
N ARG B 595 -26.27 -1.89 10.48
CA ARG B 595 -27.28 -2.63 11.22
C ARG B 595 -27.38 -4.07 10.71
N ASN B 596 -27.26 -5.02 11.62
CA ASN B 596 -27.21 -6.44 11.30
C ASN B 596 -28.63 -7.00 11.39
N HIS B 597 -29.25 -7.24 10.24
CA HIS B 597 -30.57 -7.87 10.16
C HIS B 597 -30.50 -9.20 9.43
N ALA B 598 -29.30 -9.74 9.22
CA ALA B 598 -29.05 -10.75 8.20
C ALA B 598 -28.99 -12.14 8.79
N THR B 599 -29.58 -13.10 8.07
CA THR B 599 -29.30 -14.51 8.27
C THR B 599 -28.12 -14.88 7.39
N ILE B 600 -27.04 -15.34 8.01
CA ILE B 600 -25.78 -15.58 7.31
C ILE B 600 -25.63 -17.07 7.08
N ILE B 601 -25.53 -17.47 5.81
CA ILE B 601 -25.45 -18.87 5.42
C ILE B 601 -24.23 -19.07 4.53
N ILE B 602 -23.55 -20.21 4.71
CA ILE B 602 -22.35 -20.54 3.96
C ILE B 602 -22.55 -21.91 3.33
N ASP B 603 -22.41 -21.97 2.00
CA ASP B 603 -22.44 -23.25 1.29
C ASP B 603 -21.05 -23.87 1.28
N THR B 604 -20.96 -25.13 1.71
CA THR B 604 -19.67 -25.77 1.92
C THR B 604 -19.72 -27.23 1.51
N ASN B 605 -18.62 -27.69 0.91
CA ASN B 605 -18.35 -29.11 0.77
C ASN B 605 -17.57 -29.68 1.94
N TYR B 606 -17.02 -28.82 2.81
CA TYR B 606 -16.13 -29.22 3.88
C TYR B 606 -16.57 -28.58 5.19
N LYS B 607 -16.26 -29.25 6.29
CA LYS B 607 -16.61 -28.74 7.60
C LYS B 607 -15.71 -27.55 7.95
N PRO B 608 -16.21 -26.58 8.71
CA PRO B 608 -15.40 -25.41 9.05
C PRO B 608 -14.27 -25.77 10.01
N VAL B 609 -13.19 -25.01 9.92
CA VAL B 609 -12.05 -25.13 10.83
C VAL B 609 -11.76 -23.76 11.41
N PHE B 610 -11.73 -23.68 12.74
CA PHE B 610 -11.56 -22.42 13.45
C PHE B 610 -10.22 -22.39 14.14
N ASP B 611 -9.63 -21.20 14.25
CA ASP B 611 -8.31 -21.07 14.87
C ASP B 611 -8.37 -21.34 16.37
N ARG B 612 -9.41 -20.85 17.04
CA ARG B 612 -9.60 -21.10 18.47
C ARG B 612 -11.04 -21.49 18.72
N ILE B 613 -11.23 -22.59 19.46
CA ILE B 613 -12.54 -23.14 19.76
C ILE B 613 -12.82 -22.93 21.24
N ASP B 614 -13.88 -22.18 21.54
CA ASP B 614 -14.30 -21.94 22.92
C ASP B 614 -15.82 -22.08 23.00
N ASN B 615 -16.35 -21.99 24.22
CA ASN B 615 -17.78 -22.14 24.42
C ASN B 615 -18.58 -20.98 23.84
N ALA B 616 -17.97 -19.82 23.65
CA ALA B 616 -18.68 -18.71 23.01
C ALA B 616 -18.83 -18.94 21.51
N LEU B 617 -17.89 -19.67 20.90
CA LEU B 617 -18.04 -20.03 19.49
C LEU B 617 -19.08 -21.12 19.30
N MET B 618 -19.10 -22.12 20.19
CA MET B 618 -20.06 -23.21 20.11
C MET B 618 -21.48 -22.78 20.38
N ARG B 619 -21.71 -21.48 20.60
CA ARG B 619 -23.04 -20.94 20.82
C ARG B 619 -23.62 -20.27 19.58
N ARG B 620 -22.88 -20.27 18.45
CA ARG B 620 -23.29 -19.50 17.28
C ARG B 620 -23.10 -20.28 15.98
N ILE B 621 -23.12 -21.62 16.04
CA ILE B 621 -22.92 -22.44 14.85
C ILE B 621 -24.04 -23.46 14.74
N ALA B 622 -24.68 -23.51 13.56
CA ALA B 622 -25.68 -24.51 13.24
C ALA B 622 -25.39 -25.09 11.86
N VAL B 623 -25.79 -26.33 11.65
CA VAL B 623 -25.46 -27.08 10.44
C VAL B 623 -26.71 -27.73 9.87
N VAL B 624 -26.96 -27.53 8.59
CA VAL B 624 -27.95 -28.27 7.82
C VAL B 624 -27.21 -29.09 6.78
N ARG B 625 -27.55 -30.38 6.69
CA ARG B 625 -26.83 -31.30 5.81
C ARG B 625 -27.71 -31.73 4.65
N PHE B 626 -27.14 -31.73 3.45
CA PHE B 626 -27.82 -32.12 2.22
C PHE B 626 -27.29 -33.49 1.79
N ARG B 627 -28.18 -34.44 1.52
CA ARG B 627 -27.75 -35.81 1.29
C ARG B 627 -28.50 -36.49 0.16
N THR B 628 -29.01 -35.73 -0.81
CA THR B 628 -29.66 -36.29 -1.98
C THR B 628 -28.87 -35.88 -3.23
N HIS B 629 -28.49 -36.86 -4.04
CA HIS B 629 -27.65 -36.63 -5.21
C HIS B 629 -28.50 -36.58 -6.47
N PHE B 630 -28.26 -35.57 -7.29
CA PHE B 630 -28.89 -35.43 -8.60
C PHE B 630 -27.79 -35.62 -9.64
N SER B 631 -27.85 -36.73 -10.37
CA SER B 631 -26.75 -37.15 -11.23
C SER B 631 -27.23 -37.40 -12.65
N GLN B 632 -26.29 -37.31 -13.58
CA GLN B 632 -26.54 -37.75 -14.95
C GLN B 632 -26.74 -39.26 -14.96
N PRO B 633 -27.42 -39.79 -15.98
CA PRO B 633 -27.64 -41.25 -16.02
C PRO B 633 -26.35 -42.06 -16.08
N SER B 634 -25.23 -41.46 -16.48
CA SER B 634 -23.98 -42.21 -16.57
C SER B 634 -23.43 -42.54 -15.18
N GLY B 635 -23.36 -41.57 -14.28
CA GLY B 635 -22.69 -41.77 -13.02
C GLY B 635 -23.58 -42.26 -11.89
N ARG B 636 -24.77 -42.76 -12.26
CA ARG B 636 -25.74 -43.14 -11.24
C ARG B 636 -25.22 -44.25 -10.34
N GLU B 637 -24.58 -45.27 -10.92
CA GLU B 637 -24.13 -46.40 -10.11
C GLU B 637 -23.02 -46.00 -9.15
N ALA B 638 -22.02 -45.26 -9.67
CA ALA B 638 -20.95 -44.77 -8.80
C ALA B 638 -21.49 -43.86 -7.72
N ALA B 639 -22.61 -43.17 -7.99
CA ALA B 639 -23.27 -42.40 -6.94
C ALA B 639 -23.96 -43.29 -5.92
N GLU B 640 -24.66 -44.33 -6.37
CA GLU B 640 -25.36 -45.23 -5.46
C GLU B 640 -24.42 -46.04 -4.59
N ASN B 641 -23.15 -46.18 -4.99
CA ASN B 641 -22.16 -46.84 -4.15
C ASN B 641 -21.38 -45.85 -3.29
N ASN B 642 -21.97 -44.70 -2.98
CA ASN B 642 -21.33 -43.68 -2.15
C ASN B 642 -22.07 -43.55 -0.82
N ASP B 643 -21.30 -43.38 0.26
CA ASP B 643 -21.89 -43.26 1.58
C ASP B 643 -22.26 -41.83 1.95
N ALA B 644 -21.88 -40.84 1.14
CA ALA B 644 -22.24 -39.45 1.36
C ALA B 644 -23.64 -39.10 0.86
N TYR B 645 -24.32 -40.04 0.22
CA TYR B 645 -25.66 -39.82 -0.32
C TYR B 645 -26.61 -40.85 0.25
N ASP B 646 -27.79 -40.40 0.66
CA ASP B 646 -28.85 -41.29 1.13
C ASP B 646 -29.92 -41.52 0.07
N LYS B 647 -29.76 -40.93 -1.11
CA LYS B 647 -30.74 -41.02 -2.18
C LYS B 647 -30.13 -40.44 -3.45
N VAL B 648 -30.43 -41.07 -4.59
CA VAL B 648 -29.93 -40.62 -5.89
C VAL B 648 -31.13 -40.43 -6.81
N LYS B 649 -31.22 -39.25 -7.43
CA LYS B 649 -32.28 -38.91 -8.36
C LYS B 649 -31.67 -38.54 -9.71
N LEU B 650 -32.53 -38.10 -10.63
CA LEU B 650 -32.11 -37.77 -11.99
C LEU B 650 -31.99 -36.27 -12.15
N LEU B 651 -30.85 -35.81 -12.66
CA LEU B 651 -30.61 -34.39 -12.86
C LEU B 651 -31.58 -33.82 -13.90
N ASP B 652 -32.02 -32.59 -13.65
CA ASP B 652 -32.89 -31.86 -14.57
C ASP B 652 -32.10 -30.71 -15.14
N GLU B 653 -32.12 -30.57 -16.48
CA GLU B 653 -31.27 -29.58 -17.14
C GLU B 653 -31.97 -28.26 -17.40
N GLY B 654 -33.30 -28.22 -17.36
CA GLY B 654 -34.02 -26.98 -17.52
C GLY B 654 -34.33 -26.25 -16.23
N LEU B 655 -34.05 -26.87 -15.09
CA LEU B 655 -34.40 -26.28 -13.80
C LEU B 655 -33.63 -24.99 -13.54
N ASP B 656 -32.36 -24.93 -13.94
CA ASP B 656 -31.58 -23.72 -13.72
C ASP B 656 -32.20 -22.53 -14.46
N GLY B 657 -32.56 -22.73 -15.73
CA GLY B 657 -33.18 -21.65 -16.48
C GLY B 657 -34.55 -21.29 -15.94
N LYS B 658 -35.34 -22.30 -15.53
CA LYS B 658 -36.66 -22.02 -14.97
C LYS B 658 -36.54 -21.19 -13.69
N ILE B 659 -35.57 -21.51 -12.83
CA ILE B 659 -35.37 -20.74 -11.61
C ILE B 659 -34.87 -19.33 -11.95
N GLN B 660 -33.92 -19.22 -12.87
CA GLN B 660 -33.38 -17.92 -13.25
C GLN B 660 -34.43 -17.01 -13.87
N ASN B 661 -35.47 -17.57 -14.49
CA ASN B 661 -36.55 -16.79 -15.08
C ASN B 661 -37.65 -16.45 -14.07
N ASN B 662 -37.37 -16.59 -12.76
CA ASN B 662 -38.30 -16.21 -11.70
C ASN B 662 -39.65 -16.92 -11.84
N ARG B 663 -39.61 -18.22 -12.14
CA ARG B 663 -40.83 -19.00 -12.29
C ARG B 663 -41.46 -19.31 -10.94
N TYR B 664 -40.63 -19.59 -9.92
CA TYR B 664 -41.10 -20.00 -8.61
C TYR B 664 -40.97 -18.89 -7.57
N ARG B 665 -40.89 -17.63 -8.01
CA ARG B 665 -40.67 -16.53 -7.09
C ARG B 665 -41.80 -16.42 -6.08
N PHE B 666 -43.05 -16.33 -6.56
CA PHE B 666 -44.17 -16.13 -5.64
C PHE B 666 -44.59 -17.43 -4.95
N ALA B 667 -44.40 -18.58 -5.60
CA ALA B 667 -44.65 -19.85 -4.92
C ALA B 667 -43.70 -20.02 -3.73
N PHE B 668 -42.41 -19.74 -3.93
CA PHE B 668 -41.46 -19.85 -2.85
C PHE B 668 -41.71 -18.79 -1.79
N LEU B 669 -42.12 -17.59 -2.20
CA LEU B 669 -42.46 -16.56 -1.22
C LEU B 669 -43.63 -16.98 -0.34
N TYR B 670 -44.67 -17.56 -0.94
CA TYR B 670 -45.80 -18.05 -0.18
C TYR B 670 -45.37 -19.16 0.78
N LEU B 671 -44.52 -20.08 0.30
CA LEU B 671 -44.01 -21.14 1.17
C LEU B 671 -43.22 -20.55 2.34
N LEU B 672 -42.40 -19.53 2.07
CA LEU B 672 -41.61 -18.91 3.13
C LEU B 672 -42.50 -18.24 4.16
N VAL B 673 -43.56 -17.55 3.72
CA VAL B 673 -44.46 -16.92 4.68
C VAL B 673 -45.19 -17.97 5.53
N LYS B 674 -45.60 -19.08 4.90
CA LYS B 674 -46.22 -20.16 5.64
C LYS B 674 -45.27 -20.74 6.70
N TRP B 675 -44.01 -20.95 6.32
CA TRP B 675 -43.02 -21.45 7.28
C TRP B 675 -42.76 -20.43 8.39
N TYR B 676 -42.75 -19.15 8.04
CA TYR B 676 -42.60 -18.09 9.05
C TYR B 676 -43.70 -18.19 10.09
N LYS B 677 -44.95 -18.31 9.63
CA LYS B 677 -46.06 -18.45 10.57
C LYS B 677 -45.90 -19.72 11.41
N LYS B 678 -45.46 -20.82 10.79
CA LYS B 678 -45.32 -22.08 11.51
C LYS B 678 -44.27 -21.99 12.61
N TYR B 679 -43.11 -21.40 12.30
CA TYR B 679 -41.97 -21.39 13.20
C TYR B 679 -41.88 -20.14 14.05
N HIS B 680 -42.87 -19.24 13.98
CA HIS B 680 -42.85 -18.02 14.79
C HIS B 680 -43.77 -18.14 16.00
N ILE B 681 -43.76 -19.29 16.66
CA ILE B 681 -44.25 -19.41 18.03
C ILE B 681 -43.63 -18.25 18.80
N PRO B 682 -44.28 -17.68 19.84
CA PRO B 682 -44.21 -16.23 20.08
C PRO B 682 -42.89 -15.56 19.70
N ILE B 683 -41.76 -16.15 20.10
CA ILE B 683 -40.44 -15.66 19.73
C ILE B 683 -39.73 -16.74 18.95
N MET B 684 -39.24 -16.39 17.75
CA MET B 684 -38.47 -17.32 16.94
C MET B 684 -36.98 -17.06 17.14
N LYS B 685 -36.24 -18.12 17.47
CA LYS B 685 -34.83 -18.01 17.78
C LYS B 685 -34.05 -19.13 17.09
N LEU B 686 -32.87 -18.81 16.59
CA LEU B 686 -32.00 -19.81 15.99
C LEU B 686 -31.11 -20.42 17.06
N TYR B 687 -31.10 -21.76 17.12
CA TYR B 687 -30.35 -22.46 18.14
C TYR B 687 -29.16 -23.19 17.53
N PRO B 688 -28.04 -23.28 18.25
CA PRO B 688 -26.87 -23.96 17.70
C PRO B 688 -27.02 -25.46 17.69
N THR B 689 -26.23 -26.11 16.83
CA THR B 689 -26.15 -27.57 16.75
C THR B 689 -24.67 -27.94 16.86
N PRO B 690 -24.13 -27.96 18.09
CA PRO B 690 -22.69 -28.18 18.25
C PRO B 690 -22.26 -29.64 18.09
N GLU B 691 -23.20 -30.56 17.91
CA GLU B 691 -22.85 -31.96 17.73
C GLU B 691 -22.58 -32.34 16.29
N GLU B 692 -22.82 -31.43 15.34
CA GLU B 692 -22.59 -31.70 13.93
C GLU B 692 -21.20 -31.25 13.46
N ILE B 693 -20.41 -30.65 14.33
CA ILE B 693 -19.06 -30.22 14.00
C ILE B 693 -18.08 -31.16 14.70
N PRO B 694 -17.27 -31.92 13.96
CA PRO B 694 -16.29 -32.79 14.63
C PRO B 694 -15.26 -32.04 15.46
N ASP B 695 -15.02 -30.76 15.15
CA ASP B 695 -14.06 -29.98 15.91
C ASP B 695 -14.48 -29.82 17.36
N PHE B 696 -15.79 -29.77 17.62
CA PHE B 696 -16.29 -29.49 18.95
C PHE B 696 -16.36 -30.74 19.82
N ALA B 697 -16.05 -31.91 19.26
CA ALA B 697 -16.29 -33.17 19.95
C ALA B 697 -15.44 -33.29 21.21
N PHE B 698 -14.17 -32.90 21.12
CA PHE B 698 -13.29 -33.01 22.28
C PHE B 698 -13.78 -32.15 23.44
N TYR B 699 -14.18 -30.92 23.14
CA TYR B 699 -14.69 -30.03 24.18
C TYR B 699 -16.00 -30.58 24.77
N LEU B 700 -16.89 -31.07 23.91
CA LEU B 700 -18.16 -31.59 24.40
C LEU B 700 -17.97 -32.81 25.29
N LYS B 701 -17.03 -33.69 24.94
CA LYS B 701 -16.76 -34.86 25.76
C LYS B 701 -16.07 -34.48 27.07
N ILE B 702 -15.12 -33.54 27.01
CA ILE B 702 -14.42 -33.11 28.22
C ILE B 702 -15.41 -32.47 29.20
N GLY B 703 -16.38 -31.71 28.68
CA GLY B 703 -17.37 -31.10 29.55
C GLY B 703 -18.18 -32.09 30.35
N THR B 704 -18.33 -33.32 29.85
CA THR B 704 -19.06 -34.35 30.58
C THR B 704 -18.14 -35.27 31.39
N LEU B 705 -16.87 -35.40 31.02
CA LEU B 705 -15.96 -36.31 31.70
C LEU B 705 -15.22 -35.66 32.85
N LEU B 706 -15.58 -34.43 33.22
CA LEU B 706 -14.90 -33.75 34.32
C LEU B 706 -15.90 -32.90 35.10
N VAL B 707 -15.63 -32.72 36.39
CA VAL B 707 -16.41 -31.83 37.24
C VAL B 707 -15.45 -30.98 38.07
N SER B 708 -15.78 -29.70 38.22
CA SER B 708 -14.96 -28.81 39.04
C SER B 708 -15.18 -29.11 40.51
N SER B 709 -14.08 -29.14 41.28
CA SER B 709 -14.16 -29.43 42.70
C SER B 709 -14.98 -28.37 43.42
N SER B 710 -15.89 -28.81 44.28
CA SER B 710 -16.79 -27.90 44.97
C SER B 710 -16.79 -28.18 46.47
N VAL B 711 -17.71 -27.54 47.20
CA VAL B 711 -17.81 -27.75 48.65
C VAL B 711 -18.17 -29.20 48.95
N LYS B 712 -19.03 -29.80 48.14
CA LYS B 712 -19.38 -31.22 48.31
C LYS B 712 -18.21 -32.14 48.02
N HIS B 713 -17.28 -31.72 47.15
CA HIS B 713 -16.12 -32.55 46.87
C HIS B 713 -15.18 -32.65 48.06
N ILE B 714 -15.18 -31.63 48.93
CA ILE B 714 -14.31 -31.66 50.11
C ILE B 714 -14.63 -32.84 51.02
N PRO B 715 -15.89 -33.13 51.34
CA PRO B 715 -16.18 -34.26 52.23
C PRO B 715 -16.12 -35.60 51.51
N LEU B 716 -15.08 -35.79 50.71
CA LEU B 716 -14.87 -37.05 50.02
C LEU B 716 -13.39 -37.41 49.89
N MET B 717 -12.49 -36.64 50.52
CA MET B 717 -11.06 -36.83 50.31
C MET B 717 -10.59 -38.18 50.85
N THR B 718 -11.14 -38.62 51.98
CA THR B 718 -10.70 -39.88 52.57
C THR B 718 -10.90 -41.06 51.63
N ASP B 719 -11.93 -41.01 50.79
CA ASP B 719 -12.14 -42.04 49.79
C ASP B 719 -11.47 -41.72 48.46
N LEU B 720 -11.36 -40.44 48.10
CA LEU B 720 -10.71 -40.07 46.86
C LEU B 720 -9.22 -40.34 46.90
N SER B 721 -8.65 -40.48 48.10
CA SER B 721 -7.25 -40.86 48.22
C SER B 721 -6.97 -42.26 47.68
N LYS B 722 -8.00 -43.10 47.58
CA LYS B 722 -7.82 -44.43 47.01
C LYS B 722 -7.46 -44.36 45.53
N LYS B 723 -8.00 -43.37 44.82
CA LYS B 723 -7.71 -43.17 43.41
C LYS B 723 -6.49 -42.28 43.17
N GLY B 724 -5.80 -41.87 44.23
CA GLY B 724 -4.63 -41.02 44.11
C GLY B 724 -4.90 -39.54 44.23
N TYR B 725 -6.15 -39.13 44.42
CA TYR B 725 -6.47 -37.72 44.59
C TYR B 725 -5.90 -37.20 45.91
N ILE B 726 -5.52 -35.92 45.91
CA ILE B 726 -4.94 -35.26 47.06
C ILE B 726 -5.78 -34.03 47.40
N LEU B 727 -5.56 -33.52 48.61
CA LEU B 727 -6.24 -32.31 49.08
C LEU B 727 -5.22 -31.24 49.39
N TYR B 728 -5.42 -30.05 48.83
CA TYR B 728 -4.53 -28.92 49.07
C TYR B 728 -5.35 -27.64 48.96
N ASP B 729 -5.06 -26.69 49.85
CA ASP B 729 -5.79 -25.42 49.92
C ASP B 729 -7.29 -25.65 50.06
N ASN B 730 -7.64 -26.66 50.85
CA ASN B 730 -9.04 -27.06 51.08
C ASN B 730 -9.76 -27.38 49.77
N VAL B 731 -9.02 -27.89 48.79
CA VAL B 731 -9.58 -28.21 47.47
C VAL B 731 -9.01 -29.55 47.03
N VAL B 732 -9.86 -30.37 46.42
CA VAL B 732 -9.43 -31.68 45.92
C VAL B 732 -8.78 -31.50 44.56
N THR B 733 -7.52 -31.89 44.45
CA THR B 733 -6.76 -31.75 43.23
C THR B 733 -5.96 -33.03 42.99
N LEU B 734 -5.50 -33.18 41.75
CA LEU B 734 -4.77 -34.37 41.34
C LEU B 734 -3.44 -33.98 40.71
N PRO B 735 -2.45 -34.86 40.78
CA PRO B 735 -1.14 -34.55 40.18
C PRO B 735 -1.22 -34.44 38.67
N LEU B 736 -0.31 -33.64 38.11
CA LEU B 736 -0.31 -33.42 36.66
C LEU B 736 -0.04 -34.71 35.90
N THR B 737 0.93 -35.51 36.37
CA THR B 737 1.22 -36.77 35.71
C THR B 737 0.05 -37.74 35.83
N THR B 738 -0.57 -37.82 37.01
CA THR B 738 -1.73 -38.69 37.19
C THR B 738 -2.89 -38.25 36.31
N PHE B 739 -3.14 -36.94 36.24
CA PHE B 739 -4.21 -36.43 35.39
C PHE B 739 -3.93 -36.72 33.91
N GLN B 740 -2.67 -36.57 33.50
CA GLN B 740 -2.30 -36.87 32.12
C GLN B 740 -2.52 -38.35 31.80
N GLN B 741 -2.14 -39.23 32.73
CA GLN B 741 -2.37 -40.66 32.53
C GLN B 741 -3.86 -40.97 32.46
N LYS B 742 -4.65 -40.35 33.34
CA LYS B 742 -6.10 -40.58 33.33
C LYS B 742 -6.72 -40.11 32.02
N ILE B 743 -6.28 -38.96 31.51
CA ILE B 743 -6.80 -38.45 30.23
C ILE B 743 -6.38 -39.37 29.09
N SER B 744 -5.14 -39.87 29.13
CA SER B 744 -4.67 -40.79 28.10
C SER B 744 -5.44 -42.11 28.15
N LYS B 745 -5.95 -42.48 29.33
CA LYS B 745 -6.76 -43.69 29.43
C LYS B 745 -8.08 -43.58 28.69
N TYR B 746 -8.53 -42.36 28.39
CA TYR B 746 -9.77 -42.14 27.67
C TYR B 746 -9.57 -41.72 26.22
N PHE B 747 -8.59 -40.87 25.94
CA PHE B 747 -8.30 -40.40 24.59
C PHE B 747 -6.85 -40.69 24.25
N ASN B 748 -6.62 -41.22 23.05
CA ASN B 748 -5.26 -41.53 22.61
C ASN B 748 -4.51 -40.25 22.28
N SER B 749 -3.18 -40.34 22.33
CA SER B 749 -2.35 -39.17 22.04
C SER B 749 -2.50 -38.72 20.59
N ARG B 750 -2.40 -39.65 19.64
CA ARG B 750 -2.44 -39.30 18.23
C ARG B 750 -3.73 -38.60 17.84
N LEU B 751 -4.79 -38.78 18.62
CA LEU B 751 -6.06 -38.14 18.30
C LEU B 751 -6.04 -36.65 18.65
N PHE B 752 -5.84 -36.32 19.94
CA PHE B 752 -5.99 -34.96 20.41
C PHE B 752 -4.88 -34.58 21.39
N GLY B 753 -3.62 -34.87 21.03
CA GLY B 753 -2.51 -34.45 21.87
C GLY B 753 -2.43 -32.94 22.03
N HIS B 754 -2.56 -32.21 20.91
CA HIS B 754 -2.52 -30.76 20.98
C HIS B 754 -3.69 -30.20 21.79
N ASP B 755 -4.88 -30.79 21.62
CA ASP B 755 -6.04 -30.34 22.37
C ASP B 755 -5.86 -30.59 23.86
N ILE B 756 -5.32 -31.75 24.23
CA ILE B 756 -5.10 -32.05 25.64
C ILE B 756 -4.06 -31.11 26.23
N GLU B 757 -2.99 -30.85 25.48
CA GLU B 757 -1.96 -29.92 25.96
C GLU B 757 -2.52 -28.53 26.15
N SER B 758 -3.33 -28.06 25.20
CA SER B 758 -3.95 -26.74 25.33
C SER B 758 -4.89 -26.69 26.52
N PHE B 759 -5.67 -27.74 26.75
CA PHE B 759 -6.56 -27.77 27.90
C PHE B 759 -5.77 -27.72 29.21
N ILE B 760 -4.67 -28.49 29.28
CA ILE B 760 -3.84 -28.48 30.48
C ILE B 760 -3.24 -27.10 30.70
N ASN B 761 -2.76 -26.46 29.64
CA ASN B 761 -2.17 -25.13 29.77
C ASN B 761 -3.20 -24.10 30.21
N ARG B 762 -4.42 -24.18 29.67
CA ARG B 762 -5.44 -23.19 29.95
C ARG B 762 -6.19 -23.44 31.26
N HIS B 763 -6.09 -24.64 31.84
CA HIS B 763 -6.75 -24.93 33.11
C HIS B 763 -5.79 -25.41 34.19
N LYS B 764 -4.49 -25.19 34.02
CA LYS B 764 -3.52 -25.64 35.01
C LYS B 764 -3.51 -24.71 36.22
N LYS B 765 -3.39 -25.30 37.40
CA LYS B 765 -3.21 -24.58 38.65
C LYS B 765 -1.83 -24.93 39.20
N PHE B 766 -0.92 -23.97 39.17
CA PHE B 766 0.46 -24.18 39.57
C PHE B 766 0.69 -23.55 40.93
N ALA B 767 0.66 -24.37 41.98
CA ALA B 767 0.98 -23.86 43.31
C ALA B 767 2.42 -23.37 43.39
N ASN B 768 3.34 -24.10 42.76
CA ASN B 768 4.71 -23.66 42.59
C ASN B 768 4.97 -23.49 41.10
N VAL B 769 6.10 -22.85 40.78
CA VAL B 769 6.45 -22.65 39.38
C VAL B 769 6.76 -23.97 38.70
N SER B 770 7.31 -24.94 39.43
CA SER B 770 7.65 -26.23 38.86
C SER B 770 6.53 -27.25 38.97
N ASP B 771 5.61 -27.07 39.92
CA ASP B 771 4.52 -28.01 40.16
C ASP B 771 3.22 -27.48 39.57
N GLU B 772 2.47 -28.37 38.93
CA GLU B 772 1.18 -28.02 38.32
C GLU B 772 0.15 -29.07 38.68
N TYR B 773 -1.12 -28.63 38.74
CA TYR B 773 -2.21 -29.52 39.07
C TYR B 773 -3.50 -28.93 38.51
N LEU B 774 -4.52 -29.78 38.42
CA LEU B 774 -5.83 -29.39 37.93
C LEU B 774 -6.88 -29.64 39.01
N GLN B 775 -7.73 -28.65 39.26
CA GLN B 775 -8.80 -28.78 40.24
C GLN B 775 -10.07 -29.35 39.62
N TYR B 776 -9.93 -30.48 38.94
CA TYR B 776 -11.04 -31.16 38.30
C TYR B 776 -10.99 -32.64 38.63
N ILE B 777 -12.16 -33.26 38.79
CA ILE B 777 -12.28 -34.65 39.18
C ILE B 777 -13.05 -35.40 38.09
N PHE B 778 -12.61 -36.62 37.80
CA PHE B 778 -13.32 -37.46 36.85
C PHE B 778 -14.68 -37.86 37.41
N ILE B 779 -15.66 -38.01 36.51
CA ILE B 779 -17.03 -38.32 36.94
C ILE B 779 -17.11 -39.71 37.55
N GLU B 780 -16.28 -40.65 37.09
CA GLU B 780 -16.36 -42.02 37.59
C GLU B 780 -15.99 -42.09 39.07
N ASP B 781 -14.94 -41.37 39.47
CA ASP B 781 -14.52 -41.39 40.87
C ASP B 781 -15.59 -40.79 41.78
N ILE B 782 -16.20 -39.67 41.35
CA ILE B 782 -17.26 -39.05 42.13
C ILE B 782 -18.48 -39.96 42.22
N SER B 783 -18.84 -40.61 41.11
CA SER B 783 -19.98 -41.51 41.12
C SER B 783 -19.74 -42.70 42.05
N SER B 784 -18.54 -43.26 42.02
CA SER B 784 -18.22 -44.37 42.90
C SER B 784 -18.16 -43.88 44.34
N PRO B 785 -18.60 -44.68 45.32
CA PRO B 785 -18.59 -44.28 46.73
C PRO B 785 -17.73 -45.20 47.59
N GLY C 323 -11.83 56.07 -11.23
CA GLY C 323 -12.50 54.83 -11.59
C GLY C 323 -12.03 53.65 -10.77
N ASN C 324 -12.82 52.57 -10.80
CA ASN C 324 -12.53 51.34 -10.06
C ASN C 324 -12.41 51.63 -8.56
N LYS C 325 -13.55 52.03 -7.99
CA LYS C 325 -13.62 52.31 -6.57
C LYS C 325 -13.16 51.11 -5.74
N LEU C 326 -13.47 49.90 -6.20
CA LEU C 326 -13.01 48.71 -5.50
C LEU C 326 -11.50 48.57 -5.60
N PHE C 327 -10.90 48.94 -6.74
CA PHE C 327 -9.44 48.94 -6.84
C PHE C 327 -8.84 49.96 -5.87
N ASN C 328 -9.47 51.12 -5.75
CA ASN C 328 -8.99 52.12 -4.79
C ASN C 328 -9.08 51.59 -3.36
N ILE C 329 -10.19 50.92 -3.02
CA ILE C 329 -10.34 50.34 -1.69
C ILE C 329 -9.26 49.30 -1.43
N ALA C 330 -8.99 48.44 -2.42
CA ALA C 330 -7.96 47.43 -2.27
C ALA C 330 -6.58 48.06 -2.08
N GLN C 331 -6.29 49.13 -2.83
CA GLN C 331 -5.01 49.81 -2.67
C GLN C 331 -4.88 50.43 -1.28
N ARG C 332 -5.95 51.06 -0.79
CA ARG C 332 -5.92 51.65 0.55
C ARG C 332 -5.72 50.58 1.61
N ILE C 333 -6.35 49.42 1.45
CA ILE C 333 -6.16 48.33 2.39
C ILE C 333 -4.72 47.81 2.32
N LEU C 334 -4.16 47.74 1.12
CA LEU C 334 -2.78 47.30 0.98
C LEU C 334 -1.80 48.30 1.60
N ASP C 335 -2.18 49.58 1.65
CA ASP C 335 -1.30 50.59 2.23
C ASP C 335 -1.09 50.40 3.73
N THR C 336 -1.97 49.65 4.39
CA THR C 336 -1.89 49.46 5.84
C THR C 336 -1.03 48.27 6.25
N ASN C 337 -0.51 47.51 5.29
CA ASN C 337 0.36 46.37 5.55
C ASN C 337 -0.30 45.35 6.49
N SER C 338 -1.55 45.02 6.19
CA SER C 338 -2.31 44.07 7.00
C SER C 338 -2.35 42.67 6.41
N VAL C 339 -2.17 42.53 5.10
CA VAL C 339 -2.12 41.23 4.43
C VAL C 339 -0.71 41.05 3.88
N LEU C 340 -0.12 39.89 4.14
CA LEU C 340 1.22 39.58 3.64
C LEU C 340 1.24 38.19 3.04
N LEU C 341 2.13 37.99 2.09
CA LEU C 341 2.28 36.72 1.38
C LEU C 341 3.57 36.06 1.84
N THR C 342 3.45 34.86 2.40
CA THR C 342 4.58 34.15 2.95
C THR C 342 5.15 33.15 1.94
N GLU C 343 6.39 32.71 2.21
CA GLU C 343 7.08 31.80 1.31
C GLU C 343 6.47 30.41 1.28
N ARG C 344 5.57 30.09 2.21
CA ARG C 344 4.89 28.81 2.21
C ARG C 344 3.73 28.75 1.23
N GLY C 345 3.38 29.87 0.59
CA GLY C 345 2.28 29.93 -0.34
C GLY C 345 0.99 30.46 0.23
N ASP C 346 0.91 30.65 1.54
CA ASP C 346 -0.30 31.11 2.19
C ASP C 346 -0.16 32.58 2.61
N HIS C 347 -1.30 33.20 2.90
CA HIS C 347 -1.36 34.59 3.31
C HIS C 347 -1.54 34.69 4.82
N ILE C 348 -1.02 35.78 5.39
CA ILE C 348 -1.18 36.08 6.81
C ILE C 348 -1.88 37.43 6.93
N VAL C 349 -2.85 37.51 7.83
CA VAL C 349 -3.63 38.73 8.04
C VAL C 349 -3.59 39.10 9.51
N TRP C 350 -3.83 40.38 9.77
CA TRP C 350 -3.72 40.98 11.09
C TRP C 350 -5.12 41.38 11.56
N ILE C 351 -5.80 40.44 12.22
CA ILE C 351 -7.12 40.68 12.80
C ILE C 351 -7.01 40.44 14.30
N ASN C 352 -7.61 41.33 15.09
CA ASN C 352 -7.70 41.20 16.55
C ASN C 352 -6.31 41.07 17.18
N ASN C 353 -5.36 41.83 16.65
CA ASN C 353 -4.01 41.93 17.20
C ASN C 353 -3.32 40.56 17.23
N SER C 354 -3.34 39.88 16.09
CA SER C 354 -2.66 38.60 15.94
C SER C 354 -2.37 38.36 14.47
N TRP C 355 -1.13 38.02 14.15
CA TRP C 355 -0.75 37.66 12.79
C TRP C 355 -1.19 36.23 12.51
N LYS C 356 -2.46 36.08 12.15
CA LYS C 356 -3.04 34.77 11.97
C LYS C 356 -3.17 34.42 10.49
N PHE C 357 -3.08 33.13 10.20
CA PHE C 357 -3.21 32.64 8.84
C PHE C 357 -4.10 31.40 8.86
N ASN C 358 -4.78 31.16 7.74
CA ASN C 358 -5.61 29.99 7.60
C ASN C 358 -5.80 29.69 6.12
N SER C 359 -5.78 28.40 5.78
CA SER C 359 -6.09 27.93 4.44
C SER C 359 -7.54 27.49 4.33
N GLU C 360 -8.32 27.63 5.40
CA GLU C 360 -9.71 27.18 5.42
C GLU C 360 -10.72 28.27 5.75
N GLU C 361 -10.28 29.47 6.13
CA GLU C 361 -11.18 30.52 6.57
C GLU C 361 -11.13 31.73 5.64
N PRO C 362 -12.23 32.49 5.53
CA PRO C 362 -12.24 33.71 4.71
C PRO C 362 -11.60 34.89 5.45
N LEU C 363 -10.31 34.74 5.75
CA LEU C 363 -9.62 35.72 6.59
C LEU C 363 -9.48 37.07 5.91
N ILE C 364 -9.22 37.08 4.61
CA ILE C 364 -9.06 38.35 3.90
C ILE C 364 -10.35 39.14 3.90
N THR C 365 -11.49 38.48 3.64
CA THR C 365 -12.77 39.17 3.68
C THR C 365 -13.15 39.59 5.10
N LYS C 366 -12.79 38.77 6.09
CA LYS C 366 -12.98 39.18 7.48
C LYS C 366 -12.22 40.48 7.77
N LEU C 367 -10.97 40.54 7.32
CA LEU C 367 -10.17 41.76 7.53
C LEU C 367 -10.76 42.93 6.78
N ILE C 368 -11.27 42.72 5.57
CA ILE C 368 -11.90 43.81 4.83
C ILE C 368 -13.07 44.38 5.60
N LEU C 369 -13.96 43.50 6.08
CA LEU C 369 -15.13 43.96 6.82
C LEU C 369 -14.73 44.65 8.12
N SER C 370 -13.67 44.18 8.79
CA SER C 370 -13.24 44.83 10.01
C SER C 370 -12.62 46.20 9.73
N ILE C 371 -11.78 46.29 8.70
CA ILE C 371 -11.09 47.52 8.36
C ILE C 371 -12.05 48.60 7.85
N ARG C 372 -13.21 48.21 7.31
CA ARG C 372 -14.13 49.15 6.66
C ARG C 372 -14.35 50.43 7.45
N HIS C 373 -14.17 50.41 8.78
CA HIS C 373 -14.39 51.61 9.58
C HIS C 373 -13.30 52.66 9.35
N GLN C 374 -12.08 52.24 9.03
CA GLN C 374 -10.98 53.19 8.84
C GLN C 374 -11.07 53.94 7.51
N LEU C 375 -11.78 53.39 6.54
CA LEU C 375 -11.89 54.00 5.23
C LEU C 375 -12.87 55.18 5.26
N PRO C 376 -12.83 56.03 4.23
CA PRO C 376 -13.82 57.13 4.14
C PRO C 376 -15.26 56.64 4.16
N LYS C 377 -16.20 57.58 4.35
CA LYS C 377 -17.60 57.23 4.49
C LYS C 377 -18.14 56.61 3.20
N GLU C 378 -17.72 57.14 2.04
CA GLU C 378 -18.21 56.60 0.77
C GLU C 378 -17.69 55.20 0.51
N TYR C 379 -16.50 54.86 1.04
CA TYR C 379 -15.97 53.53 0.89
C TYR C 379 -16.55 52.56 1.92
N SER C 380 -16.94 53.05 3.10
CA SER C 380 -17.41 52.18 4.16
C SER C 380 -18.70 51.47 3.77
N SER C 381 -19.64 52.18 3.13
CA SER C 381 -20.90 51.56 2.74
C SER C 381 -20.74 50.58 1.59
N GLU C 382 -19.59 50.61 0.89
CA GLU C 382 -19.36 49.70 -0.21
C GLU C 382 -19.04 48.29 0.26
N LEU C 383 -18.44 48.15 1.45
CA LEU C 383 -17.94 46.87 1.93
C LEU C 383 -18.98 46.10 2.73
N LEU C 384 -20.26 46.42 2.57
CA LEU C 384 -21.32 45.67 3.22
C LEU C 384 -21.90 44.58 2.31
N CYS C 385 -21.34 44.40 1.12
CA CYS C 385 -21.80 43.37 0.19
C CYS C 385 -20.73 42.31 0.00
N PRO C 386 -21.08 41.03 0.19
CA PRO C 386 -20.08 39.97 0.01
C PRO C 386 -19.46 39.93 -1.37
N ARG C 387 -20.24 40.26 -2.41
CA ARG C 387 -19.68 40.31 -3.76
C ARG C 387 -18.58 41.37 -3.86
N LYS C 388 -18.84 42.56 -3.33
CA LYS C 388 -17.83 43.61 -3.35
C LYS C 388 -16.60 43.22 -2.54
N ARG C 389 -16.81 42.58 -1.39
CA ARG C 389 -15.67 42.12 -0.60
C ARG C 389 -14.86 41.08 -1.36
N LYS C 390 -15.53 40.20 -2.10
CA LYS C 390 -14.82 39.21 -2.91
C LYS C 390 -14.01 39.88 -4.01
N THR C 391 -14.58 40.89 -4.67
CA THR C 391 -13.83 41.61 -5.70
C THR C 391 -12.60 42.30 -5.11
N VAL C 392 -12.77 42.92 -3.94
CA VAL C 392 -11.64 43.59 -3.29
C VAL C 392 -10.59 42.57 -2.90
N GLU C 393 -11.00 41.39 -2.44
CA GLU C 393 -10.03 40.33 -2.10
C GLU C 393 -9.28 39.87 -3.34
N ALA C 394 -9.97 39.72 -4.47
CA ALA C 394 -9.28 39.35 -5.70
C ALA C 394 -8.23 40.39 -6.08
N ASN C 395 -8.59 41.67 -6.02
CA ASN C 395 -7.62 42.73 -6.27
C ASN C 395 -6.43 42.63 -5.31
N ILE C 396 -6.71 42.46 -4.02
CA ILE C 396 -5.66 42.51 -3.01
C ILE C 396 -4.70 41.35 -3.16
N ARG C 397 -5.22 40.16 -3.48
CA ARG C 397 -4.33 39.02 -3.65
C ARG C 397 -3.73 38.93 -5.04
N ASP C 398 -4.21 39.73 -6.00
CA ASP C 398 -3.48 39.90 -7.25
C ASP C 398 -2.40 40.97 -7.17
N MET C 399 -2.47 41.86 -6.18
CA MET C 399 -1.43 42.86 -5.95
C MET C 399 -0.22 42.31 -5.19
N LEU C 400 -0.35 41.16 -4.54
CA LEU C 400 0.69 40.64 -3.64
C LEU C 400 1.64 39.80 -4.47
N VAL C 401 2.77 40.41 -4.84
CA VAL C 401 3.77 39.75 -5.67
C VAL C 401 4.99 39.35 -4.86
N ASP C 402 5.43 40.22 -3.94
CA ASP C 402 6.62 39.95 -3.15
C ASP C 402 6.29 39.05 -1.96
N SER C 403 7.18 38.09 -1.70
CA SER C 403 7.02 37.16 -0.59
C SER C 403 7.95 37.54 0.54
N VAL C 404 7.44 37.45 1.77
CA VAL C 404 8.20 37.83 2.96
C VAL C 404 8.38 36.63 3.87
N GLU C 405 9.09 36.83 4.98
CA GLU C 405 9.39 35.76 5.93
C GLU C 405 8.91 36.16 7.32
N THR C 406 8.56 35.15 8.11
CA THR C 406 8.07 35.35 9.47
C THR C 406 9.07 34.80 10.47
N ASP C 407 8.93 35.26 11.72
CA ASP C 407 9.76 34.81 12.84
C ASP C 407 11.24 35.04 12.56
N THR C 408 11.59 36.31 12.42
CA THR C 408 12.95 36.72 12.09
C THR C 408 13.72 37.27 13.29
N TYR C 409 13.11 37.30 14.46
CA TYR C 409 13.74 37.91 15.62
C TYR C 409 13.92 36.89 16.73
N PRO C 410 15.14 36.68 17.22
CA PRO C 410 15.33 35.73 18.30
C PRO C 410 15.34 36.25 19.74
N ASP C 411 15.18 37.55 19.98
CA ASP C 411 15.12 38.07 21.35
C ASP C 411 13.72 38.50 21.74
N LYS C 412 12.68 37.92 21.12
CA LYS C 412 11.30 38.30 21.35
C LYS C 412 10.49 37.06 21.73
N LEU C 413 9.63 37.19 22.73
CA LEU C 413 8.66 36.14 23.04
C LEU C 413 7.26 36.59 22.67
N PRO C 414 6.58 35.90 21.76
CA PRO C 414 5.21 36.28 21.41
C PRO C 414 4.22 35.73 22.43
N PHE C 415 3.52 36.63 23.10
CA PHE C 415 2.44 36.28 24.01
C PHE C 415 1.10 36.63 23.35
N LYS C 416 0.03 36.06 23.91
CA LYS C 416 -1.27 36.09 23.24
C LYS C 416 -1.72 37.50 22.88
N ASN C 417 -1.29 38.50 23.65
CA ASN C 417 -1.69 39.88 23.40
C ASN C 417 -0.50 40.82 23.20
N GLY C 418 0.63 40.31 22.73
CA GLY C 418 1.75 41.20 22.46
C GLY C 418 3.05 40.44 22.29
N VAL C 419 4.15 41.18 22.45
CA VAL C 419 5.49 40.61 22.33
C VAL C 419 6.36 41.18 23.45
N LEU C 420 7.00 40.29 24.20
CA LEU C 420 7.97 40.71 25.22
C LEU C 420 9.37 40.73 24.64
N ASP C 421 10.15 41.73 25.03
CA ASP C 421 11.51 41.89 24.54
C ASP C 421 12.50 41.34 25.56
N LEU C 422 13.35 40.41 25.11
CA LEU C 422 14.35 39.83 26.00
C LEU C 422 15.50 40.79 26.27
N VAL C 423 16.00 41.46 25.23
CA VAL C 423 17.18 42.29 25.38
C VAL C 423 16.86 43.54 26.20
N ASP C 424 15.69 44.13 25.98
CA ASP C 424 15.32 45.36 26.66
C ASP C 424 14.44 45.14 27.89
N GLY C 425 13.85 43.97 28.05
CA GLY C 425 12.93 43.74 29.15
C GLY C 425 11.66 44.56 29.05
N MET C 426 11.14 44.77 27.85
CA MET C 426 9.93 45.56 27.64
C MET C 426 8.89 44.71 26.92
N PHE C 427 7.62 45.04 27.15
CA PHE C 427 6.50 44.34 26.55
C PHE C 427 5.67 45.31 25.73
N TYR C 428 5.42 44.96 24.47
CA TYR C 428 4.68 45.80 23.53
C TYR C 428 3.37 45.13 23.20
N SER C 429 2.27 45.88 23.31
CA SER C 429 0.93 45.36 23.14
C SER C 429 0.26 46.01 21.93
N GLY C 430 -0.62 45.25 21.29
CA GLY C 430 -1.42 45.82 20.21
C GLY C 430 -0.60 46.07 18.97
N ASP C 431 -0.76 47.28 18.40
CA ASP C 431 -0.13 47.60 17.13
C ASP C 431 1.40 47.57 17.22
N ASP C 432 1.96 47.81 18.41
CA ASP C 432 3.40 47.81 18.56
C ASP C 432 4.01 46.43 18.31
N ALA C 433 3.21 45.38 18.33
CA ALA C 433 3.68 44.05 18.02
C ALA C 433 3.52 43.70 16.54
N LYS C 434 3.08 44.65 15.72
CA LYS C 434 2.82 44.35 14.31
C LYS C 434 4.11 44.18 13.52
N LYS C 435 5.14 44.98 13.83
CA LYS C 435 6.39 44.88 13.09
C LYS C 435 7.04 43.51 13.26
N TYR C 436 6.80 42.85 14.39
CA TYR C 436 7.28 41.50 14.60
C TYR C 436 6.30 40.54 13.97
N THR C 437 6.74 39.85 12.90
CA THR C 437 5.89 38.90 12.20
C THR C 437 5.90 37.54 12.89
N CYS C 438 5.34 37.54 14.10
CA CYS C 438 5.30 36.34 14.93
C CYS C 438 3.94 35.68 14.79
N THR C 439 3.93 34.43 14.33
CA THR C 439 2.69 33.70 14.11
C THR C 439 2.33 32.78 15.27
N VAL C 440 3.33 32.28 15.99
CA VAL C 440 3.10 31.40 17.13
C VAL C 440 3.12 32.23 18.40
N SER C 441 2.65 31.65 19.51
CA SER C 441 2.62 32.37 20.77
C SER C 441 2.61 31.37 21.92
N THR C 442 2.90 31.88 23.12
CA THR C 442 2.92 31.03 24.30
C THR C 442 1.53 30.51 24.65
N GLY C 443 0.53 31.39 24.61
CA GLY C 443 -0.84 31.00 24.88
C GLY C 443 -1.44 31.54 26.16
N PHE C 444 -0.76 32.44 26.87
CA PHE C 444 -1.32 33.06 28.07
C PHE C 444 -1.03 34.55 28.05
N LYS C 445 -1.97 35.33 28.58
CA LYS C 445 -1.83 36.78 28.60
C LYS C 445 -0.67 37.19 29.49
N PHE C 446 0.06 38.21 29.06
CA PHE C 446 1.21 38.73 29.80
C PHE C 446 0.73 39.76 30.81
N ASP C 447 1.09 39.56 32.07
CA ASP C 447 0.67 40.43 33.17
C ASP C 447 1.90 41.05 33.81
N ASP C 448 1.93 42.38 33.91
CA ASP C 448 3.06 43.08 34.52
C ASP C 448 3.05 42.99 36.03
N THR C 449 1.86 43.00 36.65
CA THR C 449 1.78 42.97 38.11
C THR C 449 2.37 41.67 38.66
N LYS C 450 2.06 40.54 38.03
CA LYS C 450 2.62 39.26 38.46
C LYS C 450 4.06 39.07 38.02
N PHE C 451 4.57 39.93 37.14
CA PHE C 451 5.98 39.89 36.73
C PHE C 451 6.83 40.68 37.73
N VAL C 452 6.81 40.21 38.97
CA VAL C 452 7.50 40.88 40.08
C VAL C 452 8.29 39.85 40.87
N GLU C 453 9.29 40.35 41.61
CA GLU C 453 10.14 39.48 42.41
C GLU C 453 9.56 39.17 43.78
N ASP C 454 8.87 40.13 44.41
CA ASP C 454 8.31 39.90 45.75
C ASP C 454 7.07 39.02 45.59
N SER C 455 7.32 37.72 45.52
CA SER C 455 6.25 36.75 45.32
C SER C 455 6.37 35.60 46.30
N PRO C 456 5.28 35.23 46.97
CA PRO C 456 5.30 34.01 47.79
C PRO C 456 5.49 32.74 46.96
N GLU C 457 5.24 32.80 45.67
CA GLU C 457 5.37 31.61 44.83
C GLU C 457 6.81 31.35 44.41
N MET C 458 7.62 32.39 44.19
CA MET C 458 8.98 32.15 43.74
C MET C 458 9.82 31.51 44.83
N GLU C 459 9.49 31.78 46.10
CA GLU C 459 10.24 31.18 47.20
C GLU C 459 10.04 29.67 47.25
N GLU C 460 8.78 29.22 47.18
CA GLU C 460 8.51 27.79 47.16
C GLU C 460 9.03 27.15 45.88
N LEU C 461 8.96 27.87 44.75
CA LEU C 461 9.52 27.34 43.51
C LEU C 461 11.02 27.14 43.63
N MET C 462 11.73 28.12 44.20
CA MET C 462 13.18 28.00 44.38
C MET C 462 13.50 26.89 45.36
N ASN C 463 12.69 26.73 46.42
CA ASN C 463 12.90 25.64 47.36
C ASN C 463 12.75 24.27 46.67
N ILE C 464 11.71 24.12 45.84
CA ILE C 464 11.51 22.86 45.14
C ILE C 464 12.64 22.60 44.15
N ILE C 465 13.08 23.65 43.44
CA ILE C 465 14.17 23.49 42.48
C ILE C 465 15.46 23.11 43.21
N ASN C 466 15.71 23.70 44.38
CA ASN C 466 16.88 23.33 45.17
C ASN C 466 16.79 21.90 45.67
N ASP C 467 15.59 21.45 46.05
CA ASP C 467 15.41 20.07 46.46
C ASP C 467 15.71 19.12 45.30
N ILE C 468 15.24 19.45 44.09
CA ILE C 468 15.48 18.59 42.95
C ILE C 468 16.96 18.59 42.57
N GLN C 469 17.58 19.77 42.56
CA GLN C 469 19.00 19.92 42.24
C GLN C 469 19.70 20.56 43.43
N PRO C 470 20.37 19.78 44.28
CA PRO C 470 21.01 20.35 45.47
C PRO C 470 22.07 21.39 45.11
N LEU C 471 22.13 22.45 45.90
CA LEU C 471 23.12 23.51 45.70
C LEU C 471 24.39 23.18 46.47
N THR C 472 25.16 22.26 45.90
CA THR C 472 26.41 21.80 46.49
C THR C 472 27.48 21.76 45.40
N ASP C 473 28.74 21.66 45.85
CA ASP C 473 29.85 21.52 44.91
C ASP C 473 29.74 20.22 44.13
N GLU C 474 29.33 19.14 44.79
CA GLU C 474 29.18 17.86 44.11
C GLU C 474 28.03 17.86 43.11
N ASN C 475 27.05 18.74 43.29
CA ASN C 475 25.88 18.84 42.42
C ASN C 475 25.80 20.21 41.77
N LYS C 476 26.93 20.71 41.27
CA LYS C 476 27.00 22.03 40.63
C LYS C 476 26.97 21.97 39.11
N LYS C 477 27.72 21.04 38.51
CA LYS C 477 27.72 20.93 37.05
C LYS C 477 26.35 20.53 36.52
N ASN C 478 25.69 19.58 37.20
CA ASN C 478 24.34 19.19 36.80
C ASN C 478 23.37 20.37 36.92
N ARG C 479 23.48 21.15 37.99
CA ARG C 479 22.62 22.31 38.16
C ARG C 479 22.85 23.34 37.07
N GLU C 480 24.12 23.59 36.71
CA GLU C 480 24.43 24.56 35.67
C GLU C 480 23.90 24.10 34.31
N LEU C 481 24.08 22.80 33.99
CA LEU C 481 23.55 22.28 32.73
C LEU C 481 22.03 22.36 32.71
N TYR C 482 21.39 22.05 33.83
CA TYR C 482 19.93 22.15 33.93
C TYR C 482 19.46 23.59 33.70
N GLU C 483 20.14 24.55 34.32
CA GLU C 483 19.77 25.95 34.16
C GLU C 483 19.95 26.41 32.72
N LYS C 484 21.05 26.04 32.09
CA LYS C 484 21.27 26.43 30.69
C LYS C 484 20.24 25.78 29.78
N THR C 485 19.91 24.52 30.01
CA THR C 485 18.89 23.85 29.20
C THR C 485 17.54 24.52 29.36
N LEU C 486 17.18 24.90 30.59
CA LEU C 486 15.91 25.59 30.80
C LEU C 486 15.91 26.95 30.12
N SER C 487 17.02 27.70 30.21
CA SER C 487 17.09 29.02 29.59
C SER C 487 17.13 28.95 28.07
N SER C 488 17.56 27.82 27.50
CA SER C 488 17.65 27.71 26.05
C SER C 488 16.29 27.82 25.38
N CYS C 489 15.21 27.46 26.09
CA CYS C 489 13.87 27.54 25.50
C CYS C 489 13.46 28.96 25.18
N LEU C 490 14.10 29.96 25.77
CA LEU C 490 13.81 31.36 25.44
C LEU C 490 14.62 31.86 24.27
N CYS C 491 15.54 31.07 23.74
CA CYS C 491 16.35 31.48 22.60
C CYS C 491 15.61 31.22 21.30
N GLY C 492 15.52 32.23 20.45
CA GLY C 492 14.89 32.09 19.15
C GLY C 492 15.86 31.73 18.06
N ALA C 493 16.72 30.74 18.31
CA ALA C 493 17.77 30.37 17.37
C ALA C 493 17.85 28.85 17.29
N THR C 494 18.91 28.35 16.65
CA THR C 494 19.15 26.92 16.48
C THR C 494 20.29 26.49 17.40
N LYS C 495 20.08 25.38 18.10
CA LYS C 495 21.07 24.81 19.02
C LYS C 495 21.41 23.40 18.58
N GLY C 496 22.69 23.06 18.63
CA GLY C 496 23.20 21.78 18.18
C GLY C 496 23.24 20.68 19.22
N CYS C 497 22.73 20.90 20.42
CA CYS C 497 22.77 19.91 21.48
C CYS C 497 21.36 19.43 21.83
N LEU C 498 21.28 18.16 22.19
CA LEU C 498 20.02 17.53 22.61
C LEU C 498 20.13 17.18 24.09
N THR C 499 19.24 17.73 24.90
CA THR C 499 19.30 17.56 26.34
C THR C 499 18.67 16.25 26.77
N PHE C 500 19.34 15.53 27.67
CA PHE C 500 18.89 14.26 28.18
C PHE C 500 18.69 14.35 29.69
N PHE C 501 17.61 13.75 30.18
CA PHE C 501 17.34 13.63 31.61
C PHE C 501 17.51 12.16 32.00
N PHE C 502 18.47 11.89 32.88
CA PHE C 502 18.71 10.55 33.39
C PHE C 502 18.50 10.51 34.89
N GLY C 503 17.97 9.40 35.38
CA GLY C 503 17.75 9.24 36.79
C GLY C 503 16.88 8.03 37.08
N GLU C 504 16.47 7.92 38.34
CA GLU C 504 15.63 6.84 38.81
C GLU C 504 14.19 7.32 38.96
N THR C 505 13.35 6.50 39.55
CA THR C 505 11.95 6.84 39.74
C THR C 505 11.81 8.04 40.68
N ALA C 506 10.88 8.94 40.34
CA ALA C 506 10.58 10.13 41.14
C ALA C 506 11.83 10.97 41.37
N THR C 507 12.55 11.25 40.30
CA THR C 507 13.77 12.05 40.35
C THR C 507 13.52 13.51 40.00
N GLY C 508 12.28 13.90 39.73
CA GLY C 508 11.96 15.28 39.39
C GLY C 508 11.88 15.59 37.92
N LYS C 509 12.14 14.61 37.04
CA LYS C 509 12.13 14.87 35.60
C LYS C 509 10.74 15.22 35.11
N SER C 510 9.74 14.42 35.50
CA SER C 510 8.37 14.65 35.02
C SER C 510 7.80 15.96 35.56
N THR C 511 8.05 16.26 36.84
CA THR C 511 7.54 17.50 37.40
C THR C 511 8.27 18.72 36.81
N THR C 512 9.56 18.58 36.50
CA THR C 512 10.27 19.65 35.80
C THR C 512 9.68 19.86 34.40
N LYS C 513 9.35 18.77 33.70
CA LYS C 513 8.71 18.90 32.40
C LYS C 513 7.37 19.60 32.52
N ARG C 514 6.59 19.25 33.54
CA ARG C 514 5.30 19.91 33.74
C ARG C 514 5.48 21.39 34.04
N LEU C 515 6.47 21.74 34.86
CA LEU C 515 6.73 23.14 35.16
C LEU C 515 7.12 23.91 33.90
N LEU C 516 7.98 23.31 33.07
CA LEU C 516 8.39 23.99 31.83
C LEU C 516 7.21 24.14 30.87
N LYS C 517 6.36 23.13 30.79
CA LYS C 517 5.17 23.22 29.95
C LYS C 517 4.25 24.33 30.42
N SER C 518 4.06 24.44 31.74
CA SER C 518 3.26 25.53 32.28
C SER C 518 3.90 26.88 31.98
N ALA C 519 5.22 26.96 32.08
CA ALA C 519 5.90 28.24 31.92
C ALA C 519 5.87 28.73 30.49
N ILE C 520 6.06 27.83 29.52
CA ILE C 520 6.18 28.25 28.12
C ILE C 520 4.91 28.02 27.33
N GLY C 521 3.87 27.44 27.92
CA GLY C 521 2.59 27.34 27.24
C GLY C 521 2.66 26.49 25.99
N ASP C 522 2.16 27.04 24.88
CA ASP C 522 2.05 26.31 23.63
C ASP C 522 3.38 25.99 22.98
N LEU C 523 4.48 26.59 23.46
CA LEU C 523 5.79 26.34 22.86
C LEU C 523 6.37 24.97 23.22
N PHE C 524 5.62 24.10 23.89
CA PHE C 524 6.10 22.78 24.27
C PHE C 524 5.26 21.72 23.56
N VAL C 525 5.94 20.73 22.97
CA VAL C 525 5.28 19.60 22.33
C VAL C 525 5.90 18.33 22.88
N GLU C 526 5.10 17.27 22.87
CA GLU C 526 5.54 15.95 23.33
C GLU C 526 5.36 14.93 22.21
N THR C 527 6.40 14.14 21.97
CA THR C 527 6.35 13.11 20.94
C THR C 527 6.83 11.80 21.54
N GLY C 528 6.39 10.70 20.95
CA GLY C 528 6.77 9.37 21.37
C GLY C 528 8.21 9.06 21.03
N GLN C 529 8.51 7.76 20.95
CA GLN C 529 9.86 7.33 20.65
C GLN C 529 10.10 7.11 19.16
N THR C 530 9.12 7.45 18.32
CA THR C 530 9.27 7.25 16.89
C THR C 530 10.41 8.07 16.30
N ILE C 531 10.54 9.33 16.73
CA ILE C 531 11.56 10.21 16.17
C ILE C 531 12.95 9.66 16.44
N LEU C 532 13.13 8.96 17.55
CA LEU C 532 14.43 8.40 17.92
C LEU C 532 14.66 7.02 17.31
N THR C 533 13.69 6.13 17.40
CA THR C 533 13.86 4.74 17.00
C THR C 533 13.41 4.45 15.58
N ASP C 534 13.01 5.46 14.81
CA ASP C 534 12.55 5.26 13.44
C ASP C 534 13.32 6.21 12.51
N VAL C 535 12.87 6.26 11.26
CA VAL C 535 13.42 7.19 10.29
C VAL C 535 12.79 8.55 10.49
N LEU C 536 13.62 9.58 10.63
CA LEU C 536 13.10 10.93 10.88
C LEU C 536 12.25 11.41 9.70
N ASP C 537 12.70 11.15 8.47
CA ASP C 537 11.92 11.54 7.31
C ASP C 537 10.82 10.53 7.01
N LYS C 538 11.21 9.29 6.68
CA LYS C 538 10.29 8.20 6.32
C LYS C 538 9.33 8.72 5.27
N GLY C 539 8.02 8.50 5.40
CA GLY C 539 7.04 9.14 4.57
C GLY C 539 6.47 10.34 5.29
N PRO C 540 5.21 10.23 5.73
CA PRO C 540 4.65 11.24 6.64
C PRO C 540 5.29 11.13 8.02
N ASN C 541 5.81 12.25 8.52
CA ASN C 541 6.48 12.30 9.82
C ASN C 541 5.90 13.43 10.65
N PRO C 542 4.69 13.25 11.18
CA PRO C 542 4.12 14.29 12.06
C PRO C 542 4.94 14.54 13.31
N PHE C 543 5.59 13.50 13.84
CA PHE C 543 6.44 13.69 15.02
C PHE C 543 7.60 14.62 14.72
N ILE C 544 8.24 14.43 13.56
CA ILE C 544 9.32 15.33 13.16
C ILE C 544 8.78 16.72 12.85
N ALA C 545 7.62 16.80 12.21
CA ALA C 545 7.06 18.09 11.82
C ALA C 545 6.55 18.89 13.02
N ASN C 546 6.30 18.25 14.15
CA ASN C 546 5.77 18.96 15.31
C ASN C 546 6.81 19.85 15.99
N MET C 547 8.08 19.73 15.63
CA MET C 547 9.11 20.61 16.17
C MET C 547 9.19 21.94 15.44
N HIS C 548 8.35 22.15 14.43
CA HIS C 548 8.29 23.37 13.66
C HIS C 548 7.85 24.53 14.54
N LEU C 549 8.79 25.42 14.89
CA LEU C 549 8.52 26.51 15.85
C LEU C 549 7.93 25.97 17.15
N LYS C 550 8.58 24.95 17.72
CA LYS C 550 8.25 24.42 19.04
C LYS C 550 9.51 24.50 19.89
N ARG C 551 9.52 25.46 20.82
CA ARG C 551 10.74 25.75 21.59
C ARG C 551 11.17 24.57 22.44
N SER C 552 10.27 23.65 22.79
CA SER C 552 10.61 22.50 23.60
C SER C 552 9.97 21.24 23.02
N VAL C 553 10.75 20.17 22.93
CA VAL C 553 10.27 18.86 22.49
C VAL C 553 10.58 17.86 23.58
N PHE C 554 9.58 17.07 23.96
CA PHE C 554 9.71 16.12 25.05
C PHE C 554 9.54 14.69 24.54
N CYS C 555 10.28 13.78 25.15
CA CYS C 555 10.19 12.36 24.87
C CYS C 555 10.12 11.61 26.18
N SER C 556 9.20 10.66 26.28
CA SER C 556 8.95 9.93 27.52
C SER C 556 8.89 8.44 27.25
N GLU C 557 9.30 7.65 28.24
CA GLU C 557 9.29 6.19 28.18
C GLU C 557 10.13 5.68 27.02
N LEU C 558 11.44 5.95 27.10
CA LEU C 558 12.35 5.54 26.04
C LEU C 558 12.61 4.04 26.13
N PRO C 559 12.87 3.37 24.99
CA PRO C 559 13.10 1.92 25.01
C PRO C 559 14.54 1.56 25.34
N ASP C 560 14.83 1.42 26.64
CA ASP C 560 16.17 1.06 27.11
C ASP C 560 16.79 -0.02 26.23
N PHE C 561 18.08 0.13 25.95
CA PHE C 561 18.79 -0.65 24.95
C PHE C 561 19.28 -2.00 25.45
N ALA C 562 19.14 -2.29 26.75
CA ALA C 562 19.64 -3.57 27.27
C ALA C 562 18.90 -4.74 26.63
N CYS C 563 17.62 -4.54 26.30
CA CYS C 563 16.88 -5.55 25.55
C CYS C 563 17.46 -5.70 24.15
N SER C 564 17.59 -6.94 23.70
CA SER C 564 18.11 -7.26 22.38
C SER C 564 16.95 -7.49 21.43
N GLY C 565 16.92 -6.73 20.33
CA GLY C 565 15.82 -6.83 19.39
C GLY C 565 15.02 -5.54 19.26
N SER C 566 15.69 -4.41 19.47
CA SER C 566 15.05 -3.11 19.34
C SER C 566 15.90 -2.22 18.45
N LYS C 567 15.24 -1.28 17.78
CA LYS C 567 15.92 -0.35 16.89
C LYS C 567 16.70 0.68 17.71
N LYS C 568 17.50 1.49 17.01
CA LYS C 568 18.50 2.32 17.65
C LYS C 568 18.32 3.78 17.25
N ILE C 569 18.73 4.67 18.16
CA ILE C 569 18.79 6.10 17.86
C ILE C 569 20.03 6.38 17.03
N ARG C 570 19.88 7.20 15.99
CA ARG C 570 20.92 7.40 15.00
C ARG C 570 21.72 8.66 15.31
N SER C 571 23.05 8.52 15.33
CA SER C 571 23.92 9.69 15.40
C SER C 571 23.72 10.59 14.18
N ASP C 572 23.36 10.00 13.04
CA ASP C 572 22.99 10.79 11.88
C ASP C 572 21.76 11.63 12.17
N ASN C 573 20.77 11.07 12.87
CA ASN C 573 19.59 11.83 13.26
C ASN C 573 19.95 12.93 14.26
N ILE C 574 20.89 12.64 15.16
CA ILE C 574 21.34 13.66 16.11
C ILE C 574 21.99 14.82 15.37
N LYS C 575 22.86 14.52 14.39
CA LYS C 575 23.47 15.58 13.61
C LYS C 575 22.44 16.34 12.79
N LYS C 576 21.44 15.64 12.25
CA LYS C 576 20.38 16.28 11.50
C LYS C 576 19.59 17.24 12.38
N LEU C 577 19.31 16.85 13.62
CA LEU C 577 18.70 17.75 14.58
C LEU C 577 19.61 18.92 14.93
N THR C 578 20.92 18.70 14.96
CA THR C 578 21.87 19.78 15.18
C THR C 578 21.98 20.73 13.99
N GLU C 579 21.56 20.29 12.80
CA GLU C 579 21.58 21.13 11.62
C GLU C 579 20.57 22.26 11.78
N PRO C 580 20.75 23.37 11.07
CA PRO C 580 19.89 24.52 11.33
C PRO C 580 18.48 24.43 10.74
N CYS C 581 18.16 23.40 9.97
CA CYS C 581 16.79 23.11 9.55
C CYS C 581 16.63 21.60 9.49
N VAL C 582 15.92 21.04 10.46
CA VAL C 582 15.78 19.59 10.57
C VAL C 582 14.79 19.11 9.51
N ILE C 583 15.04 17.92 8.96
CA ILE C 583 14.15 17.35 7.96
C ILE C 583 12.79 17.07 8.60
N GLY C 584 11.73 17.54 7.95
CA GLY C 584 10.39 17.32 8.46
C GLY C 584 9.32 17.98 7.62
N ARG C 585 8.25 17.24 7.33
CA ARG C 585 7.14 17.74 6.53
C ARG C 585 5.83 17.33 7.17
N PRO C 586 4.76 18.09 6.95
CA PRO C 586 3.43 17.65 7.35
C PRO C 586 2.84 16.73 6.29
N CYS C 587 1.68 16.15 6.62
CA CYS C 587 1.01 15.25 5.71
C CYS C 587 0.47 16.01 4.50
N PHE C 588 0.60 15.39 3.32
CA PHE C 588 0.12 15.97 2.06
C PHE C 588 0.72 17.34 1.81
N SER C 589 1.99 17.51 2.16
CA SER C 589 2.67 18.80 2.07
C SER C 589 4.03 18.64 1.42
N ASN C 590 4.51 19.74 0.83
CA ASN C 590 5.84 19.79 0.24
C ASN C 590 6.73 20.84 0.87
N LYS C 591 6.22 21.65 1.80
CA LYS C 591 7.00 22.68 2.46
C LYS C 591 7.81 22.07 3.62
N ILE C 592 8.72 21.17 3.25
CA ILE C 592 9.55 20.48 4.24
C ILE C 592 10.55 21.42 4.89
N ASN C 593 10.82 22.58 4.29
CA ASN C 593 11.76 23.54 4.87
C ASN C 593 11.05 24.31 5.98
N ASN C 594 10.93 23.64 7.12
CA ASN C 594 10.36 24.24 8.33
C ASN C 594 11.49 24.65 9.25
N ARG C 595 11.49 25.92 9.65
CA ARG C 595 12.60 26.45 10.44
C ARG C 595 12.61 25.77 11.81
N ASN C 596 13.80 25.64 12.39
CA ASN C 596 13.99 24.95 13.65
C ASN C 596 14.46 25.94 14.70
N HIS C 597 13.66 26.13 15.74
CA HIS C 597 14.03 26.88 16.93
C HIS C 597 13.83 26.03 18.17
N ALA C 598 14.17 24.75 18.06
CA ALA C 598 13.78 23.74 19.04
C ALA C 598 15.01 23.20 19.77
N THR C 599 14.84 22.97 21.08
CA THR C 599 15.77 22.20 21.88
C THR C 599 15.02 20.99 22.42
N ILE C 600 15.53 19.80 22.14
CA ILE C 600 14.85 18.55 22.45
C ILE C 600 15.26 18.08 23.84
N ILE C 601 14.27 17.76 24.66
CA ILE C 601 14.50 17.19 25.98
C ILE C 601 13.98 15.75 25.97
N ILE C 602 14.88 14.80 26.18
CA ILE C 602 14.56 13.38 26.13
C ILE C 602 14.62 12.83 27.55
N ASP C 603 13.51 12.26 28.02
CA ASP C 603 13.40 11.71 29.36
C ASP C 603 13.39 10.19 29.28
N THR C 604 14.23 9.55 30.09
CA THR C 604 14.34 8.10 30.12
C THR C 604 14.79 7.68 31.51
N ASN C 605 15.14 6.40 31.66
CA ASN C 605 15.62 5.88 32.93
C ASN C 605 16.83 4.97 32.81
N TYR C 606 17.32 4.69 31.60
CA TYR C 606 18.46 3.80 31.42
C TYR C 606 19.44 4.41 30.45
N LYS C 607 20.69 3.97 30.57
CA LYS C 607 21.78 4.52 29.76
C LYS C 607 21.60 4.18 28.29
N PRO C 608 21.64 5.14 27.39
CA PRO C 608 21.52 4.82 25.95
C PRO C 608 22.78 4.20 25.41
N VAL C 609 22.63 3.47 24.31
CA VAL C 609 23.73 2.79 23.63
C VAL C 609 23.70 3.21 22.17
N PHE C 610 24.83 3.73 21.68
CA PHE C 610 24.97 4.15 20.29
C PHE C 610 26.01 3.27 19.61
N ASP C 611 25.64 2.71 18.45
CA ASP C 611 26.49 1.74 17.78
C ASP C 611 27.81 2.36 17.34
N ARG C 612 27.74 3.48 16.62
CA ARG C 612 28.93 4.19 16.16
C ARG C 612 29.10 5.44 17.01
N ILE C 613 30.28 5.59 17.62
CA ILE C 613 30.56 6.69 18.51
C ILE C 613 31.88 7.32 18.08
N ASP C 614 31.87 8.64 17.88
CA ASP C 614 33.01 9.35 17.31
C ASP C 614 33.01 10.79 17.80
N ASN C 615 34.00 11.55 17.34
CA ASN C 615 34.13 12.94 17.75
C ASN C 615 32.94 13.78 17.28
N ALA C 616 32.39 13.45 16.12
CA ALA C 616 31.23 14.19 15.62
C ALA C 616 30.01 13.98 16.53
N LEU C 617 29.75 12.72 16.91
CA LEU C 617 28.61 12.44 17.79
C LEU C 617 28.84 13.01 19.18
N MET C 618 30.09 12.96 19.66
CA MET C 618 30.40 13.47 20.99
C MET C 618 30.18 14.97 21.10
N ARG C 619 30.13 15.68 19.98
CA ARG C 619 29.89 17.12 19.97
C ARG C 619 28.41 17.47 19.88
N ARG C 620 27.52 16.48 19.88
CA ARG C 620 26.09 16.73 19.79
C ARG C 620 25.32 15.83 20.74
N ILE C 621 25.80 15.70 21.98
CA ILE C 621 25.16 14.85 22.98
C ILE C 621 25.34 15.49 24.35
N ALA C 622 24.24 15.85 25.00
CA ALA C 622 24.26 16.41 26.35
C ALA C 622 23.57 15.47 27.32
N VAL C 623 24.09 15.43 28.55
CA VAL C 623 23.56 14.57 29.60
C VAL C 623 23.34 15.40 30.86
N VAL C 624 22.17 15.25 31.48
CA VAL C 624 21.87 15.83 32.78
C VAL C 624 21.28 14.73 33.65
N ARG C 625 21.90 14.49 34.81
CA ARG C 625 21.51 13.38 35.68
C ARG C 625 20.90 13.91 36.97
N PHE C 626 19.79 13.28 37.37
CA PHE C 626 19.10 13.61 38.61
C PHE C 626 19.53 12.64 39.71
N ARG C 627 19.66 13.15 40.93
CA ARG C 627 20.11 12.35 42.07
C ARG C 627 19.27 12.64 43.30
N THR C 628 17.95 12.73 43.14
CA THR C 628 17.05 12.97 44.26
C THR C 628 15.84 12.07 44.15
N HIS C 629 15.14 11.90 45.28
CA HIS C 629 13.98 11.03 45.33
C HIS C 629 13.07 11.47 46.47
N PHE C 630 11.78 11.57 46.19
CA PHE C 630 10.75 11.84 47.19
C PHE C 630 9.87 10.61 47.34
N SER C 631 9.68 10.16 48.58
CA SER C 631 8.97 8.92 48.84
C SER C 631 8.10 9.07 50.08
N GLN C 632 7.22 8.09 50.27
CA GLN C 632 6.33 8.08 51.42
C GLN C 632 7.12 7.82 52.70
N PRO C 633 6.63 8.32 53.84
CA PRO C 633 7.36 8.08 55.10
C PRO C 633 7.52 6.61 55.45
N SER C 634 6.55 5.77 55.08
CA SER C 634 6.67 4.34 55.36
C SER C 634 7.86 3.74 54.63
N GLY C 635 8.07 4.13 53.38
CA GLY C 635 9.23 3.74 52.61
C GLY C 635 10.34 4.76 52.57
N ARG C 636 10.36 5.72 53.51
CA ARG C 636 11.35 6.78 53.48
C ARG C 636 12.76 6.22 53.70
N GLU C 637 12.91 5.31 54.67
CA GLU C 637 14.22 4.73 54.93
C GLU C 637 14.68 3.86 53.76
N ALA C 638 13.75 3.10 53.17
CA ALA C 638 14.10 2.30 52.00
C ALA C 638 14.54 3.18 50.85
N ALA C 639 13.86 4.32 50.66
CA ALA C 639 14.27 5.27 49.62
C ALA C 639 15.65 5.85 49.90
N GLU C 640 15.91 6.21 51.16
CA GLU C 640 17.22 6.74 51.52
C GLU C 640 18.31 5.69 51.36
N ASN C 641 17.94 4.41 51.48
CA ASN C 641 18.92 3.34 51.32
C ASN C 641 19.52 3.34 49.92
N ASN C 642 18.71 3.61 48.90
CA ASN C 642 19.14 3.51 47.51
C ASN C 642 20.26 4.50 47.20
N ASP C 643 21.00 4.22 46.13
CA ASP C 643 22.13 5.05 45.72
C ASP C 643 21.75 6.11 44.71
N ALA C 644 20.64 5.93 43.99
CA ALA C 644 20.21 6.91 43.00
C ALA C 644 19.74 8.21 43.62
N TYR C 645 19.54 8.25 44.94
CA TYR C 645 19.06 9.44 45.63
C TYR C 645 20.16 9.94 46.56
N ASP C 646 20.80 11.06 46.17
CA ASP C 646 21.77 11.70 47.05
C ASP C 646 21.08 12.23 48.31
N LYS C 647 19.90 12.84 48.14
CA LYS C 647 19.09 13.32 49.25
C LYS C 647 17.66 12.84 49.05
N VAL C 648 17.04 12.37 50.14
CA VAL C 648 15.70 11.82 50.11
C VAL C 648 14.81 12.66 51.00
N LYS C 649 13.68 13.10 50.45
CA LYS C 649 12.71 13.93 51.17
C LYS C 649 11.37 13.19 51.23
N LEU C 650 10.34 13.90 51.71
CA LEU C 650 9.00 13.34 51.81
C LEU C 650 8.15 13.88 50.66
N LEU C 651 7.55 12.98 49.90
CA LEU C 651 6.76 13.37 48.74
C LEU C 651 5.46 14.02 49.18
N ASP C 652 5.01 15.00 48.39
CA ASP C 652 3.74 15.68 48.61
C ASP C 652 2.82 15.36 47.44
N GLU C 653 1.66 14.77 47.74
CA GLU C 653 0.74 14.34 46.69
C GLU C 653 0.04 15.49 46.01
N GLY C 654 -0.16 16.62 46.71
CA GLY C 654 -0.80 17.76 46.10
C GLY C 654 0.04 18.55 45.12
N LEU C 655 1.34 18.25 45.06
CA LEU C 655 2.22 18.95 44.12
C LEU C 655 1.83 18.67 42.68
N ASP C 656 1.32 17.46 42.38
CA ASP C 656 0.86 17.15 41.04
C ASP C 656 -0.25 18.08 40.60
N GLY C 657 -1.28 18.23 41.44
CA GLY C 657 -2.36 19.16 41.11
C GLY C 657 -1.89 20.59 41.09
N LYS C 658 -0.96 20.95 41.99
CA LYS C 658 -0.46 22.31 42.03
C LYS C 658 0.23 22.69 40.73
N ILE C 659 1.10 21.80 40.22
CA ILE C 659 1.80 22.10 38.97
C ILE C 659 0.87 21.98 37.78
N GLN C 660 -0.12 21.07 37.84
CA GLN C 660 -1.06 20.94 36.73
C GLN C 660 -2.02 22.12 36.67
N ASN C 661 -2.18 22.86 37.77
CA ASN C 661 -3.06 24.02 37.80
C ASN C 661 -2.37 25.31 37.38
N ASN C 662 -1.09 25.25 36.99
CA ASN C 662 -0.32 26.42 36.57
C ASN C 662 -0.31 27.49 37.65
N ARG C 663 -0.05 27.07 38.89
CA ARG C 663 -0.09 27.99 40.02
C ARG C 663 1.07 28.97 39.98
N TYR C 664 2.28 28.50 39.68
CA TYR C 664 3.49 29.30 39.76
C TYR C 664 3.98 29.76 38.39
N ARG C 665 3.05 30.03 37.46
CA ARG C 665 3.46 30.30 36.08
C ARG C 665 4.22 31.62 35.98
N PHE C 666 3.74 32.68 36.65
CA PHE C 666 4.43 33.97 36.57
C PHE C 666 5.78 33.92 37.26
N ALA C 667 5.85 33.26 38.43
CA ALA C 667 7.12 33.14 39.13
C ALA C 667 8.13 32.34 38.30
N PHE C 668 7.69 31.24 37.68
CA PHE C 668 8.59 30.45 36.85
C PHE C 668 9.04 31.23 35.63
N LEU C 669 8.14 32.00 35.02
CA LEU C 669 8.52 32.81 33.86
C LEU C 669 9.55 33.86 34.25
N TYR C 670 9.36 34.51 35.40
CA TYR C 670 10.34 35.48 35.86
C TYR C 670 11.67 34.81 36.20
N LEU C 671 11.61 33.59 36.75
CA LEU C 671 12.85 32.86 37.02
C LEU C 671 13.62 32.58 35.73
N LEU C 672 12.91 32.14 34.69
CA LEU C 672 13.57 31.90 33.41
C LEU C 672 14.11 33.19 32.80
N VAL C 673 13.36 34.29 32.95
CA VAL C 673 13.82 35.58 32.41
C VAL C 673 15.08 36.03 33.14
N LYS C 674 15.12 35.87 34.47
CA LYS C 674 16.30 36.24 35.24
C LYS C 674 17.49 35.35 34.88
N TRP C 675 17.24 34.06 34.64
CA TRP C 675 18.32 33.17 34.22
C TRP C 675 18.86 33.58 32.85
N TYR C 676 17.98 34.00 31.93
CA TYR C 676 18.44 34.50 30.65
C TYR C 676 19.24 35.78 30.82
N LYS C 677 18.81 36.67 31.71
CA LYS C 677 19.55 37.90 31.97
C LYS C 677 20.93 37.59 32.53
N LYS C 678 21.03 36.59 33.40
CA LYS C 678 22.35 36.14 33.88
C LYS C 678 23.16 35.53 32.75
N TYR C 679 22.48 34.88 31.79
CA TYR C 679 23.11 34.29 30.62
C TYR C 679 22.97 35.18 29.39
N HIS C 680 23.03 36.50 29.58
CA HIS C 680 22.77 37.46 28.51
C HIS C 680 23.99 37.74 27.66
N ILE C 681 24.95 36.81 27.61
CA ILE C 681 26.10 36.97 26.73
C ILE C 681 25.59 37.02 25.29
N PRO C 682 26.17 37.87 24.45
CA PRO C 682 25.79 37.92 23.04
C PRO C 682 25.52 36.57 22.41
N ILE C 683 26.34 35.57 22.69
CA ILE C 683 26.15 34.21 22.20
C ILE C 683 25.93 33.29 23.40
N MET C 684 24.94 32.41 23.30
CA MET C 684 24.62 31.45 24.34
C MET C 684 24.40 30.09 23.67
N LYS C 685 25.44 29.26 23.67
CA LYS C 685 25.41 27.98 23.00
C LYS C 685 25.56 26.85 24.01
N LEU C 686 24.86 25.75 23.74
CA LEU C 686 24.87 24.59 24.62
C LEU C 686 26.16 23.80 24.43
N TYR C 687 26.58 23.11 25.48
CA TYR C 687 27.83 22.35 25.48
C TYR C 687 27.58 20.89 25.80
N PRO C 688 28.13 19.96 25.02
CA PRO C 688 27.97 18.54 25.33
C PRO C 688 28.60 18.17 26.67
N THR C 689 28.07 17.10 27.26
CA THR C 689 28.61 16.52 28.49
C THR C 689 28.78 15.02 28.27
N PRO C 690 29.71 14.62 27.40
CA PRO C 690 29.86 13.19 27.09
C PRO C 690 30.34 12.36 28.26
N GLU C 691 30.95 12.97 29.29
CA GLU C 691 31.50 12.21 30.40
C GLU C 691 30.40 11.47 31.18
N GLU C 692 29.25 12.11 31.36
CA GLU C 692 28.20 11.54 32.21
C GLU C 692 27.67 10.23 31.63
N ILE C 693 27.47 10.17 30.31
CA ILE C 693 26.94 8.98 29.67
C ILE C 693 27.95 7.84 29.79
N PRO C 694 27.56 6.67 30.30
CA PRO C 694 28.53 5.57 30.43
C PRO C 694 29.04 5.06 29.10
N ASP C 695 28.33 5.30 28.01
CA ASP C 695 28.76 4.80 26.70
C ASP C 695 30.03 5.50 26.24
N PHE C 696 30.18 6.79 26.54
CA PHE C 696 31.29 7.57 26.02
C PHE C 696 32.57 7.41 26.82
N ALA C 697 32.55 6.65 27.92
CA ALA C 697 33.77 6.43 28.68
C ALA C 697 34.80 5.66 27.85
N PHE C 698 34.34 4.65 27.10
CA PHE C 698 35.24 3.90 26.23
C PHE C 698 35.83 4.80 25.15
N TYR C 699 35.02 5.69 24.57
CA TYR C 699 35.54 6.63 23.58
C TYR C 699 36.55 7.59 24.19
N LEU C 700 36.29 8.06 25.40
CA LEU C 700 37.27 8.92 26.06
C LEU C 700 38.59 8.19 26.28
N LYS C 701 38.52 6.94 26.75
CA LYS C 701 39.73 6.14 26.96
C LYS C 701 40.49 5.93 25.65
N ILE C 702 39.76 5.61 24.57
CA ILE C 702 40.40 5.39 23.28
C ILE C 702 41.04 6.67 22.76
N GLY C 703 40.31 7.79 22.82
CA GLY C 703 40.85 9.05 22.34
C GLY C 703 42.05 9.52 23.13
N THR C 704 42.09 9.23 24.43
CA THR C 704 43.22 9.59 25.27
C THR C 704 44.33 8.55 25.26
N LEU C 705 44.11 7.38 24.64
CA LEU C 705 45.11 6.33 24.65
C LEU C 705 45.48 5.85 23.25
N LEU C 706 44.50 5.76 22.35
CA LEU C 706 44.72 5.23 21.00
C LEU C 706 44.98 6.42 20.07
N VAL C 707 46.23 6.53 19.61
CA VAL C 707 46.66 7.61 18.73
C VAL C 707 47.29 6.99 17.49
N SER C 708 46.95 7.53 16.32
CA SER C 708 47.51 7.03 15.07
C SER C 708 49.01 7.24 15.04
N SER C 709 49.73 6.23 14.57
CA SER C 709 51.19 6.28 14.47
C SER C 709 51.62 5.77 13.11
N SER C 710 52.52 6.52 12.46
CA SER C 710 53.00 6.15 11.13
C SER C 710 54.34 6.85 10.89
N VAL C 711 54.77 6.88 9.62
CA VAL C 711 56.14 7.23 9.27
C VAL C 711 56.50 8.69 9.47
N LYS C 712 55.52 9.58 9.66
CA LYS C 712 55.83 11.01 9.74
C LYS C 712 56.71 11.35 10.92
N HIS C 713 56.77 10.49 11.94
CA HIS C 713 57.70 10.63 13.06
C HIS C 713 58.87 9.66 12.94
N ILE C 714 59.40 9.51 11.74
CA ILE C 714 60.43 8.54 11.39
C ILE C 714 61.63 8.61 12.33
N PRO C 715 61.90 9.75 12.98
CA PRO C 715 63.08 9.88 13.85
C PRO C 715 62.94 9.16 15.18
N LEU C 716 62.44 7.92 15.12
CA LEU C 716 62.40 7.04 16.29
C LEU C 716 62.71 5.60 15.92
N MET C 717 63.41 5.34 14.82
CA MET C 717 63.61 3.97 14.35
C MET C 717 64.50 3.18 15.29
N THR C 718 65.58 3.78 15.78
CA THR C 718 66.47 3.08 16.71
C THR C 718 65.75 2.75 18.00
N ASP C 719 64.97 3.69 18.52
CA ASP C 719 64.20 3.43 19.73
C ASP C 719 63.16 2.34 19.51
N LEU C 720 62.51 2.34 18.34
CA LEU C 720 61.55 1.29 18.03
C LEU C 720 62.22 -0.07 17.94
N SER C 721 63.41 -0.13 17.33
CA SER C 721 64.14 -1.39 17.26
C SER C 721 64.54 -1.87 18.64
N LYS C 722 64.96 -0.95 19.51
CA LYS C 722 65.28 -1.31 20.88
C LYS C 722 64.07 -1.82 21.65
N LYS C 723 62.92 -1.18 21.47
CA LYS C 723 61.71 -1.60 22.18
C LYS C 723 61.20 -2.94 21.67
N GLY C 724 61.27 -3.16 20.37
CA GLY C 724 60.81 -4.40 19.78
C GLY C 724 59.96 -4.22 18.54
N TYR C 725 59.79 -2.97 18.10
CA TYR C 725 58.98 -2.68 16.93
C TYR C 725 59.80 -2.90 15.66
N ILE C 726 59.20 -2.57 14.52
CA ILE C 726 59.83 -2.72 13.21
C ILE C 726 59.63 -1.43 12.42
N LEU C 727 60.47 -1.26 11.41
CA LEU C 727 60.42 -0.09 10.52
C LEU C 727 59.79 -0.50 9.20
N TYR C 728 58.49 -0.20 9.06
CA TYR C 728 57.77 -0.42 7.80
C TYR C 728 57.72 0.93 7.09
N ASP C 729 58.72 1.16 6.24
CA ASP C 729 58.96 2.49 5.65
C ASP C 729 59.14 3.53 6.75
N ASN C 730 59.88 3.16 7.80
CA ASN C 730 60.17 4.02 8.95
C ASN C 730 58.88 4.49 9.63
N VAL C 731 57.89 3.60 9.71
CA VAL C 731 56.63 3.90 10.35
C VAL C 731 56.55 3.17 11.68
N VAL C 732 55.57 3.56 12.50
CA VAL C 732 55.32 2.95 13.79
C VAL C 732 54.06 2.11 13.69
N THR C 733 54.22 0.79 13.83
CA THR C 733 53.10 -0.13 13.77
C THR C 733 53.42 -1.35 14.63
N LEU C 734 52.38 -2.02 15.10
CA LEU C 734 52.52 -3.19 15.94
C LEU C 734 51.61 -4.30 15.45
N PRO C 735 52.02 -5.56 15.63
CA PRO C 735 51.18 -6.68 15.18
C PRO C 735 49.89 -6.77 15.98
N LEU C 736 48.88 -7.35 15.34
CA LEU C 736 47.57 -7.49 16.00
C LEU C 736 47.67 -8.36 17.24
N THR C 737 48.38 -9.49 17.14
CA THR C 737 48.59 -10.32 18.33
C THR C 737 49.42 -9.57 19.37
N THR C 738 50.47 -8.88 18.94
CA THR C 738 51.28 -8.09 19.88
C THR C 738 50.47 -6.96 20.48
N PHE C 739 49.64 -6.30 19.66
CA PHE C 739 48.79 -5.24 20.18
C PHE C 739 47.81 -5.76 21.22
N GLN C 740 47.20 -6.92 20.96
CA GLN C 740 46.29 -7.51 21.94
C GLN C 740 47.02 -7.89 23.22
N GLN C 741 48.23 -8.46 23.09
CA GLN C 741 49.00 -8.84 24.27
C GLN C 741 49.36 -7.62 25.10
N LYS C 742 49.76 -6.52 24.45
CA LYS C 742 50.09 -5.31 25.19
C LYS C 742 48.85 -4.68 25.83
N ILE C 743 47.72 -4.71 25.12
CA ILE C 743 46.50 -4.10 25.64
C ILE C 743 45.92 -4.91 26.79
N SER C 744 46.21 -6.22 26.82
CA SER C 744 45.65 -7.07 27.87
C SER C 744 46.01 -6.56 29.27
N LYS C 745 47.15 -5.89 29.40
CA LYS C 745 47.54 -5.35 30.69
C LYS C 745 46.72 -4.12 31.06
N TYR C 746 46.45 -3.25 30.08
CA TYR C 746 45.75 -2.00 30.35
C TYR C 746 44.24 -2.19 30.40
N PHE C 747 43.64 -2.63 29.29
CA PHE C 747 42.21 -2.90 29.21
C PHE C 747 42.01 -4.39 28.99
N ASN C 748 41.20 -5.02 29.84
CA ASN C 748 41.00 -6.46 29.76
C ASN C 748 40.29 -6.83 28.47
N SER C 749 40.74 -7.94 27.86
CA SER C 749 40.12 -8.41 26.62
C SER C 749 38.67 -8.81 26.85
N ARG C 750 38.39 -9.49 27.98
CA ARG C 750 37.02 -9.88 28.28
C ARG C 750 36.17 -8.66 28.61
N LEU C 751 36.77 -7.64 29.22
CA LEU C 751 36.05 -6.44 29.62
C LEU C 751 36.01 -5.38 28.52
N PHE C 752 36.68 -5.60 27.39
CA PHE C 752 36.69 -4.64 26.29
C PHE C 752 36.56 -5.38 24.97
N GLY C 753 35.69 -6.40 24.92
CA GLY C 753 35.56 -7.19 23.70
C GLY C 753 35.01 -6.38 22.53
N HIS C 754 33.95 -5.61 22.77
CA HIS C 754 33.37 -4.81 21.69
C HIS C 754 34.33 -3.75 21.19
N ASP C 755 35.03 -3.07 22.11
CA ASP C 755 36.01 -2.06 21.71
C ASP C 755 37.15 -2.70 20.93
N ILE C 756 37.63 -3.87 21.36
CA ILE C 756 38.71 -4.55 20.65
C ILE C 756 38.26 -4.95 19.26
N GLU C 757 37.04 -5.48 19.13
CA GLU C 757 36.52 -5.85 17.82
C GLU C 757 36.39 -4.65 16.91
N SER C 758 35.89 -3.53 17.44
CA SER C 758 35.77 -2.32 16.62
C SER C 758 37.13 -1.80 16.19
N PHE C 759 38.11 -1.83 17.10
CA PHE C 759 39.46 -1.38 16.74
C PHE C 759 40.06 -2.27 15.67
N ILE C 760 39.91 -3.59 15.80
CA ILE C 760 40.46 -4.50 14.79
C ILE C 760 39.76 -4.31 13.45
N ASN C 761 38.47 -4.03 13.47
CA ASN C 761 37.72 -3.84 12.23
C ASN C 761 38.01 -2.50 11.57
N ARG C 762 38.40 -1.47 12.34
CA ARG C 762 38.60 -0.14 11.80
C ARG C 762 40.06 0.19 11.53
N HIS C 763 40.92 0.17 12.56
CA HIS C 763 42.26 0.71 12.45
C HIS C 763 43.35 -0.35 12.33
N LYS C 764 43.01 -1.64 12.34
CA LYS C 764 44.01 -2.70 12.22
C LYS C 764 44.35 -2.90 10.74
N LYS C 765 45.11 -1.96 10.20
CA LYS C 765 45.50 -1.99 8.80
C LYS C 765 46.77 -2.80 8.62
N PHE C 766 46.77 -3.66 7.59
CA PHE C 766 47.91 -4.51 7.28
C PHE C 766 48.27 -4.37 5.81
N ALA C 767 49.55 -4.59 5.52
CA ALA C 767 50.06 -4.48 4.16
C ALA C 767 50.02 -5.80 3.40
N ASN C 768 49.59 -6.89 4.04
CA ASN C 768 49.51 -8.18 3.40
C ASN C 768 48.26 -8.92 3.89
N VAL C 769 47.85 -9.91 3.11
CA VAL C 769 46.63 -10.66 3.44
C VAL C 769 46.82 -11.43 4.75
N SER C 770 47.96 -12.10 4.90
CA SER C 770 48.23 -12.89 6.09
C SER C 770 48.85 -12.07 7.22
N ASP C 771 49.54 -10.98 6.89
CA ASP C 771 50.16 -10.16 7.91
C ASP C 771 49.11 -9.48 8.77
N GLU C 772 49.43 -9.32 10.06
CA GLU C 772 48.56 -8.67 11.02
C GLU C 772 49.30 -7.50 11.63
N TYR C 773 48.76 -6.30 11.47
CA TYR C 773 49.38 -5.08 11.98
C TYR C 773 48.30 -4.02 12.20
N LEU C 774 48.65 -2.99 12.98
CA LEU C 774 47.74 -1.89 13.26
C LEU C 774 48.46 -0.58 12.99
N GLN C 775 47.74 0.36 12.39
CA GLN C 775 48.31 1.66 12.02
C GLN C 775 48.11 2.70 13.13
N TYR C 776 48.52 2.34 14.35
CA TYR C 776 48.43 3.24 15.49
C TYR C 776 49.32 2.71 16.60
N ILE C 777 49.64 3.59 17.55
CA ILE C 777 50.41 3.22 18.73
C ILE C 777 49.86 3.97 19.93
N PHE C 778 49.98 3.37 21.11
CA PHE C 778 49.43 3.97 22.32
C PHE C 778 50.19 5.25 22.67
N ILE C 779 49.54 6.08 23.49
CA ILE C 779 50.16 7.33 23.94
C ILE C 779 51.39 7.04 24.79
N GLU C 780 51.36 5.98 25.59
CA GLU C 780 52.54 5.61 26.37
C GLU C 780 53.69 5.19 25.45
N ASP C 781 53.39 4.45 24.39
CA ASP C 781 54.42 4.05 23.44
C ASP C 781 54.98 5.26 22.68
N ILE C 782 54.16 6.28 22.44
CA ILE C 782 54.64 7.49 21.82
C ILE C 782 55.53 8.28 22.77
N SER C 783 55.13 8.36 24.04
CA SER C 783 55.89 9.15 25.02
C SER C 783 57.23 8.49 25.32
N SER C 784 57.25 7.18 25.52
CA SER C 784 58.48 6.45 25.78
C SER C 784 59.06 5.97 24.46
N PRO C 785 60.24 6.47 24.05
CA PRO C 785 60.93 6.15 22.79
C PRO C 785 60.99 4.66 22.48
N GLY D 323 -29.35 31.91 -37.77
CA GLY D 323 -29.81 30.71 -37.10
C GLY D 323 -28.70 29.93 -36.42
N ASN D 324 -28.34 30.36 -35.22
CA ASN D 324 -27.28 29.72 -34.43
C ASN D 324 -25.95 29.70 -35.18
N LYS D 325 -25.42 30.91 -35.36
CA LYS D 325 -24.09 31.06 -35.94
C LYS D 325 -23.07 30.19 -35.24
N LEU D 326 -23.17 30.05 -33.92
CA LEU D 326 -22.23 29.21 -33.19
C LEU D 326 -22.37 27.74 -33.58
N PHE D 327 -23.61 27.28 -33.76
CA PHE D 327 -23.81 25.91 -34.23
C PHE D 327 -23.25 25.72 -35.63
N ASN D 328 -23.42 26.73 -36.50
CA ASN D 328 -22.85 26.64 -37.84
C ASN D 328 -21.33 26.59 -37.80
N ILE D 329 -20.71 27.40 -36.92
CA ILE D 329 -19.26 27.36 -36.76
C ILE D 329 -18.82 25.98 -36.29
N ALA D 330 -19.54 25.40 -35.33
CA ALA D 330 -19.20 24.07 -34.85
C ALA D 330 -19.31 23.03 -35.96
N GLN D 331 -20.35 23.13 -36.78
CA GLN D 331 -20.53 22.20 -37.89
C GLN D 331 -19.40 22.34 -38.91
N ARG D 332 -19.02 23.57 -39.24
CA ARG D 332 -17.92 23.78 -40.17
C ARG D 332 -16.61 23.23 -39.63
N ILE D 333 -16.35 23.43 -38.33
CA ILE D 333 -15.12 22.91 -37.74
C ILE D 333 -15.14 21.39 -37.73
N LEU D 334 -16.31 20.79 -37.47
CA LEU D 334 -16.42 19.33 -37.49
C LEU D 334 -16.27 18.77 -38.90
N ASP D 335 -16.58 19.57 -39.92
CA ASP D 335 -16.41 19.11 -41.29
C ASP D 335 -14.96 18.81 -41.63
N THR D 336 -14.02 19.45 -40.95
CA THR D 336 -12.60 19.33 -41.28
C THR D 336 -11.92 18.14 -40.61
N ASN D 337 -12.64 17.37 -39.79
CA ASN D 337 -12.09 16.16 -39.14
C ASN D 337 -10.86 16.49 -38.30
N SER D 338 -10.89 17.62 -37.61
CA SER D 338 -9.77 18.05 -36.78
C SER D 338 -9.89 17.59 -35.33
N VAL D 339 -11.04 17.07 -34.92
CA VAL D 339 -11.23 16.52 -33.58
C VAL D 339 -11.76 15.11 -33.72
N LEU D 340 -11.16 14.17 -33.00
CA LEU D 340 -11.59 12.78 -33.03
C LEU D 340 -11.75 12.24 -31.63
N LEU D 341 -12.64 11.25 -31.49
CA LEU D 341 -12.88 10.56 -30.22
C LEU D 341 -12.29 9.16 -30.33
N THR D 342 -11.40 8.82 -29.41
CA THR D 342 -10.72 7.54 -29.45
C THR D 342 -11.43 6.50 -28.58
N GLU D 343 -11.08 5.23 -28.82
CA GLU D 343 -11.71 4.13 -28.10
C GLU D 343 -11.34 4.10 -26.62
N ARG D 344 -10.33 4.85 -26.20
CA ARG D 344 -9.91 4.88 -24.81
C ARG D 344 -10.44 6.11 -24.06
N GLY D 345 -11.40 6.81 -24.65
CA GLY D 345 -12.07 7.91 -23.97
C GLY D 345 -11.40 9.26 -24.05
N ASP D 346 -10.50 9.46 -25.00
CA ASP D 346 -9.79 10.72 -25.15
C ASP D 346 -10.15 11.38 -26.46
N HIS D 347 -10.14 12.72 -26.46
CA HIS D 347 -10.29 13.51 -27.67
C HIS D 347 -8.91 13.89 -28.17
N ILE D 348 -8.65 13.64 -29.45
CA ILE D 348 -7.39 13.98 -30.10
C ILE D 348 -7.67 15.11 -31.08
N VAL D 349 -6.88 16.18 -30.99
CA VAL D 349 -7.03 17.32 -31.87
C VAL D 349 -5.78 17.46 -32.73
N TRP D 350 -5.97 17.98 -33.93
CA TRP D 350 -4.90 18.15 -34.92
C TRP D 350 -4.56 19.63 -34.98
N ILE D 351 -3.60 20.05 -34.17
CA ILE D 351 -3.11 21.42 -34.15
C ILE D 351 -1.59 21.37 -34.19
N ASN D 352 -0.99 22.21 -35.03
CA ASN D 352 0.46 22.24 -35.24
C ASN D 352 0.99 20.90 -35.74
N ASN D 353 0.22 20.27 -36.63
CA ASN D 353 0.64 19.06 -37.34
C ASN D 353 1.01 17.93 -36.39
N SER D 354 0.06 17.58 -35.52
CA SER D 354 0.21 16.46 -34.61
C SER D 354 -1.14 16.13 -34.00
N TRP D 355 -1.46 14.84 -33.93
CA TRP D 355 -2.66 14.38 -33.23
C TRP D 355 -2.38 14.32 -31.73
N LYS D 356 -2.55 15.47 -31.09
CA LYS D 356 -2.22 15.59 -29.68
C LYS D 356 -3.47 15.51 -28.82
N PHE D 357 -3.30 14.99 -27.60
CA PHE D 357 -4.39 14.86 -26.65
C PHE D 357 -3.84 15.10 -25.25
N ASN D 358 -4.66 15.73 -24.41
CA ASN D 358 -4.30 15.98 -23.01
C ASN D 358 -5.56 15.89 -22.18
N SER D 359 -5.62 14.89 -21.30
CA SER D 359 -6.77 14.75 -20.42
C SER D 359 -6.84 15.87 -19.39
N GLU D 360 -5.69 16.40 -18.97
CA GLU D 360 -5.68 17.49 -18.01
C GLU D 360 -6.27 18.76 -18.61
N GLU D 361 -5.82 19.14 -19.80
CA GLU D 361 -6.28 20.35 -20.47
C GLU D 361 -6.82 20.03 -21.85
N PRO D 362 -8.11 20.18 -22.11
CA PRO D 362 -8.63 20.03 -23.47
C PRO D 362 -8.07 21.11 -24.39
N LEU D 363 -7.92 20.76 -25.66
CA LEU D 363 -7.32 21.67 -26.64
C LEU D 363 -8.33 22.13 -27.70
N ILE D 364 -9.62 21.88 -27.49
CA ILE D 364 -10.60 22.20 -28.52
C ILE D 364 -10.73 23.71 -28.70
N THR D 365 -10.64 24.47 -27.60
CA THR D 365 -10.69 25.93 -27.72
C THR D 365 -9.45 26.47 -28.43
N LYS D 366 -8.29 25.88 -28.15
CA LYS D 366 -7.08 26.24 -28.89
C LYS D 366 -7.27 25.98 -30.38
N LEU D 367 -7.84 24.83 -30.73
CA LEU D 367 -8.07 24.51 -32.13
C LEU D 367 -9.06 25.49 -32.77
N ILE D 368 -10.11 25.86 -32.04
CA ILE D 368 -11.07 26.83 -32.56
C ILE D 368 -10.38 28.16 -32.86
N LEU D 369 -9.59 28.64 -31.91
CA LEU D 369 -8.91 29.93 -32.10
C LEU D 369 -7.95 29.86 -33.27
N SER D 370 -7.20 28.76 -33.39
CA SER D 370 -6.26 28.64 -34.51
C SER D 370 -6.99 28.54 -35.85
N ILE D 371 -8.07 27.77 -35.92
CA ILE D 371 -8.79 27.54 -37.17
C ILE D 371 -9.75 28.67 -37.52
N ARG D 372 -9.85 29.70 -36.68
CA ARG D 372 -10.76 30.81 -36.94
C ARG D 372 -10.48 31.51 -38.27
N HIS D 373 -9.26 31.40 -38.81
CA HIS D 373 -8.91 32.13 -40.02
C HIS D 373 -9.52 31.53 -41.28
N GLN D 374 -9.75 30.23 -41.30
CA GLN D 374 -10.33 29.61 -42.49
C GLN D 374 -11.81 29.94 -42.63
N LEU D 375 -12.49 30.21 -41.52
CA LEU D 375 -13.90 30.54 -41.56
C LEU D 375 -14.13 31.89 -42.21
N PRO D 376 -15.35 32.15 -42.71
CA PRO D 376 -15.66 33.47 -43.29
C PRO D 376 -15.41 34.63 -42.33
N LYS D 377 -15.43 35.85 -42.87
CA LYS D 377 -15.13 37.03 -42.07
C LYS D 377 -16.15 37.23 -40.97
N GLU D 378 -17.43 37.01 -41.28
CA GLU D 378 -18.48 37.16 -40.26
C GLU D 378 -18.40 36.11 -39.17
N TYR D 379 -17.71 34.99 -39.42
CA TYR D 379 -17.51 33.97 -38.41
C TYR D 379 -16.25 34.18 -37.59
N SER D 380 -15.21 34.76 -38.20
CA SER D 380 -13.94 34.92 -37.49
C SER D 380 -14.06 35.85 -36.29
N SER D 381 -15.04 36.76 -36.31
CA SER D 381 -15.17 37.72 -35.22
C SER D 381 -15.78 37.09 -33.97
N GLU D 382 -16.67 36.10 -34.15
CA GLU D 382 -17.34 35.48 -33.02
C GLU D 382 -16.41 34.64 -32.15
N LEU D 383 -15.21 34.33 -32.62
CA LEU D 383 -14.32 33.40 -31.93
C LEU D 383 -13.26 34.11 -31.10
N LEU D 384 -13.40 35.42 -30.89
CA LEU D 384 -12.50 36.16 -30.03
C LEU D 384 -12.98 36.19 -28.58
N CYS D 385 -14.17 35.64 -28.29
CA CYS D 385 -14.72 35.59 -26.95
C CYS D 385 -14.60 34.19 -26.37
N PRO D 386 -13.98 34.05 -25.20
CA PRO D 386 -13.85 32.71 -24.60
C PRO D 386 -15.19 32.04 -24.32
N ARG D 387 -16.23 32.81 -23.99
CA ARG D 387 -17.55 32.24 -23.77
C ARG D 387 -18.10 31.61 -25.05
N LYS D 388 -17.98 32.32 -26.17
CA LYS D 388 -18.45 31.77 -27.44
C LYS D 388 -17.62 30.58 -27.86
N ARG D 389 -16.31 30.62 -27.59
CA ARG D 389 -15.47 29.45 -27.87
C ARG D 389 -15.91 28.25 -27.05
N LYS D 390 -16.27 28.47 -25.79
CA LYS D 390 -16.77 27.38 -24.95
C LYS D 390 -18.09 26.82 -25.49
N THR D 391 -18.97 27.71 -25.97
CA THR D 391 -20.21 27.24 -26.57
C THR D 391 -19.94 26.36 -27.80
N VAL D 392 -19.01 26.80 -28.66
CA VAL D 392 -18.67 26.00 -29.84
C VAL D 392 -18.08 24.66 -29.43
N GLU D 393 -17.24 24.65 -28.39
CA GLU D 393 -16.67 23.40 -27.90
C GLU D 393 -17.75 22.46 -27.41
N ALA D 394 -18.74 22.99 -26.68
CA ALA D 394 -19.85 22.17 -26.22
C ALA D 394 -20.61 21.56 -27.38
N ASN D 395 -20.87 22.36 -28.41
CA ASN D 395 -21.56 21.84 -29.59
C ASN D 395 -20.75 20.73 -30.26
N ILE D 396 -19.43 20.92 -30.39
CA ILE D 396 -18.59 19.89 -31.00
C ILE D 396 -18.60 18.62 -30.18
N ARG D 397 -18.49 18.75 -28.86
CA ARG D 397 -18.51 17.58 -27.99
C ARG D 397 -19.81 16.81 -28.10
N ASP D 398 -20.93 17.54 -28.21
CA ASP D 398 -22.21 16.86 -28.43
C ASP D 398 -22.26 16.19 -29.79
N MET D 399 -21.64 16.79 -30.81
CA MET D 399 -21.67 16.22 -32.15
C MET D 399 -20.85 14.95 -32.27
N LEU D 400 -19.72 14.83 -31.58
CA LEU D 400 -18.85 13.67 -31.71
C LEU D 400 -19.46 12.50 -30.93
N VAL D 401 -19.82 11.44 -31.65
CA VAL D 401 -20.53 10.30 -31.07
C VAL D 401 -19.70 9.02 -31.14
N ASP D 402 -19.22 8.66 -32.33
CA ASP D 402 -18.58 7.37 -32.54
C ASP D 402 -17.07 7.47 -32.41
N SER D 403 -16.44 6.35 -32.06
CA SER D 403 -15.01 6.28 -31.82
C SER D 403 -14.25 5.91 -33.09
N VAL D 404 -12.94 6.11 -33.05
CA VAL D 404 -12.03 5.72 -34.12
C VAL D 404 -10.81 5.04 -33.50
N GLU D 405 -10.08 4.31 -34.33
CA GLU D 405 -8.86 3.65 -33.91
C GLU D 405 -7.65 4.47 -34.31
N THR D 406 -6.54 4.23 -33.62
CA THR D 406 -5.30 4.95 -33.83
C THR D 406 -4.14 3.98 -34.00
N ASP D 407 -3.10 4.46 -34.67
CA ASP D 407 -1.86 3.70 -34.87
C ASP D 407 -2.12 2.38 -35.60
N THR D 408 -2.87 2.47 -36.70
CA THR D 408 -3.20 1.31 -37.51
C THR D 408 -2.20 1.04 -38.63
N TYR D 409 -1.27 1.95 -38.87
CA TYR D 409 -0.33 1.82 -39.97
C TYR D 409 1.05 1.44 -39.43
N PRO D 410 1.57 0.24 -39.75
CA PRO D 410 2.87 -0.16 -39.21
C PRO D 410 4.06 0.37 -39.98
N ASP D 411 3.89 0.79 -41.23
CA ASP D 411 5.00 1.24 -42.05
C ASP D 411 5.05 2.76 -42.20
N LYS D 412 4.65 3.50 -41.16
CA LYS D 412 4.74 4.95 -41.16
C LYS D 412 5.46 5.40 -39.91
N LEU D 413 6.47 6.26 -40.09
CA LEU D 413 7.26 6.75 -38.96
C LEU D 413 6.81 8.16 -38.64
N PRO D 414 6.16 8.40 -37.50
CA PRO D 414 5.65 9.75 -37.21
C PRO D 414 6.68 10.62 -36.53
N PHE D 415 6.90 11.82 -37.07
CA PHE D 415 7.80 12.81 -36.50
C PHE D 415 7.00 13.93 -35.84
N LYS D 416 7.71 14.95 -35.38
CA LYS D 416 7.04 16.09 -34.75
C LYS D 416 6.24 16.92 -35.74
N ASN D 417 6.57 16.85 -37.03
CA ASN D 417 5.93 17.71 -38.02
C ASN D 417 5.57 16.95 -39.30
N GLY D 418 5.18 15.69 -39.19
CA GLY D 418 4.77 14.95 -40.36
C GLY D 418 4.91 13.46 -40.15
N VAL D 419 4.80 12.74 -41.27
CA VAL D 419 4.89 11.28 -41.28
C VAL D 419 5.80 10.87 -42.43
N LEU D 420 6.81 10.04 -42.13
CA LEU D 420 7.70 9.52 -43.15
C LEU D 420 7.21 8.14 -43.58
N ASP D 421 6.99 7.98 -44.89
CA ASP D 421 6.54 6.71 -45.45
C ASP D 421 7.77 5.85 -45.73
N LEU D 422 7.90 4.75 -44.98
CA LEU D 422 9.08 3.90 -45.10
C LEU D 422 9.07 3.06 -46.38
N VAL D 423 7.91 2.91 -47.02
CA VAL D 423 7.85 2.09 -48.23
C VAL D 423 8.36 2.86 -49.43
N ASP D 424 8.19 4.19 -49.45
CA ASP D 424 8.67 5.01 -50.55
C ASP D 424 9.78 5.96 -50.17
N GLY D 425 9.95 6.28 -48.88
CA GLY D 425 10.90 7.27 -48.45
C GLY D 425 10.39 8.70 -48.51
N MET D 426 9.16 8.90 -48.99
CA MET D 426 8.60 10.25 -49.09
C MET D 426 8.16 10.74 -47.70
N PHE D 427 7.94 12.05 -47.62
CA PHE D 427 7.53 12.70 -46.39
C PHE D 427 6.20 13.40 -46.61
N TYR D 428 5.32 13.33 -45.61
CA TYR D 428 4.00 13.94 -45.66
C TYR D 428 3.84 14.92 -44.51
N SER D 429 3.18 16.04 -44.79
CA SER D 429 2.88 17.05 -43.78
C SER D 429 1.53 17.68 -44.13
N GLY D 430 1.08 18.58 -43.27
CA GLY D 430 -0.19 19.24 -43.51
C GLY D 430 -1.33 18.27 -43.44
N ASP D 431 -2.22 18.31 -44.44
CA ASP D 431 -3.33 17.39 -44.50
C ASP D 431 -2.93 16.01 -45.02
N ASP D 432 -1.75 15.89 -45.61
CA ASP D 432 -1.30 14.59 -46.10
C ASP D 432 -1.03 13.62 -44.96
N ALA D 433 -0.38 14.09 -43.89
CA ALA D 433 -0.14 13.27 -42.71
C ALA D 433 -1.41 13.03 -41.90
N LYS D 434 -2.42 13.90 -42.05
CA LYS D 434 -3.64 13.80 -41.27
C LYS D 434 -4.32 12.45 -41.41
N LYS D 435 -4.16 11.79 -42.56
CA LYS D 435 -4.79 10.50 -42.78
C LYS D 435 -4.29 9.44 -41.80
N TYR D 436 -3.06 9.58 -41.30
CA TYR D 436 -2.46 8.60 -40.42
C TYR D 436 -2.65 9.08 -38.98
N THR D 437 -3.58 8.45 -38.26
CA THR D 437 -3.85 8.82 -36.88
C THR D 437 -2.71 8.32 -35.99
N CYS D 438 -1.54 8.94 -36.12
CA CYS D 438 -0.37 8.52 -35.37
C CYS D 438 -0.34 9.29 -34.05
N THR D 439 -0.48 8.57 -32.95
CA THR D 439 -0.50 9.21 -31.63
C THR D 439 0.91 9.43 -31.11
N VAL D 440 1.72 8.37 -31.10
CA VAL D 440 3.11 8.52 -30.67
C VAL D 440 3.93 9.21 -31.76
N SER D 441 5.04 9.82 -31.34
CA SER D 441 5.93 10.50 -32.28
C SER D 441 7.34 10.46 -31.72
N THR D 442 8.31 10.66 -32.63
CA THR D 442 9.71 10.65 -32.20
C THR D 442 10.04 11.84 -31.32
N GLY D 443 9.26 12.91 -31.41
CA GLY D 443 9.44 14.08 -30.57
C GLY D 443 10.28 15.18 -31.18
N PHE D 444 11.08 14.87 -32.20
CA PHE D 444 11.92 15.85 -32.88
C PHE D 444 11.48 15.97 -34.33
N LYS D 445 11.82 17.11 -34.93
CA LYS D 445 11.38 17.40 -36.29
C LYS D 445 12.27 16.73 -37.33
N PHE D 446 11.77 16.68 -38.56
CA PHE D 446 12.43 15.99 -39.65
C PHE D 446 13.12 17.00 -40.57
N ASP D 447 14.38 16.73 -40.88
CA ASP D 447 15.17 17.56 -41.80
C ASP D 447 15.33 16.80 -43.11
N ASP D 448 14.63 17.27 -44.14
CA ASP D 448 14.77 16.66 -45.46
C ASP D 448 16.16 16.88 -46.06
N THR D 449 16.89 17.88 -45.57
CA THR D 449 18.23 18.14 -46.08
C THR D 449 19.25 17.14 -45.54
N LYS D 450 19.07 16.69 -44.29
CA LYS D 450 20.00 15.78 -43.66
C LYS D 450 19.68 14.31 -43.93
N PHE D 451 18.55 14.02 -44.57
CA PHE D 451 18.18 12.65 -44.92
C PHE D 451 18.74 12.29 -46.30
N VAL D 452 20.07 12.38 -46.40
CA VAL D 452 20.78 12.17 -47.66
C VAL D 452 21.90 11.17 -47.45
N GLU D 453 22.21 10.43 -48.52
CA GLU D 453 23.24 9.41 -48.46
C GLU D 453 24.65 9.99 -48.47
N ASP D 454 24.88 11.09 -49.19
CA ASP D 454 26.19 11.71 -49.29
C ASP D 454 26.30 12.80 -48.23
N SER D 455 27.28 12.65 -47.34
CA SER D 455 27.44 13.53 -46.19
C SER D 455 28.77 13.21 -45.52
N PRO D 456 29.44 14.17 -44.88
CA PRO D 456 30.63 13.81 -44.11
C PRO D 456 30.31 13.22 -42.75
N GLU D 457 29.05 13.26 -42.33
CA GLU D 457 28.63 12.47 -41.18
C GLU D 457 28.42 11.00 -41.56
N MET D 458 27.98 10.77 -42.80
CA MET D 458 27.64 9.41 -43.23
C MET D 458 28.87 8.52 -43.30
N GLU D 459 29.99 9.03 -43.85
CA GLU D 459 31.18 8.20 -43.93
C GLU D 459 31.73 7.86 -42.55
N GLU D 460 31.73 8.83 -41.63
CA GLU D 460 32.16 8.56 -40.27
C GLU D 460 31.25 7.53 -39.60
N LEU D 461 29.94 7.67 -39.77
CA LEU D 461 29.01 6.70 -39.18
C LEU D 461 29.22 5.30 -39.76
N MET D 462 29.44 5.22 -41.08
CA MET D 462 29.62 3.93 -41.72
C MET D 462 30.91 3.28 -41.27
N ASN D 463 31.98 4.08 -41.08
CA ASN D 463 33.21 3.54 -40.53
C ASN D 463 33.02 3.05 -39.09
N ILE D 464 32.24 3.79 -38.30
CA ILE D 464 31.94 3.36 -36.93
C ILE D 464 31.20 2.02 -36.95
N ILE D 465 30.23 1.89 -37.84
CA ILE D 465 29.46 0.66 -37.94
C ILE D 465 30.36 -0.50 -38.37
N ASN D 466 31.24 -0.27 -39.35
CA ASN D 466 32.16 -1.32 -39.77
C ASN D 466 33.12 -1.71 -38.66
N ASP D 467 33.54 -0.76 -37.83
CA ASP D 467 34.41 -1.09 -36.71
C ASP D 467 33.67 -1.92 -35.68
N ILE D 468 32.44 -1.52 -35.33
CA ILE D 468 31.68 -2.24 -34.31
C ILE D 468 31.37 -3.66 -34.78
N GLN D 469 30.87 -3.78 -36.01
CA GLN D 469 30.55 -5.09 -36.60
C GLN D 469 31.38 -5.28 -37.86
N PRO D 470 32.46 -6.05 -37.81
CA PRO D 470 33.31 -6.22 -38.99
C PRO D 470 32.55 -6.82 -40.16
N LEU D 471 32.89 -6.38 -41.37
CA LEU D 471 32.27 -6.89 -42.59
C LEU D 471 33.24 -7.87 -43.24
N THR D 472 33.19 -9.11 -42.76
CA THR D 472 34.05 -10.18 -43.23
C THR D 472 33.18 -11.38 -43.62
N ASP D 473 33.85 -12.48 -43.98
CA ASP D 473 33.12 -13.69 -44.36
C ASP D 473 32.53 -14.39 -43.15
N GLU D 474 33.31 -14.52 -42.07
CA GLU D 474 32.85 -15.23 -40.89
C GLU D 474 31.78 -14.47 -40.12
N ASN D 475 31.69 -13.16 -40.32
CA ASN D 475 30.74 -12.32 -39.61
C ASN D 475 29.54 -11.94 -40.46
N LYS D 476 29.33 -12.62 -41.60
CA LYS D 476 28.26 -12.22 -42.51
C LYS D 476 26.88 -12.42 -41.90
N LYS D 477 26.61 -13.61 -41.36
CA LYS D 477 25.30 -13.88 -40.79
C LYS D 477 25.05 -13.05 -39.54
N ASN D 478 26.09 -12.89 -38.70
CA ASN D 478 25.95 -12.06 -37.51
C ASN D 478 25.67 -10.61 -37.87
N ARG D 479 26.36 -10.09 -38.89
CA ARG D 479 26.12 -8.73 -39.34
C ARG D 479 24.73 -8.56 -39.91
N GLU D 480 24.26 -9.55 -40.67
CA GLU D 480 22.90 -9.49 -41.20
C GLU D 480 21.86 -9.48 -40.08
N LEU D 481 22.07 -10.31 -39.05
CA LEU D 481 21.17 -10.31 -37.91
C LEU D 481 21.21 -8.97 -37.18
N TYR D 482 22.40 -8.39 -37.04
CA TYR D 482 22.54 -7.08 -36.43
C TYR D 482 21.74 -6.03 -37.19
N GLU D 483 21.90 -5.99 -38.51
CA GLU D 483 21.16 -5.02 -39.33
C GLU D 483 19.65 -5.25 -39.24
N LYS D 484 19.23 -6.52 -39.27
CA LYS D 484 17.80 -6.83 -39.20
C LYS D 484 17.19 -6.36 -37.89
N THR D 485 17.87 -6.67 -36.77
CA THR D 485 17.36 -6.26 -35.48
C THR D 485 17.33 -4.75 -35.34
N LEU D 486 18.37 -4.07 -35.82
CA LEU D 486 18.39 -2.61 -35.75
C LEU D 486 17.28 -1.99 -36.58
N SER D 487 17.03 -2.53 -37.78
CA SER D 487 16.03 -1.94 -38.67
C SER D 487 14.62 -2.25 -38.22
N SER D 488 14.41 -3.36 -37.51
CA SER D 488 13.07 -3.72 -37.07
C SER D 488 12.53 -2.81 -35.98
N CYS D 489 13.28 -1.78 -35.59
CA CYS D 489 12.80 -0.78 -34.64
C CYS D 489 11.99 0.33 -35.32
N LEU D 490 11.84 0.27 -36.64
CA LEU D 490 11.05 1.26 -37.37
C LEU D 490 9.63 0.80 -37.64
N CYS D 491 9.38 -0.51 -37.74
CA CYS D 491 8.08 -1.03 -38.08
C CYS D 491 7.23 -1.19 -36.83
N GLY D 492 6.03 -0.64 -36.85
CA GLY D 492 5.14 -0.69 -35.70
C GLY D 492 4.22 -1.90 -35.69
N ALA D 493 4.80 -3.08 -35.46
CA ALA D 493 4.03 -4.31 -35.37
C ALA D 493 4.60 -5.14 -34.22
N THR D 494 4.01 -6.32 -34.01
CA THR D 494 4.43 -7.20 -32.93
C THR D 494 5.56 -8.10 -33.43
N LYS D 495 6.71 -8.02 -32.77
CA LYS D 495 7.87 -8.82 -33.11
C LYS D 495 7.90 -10.07 -32.23
N GLY D 496 8.30 -11.19 -32.83
CA GLY D 496 8.18 -12.49 -32.20
C GLY D 496 9.40 -13.04 -31.50
N CYS D 497 10.42 -12.23 -31.24
CA CYS D 497 11.62 -12.73 -30.59
C CYS D 497 12.22 -11.64 -29.71
N LEU D 498 13.04 -12.08 -28.76
CA LEU D 498 13.87 -11.22 -27.95
C LEU D 498 15.32 -11.43 -28.34
N THR D 499 16.06 -10.33 -28.51
CA THR D 499 17.43 -10.38 -29.01
C THR D 499 18.40 -9.99 -27.91
N PHE D 500 19.49 -10.74 -27.79
CA PHE D 500 20.56 -10.47 -26.83
C PHE D 500 21.73 -9.85 -27.56
N PHE D 501 22.23 -8.73 -27.03
CA PHE D 501 23.46 -8.10 -27.54
C PHE D 501 24.59 -8.57 -26.63
N PHE D 502 25.20 -9.70 -27.01
CA PHE D 502 26.10 -10.44 -26.13
C PHE D 502 27.54 -10.17 -26.55
N GLY D 503 28.31 -9.58 -25.63
CA GLY D 503 29.71 -9.32 -25.89
C GLY D 503 30.37 -8.81 -24.62
N GLU D 504 31.70 -8.91 -24.61
CA GLU D 504 32.47 -8.52 -23.44
C GLU D 504 32.47 -6.99 -23.30
N THR D 505 33.14 -6.51 -22.25
CA THR D 505 33.12 -5.09 -21.92
C THR D 505 33.82 -4.27 -22.99
N ALA D 506 33.29 -3.07 -23.25
CA ALA D 506 33.86 -2.12 -24.20
C ALA D 506 33.97 -2.72 -25.60
N THR D 507 32.80 -3.06 -26.16
CA THR D 507 32.72 -3.67 -27.47
C THR D 507 31.87 -2.90 -28.47
N GLY D 508 30.95 -2.05 -28.00
CA GLY D 508 30.15 -1.25 -28.91
C GLY D 508 28.66 -1.38 -28.68
N LYS D 509 28.26 -2.19 -27.70
CA LYS D 509 26.84 -2.37 -27.41
C LYS D 509 26.19 -1.06 -26.94
N SER D 510 26.83 -0.37 -26.00
CA SER D 510 26.31 0.91 -25.54
C SER D 510 26.35 1.95 -26.65
N THR D 511 27.38 1.91 -27.50
CA THR D 511 27.45 2.83 -28.63
C THR D 511 26.27 2.63 -29.57
N THR D 512 25.96 1.37 -29.88
CA THR D 512 24.82 1.09 -30.76
C THR D 512 23.50 1.48 -30.11
N LYS D 513 23.36 1.24 -28.80
CA LYS D 513 22.14 1.64 -28.10
C LYS D 513 21.95 3.14 -28.16
N ARG D 514 23.01 3.91 -27.92
CA ARG D 514 22.90 5.36 -27.96
C ARG D 514 22.63 5.85 -29.37
N LEU D 515 23.23 5.20 -30.37
CA LEU D 515 22.95 5.57 -31.76
C LEU D 515 21.49 5.35 -32.11
N LEU D 516 20.93 4.20 -31.69
CA LEU D 516 19.52 3.91 -31.97
C LEU D 516 18.61 4.89 -31.25
N LYS D 517 18.93 5.23 -30.00
CA LYS D 517 18.14 6.23 -29.27
C LYS D 517 18.17 7.57 -29.99
N SER D 518 19.35 7.98 -30.46
CA SER D 518 19.46 9.21 -31.22
C SER D 518 18.62 9.16 -32.49
N ALA D 519 18.63 8.01 -33.17
CA ALA D 519 17.93 7.90 -34.44
C ALA D 519 16.42 7.96 -34.27
N ILE D 520 15.87 7.17 -33.34
CA ILE D 520 14.42 7.01 -33.27
C ILE D 520 13.77 7.82 -32.15
N GLY D 521 14.56 8.60 -31.42
CA GLY D 521 13.98 9.58 -30.51
C GLY D 521 13.14 8.96 -29.40
N ASP D 522 11.90 9.44 -29.27
CA ASP D 522 11.02 9.11 -28.16
C ASP D 522 10.46 7.70 -28.25
N LEU D 523 10.33 7.13 -29.45
CA LEU D 523 9.82 5.78 -29.61
C LEU D 523 10.69 4.74 -28.90
N PHE D 524 11.80 5.15 -28.31
CA PHE D 524 12.73 4.27 -27.60
C PHE D 524 12.51 4.41 -26.10
N VAL D 525 12.55 3.28 -25.39
CA VAL D 525 12.41 3.29 -23.94
C VAL D 525 13.38 2.28 -23.34
N GLU D 526 13.67 2.46 -22.05
CA GLU D 526 14.68 1.67 -21.36
C GLU D 526 14.13 1.13 -20.04
N THR D 527 14.63 -0.05 -19.67
CA THR D 527 14.22 -0.72 -18.44
C THR D 527 15.39 -1.58 -17.96
N GLY D 528 15.29 -2.05 -16.72
CA GLY D 528 16.27 -2.96 -16.15
C GLY D 528 15.87 -4.41 -16.31
N GLN D 529 16.27 -5.24 -15.35
CA GLN D 529 15.90 -6.65 -15.33
C GLN D 529 14.62 -6.93 -14.56
N THR D 530 13.94 -5.88 -14.09
CA THR D 530 12.73 -6.05 -13.31
C THR D 530 11.60 -6.68 -14.13
N ILE D 531 11.59 -6.47 -15.45
CA ILE D 531 10.59 -7.10 -16.30
C ILE D 531 10.97 -8.52 -16.68
N LEU D 532 12.25 -8.88 -16.56
CA LEU D 532 12.70 -10.23 -16.89
C LEU D 532 12.70 -11.17 -15.69
N THR D 533 12.78 -10.64 -14.46
CA THR D 533 12.92 -11.49 -13.28
C THR D 533 11.76 -11.39 -12.29
N ASP D 534 10.73 -10.60 -12.58
CA ASP D 534 9.61 -10.42 -11.67
C ASP D 534 8.30 -10.75 -12.37
N VAL D 535 7.33 -11.27 -11.60
CA VAL D 535 6.04 -11.62 -12.16
C VAL D 535 5.35 -10.37 -12.69
N LEU D 536 4.58 -10.55 -13.77
CA LEU D 536 4.00 -9.41 -14.48
C LEU D 536 2.58 -9.10 -14.04
N ASP D 537 1.77 -10.13 -13.76
CA ASP D 537 0.38 -9.90 -13.40
C ASP D 537 0.25 -9.12 -12.10
N LYS D 538 0.66 -9.73 -10.98
CA LYS D 538 0.78 -9.11 -9.67
C LYS D 538 -0.25 -8.02 -9.41
N GLY D 539 0.22 -6.83 -9.05
CA GLY D 539 -0.63 -5.66 -8.92
C GLY D 539 -0.28 -4.63 -9.98
N PRO D 540 0.14 -3.44 -9.55
CA PRO D 540 0.56 -2.42 -10.52
C PRO D 540 1.91 -2.76 -11.13
N ASN D 541 2.00 -2.58 -12.45
CA ASN D 541 3.24 -2.80 -13.20
C ASN D 541 3.45 -1.60 -14.12
N PRO D 542 4.10 -0.55 -13.63
CA PRO D 542 4.24 0.67 -14.44
C PRO D 542 5.01 0.46 -15.73
N PHE D 543 5.99 -0.46 -15.76
CA PHE D 543 6.80 -0.66 -16.96
C PHE D 543 5.96 -1.17 -18.12
N ILE D 544 5.04 -2.11 -17.85
CA ILE D 544 4.20 -2.66 -18.90
C ILE D 544 3.34 -1.58 -19.54
N ALA D 545 2.75 -0.71 -18.71
CA ALA D 545 1.98 0.40 -19.26
C ALA D 545 2.86 1.41 -19.97
N ASN D 546 4.12 1.53 -19.53
CA ASN D 546 5.03 2.47 -20.18
C ASN D 546 5.43 1.98 -21.57
N MET D 547 5.47 0.67 -21.77
CA MET D 547 5.89 0.09 -23.04
C MET D 547 4.75 -0.01 -24.06
N HIS D 548 3.69 0.77 -23.88
CA HIS D 548 2.55 0.76 -24.79
C HIS D 548 2.89 1.55 -26.05
N LEU D 549 2.77 0.90 -27.21
CA LEU D 549 3.06 1.51 -28.51
C LEU D 549 4.48 2.07 -28.57
N LYS D 550 5.44 1.32 -28.03
CA LYS D 550 6.85 1.68 -28.08
C LYS D 550 7.53 0.81 -29.12
N ARG D 551 8.36 1.45 -29.97
CA ARG D 551 9.04 0.71 -31.02
C ARG D 551 10.22 -0.10 -30.50
N SER D 552 10.93 0.41 -29.49
CA SER D 552 12.12 -0.27 -28.99
C SER D 552 12.15 -0.21 -27.47
N VAL D 553 12.47 -1.36 -26.86
CA VAL D 553 12.63 -1.49 -25.42
C VAL D 553 14.00 -2.09 -25.16
N PHE D 554 14.83 -1.37 -24.41
CA PHE D 554 16.20 -1.78 -24.13
C PHE D 554 16.37 -2.13 -22.66
N CYS D 555 16.82 -3.35 -22.40
CA CYS D 555 17.26 -3.76 -21.07
C CYS D 555 18.79 -3.77 -21.07
N SER D 556 19.38 -3.20 -20.02
CA SER D 556 20.83 -2.99 -19.98
C SER D 556 21.39 -3.43 -18.64
N GLU D 557 22.68 -3.78 -18.64
CA GLU D 557 23.43 -4.17 -17.46
C GLU D 557 22.74 -5.36 -16.76
N LEU D 558 22.76 -6.48 -17.47
CA LEU D 558 22.10 -7.68 -16.98
C LEU D 558 22.76 -8.15 -15.68
N PRO D 559 21.96 -8.61 -14.71
CA PRO D 559 22.51 -8.99 -13.40
C PRO D 559 23.24 -10.33 -13.42
N ASP D 560 24.55 -10.27 -13.70
CA ASP D 560 25.40 -11.46 -13.84
C ASP D 560 25.01 -12.57 -12.89
N PHE D 561 24.81 -13.76 -13.45
CA PHE D 561 24.37 -14.93 -12.70
C PHE D 561 25.53 -15.85 -12.31
N ALA D 562 26.77 -15.47 -12.62
CA ALA D 562 27.91 -16.24 -12.18
C ALA D 562 28.11 -16.18 -10.68
N CYS D 563 27.46 -15.24 -10.00
CA CYS D 563 27.46 -15.16 -8.55
C CYS D 563 26.12 -15.67 -8.02
N SER D 564 26.19 -16.55 -7.02
CA SER D 564 24.99 -17.21 -6.52
C SER D 564 24.04 -16.21 -5.87
N GLY D 565 22.74 -16.50 -5.95
CA GLY D 565 21.71 -15.68 -5.37
C GLY D 565 20.97 -14.79 -6.36
N SER D 566 21.53 -14.58 -7.55
CA SER D 566 20.87 -13.75 -8.55
C SER D 566 19.64 -14.45 -9.10
N LYS D 567 18.59 -13.66 -9.37
CA LYS D 567 17.36 -14.22 -9.92
C LYS D 567 17.58 -14.69 -11.36
N LYS D 568 16.90 -15.77 -11.72
CA LYS D 568 17.00 -16.31 -13.06
C LYS D 568 15.89 -15.76 -13.94
N ILE D 569 16.16 -15.72 -15.25
CA ILE D 569 15.20 -15.17 -16.21
C ILE D 569 13.99 -16.07 -16.29
N ARG D 570 12.79 -15.48 -16.26
CA ARG D 570 11.55 -16.23 -16.24
C ARG D 570 11.08 -16.52 -17.66
N SER D 571 11.01 -17.82 -17.99
CA SER D 571 10.50 -18.22 -19.30
C SER D 571 9.06 -17.78 -19.51
N ASP D 572 8.27 -17.75 -18.44
CA ASP D 572 6.91 -17.22 -18.55
C ASP D 572 6.92 -15.77 -18.97
N ASN D 573 7.81 -14.96 -18.40
CA ASN D 573 7.93 -13.57 -18.81
C ASN D 573 8.40 -13.45 -20.25
N ILE D 574 9.33 -14.32 -20.66
CA ILE D 574 9.79 -14.31 -22.06
C ILE D 574 8.63 -14.59 -23.00
N LYS D 575 7.82 -15.59 -22.68
CA LYS D 575 6.69 -15.94 -23.55
C LYS D 575 5.60 -14.89 -23.51
N LYS D 576 5.43 -14.19 -22.39
CA LYS D 576 4.39 -13.18 -22.28
C LYS D 576 4.79 -11.89 -23.01
N LEU D 577 6.08 -11.55 -23.00
CA LEU D 577 6.53 -10.33 -23.65
C LEU D 577 6.48 -10.41 -25.17
N THR D 578 6.23 -11.60 -25.73
CA THR D 578 6.20 -11.78 -27.19
C THR D 578 4.80 -11.62 -27.77
N GLU D 579 3.77 -11.96 -27.01
CA GLU D 579 2.40 -11.94 -27.53
C GLU D 579 1.98 -10.51 -27.88
N PRO D 580 1.09 -10.35 -28.86
CA PRO D 580 0.69 -9.00 -29.29
C PRO D 580 0.00 -8.19 -28.22
N CYS D 581 -0.56 -8.81 -27.19
CA CYS D 581 -1.20 -8.10 -26.09
C CYS D 581 -0.56 -8.52 -24.77
N VAL D 582 -0.17 -7.52 -23.97
CA VAL D 582 0.49 -7.75 -22.70
C VAL D 582 -0.46 -7.33 -21.59
N ILE D 583 -0.60 -8.18 -20.57
CA ILE D 583 -1.55 -7.97 -19.48
C ILE D 583 -0.79 -7.33 -18.32
N GLY D 584 -1.27 -6.17 -17.88
CA GLY D 584 -0.63 -5.43 -16.81
C GLY D 584 -1.20 -4.03 -16.70
N ARG D 585 -1.29 -3.49 -15.49
CA ARG D 585 -1.97 -2.23 -15.27
C ARG D 585 -1.06 -1.24 -14.57
N PRO D 586 -1.27 0.06 -14.78
CA PRO D 586 -0.49 1.06 -14.04
C PRO D 586 -0.98 1.24 -12.62
N CYS D 587 -0.41 2.20 -11.91
CA CYS D 587 -0.87 2.52 -10.57
C CYS D 587 -2.18 3.29 -10.62
N PHE D 588 -3.11 2.91 -9.76
CA PHE D 588 -4.43 3.58 -9.64
C PHE D 588 -5.20 3.53 -10.95
N SER D 589 -5.14 2.40 -11.65
CA SER D 589 -5.81 2.26 -12.94
C SER D 589 -6.44 0.89 -13.05
N ASN D 590 -7.45 0.80 -13.92
CA ASN D 590 -8.19 -0.43 -14.15
C ASN D 590 -7.99 -0.99 -15.56
N LYS D 591 -7.08 -0.42 -16.35
CA LYS D 591 -6.80 -0.89 -17.69
C LYS D 591 -5.69 -1.94 -17.64
N ILE D 592 -5.99 -3.13 -18.13
CA ILE D 592 -5.10 -4.27 -17.99
C ILE D 592 -4.66 -4.83 -19.35
N ASN D 593 -4.73 -4.03 -20.41
CA ASN D 593 -4.35 -4.47 -21.75
C ASN D 593 -3.41 -3.45 -22.36
N ASN D 594 -2.29 -3.92 -22.93
CA ASN D 594 -1.34 -3.05 -23.60
C ASN D 594 -0.93 -3.67 -24.93
N ARG D 595 -0.70 -2.82 -25.92
CA ARG D 595 -0.37 -3.26 -27.27
C ARG D 595 1.14 -3.36 -27.43
N ASN D 596 1.61 -4.52 -27.85
CA ASN D 596 3.03 -4.79 -28.02
C ASN D 596 3.48 -4.42 -29.43
N HIS D 597 4.36 -3.43 -29.54
CA HIS D 597 4.95 -3.03 -30.81
C HIS D 597 6.47 -3.06 -30.77
N ALA D 598 7.07 -3.59 -29.71
CA ALA D 598 8.44 -3.28 -29.35
C ALA D 598 9.41 -4.37 -29.78
N THR D 599 10.60 -3.94 -30.18
CA THR D 599 11.77 -4.81 -30.28
C THR D 599 12.48 -4.76 -28.93
N ILE D 600 12.54 -5.89 -28.23
CA ILE D 600 13.13 -5.97 -26.91
C ILE D 600 14.55 -6.47 -27.05
N ILE D 601 15.52 -5.63 -26.70
CA ILE D 601 16.94 -5.94 -26.85
C ILE D 601 17.59 -5.92 -25.47
N ILE D 602 18.30 -6.98 -25.14
CA ILE D 602 18.97 -7.14 -23.85
C ILE D 602 20.47 -7.06 -24.09
N ASP D 603 21.14 -6.12 -23.41
CA ASP D 603 22.58 -5.98 -23.49
C ASP D 603 23.22 -6.61 -22.27
N THR D 604 24.15 -7.54 -22.50
CA THR D 604 24.75 -8.30 -21.41
C THR D 604 26.19 -8.65 -21.76
N ASN D 605 27.00 -8.86 -20.71
CA ASN D 605 28.37 -9.31 -20.86
C ASN D 605 28.55 -10.77 -20.46
N TYR D 606 27.52 -11.40 -19.91
CA TYR D 606 27.60 -12.75 -19.38
C TYR D 606 26.50 -13.60 -20.00
N LYS D 607 26.72 -14.92 -20.04
CA LYS D 607 25.72 -15.81 -20.58
C LYS D 607 24.46 -15.78 -19.71
N PRO D 608 23.28 -15.88 -20.30
CA PRO D 608 22.05 -15.85 -19.52
C PRO D 608 21.60 -17.22 -19.06
N VAL D 609 21.00 -17.25 -17.87
CA VAL D 609 20.49 -18.47 -17.26
C VAL D 609 18.98 -18.34 -17.11
N PHE D 610 18.26 -19.36 -17.59
CA PHE D 610 16.81 -19.35 -17.62
C PHE D 610 16.26 -20.30 -16.56
N ASP D 611 15.08 -19.96 -16.03
CA ASP D 611 14.46 -20.77 -15.00
C ASP D 611 14.12 -22.16 -15.53
N ARG D 612 13.55 -22.25 -16.73
CA ARG D 612 13.23 -23.53 -17.34
C ARG D 612 13.50 -23.45 -18.83
N ILE D 613 13.96 -24.56 -19.41
CA ILE D 613 14.31 -24.65 -20.82
C ILE D 613 13.41 -25.66 -21.48
N ASP D 614 12.78 -25.26 -22.59
CA ASP D 614 11.89 -26.14 -23.34
C ASP D 614 11.93 -25.72 -24.81
N ASN D 615 11.07 -26.33 -25.62
CA ASN D 615 11.00 -25.98 -27.03
C ASN D 615 10.19 -24.72 -27.28
N ALA D 616 9.38 -24.28 -26.33
CA ALA D 616 8.66 -23.02 -26.48
C ALA D 616 9.57 -21.81 -26.26
N LEU D 617 10.55 -21.94 -25.36
CA LEU D 617 11.51 -20.86 -25.15
C LEU D 617 12.56 -20.80 -26.27
N MET D 618 12.97 -21.95 -26.79
CA MET D 618 14.06 -21.99 -27.76
C MET D 618 13.70 -21.30 -29.06
N ARG D 619 12.41 -21.05 -29.31
CA ARG D 619 11.96 -20.41 -30.54
C ARG D 619 11.69 -18.92 -30.36
N ARG D 620 12.12 -18.33 -29.24
CA ARG D 620 11.87 -16.92 -28.96
C ARG D 620 13.15 -16.17 -28.56
N ILE D 621 14.33 -16.73 -28.85
CA ILE D 621 15.59 -16.14 -28.40
C ILE D 621 16.54 -16.03 -29.58
N ALA D 622 17.14 -14.86 -29.75
CA ALA D 622 18.16 -14.61 -30.77
C ALA D 622 19.34 -13.90 -30.14
N VAL D 623 20.52 -14.09 -30.73
CA VAL D 623 21.77 -13.58 -30.18
C VAL D 623 22.56 -12.88 -31.27
N VAL D 624 23.11 -11.70 -30.94
CA VAL D 624 24.06 -10.99 -31.79
C VAL D 624 25.36 -10.85 -31.02
N ARG D 625 26.45 -11.31 -31.62
CA ARG D 625 27.74 -11.38 -30.95
C ARG D 625 28.60 -10.16 -31.31
N PHE D 626 29.14 -9.50 -30.28
CA PHE D 626 30.01 -8.35 -30.46
C PHE D 626 31.43 -8.77 -30.08
N ARG D 627 32.34 -8.76 -31.05
CA ARG D 627 33.68 -9.31 -30.84
C ARG D 627 34.76 -8.41 -31.41
N THR D 628 34.69 -7.11 -31.11
CA THR D 628 35.72 -6.16 -31.52
C THR D 628 35.97 -5.20 -30.37
N HIS D 629 37.21 -5.16 -29.90
CA HIS D 629 37.56 -4.42 -28.70
C HIS D 629 38.04 -3.02 -29.04
N PHE D 630 37.74 -2.07 -28.16
CA PHE D 630 38.19 -0.68 -28.26
C PHE D 630 38.97 -0.36 -26.99
N SER D 631 40.30 -0.37 -27.07
CA SER D 631 41.14 -0.18 -25.90
C SER D 631 42.26 0.80 -26.20
N GLN D 632 42.74 1.45 -25.15
CA GLN D 632 43.84 2.38 -25.25
C GLN D 632 45.16 1.62 -25.48
N PRO D 633 46.20 2.31 -25.94
CA PRO D 633 47.49 1.62 -26.18
C PRO D 633 48.08 0.98 -24.93
N SER D 634 47.66 1.41 -23.73
CA SER D 634 48.21 0.82 -22.51
C SER D 634 47.88 -0.66 -22.40
N GLY D 635 46.63 -1.03 -22.69
CA GLY D 635 46.20 -2.41 -22.54
C GLY D 635 46.02 -3.17 -23.85
N ARG D 636 46.57 -2.63 -24.94
CA ARG D 636 46.41 -3.27 -26.24
C ARG D 636 47.06 -4.64 -26.27
N GLU D 637 48.25 -4.77 -25.67
CA GLU D 637 48.95 -6.05 -25.67
C GLU D 637 48.16 -7.10 -24.92
N ALA D 638 47.59 -6.75 -23.76
CA ALA D 638 46.77 -7.70 -23.01
C ALA D 638 45.49 -8.03 -23.76
N ALA D 639 44.88 -7.04 -24.40
CA ALA D 639 43.64 -7.27 -25.14
C ALA D 639 43.86 -8.19 -26.33
N GLU D 640 45.02 -8.08 -26.98
CA GLU D 640 45.30 -8.93 -28.13
C GLU D 640 45.48 -10.39 -27.74
N ASN D 641 45.70 -10.69 -26.46
CA ASN D 641 45.85 -12.06 -25.98
C ASN D 641 44.57 -12.58 -25.32
N ASN D 642 43.42 -12.04 -25.71
CA ASN D 642 42.13 -12.44 -25.18
C ASN D 642 41.37 -13.21 -26.25
N ASP D 643 40.87 -14.40 -25.89
CA ASP D 643 40.18 -15.25 -26.86
C ASP D 643 38.82 -14.72 -27.24
N ALA D 644 38.26 -13.77 -26.47
CA ALA D 644 36.94 -13.22 -26.76
C ALA D 644 36.98 -12.03 -27.70
N TYR D 645 38.17 -11.54 -28.04
CA TYR D 645 38.33 -10.36 -28.89
C TYR D 645 39.00 -10.78 -30.20
N ASP D 646 38.34 -10.49 -31.32
CA ASP D 646 38.88 -10.81 -32.63
C ASP D 646 39.45 -9.59 -33.36
N LYS D 647 39.35 -8.41 -32.76
CA LYS D 647 39.90 -7.20 -33.36
C LYS D 647 40.01 -6.14 -32.27
N VAL D 648 41.14 -5.43 -32.24
CA VAL D 648 41.40 -4.40 -31.25
C VAL D 648 41.70 -3.10 -31.97
N LYS D 649 41.04 -2.02 -31.55
CA LYS D 649 41.18 -0.71 -32.16
C LYS D 649 41.50 0.31 -31.08
N LEU D 650 41.67 1.57 -31.50
CA LEU D 650 41.99 2.66 -30.58
C LEU D 650 40.72 3.43 -30.22
N LEU D 651 40.54 3.65 -28.92
CA LEU D 651 39.34 4.33 -28.43
C LEU D 651 39.33 5.79 -28.86
N ASP D 652 38.13 6.32 -29.08
CA ASP D 652 37.91 7.72 -29.42
C ASP D 652 37.03 8.32 -28.33
N GLU D 653 37.59 9.25 -27.55
CA GLU D 653 36.89 9.76 -26.38
C GLU D 653 35.74 10.69 -26.76
N GLY D 654 35.92 11.49 -27.80
CA GLY D 654 34.89 12.46 -28.16
C GLY D 654 33.71 11.87 -28.92
N LEU D 655 33.78 10.58 -29.26
CA LEU D 655 32.70 9.94 -30.01
C LEU D 655 31.41 9.94 -29.22
N ASP D 656 31.48 9.67 -27.91
CA ASP D 656 30.29 9.64 -27.09
C ASP D 656 29.60 11.00 -27.07
N GLY D 657 30.38 12.07 -26.85
CA GLY D 657 29.81 13.40 -26.86
C GLY D 657 29.24 13.78 -28.21
N LYS D 658 29.93 13.40 -29.29
CA LYS D 658 29.42 13.67 -30.63
C LYS D 658 28.08 12.95 -30.85
N ILE D 659 27.95 11.73 -30.34
CA ILE D 659 26.69 11.01 -30.44
C ILE D 659 25.60 11.73 -29.65
N GLN D 660 25.91 12.17 -28.43
CA GLN D 660 24.94 12.96 -27.68
C GLN D 660 24.58 14.27 -28.37
N ASN D 661 25.45 14.79 -29.23
CA ASN D 661 25.17 16.03 -29.95
C ASN D 661 24.30 15.81 -31.19
N ASN D 662 23.80 14.59 -31.41
CA ASN D 662 22.92 14.27 -32.53
C ASN D 662 23.60 14.52 -33.88
N ARG D 663 24.92 14.37 -33.93
CA ARG D 663 25.63 14.48 -35.20
C ARG D 663 25.27 13.34 -36.14
N TYR D 664 25.13 12.13 -35.60
CA TYR D 664 24.86 10.92 -36.38
C TYR D 664 23.39 10.49 -36.30
N ARG D 665 22.46 11.44 -36.26
CA ARG D 665 21.06 11.09 -36.12
C ARG D 665 20.44 10.73 -37.48
N PHE D 666 20.45 11.67 -38.43
CA PHE D 666 19.77 11.43 -39.69
C PHE D 666 20.54 10.45 -40.58
N ALA D 667 21.87 10.40 -40.45
CA ALA D 667 22.63 9.40 -41.18
C ALA D 667 22.24 7.99 -40.74
N PHE D 668 22.15 7.77 -39.43
CA PHE D 668 21.70 6.48 -38.93
C PHE D 668 20.25 6.21 -39.29
N LEU D 669 19.41 7.24 -39.32
CA LEU D 669 18.02 7.04 -39.75
C LEU D 669 17.95 6.58 -41.20
N TYR D 670 18.74 7.20 -42.07
CA TYR D 670 18.78 6.78 -43.47
C TYR D 670 19.28 5.35 -43.59
N LEU D 671 20.33 5.01 -42.84
CA LEU D 671 20.85 3.64 -42.88
C LEU D 671 19.80 2.64 -42.40
N LEU D 672 19.06 3.00 -41.34
CA LEU D 672 18.00 2.13 -40.83
C LEU D 672 16.90 1.92 -41.86
N VAL D 673 16.50 2.99 -42.55
CA VAL D 673 15.46 2.86 -43.56
C VAL D 673 15.94 1.99 -44.72
N LYS D 674 17.21 2.14 -45.11
CA LYS D 674 17.76 1.30 -46.17
C LYS D 674 17.76 -0.17 -45.76
N TRP D 675 18.16 -0.47 -44.52
CA TRP D 675 18.11 -1.84 -44.05
C TRP D 675 16.68 -2.35 -43.95
N TYR D 676 15.74 -1.48 -43.59
CA TYR D 676 14.33 -1.84 -43.55
C TYR D 676 13.85 -2.31 -44.92
N LYS D 677 14.16 -1.51 -45.95
CA LYS D 677 13.79 -1.90 -47.30
C LYS D 677 14.51 -3.18 -47.73
N LYS D 678 15.76 -3.35 -47.30
CA LYS D 678 16.54 -4.53 -47.70
C LYS D 678 15.96 -5.81 -47.09
N TYR D 679 15.55 -5.76 -45.83
CA TYR D 679 15.10 -6.95 -45.11
C TYR D 679 13.59 -7.09 -45.05
N HIS D 680 12.84 -6.19 -45.69
CA HIS D 680 11.38 -6.25 -45.65
C HIS D 680 10.81 -6.84 -46.93
N ILE D 681 11.45 -7.89 -47.45
CA ILE D 681 10.84 -8.77 -48.44
C ILE D 681 9.50 -9.20 -47.85
N PRO D 682 8.49 -9.59 -48.66
CA PRO D 682 7.08 -9.33 -48.31
C PRO D 682 6.75 -9.30 -46.83
N ILE D 683 7.26 -10.27 -46.06
CA ILE D 683 7.08 -10.31 -44.62
C ILE D 683 8.45 -10.27 -43.97
N MET D 684 8.65 -9.35 -43.03
CA MET D 684 9.84 -9.32 -42.19
C MET D 684 9.56 -10.07 -40.90
N LYS D 685 10.35 -11.09 -40.61
CA LYS D 685 10.12 -11.94 -39.45
C LYS D 685 11.45 -12.26 -38.78
N LEU D 686 11.47 -12.13 -37.45
CA LEU D 686 12.66 -12.44 -36.67
C LEU D 686 12.72 -13.93 -36.36
N TYR D 687 13.92 -14.50 -36.44
CA TYR D 687 14.10 -15.93 -36.26
C TYR D 687 15.06 -16.22 -35.11
N PRO D 688 14.90 -17.34 -34.44
CA PRO D 688 15.75 -17.65 -33.29
C PRO D 688 17.12 -18.18 -33.71
N THR D 689 18.04 -18.17 -32.75
CA THR D 689 19.40 -18.70 -32.93
C THR D 689 19.70 -19.63 -31.76
N PRO D 690 19.01 -20.78 -31.69
CA PRO D 690 19.16 -21.65 -30.51
C PRO D 690 20.56 -22.21 -30.33
N GLU D 691 21.38 -22.22 -31.38
CA GLU D 691 22.74 -22.72 -31.29
C GLU D 691 23.70 -21.72 -30.66
N GLU D 692 23.24 -20.50 -30.37
CA GLU D 692 24.12 -19.47 -29.83
C GLU D 692 24.13 -19.40 -28.31
N ILE D 693 23.30 -20.18 -27.63
CA ILE D 693 23.20 -20.15 -26.18
C ILE D 693 23.77 -21.46 -25.64
N PRO D 694 24.74 -21.42 -24.71
CA PRO D 694 25.29 -22.68 -24.18
C PRO D 694 24.27 -23.57 -23.49
N ASP D 695 23.27 -22.98 -22.85
CA ASP D 695 22.29 -23.77 -22.10
C ASP D 695 21.46 -24.65 -23.01
N PHE D 696 21.20 -24.20 -24.23
CA PHE D 696 20.31 -24.93 -25.13
C PHE D 696 21.00 -26.12 -25.81
N ALA D 697 22.31 -26.29 -25.59
CA ALA D 697 23.05 -27.33 -26.29
C ALA D 697 22.58 -28.73 -25.91
N PHE D 698 22.29 -28.94 -24.63
CA PHE D 698 21.84 -30.26 -24.18
C PHE D 698 20.53 -30.63 -24.84
N TYR D 699 19.58 -29.69 -24.87
CA TYR D 699 18.30 -29.95 -25.53
C TYR D 699 18.48 -30.16 -27.03
N LEU D 700 19.37 -29.38 -27.64
CA LEU D 700 19.64 -29.53 -29.07
C LEU D 700 20.17 -30.91 -29.40
N LYS D 701 21.08 -31.45 -28.58
CA LYS D 701 21.60 -32.79 -28.80
C LYS D 701 20.60 -33.88 -28.45
N ILE D 702 19.79 -33.67 -27.41
CA ILE D 702 18.78 -34.66 -27.05
C ILE D 702 17.74 -34.79 -28.16
N GLY D 703 17.35 -33.67 -28.76
CA GLY D 703 16.37 -33.71 -29.83
C GLY D 703 16.81 -34.49 -31.05
N THR D 704 18.11 -34.73 -31.21
CA THR D 704 18.63 -35.47 -32.35
C THR D 704 19.22 -36.82 -31.96
N LEU D 705 19.36 -37.10 -30.67
CA LEU D 705 19.91 -38.38 -30.22
C LEU D 705 18.87 -39.36 -29.69
N LEU D 706 17.58 -39.06 -29.81
CA LEU D 706 16.54 -39.95 -29.32
C LEU D 706 15.37 -39.99 -30.31
N VAL D 707 14.68 -41.13 -30.32
CA VAL D 707 13.49 -41.32 -31.15
C VAL D 707 12.42 -41.99 -30.31
N SER D 708 11.21 -41.44 -30.33
CA SER D 708 10.11 -42.04 -29.59
C SER D 708 9.70 -43.36 -30.23
N SER D 709 9.41 -44.35 -29.37
CA SER D 709 8.98 -45.66 -29.86
C SER D 709 7.61 -45.56 -30.52
N SER D 710 7.41 -46.35 -31.57
CA SER D 710 6.17 -46.34 -32.32
C SER D 710 6.00 -47.70 -33.01
N VAL D 711 5.00 -47.78 -33.90
CA VAL D 711 4.74 -49.02 -34.61
C VAL D 711 5.82 -49.30 -35.64
N LYS D 712 6.55 -48.27 -36.08
CA LYS D 712 7.62 -48.48 -37.06
C LYS D 712 8.71 -49.36 -36.49
N HIS D 713 9.08 -49.16 -35.22
CA HIS D 713 10.05 -49.99 -34.55
C HIS D 713 9.44 -51.20 -33.87
N ILE D 714 8.11 -51.34 -33.92
CA ILE D 714 7.45 -52.49 -33.29
C ILE D 714 7.91 -53.81 -33.90
N PRO D 715 8.00 -53.95 -35.22
CA PRO D 715 8.51 -55.21 -35.79
C PRO D 715 10.03 -55.26 -35.82
N LEU D 716 10.66 -54.84 -34.72
CA LEU D 716 12.12 -54.88 -34.59
C LEU D 716 12.55 -55.31 -33.20
N MET D 717 11.70 -56.05 -32.48
CA MET D 717 12.02 -56.43 -31.11
C MET D 717 13.23 -57.34 -31.04
N THR D 718 13.34 -58.28 -31.98
CA THR D 718 14.48 -59.19 -31.99
C THR D 718 15.79 -58.44 -32.20
N ASP D 719 15.80 -57.47 -33.12
CA ASP D 719 17.00 -56.68 -33.35
C ASP D 719 17.31 -55.78 -32.15
N LEU D 720 16.28 -55.21 -31.53
CA LEU D 720 16.48 -54.29 -30.41
C LEU D 720 16.84 -55.00 -29.12
N SER D 721 16.58 -56.31 -29.01
CA SER D 721 16.87 -57.03 -27.78
C SER D 721 18.36 -57.12 -27.48
N LYS D 722 19.21 -57.04 -28.52
CA LYS D 722 20.65 -57.12 -28.29
C LYS D 722 21.14 -55.93 -27.47
N LYS D 723 20.63 -54.73 -27.76
CA LYS D 723 21.08 -53.54 -27.05
C LYS D 723 20.60 -53.53 -25.60
N GLY D 724 19.42 -54.08 -25.33
CA GLY D 724 18.87 -54.07 -23.99
C GLY D 724 17.46 -53.50 -23.92
N TYR D 725 16.77 -53.48 -25.06
CA TYR D 725 15.41 -52.97 -25.10
C TYR D 725 14.46 -53.93 -24.38
N ILE D 726 13.32 -53.38 -23.96
CA ILE D 726 12.29 -54.14 -23.26
C ILE D 726 10.96 -53.92 -23.96
N LEU D 727 10.14 -54.97 -23.99
CA LEU D 727 8.82 -54.92 -24.61
C LEU D 727 7.75 -54.99 -23.53
N TYR D 728 6.86 -54.00 -23.53
CA TYR D 728 5.79 -53.94 -22.55
C TYR D 728 4.55 -53.35 -23.21
N ASP D 729 3.49 -54.15 -23.31
CA ASP D 729 2.23 -53.73 -23.91
C ASP D 729 2.44 -53.17 -25.32
N ASN D 730 3.21 -53.91 -26.12
CA ASN D 730 3.57 -53.51 -27.49
C ASN D 730 4.28 -52.15 -27.51
N VAL D 731 5.05 -51.87 -26.46
CA VAL D 731 5.80 -50.62 -26.34
C VAL D 731 7.26 -50.98 -26.14
N VAL D 732 8.13 -50.34 -26.93
CA VAL D 732 9.58 -50.55 -26.83
C VAL D 732 10.09 -49.55 -25.81
N THR D 733 10.17 -49.99 -24.55
CA THR D 733 10.60 -49.15 -23.45
C THR D 733 11.99 -49.58 -22.98
N LEU D 734 12.69 -48.65 -22.34
CA LEU D 734 14.01 -48.91 -21.80
C LEU D 734 14.02 -48.63 -20.30
N PRO D 735 14.71 -49.45 -19.52
CA PRO D 735 14.71 -49.27 -18.07
C PRO D 735 15.39 -47.97 -17.67
N LEU D 736 14.95 -47.43 -16.52
CA LEU D 736 15.48 -46.15 -16.05
C LEU D 736 16.97 -46.23 -15.77
N THR D 737 17.42 -47.31 -15.11
CA THR D 737 18.84 -47.45 -14.82
C THR D 737 19.65 -47.61 -16.11
N THR D 738 19.17 -48.43 -17.04
CA THR D 738 19.87 -48.60 -18.31
C THR D 738 19.86 -47.31 -19.12
N PHE D 739 18.74 -46.59 -19.10
CA PHE D 739 18.67 -45.32 -19.82
C PHE D 739 19.65 -44.31 -19.23
N GLN D 740 19.74 -44.24 -17.90
CA GLN D 740 20.69 -43.33 -17.27
C GLN D 740 22.13 -43.72 -17.59
N GLN D 741 22.43 -45.02 -17.57
CA GLN D 741 23.78 -45.48 -17.90
C GLN D 741 24.14 -45.14 -19.33
N LYS D 742 23.18 -45.27 -20.26
CA LYS D 742 23.44 -44.94 -21.65
C LYS D 742 23.60 -43.44 -21.84
N ILE D 743 22.78 -42.64 -21.15
CA ILE D 743 22.84 -41.19 -21.30
C ILE D 743 24.13 -40.63 -20.72
N SER D 744 24.60 -41.19 -19.60
CA SER D 744 25.83 -40.70 -18.99
C SER D 744 27.04 -40.89 -19.88
N LYS D 745 26.96 -41.78 -20.87
CA LYS D 745 28.06 -42.00 -21.81
C LYS D 745 27.98 -41.12 -23.04
N TYR D 746 26.90 -40.33 -23.19
CA TYR D 746 26.72 -39.47 -24.35
C TYR D 746 26.97 -38.00 -24.03
N PHE D 747 26.51 -37.53 -22.87
CA PHE D 747 26.67 -36.15 -22.46
C PHE D 747 27.39 -36.09 -21.11
N ASN D 748 27.98 -34.94 -20.83
CA ASN D 748 28.71 -34.73 -19.57
C ASN D 748 27.74 -34.77 -18.39
N SER D 749 27.80 -35.85 -17.61
CA SER D 749 26.87 -36.00 -16.50
C SER D 749 27.12 -34.95 -15.42
N ARG D 750 28.37 -34.73 -15.03
CA ARG D 750 28.67 -33.83 -13.93
C ARG D 750 28.31 -32.38 -14.24
N LEU D 751 28.05 -32.04 -15.50
CA LEU D 751 27.66 -30.69 -15.87
C LEU D 751 26.23 -30.59 -16.38
N PHE D 752 25.59 -31.71 -16.75
CA PHE D 752 24.24 -31.69 -17.27
C PHE D 752 23.29 -32.58 -16.46
N GLY D 753 23.66 -32.91 -15.22
CA GLY D 753 22.80 -33.76 -14.40
C GLY D 753 21.46 -33.13 -14.10
N HIS D 754 21.44 -31.82 -13.83
CA HIS D 754 20.17 -31.15 -13.54
C HIS D 754 19.23 -31.24 -14.74
N ASP D 755 19.74 -30.94 -15.93
CA ASP D 755 18.90 -31.01 -17.13
C ASP D 755 18.46 -32.44 -17.41
N ILE D 756 19.35 -33.41 -17.23
CA ILE D 756 19.00 -34.80 -17.49
C ILE D 756 17.90 -35.26 -16.53
N GLU D 757 18.04 -34.93 -15.25
CA GLU D 757 17.04 -35.32 -14.26
C GLU D 757 15.70 -34.62 -14.54
N SER D 758 15.74 -33.34 -14.92
CA SER D 758 14.50 -32.64 -15.23
C SER D 758 13.81 -33.27 -16.44
N PHE D 759 14.57 -33.60 -17.48
CA PHE D 759 13.98 -34.22 -18.66
C PHE D 759 13.41 -35.60 -18.33
N ILE D 760 14.13 -36.37 -17.51
CA ILE D 760 13.65 -37.69 -17.12
C ILE D 760 12.35 -37.58 -16.32
N ASN D 761 12.29 -36.64 -15.39
CA ASN D 761 11.07 -36.43 -14.61
C ASN D 761 9.92 -36.00 -15.50
N ARG D 762 10.18 -35.10 -16.46
CA ARG D 762 9.12 -34.62 -17.34
C ARG D 762 8.58 -35.73 -18.24
N HIS D 763 9.47 -36.52 -18.84
CA HIS D 763 9.08 -37.51 -19.83
C HIS D 763 8.86 -38.90 -19.24
N LYS D 764 8.95 -39.06 -17.93
CA LYS D 764 8.74 -40.36 -17.32
C LYS D 764 7.29 -40.82 -17.50
N LYS D 765 7.13 -42.08 -17.91
CA LYS D 765 5.81 -42.70 -18.08
C LYS D 765 5.85 -44.03 -17.35
N PHE D 766 5.51 -44.01 -16.06
CA PHE D 766 5.57 -45.19 -15.21
C PHE D 766 4.15 -45.61 -14.86
N ALA D 767 3.68 -46.70 -15.47
CA ALA D 767 2.40 -47.27 -15.08
C ALA D 767 2.42 -47.74 -13.64
N ASN D 768 3.51 -48.40 -13.24
CA ASN D 768 3.79 -48.73 -11.85
C ASN D 768 5.10 -48.05 -11.45
N VAL D 769 5.09 -47.38 -10.30
CA VAL D 769 6.25 -46.60 -9.88
C VAL D 769 7.46 -47.50 -9.70
N SER D 770 7.26 -48.71 -9.19
CA SER D 770 8.37 -49.65 -9.02
C SER D 770 8.99 -50.02 -10.35
N ASP D 771 8.16 -50.30 -11.36
CA ASP D 771 8.62 -50.67 -12.70
C ASP D 771 8.45 -49.46 -13.61
N GLU D 772 9.44 -48.58 -13.60
CA GLU D 772 9.42 -47.35 -14.38
C GLU D 772 10.39 -47.47 -15.55
N TYR D 773 9.94 -47.00 -16.72
CA TYR D 773 10.75 -47.08 -17.93
C TYR D 773 10.52 -45.80 -18.75
N LEU D 774 11.28 -45.69 -19.84
CA LEU D 774 11.18 -44.56 -20.76
C LEU D 774 10.84 -45.08 -22.15
N GLN D 775 9.87 -44.44 -22.80
CA GLN D 775 9.38 -44.88 -24.11
C GLN D 775 10.14 -44.17 -25.24
N TYR D 776 11.46 -44.33 -25.21
CA TYR D 776 12.32 -43.76 -26.24
C TYR D 776 13.49 -44.69 -26.49
N ILE D 777 14.08 -44.57 -27.67
CA ILE D 777 15.21 -45.41 -28.08
C ILE D 777 16.30 -44.52 -28.64
N PHE D 778 17.55 -44.96 -28.48
CA PHE D 778 18.68 -44.23 -29.01
C PHE D 778 18.71 -44.31 -30.54
N ILE D 779 19.15 -43.23 -31.17
CA ILE D 779 19.27 -43.22 -32.62
C ILE D 779 20.36 -44.17 -33.08
N GLU D 780 21.45 -44.27 -32.30
CA GLU D 780 22.54 -45.17 -32.65
C GLU D 780 22.08 -46.62 -32.64
N ASP D 781 21.29 -47.01 -31.65
CA ASP D 781 20.81 -48.39 -31.57
C ASP D 781 19.89 -48.71 -32.75
N ILE D 782 19.03 -47.77 -33.13
CA ILE D 782 18.12 -48.01 -34.24
C ILE D 782 18.87 -48.07 -35.56
N SER D 783 19.87 -47.20 -35.74
CA SER D 783 20.63 -47.19 -36.98
C SER D 783 21.55 -48.41 -37.09
N SER D 784 22.02 -48.93 -35.96
CA SER D 784 22.93 -50.06 -35.99
C SER D 784 22.19 -51.31 -36.47
N PRO D 785 22.86 -52.21 -37.21
CA PRO D 785 22.27 -53.44 -37.72
C PRO D 785 22.08 -54.50 -36.63
N GLY E 323 -12.85 46.05 -31.86
CA GLY E 323 -12.56 44.68 -32.23
C GLY E 323 -12.01 43.84 -31.10
N ASN E 324 -12.80 43.68 -30.04
CA ASN E 324 -12.43 42.87 -28.87
C ASN E 324 -11.13 43.39 -28.24
N LYS E 325 -11.24 44.59 -27.69
CA LYS E 325 -10.18 45.24 -26.93
C LYS E 325 -9.46 44.27 -26.00
N LEU E 326 -10.19 43.35 -25.36
CA LEU E 326 -9.55 42.39 -24.47
C LEU E 326 -8.67 41.42 -25.25
N PHE E 327 -9.10 40.99 -26.44
CA PHE E 327 -8.23 40.18 -27.28
C PHE E 327 -7.01 40.98 -27.73
N ASN E 328 -7.19 42.27 -28.01
CA ASN E 328 -6.05 43.11 -28.37
C ASN E 328 -5.05 43.19 -27.21
N ILE E 329 -5.55 43.35 -25.99
CA ILE E 329 -4.68 43.41 -24.82
C ILE E 329 -3.94 42.10 -24.63
N ALA E 330 -4.65 40.97 -24.81
CA ALA E 330 -3.99 39.67 -24.70
C ALA E 330 -2.91 39.50 -25.75
N GLN E 331 -3.17 39.94 -26.99
CA GLN E 331 -2.17 39.85 -28.04
C GLN E 331 -0.96 40.72 -27.72
N ARG E 332 -1.18 41.93 -27.21
CA ARG E 332 -0.07 42.80 -26.84
C ARG E 332 0.77 42.19 -25.73
N ILE E 333 0.12 41.61 -24.71
CA ILE E 333 0.85 40.98 -23.62
C ILE E 333 1.63 39.76 -24.13
N LEU E 334 1.05 39.02 -25.08
CA LEU E 334 1.74 37.87 -25.64
C LEU E 334 2.92 38.28 -26.50
N ASP E 335 2.86 39.47 -27.11
CA ASP E 335 3.99 39.96 -27.89
C ASP E 335 5.23 40.17 -27.04
N THR E 336 5.05 40.44 -25.74
CA THR E 336 6.17 40.75 -24.86
C THR E 336 6.98 39.50 -24.51
N ASN E 337 6.40 38.31 -24.65
CA ASN E 337 7.05 37.04 -24.33
C ASN E 337 7.35 36.93 -22.83
N SER E 338 6.31 37.16 -22.03
CA SER E 338 6.42 37.04 -20.58
C SER E 338 5.82 35.75 -20.04
N VAL E 339 4.94 35.10 -20.79
CA VAL E 339 4.36 33.81 -20.41
C VAL E 339 4.83 32.77 -21.41
N LEU E 340 5.38 31.67 -20.90
CA LEU E 340 5.82 30.57 -21.76
C LEU E 340 5.18 29.28 -21.28
N LEU E 341 4.98 28.36 -22.23
CA LEU E 341 4.42 27.05 -21.95
C LEU E 341 5.54 26.02 -21.92
N THR E 342 5.63 25.27 -20.82
CA THR E 342 6.67 24.28 -20.65
C THR E 342 6.20 22.91 -21.12
N GLU E 343 7.16 22.02 -21.34
CA GLU E 343 6.84 20.66 -21.77
C GLU E 343 6.05 19.91 -20.71
N ARG E 344 6.30 20.19 -19.43
CA ARG E 344 5.55 19.55 -18.36
C ARG E 344 4.10 20.01 -18.32
N GLY E 345 3.77 21.11 -18.97
CA GLY E 345 2.40 21.61 -19.04
C GLY E 345 2.08 22.76 -18.11
N ASP E 346 3.06 23.31 -17.41
CA ASP E 346 2.84 24.39 -16.47
C ASP E 346 3.44 25.68 -17.01
N HIS E 347 2.64 26.75 -17.02
CA HIS E 347 3.09 28.03 -17.52
C HIS E 347 4.14 28.65 -16.61
N ILE E 348 5.08 29.36 -17.21
CA ILE E 348 6.08 30.15 -16.49
C ILE E 348 5.87 31.62 -16.85
N VAL E 349 5.90 32.48 -15.83
CA VAL E 349 5.68 33.91 -16.00
C VAL E 349 6.93 34.65 -15.54
N TRP E 350 7.23 35.76 -16.21
CA TRP E 350 8.41 36.58 -15.95
C TRP E 350 7.95 37.82 -15.19
N ILE E 351 7.95 37.73 -13.87
CA ILE E 351 7.54 38.83 -13.00
C ILE E 351 8.55 38.93 -11.87
N ASN E 352 8.82 40.17 -11.42
CA ASN E 352 9.86 40.46 -10.44
C ASN E 352 11.24 40.06 -10.95
N ASN E 353 11.44 40.15 -12.26
CA ASN E 353 12.71 39.82 -12.91
C ASN E 353 13.15 38.40 -12.57
N SER E 354 12.21 37.46 -12.66
CA SER E 354 12.51 36.06 -12.40
C SER E 354 11.45 35.20 -13.07
N TRP E 355 11.86 34.02 -13.52
CA TRP E 355 10.96 33.08 -14.18
C TRP E 355 10.34 32.17 -13.13
N LYS E 356 9.13 32.53 -12.72
CA LYS E 356 8.40 31.75 -11.72
C LYS E 356 7.26 31.00 -12.39
N PHE E 357 7.13 29.72 -12.08
CA PHE E 357 6.14 28.88 -12.73
C PHE E 357 4.92 28.69 -11.84
N ASN E 358 3.83 28.25 -12.48
CA ASN E 358 2.54 28.12 -11.82
C ASN E 358 2.45 26.85 -10.98
N SER E 359 1.24 26.48 -10.60
CA SER E 359 0.85 25.37 -9.72
C SER E 359 1.06 25.73 -8.25
N GLU E 360 1.63 26.89 -7.93
CA GLU E 360 1.62 27.41 -6.57
C GLU E 360 0.45 28.38 -6.40
N GLU E 361 0.42 29.42 -7.21
CA GLU E 361 -0.69 30.35 -7.33
C GLU E 361 -0.63 30.99 -8.71
N PRO E 362 -1.63 30.76 -9.57
CA PRO E 362 -1.54 31.23 -10.96
C PRO E 362 -1.15 32.70 -11.09
N LEU E 363 0.02 32.95 -11.69
CA LEU E 363 0.62 34.28 -11.71
C LEU E 363 0.28 35.07 -12.96
N ILE E 364 -0.56 34.54 -13.86
CA ILE E 364 -0.83 35.24 -15.11
C ILE E 364 -1.60 36.53 -14.85
N THR E 365 -2.57 36.49 -13.93
CA THR E 365 -3.32 37.70 -13.61
C THR E 365 -2.44 38.73 -12.90
N LYS E 366 -1.52 38.26 -12.04
CA LYS E 366 -0.55 39.16 -11.44
C LYS E 366 0.30 39.83 -12.50
N LEU E 367 0.76 39.06 -13.49
CA LEU E 367 1.56 39.62 -14.57
C LEU E 367 0.76 40.65 -15.37
N ILE E 368 -0.51 40.35 -15.64
CA ILE E 368 -1.36 41.30 -16.36
C ILE E 368 -1.47 42.61 -15.59
N LEU E 369 -1.76 42.51 -14.29
CA LEU E 369 -1.92 43.71 -13.47
C LEU E 369 -0.62 44.50 -13.40
N SER E 370 0.52 43.82 -13.39
CA SER E 370 1.79 44.52 -13.35
C SER E 370 2.10 45.19 -14.69
N ILE E 371 1.87 44.47 -15.80
CA ILE E 371 2.10 45.00 -17.14
C ILE E 371 1.17 46.15 -17.47
N ARG E 372 0.10 46.32 -16.70
CA ARG E 372 -0.89 47.39 -16.89
C ARG E 372 -0.30 48.73 -17.33
N HIS E 373 0.88 49.09 -16.80
CA HIS E 373 1.43 50.42 -17.03
C HIS E 373 2.20 50.56 -18.35
N GLN E 374 2.44 49.46 -19.07
CA GLN E 374 3.17 49.53 -20.33
C GLN E 374 2.25 49.61 -21.54
N LEU E 375 0.95 49.68 -21.34
CA LEU E 375 -0.05 49.72 -22.40
C LEU E 375 -0.66 51.11 -22.52
N PRO E 376 -1.40 51.37 -23.61
CA PRO E 376 -2.12 52.64 -23.72
C PRO E 376 -3.09 52.85 -22.55
N LYS E 377 -3.58 54.10 -22.46
CA LYS E 377 -4.36 54.51 -21.30
C LYS E 377 -5.66 53.74 -21.18
N GLU E 378 -6.35 53.53 -22.30
CA GLU E 378 -7.61 52.79 -22.25
C GLU E 378 -7.39 51.35 -21.81
N TYR E 379 -6.35 50.70 -22.33
CA TYR E 379 -6.07 49.33 -21.92
C TYR E 379 -5.73 49.25 -20.43
N SER E 380 -4.92 50.21 -19.95
CA SER E 380 -4.58 50.22 -18.53
C SER E 380 -5.81 50.48 -17.67
N SER E 381 -6.68 51.40 -18.08
CA SER E 381 -7.89 51.72 -17.34
C SER E 381 -8.93 50.63 -17.42
N GLU E 382 -8.78 49.68 -18.34
CA GLU E 382 -9.67 48.53 -18.38
C GLU E 382 -9.07 47.29 -17.71
N LEU E 383 -7.76 47.27 -17.47
CA LEU E 383 -7.10 46.08 -16.95
C LEU E 383 -7.09 46.01 -15.42
N LEU E 384 -7.97 46.73 -14.73
CA LEU E 384 -8.01 46.68 -13.27
C LEU E 384 -9.40 46.31 -12.77
N CYS E 385 -9.98 45.27 -13.36
CA CYS E 385 -11.16 44.59 -12.85
C CYS E 385 -10.85 43.10 -12.79
N PRO E 386 -11.27 42.40 -11.73
CA PRO E 386 -10.92 40.97 -11.63
C PRO E 386 -11.37 40.16 -12.83
N ARG E 387 -12.65 40.22 -13.18
CA ARG E 387 -13.05 39.85 -14.54
C ARG E 387 -12.59 40.95 -15.49
N LYS E 388 -12.35 40.57 -16.75
CA LYS E 388 -11.59 41.27 -17.77
C LYS E 388 -10.09 41.06 -17.56
N ARG E 389 -9.66 40.44 -16.47
CA ARG E 389 -8.33 39.87 -16.34
C ARG E 389 -8.37 38.37 -16.54
N LYS E 390 -9.44 37.73 -16.08
CA LYS E 390 -9.66 36.32 -16.38
C LYS E 390 -9.89 36.10 -17.87
N THR E 391 -10.59 37.02 -18.53
CA THR E 391 -10.79 36.90 -19.97
C THR E 391 -9.48 37.00 -20.73
N VAL E 392 -8.63 37.96 -20.35
CA VAL E 392 -7.31 38.08 -20.98
C VAL E 392 -6.48 36.85 -20.70
N GLU E 393 -6.56 36.32 -19.48
CA GLU E 393 -5.83 35.10 -19.14
C GLU E 393 -6.29 33.92 -20.00
N ALA E 394 -7.60 33.79 -20.20
CA ALA E 394 -8.12 32.72 -21.04
C ALA E 394 -7.66 32.89 -22.49
N ASN E 395 -7.68 34.13 -22.99
CA ASN E 395 -7.18 34.37 -24.34
C ASN E 395 -5.72 33.98 -24.47
N ILE E 396 -4.90 34.33 -23.47
CA ILE E 396 -3.48 33.98 -23.50
C ILE E 396 -3.29 32.47 -23.48
N ARG E 397 -4.02 31.79 -22.60
CA ARG E 397 -3.91 30.33 -22.49
C ARG E 397 -4.32 29.66 -23.79
N ASP E 398 -5.32 30.19 -24.48
CA ASP E 398 -5.71 29.63 -25.77
C ASP E 398 -4.69 29.96 -26.85
N MET E 399 -4.02 31.12 -26.74
CA MET E 399 -3.00 31.47 -27.73
C MET E 399 -1.77 30.59 -27.62
N LEU E 400 -1.35 30.24 -26.41
CA LEU E 400 -0.12 29.47 -26.22
C LEU E 400 -0.34 28.03 -26.67
N VAL E 401 0.44 27.60 -27.67
CA VAL E 401 0.36 26.26 -28.23
C VAL E 401 1.69 25.53 -28.18
N ASP E 402 2.77 26.20 -28.59
CA ASP E 402 4.07 25.56 -28.72
C ASP E 402 4.79 25.56 -27.38
N SER E 403 5.24 24.37 -26.96
CA SER E 403 6.00 24.24 -25.73
C SER E 403 7.47 24.62 -25.96
N VAL E 404 8.07 25.22 -24.93
CA VAL E 404 9.48 25.58 -24.97
C VAL E 404 10.24 24.72 -23.99
N GLU E 405 11.57 24.84 -23.99
CA GLU E 405 12.43 24.09 -23.09
C GLU E 405 13.08 25.03 -22.09
N THR E 406 13.19 24.58 -20.85
CA THR E 406 13.74 25.38 -19.76
C THR E 406 15.01 24.74 -19.23
N ASP E 407 15.92 25.58 -18.74
CA ASP E 407 17.21 25.16 -18.20
C ASP E 407 17.99 24.36 -19.26
N THR E 408 18.32 25.04 -20.34
CA THR E 408 18.93 24.40 -21.51
C THR E 408 20.39 24.74 -21.70
N TYR E 409 20.83 25.94 -21.32
CA TYR E 409 22.21 26.34 -21.56
C TYR E 409 23.07 25.90 -20.38
N PRO E 410 24.08 25.05 -20.59
CA PRO E 410 24.89 24.59 -19.46
C PRO E 410 26.01 25.53 -19.04
N ASP E 411 26.35 26.54 -19.82
CA ASP E 411 27.42 27.46 -19.49
C ASP E 411 26.92 28.76 -18.86
N LYS E 412 25.82 28.69 -18.11
CA LYS E 412 25.24 29.85 -17.47
C LYS E 412 25.03 29.58 -15.99
N LEU E 413 25.15 30.62 -15.18
CA LEU E 413 24.98 30.53 -13.73
C LEU E 413 23.89 31.51 -13.31
N PRO E 414 22.70 31.04 -12.90
CA PRO E 414 21.61 31.96 -12.58
C PRO E 414 21.75 32.51 -11.17
N PHE E 415 21.90 33.83 -11.07
CA PHE E 415 21.91 34.53 -9.79
C PHE E 415 20.54 35.12 -9.52
N LYS E 416 20.36 35.63 -8.30
CA LYS E 416 19.08 36.22 -7.93
C LYS E 416 18.81 37.52 -8.68
N ASN E 417 19.86 38.20 -9.13
CA ASN E 417 19.72 39.47 -9.82
C ASN E 417 20.14 39.40 -11.29
N GLY E 418 20.52 38.24 -11.78
CA GLY E 418 20.94 38.13 -13.18
C GLY E 418 21.52 36.77 -13.47
N VAL E 419 22.22 36.69 -14.60
CA VAL E 419 22.81 35.45 -15.09
C VAL E 419 24.27 35.71 -15.47
N LEU E 420 25.16 34.84 -15.02
CA LEU E 420 26.59 34.97 -15.29
C LEU E 420 27.00 33.96 -16.35
N ASP E 421 27.55 34.46 -17.46
CA ASP E 421 28.14 33.61 -18.48
C ASP E 421 29.50 33.16 -17.97
N LEU E 422 29.63 31.84 -17.74
CA LEU E 422 30.86 31.27 -17.22
C LEU E 422 31.96 31.25 -18.28
N VAL E 423 31.63 30.80 -19.49
CA VAL E 423 32.62 30.72 -20.55
C VAL E 423 33.12 32.12 -20.93
N ASP E 424 32.22 33.11 -20.90
CA ASP E 424 32.61 34.50 -21.09
C ASP E 424 32.81 35.26 -19.79
N GLY E 425 32.29 34.74 -18.68
CA GLY E 425 32.44 35.39 -17.40
C GLY E 425 31.82 36.77 -17.30
N MET E 426 30.62 36.95 -17.85
CA MET E 426 30.00 38.26 -17.95
C MET E 426 28.60 38.22 -17.32
N PHE E 427 28.27 39.26 -16.56
CA PHE E 427 27.01 39.30 -15.82
C PHE E 427 25.96 40.08 -16.60
N TYR E 428 24.79 39.48 -16.78
CA TYR E 428 23.66 40.08 -17.47
C TYR E 428 22.52 40.29 -16.48
N SER E 429 21.93 41.48 -16.50
CA SER E 429 20.82 41.82 -15.62
C SER E 429 19.65 42.32 -16.45
N GLY E 430 18.46 42.27 -15.85
CA GLY E 430 17.27 42.77 -16.51
C GLY E 430 16.78 41.85 -17.61
N ASP E 431 16.21 42.45 -18.65
CA ASP E 431 15.67 41.68 -19.77
C ASP E 431 16.75 40.92 -20.53
N ASP E 432 18.03 41.31 -20.37
CA ASP E 432 19.10 40.60 -21.05
C ASP E 432 19.27 39.19 -20.51
N ALA E 433 18.78 38.92 -19.29
CA ALA E 433 18.74 37.58 -18.74
C ALA E 433 17.44 36.86 -19.07
N LYS E 434 16.56 37.49 -19.85
CA LYS E 434 15.26 36.91 -20.15
C LYS E 434 15.39 35.67 -21.04
N LYS E 435 16.22 35.74 -22.08
CA LYS E 435 16.28 34.66 -23.06
C LYS E 435 16.76 33.35 -22.44
N TYR E 436 17.70 33.43 -21.50
CA TYR E 436 18.14 32.26 -20.77
C TYR E 436 17.03 31.84 -19.81
N THR E 437 16.25 30.83 -20.18
CA THR E 437 15.15 30.35 -19.36
C THR E 437 15.74 29.57 -18.19
N CYS E 438 16.14 30.31 -17.16
CA CYS E 438 16.81 29.75 -15.99
C CYS E 438 15.83 29.75 -14.83
N THR E 439 15.21 28.60 -14.57
CA THR E 439 14.27 28.50 -13.48
C THR E 439 14.98 28.56 -12.12
N VAL E 440 16.05 27.80 -11.97
CA VAL E 440 16.78 27.73 -10.71
C VAL E 440 17.61 29.00 -10.55
N SER E 441 18.10 29.26 -9.35
CA SER E 441 18.99 30.38 -9.10
C SER E 441 19.85 30.07 -7.89
N THR E 442 20.99 30.77 -7.80
CA THR E 442 21.89 30.56 -6.68
C THR E 442 21.26 30.98 -5.37
N GLY E 443 20.30 31.91 -5.40
CA GLY E 443 19.56 32.32 -4.23
C GLY E 443 20.00 33.64 -3.63
N PHE E 444 21.16 34.17 -4.02
CA PHE E 444 21.66 35.42 -3.47
C PHE E 444 22.07 36.35 -4.60
N LYS E 445 21.97 37.65 -4.33
CA LYS E 445 22.27 38.66 -5.33
C LYS E 445 23.76 38.67 -5.66
N PHE E 446 24.09 39.36 -6.75
CA PHE E 446 25.46 39.44 -7.25
C PHE E 446 26.06 40.78 -6.87
N ASP E 447 27.21 40.73 -6.20
CA ASP E 447 27.96 41.93 -5.82
C ASP E 447 29.24 41.96 -6.64
N ASP E 448 29.31 42.88 -7.60
CA ASP E 448 30.47 42.95 -8.49
C ASP E 448 31.69 43.53 -7.81
N THR E 449 31.53 44.18 -6.66
CA THR E 449 32.66 44.76 -5.95
C THR E 449 33.63 43.68 -5.46
N LYS E 450 33.10 42.57 -4.96
CA LYS E 450 33.90 41.52 -4.36
C LYS E 450 34.35 40.47 -5.38
N PHE E 451 34.01 40.64 -6.66
CA PHE E 451 34.40 39.68 -7.70
C PHE E 451 35.72 40.07 -8.36
N VAL E 452 36.76 40.28 -7.55
CA VAL E 452 38.07 40.68 -8.04
C VAL E 452 39.13 39.76 -7.47
N GLU E 453 40.33 39.86 -8.03
CA GLU E 453 41.43 38.97 -7.65
C GLU E 453 42.39 39.60 -6.64
N ASP E 454 42.50 40.93 -6.62
CA ASP E 454 43.42 41.62 -5.71
C ASP E 454 42.71 41.96 -4.40
N SER E 455 42.28 40.91 -3.71
CA SER E 455 41.53 41.06 -2.47
C SER E 455 42.21 40.28 -1.34
N PRO E 456 42.21 40.83 -0.13
CA PRO E 456 42.72 40.05 1.01
C PRO E 456 41.95 38.77 1.24
N GLU E 457 40.65 38.76 0.95
CA GLU E 457 39.88 37.53 1.01
C GLU E 457 40.40 36.51 0.02
N MET E 458 40.74 36.95 -1.21
CA MET E 458 41.30 36.03 -2.19
C MET E 458 42.67 35.52 -1.75
N GLU E 459 43.51 36.39 -1.18
CA GLU E 459 44.83 35.96 -0.74
C GLU E 459 44.73 34.93 0.36
N GLU E 460 43.86 35.17 1.36
CA GLU E 460 43.68 34.21 2.44
C GLU E 460 43.02 32.93 1.94
N LEU E 461 42.14 33.03 0.93
CA LEU E 461 41.57 31.83 0.32
C LEU E 461 42.66 30.99 -0.35
N MET E 462 43.58 31.66 -1.06
CA MET E 462 44.73 30.95 -1.62
C MET E 462 45.53 30.27 -0.52
N ASN E 463 45.75 30.98 0.58
CA ASN E 463 46.52 30.40 1.68
C ASN E 463 45.84 29.13 2.21
N ILE E 464 44.51 29.19 2.42
CA ILE E 464 43.85 28.07 3.07
C ILE E 464 43.76 26.88 2.13
N ILE E 465 43.52 27.10 0.84
CA ILE E 465 43.44 25.90 0.01
C ILE E 465 44.84 25.37 -0.29
N ASN E 466 45.87 26.22 -0.20
CA ASN E 466 47.23 25.68 -0.22
C ASN E 466 47.49 24.82 1.00
N ASP E 467 46.99 25.22 2.17
CA ASP E 467 47.09 24.38 3.35
C ASP E 467 46.35 23.06 3.16
N ILE E 468 45.17 23.12 2.55
CA ILE E 468 44.37 21.93 2.33
C ILE E 468 45.04 21.00 1.34
N GLN E 469 45.49 21.54 0.22
CA GLN E 469 46.19 20.73 -0.79
C GLN E 469 47.52 21.40 -1.08
N PRO E 470 48.59 20.97 -0.41
CA PRO E 470 49.98 21.53 -0.73
C PRO E 470 50.33 21.41 -2.22
N LEU E 471 50.99 22.46 -2.75
CA LEU E 471 51.52 22.50 -4.15
C LEU E 471 52.88 21.82 -4.18
N THR E 472 52.85 20.52 -3.87
CA THR E 472 54.00 19.64 -3.89
C THR E 472 53.94 18.72 -5.11
N ASP E 473 55.11 18.42 -5.68
CA ASP E 473 55.15 17.70 -6.95
C ASP E 473 54.58 16.29 -6.80
N GLU E 474 54.79 15.67 -5.65
CA GLU E 474 54.29 14.31 -5.45
C GLU E 474 52.79 14.29 -5.20
N ASN E 475 52.17 15.44 -4.92
CA ASN E 475 50.74 15.54 -4.70
C ASN E 475 50.04 16.36 -5.80
N LYS E 476 50.78 16.68 -6.87
CA LYS E 476 50.24 17.56 -7.91
C LYS E 476 49.05 16.93 -8.61
N LYS E 477 49.13 15.63 -8.92
CA LYS E 477 48.04 14.96 -9.61
C LYS E 477 46.78 14.93 -8.75
N ASN E 478 46.94 14.64 -7.46
CA ASN E 478 45.80 14.64 -6.54
C ASN E 478 45.18 16.03 -6.44
N ARG E 479 46.02 17.07 -6.37
CA ARG E 479 45.49 18.43 -6.31
C ARG E 479 44.77 18.80 -7.60
N GLU E 480 45.29 18.37 -8.74
CA GLU E 480 44.64 18.61 -10.02
C GLU E 480 43.28 17.92 -10.06
N LEU E 481 43.21 16.69 -9.55
CA LEU E 481 41.94 15.98 -9.46
C LEU E 481 40.95 16.73 -8.57
N TYR E 482 41.44 17.25 -7.45
CA TYR E 482 40.64 18.09 -6.56
C TYR E 482 40.08 19.31 -7.29
N GLU E 483 40.94 20.00 -8.03
CA GLU E 483 40.52 21.20 -8.76
C GLU E 483 39.48 20.86 -9.82
N LYS E 484 39.69 19.77 -10.55
CA LYS E 484 38.73 19.36 -11.58
C LYS E 484 37.38 18.99 -10.97
N THR E 485 37.41 18.25 -9.86
CA THR E 485 36.17 17.86 -9.21
C THR E 485 35.41 19.07 -8.70
N LEU E 486 36.13 20.07 -8.15
CA LEU E 486 35.46 21.30 -7.76
C LEU E 486 34.92 22.06 -8.98
N SER E 487 35.65 22.01 -10.10
CA SER E 487 35.20 22.69 -11.30
C SER E 487 33.90 22.09 -11.82
N SER E 488 33.76 20.77 -11.74
CA SER E 488 32.53 20.11 -12.18
C SER E 488 31.31 20.52 -11.36
N CYS E 489 31.49 21.36 -10.33
CA CYS E 489 30.37 21.87 -9.56
C CYS E 489 29.61 22.96 -10.31
N LEU E 490 30.26 23.61 -11.29
CA LEU E 490 29.66 24.69 -12.05
C LEU E 490 29.17 24.25 -13.42
N CYS E 491 29.33 22.98 -13.78
CA CYS E 491 28.99 22.49 -15.10
C CYS E 491 27.54 22.00 -15.11
N GLY E 492 26.72 22.65 -15.92
CA GLY E 492 25.33 22.26 -16.04
C GLY E 492 25.11 21.15 -17.05
N ALA E 493 25.92 20.09 -16.93
CA ALA E 493 25.83 18.95 -17.86
C ALA E 493 25.66 17.65 -17.09
N THR E 494 25.75 16.53 -17.79
CA THR E 494 25.63 15.21 -17.18
C THR E 494 27.01 14.58 -17.07
N LYS E 495 27.38 14.17 -15.86
CA LYS E 495 28.67 13.56 -15.59
C LYS E 495 28.47 12.11 -15.15
N GLY E 496 29.27 11.21 -15.72
CA GLY E 496 29.14 9.79 -15.47
C GLY E 496 29.99 9.24 -14.35
N CYS E 497 30.66 10.08 -13.57
CA CYS E 497 31.53 9.61 -12.50
C CYS E 497 31.21 10.36 -11.20
N LEU E 498 31.33 9.65 -10.09
CA LEU E 498 31.08 10.21 -8.77
C LEU E 498 32.38 10.23 -7.98
N THR E 499 32.68 11.36 -7.35
CA THR E 499 33.97 11.58 -6.71
C THR E 499 33.96 11.11 -5.26
N PHE E 500 35.12 10.66 -4.80
CA PHE E 500 35.33 10.22 -3.43
C PHE E 500 36.28 11.18 -2.74
N PHE E 501 35.90 11.65 -1.56
CA PHE E 501 36.74 12.48 -0.70
C PHE E 501 37.13 11.62 0.49
N PHE E 502 38.37 11.12 0.49
CA PHE E 502 38.83 10.17 1.49
C PHE E 502 39.90 10.82 2.35
N GLY E 503 39.84 10.53 3.66
CA GLY E 503 40.82 11.06 4.59
C GLY E 503 40.42 10.82 6.03
N GLU E 504 41.35 10.99 6.96
CA GLU E 504 41.07 10.80 8.38
C GLU E 504 40.28 12.00 8.90
N THR E 505 40.04 12.03 10.21
CA THR E 505 39.28 13.13 10.80
C THR E 505 40.09 14.41 10.81
N ALA E 506 39.38 15.55 10.80
CA ALA E 506 39.99 16.87 10.84
C ALA E 506 40.99 17.05 9.70
N THR E 507 40.53 16.81 8.47
CA THR E 507 41.40 16.83 7.31
C THR E 507 41.12 17.97 6.35
N GLY E 508 39.86 18.38 6.20
CA GLY E 508 39.53 19.49 5.32
C GLY E 508 38.29 19.27 4.48
N LYS E 509 37.71 18.08 4.57
CA LYS E 509 36.51 17.79 3.80
C LYS E 509 35.36 18.71 4.19
N SER E 510 35.16 18.90 5.50
CA SER E 510 34.06 19.74 5.96
C SER E 510 34.24 21.19 5.51
N THR E 511 35.44 21.75 5.70
CA THR E 511 35.66 23.14 5.33
C THR E 511 35.56 23.34 3.82
N THR E 512 36.05 22.37 3.04
CA THR E 512 35.89 22.46 1.59
C THR E 512 34.42 22.43 1.20
N LYS E 513 33.62 21.58 1.86
CA LYS E 513 32.19 21.55 1.59
C LYS E 513 31.54 22.89 1.93
N ARG E 514 31.91 23.48 3.07
CA ARG E 514 31.34 24.78 3.43
C ARG E 514 31.71 25.86 2.43
N LEU E 515 32.97 25.89 2.00
CA LEU E 515 33.38 26.89 1.01
C LEU E 515 32.60 26.71 -0.30
N LEU E 516 32.48 25.46 -0.76
CA LEU E 516 31.78 25.21 -2.02
C LEU E 516 30.31 25.59 -1.91
N LYS E 517 29.67 25.26 -0.78
CA LYS E 517 28.26 25.60 -0.60
C LYS E 517 28.07 27.10 -0.55
N SER E 518 28.94 27.82 0.16
CA SER E 518 28.82 29.27 0.24
C SER E 518 29.05 29.92 -1.12
N ALA E 519 29.94 29.33 -1.93
CA ALA E 519 30.21 29.89 -3.24
C ALA E 519 29.07 29.63 -4.21
N ILE E 520 28.49 28.44 -4.18
CA ILE E 520 27.48 28.07 -5.17
C ILE E 520 26.07 28.49 -4.80
N GLY E 521 25.79 28.71 -3.51
CA GLY E 521 24.46 29.12 -3.10
C GLY E 521 23.47 27.98 -3.00
N ASP E 522 22.24 28.21 -3.49
CA ASP E 522 21.18 27.22 -3.36
C ASP E 522 21.36 26.02 -4.26
N LEU E 523 22.24 26.10 -5.26
CA LEU E 523 22.44 24.96 -6.15
C LEU E 523 23.03 23.77 -5.42
N PHE E 524 24.00 24.02 -4.54
CA PHE E 524 24.61 22.95 -3.75
C PHE E 524 23.57 22.31 -2.84
N VAL E 525 23.57 20.98 -2.78
CA VAL E 525 22.62 20.24 -1.96
C VAL E 525 23.37 19.19 -1.15
N GLU E 526 23.08 19.12 0.14
CA GLU E 526 23.62 18.09 1.02
C GLU E 526 22.63 16.95 1.13
N THR E 527 23.14 15.72 1.04
CA THR E 527 22.31 14.52 1.00
C THR E 527 22.88 13.50 1.98
N GLY E 528 21.99 12.74 2.60
CA GLY E 528 22.39 11.70 3.52
C GLY E 528 23.09 10.55 2.80
N GLN E 529 23.70 9.68 3.62
CA GLN E 529 24.45 8.54 3.10
C GLN E 529 23.56 7.40 2.64
N THR E 530 22.26 7.45 2.92
CA THR E 530 21.36 6.37 2.58
C THR E 530 21.00 6.29 1.10
N ILE E 531 21.43 7.27 0.29
CA ILE E 531 21.08 7.29 -1.12
C ILE E 531 21.64 6.06 -1.82
N LEU E 532 22.90 5.72 -1.54
CA LEU E 532 23.54 4.60 -2.21
C LEU E 532 23.28 3.26 -1.54
N THR E 533 22.68 3.26 -0.35
CA THR E 533 22.45 2.03 0.40
C THR E 533 20.97 1.71 0.56
N ASP E 534 20.11 2.33 -0.26
CA ASP E 534 18.67 2.07 -0.19
C ASP E 534 18.12 1.77 -1.58
N VAL E 535 16.79 1.70 -1.69
CA VAL E 535 16.12 1.51 -2.97
C VAL E 535 15.75 2.88 -3.52
N LEU E 536 16.32 3.22 -4.68
CA LEU E 536 16.07 4.54 -5.26
C LEU E 536 14.64 4.67 -5.76
N ASP E 537 14.16 3.68 -6.52
CA ASP E 537 12.81 3.71 -7.04
C ASP E 537 11.78 3.67 -5.91
N LYS E 538 11.74 2.54 -5.20
CA LYS E 538 10.81 2.32 -4.08
C LYS E 538 9.41 2.84 -4.37
N GLY E 539 8.83 3.55 -3.41
CA GLY E 539 7.58 4.26 -3.63
C GLY E 539 7.87 5.69 -4.01
N PRO E 540 7.51 6.64 -3.15
CA PRO E 540 7.97 8.01 -3.34
C PRO E 540 9.47 8.11 -3.12
N ASN E 541 10.10 9.07 -3.81
CA ASN E 541 11.54 9.30 -3.73
C ASN E 541 11.79 10.77 -3.45
N PRO E 542 11.41 11.25 -2.28
CA PRO E 542 11.63 12.68 -1.96
C PRO E 542 13.08 13.09 -1.99
N PHE E 543 14.01 12.22 -1.57
CA PHE E 543 15.42 12.57 -1.61
C PHE E 543 15.98 12.49 -3.02
N ILE E 544 15.63 11.45 -3.77
CA ILE E 544 16.21 11.24 -5.09
C ILE E 544 15.69 12.27 -6.09
N ALA E 545 14.38 12.50 -6.10
CA ALA E 545 13.79 13.36 -7.12
C ALA E 545 13.97 14.85 -6.83
N ASN E 546 14.38 15.21 -5.62
CA ASN E 546 14.59 16.62 -5.29
C ASN E 546 15.95 17.14 -5.71
N MET E 547 16.82 16.28 -6.25
CA MET E 547 18.13 16.68 -6.74
C MET E 547 18.09 17.17 -8.18
N HIS E 548 16.90 17.56 -8.67
CA HIS E 548 16.76 18.01 -10.05
C HIS E 548 17.38 19.39 -10.21
N LEU E 549 18.20 19.54 -11.26
CA LEU E 549 18.80 20.81 -11.65
C LEU E 549 19.76 21.36 -10.59
N LYS E 550 20.01 20.60 -9.54
CA LYS E 550 21.02 20.99 -8.57
C LYS E 550 22.40 20.84 -9.17
N ARG E 551 23.28 21.79 -8.86
CA ARG E 551 24.62 21.78 -9.45
C ARG E 551 25.51 20.70 -8.85
N SER E 552 25.34 20.38 -7.57
CA SER E 552 26.19 19.38 -6.93
C SER E 552 25.48 18.83 -5.71
N VAL E 553 25.77 17.55 -5.42
CA VAL E 553 25.26 16.86 -4.25
C VAL E 553 26.43 16.33 -3.45
N PHE E 554 26.48 16.67 -2.16
CA PHE E 554 27.53 16.23 -1.26
C PHE E 554 26.92 15.30 -0.21
N CYS E 555 27.46 14.10 -0.10
CA CYS E 555 26.99 13.11 0.87
C CYS E 555 28.14 12.81 1.82
N SER E 556 28.08 13.40 3.02
CA SER E 556 29.09 13.21 4.04
C SER E 556 28.55 12.28 5.13
N GLU E 557 29.36 12.08 6.17
CA GLU E 557 29.01 11.22 7.29
C GLU E 557 28.66 9.81 6.82
N LEU E 558 29.46 9.29 5.89
CA LEU E 558 29.19 7.97 5.33
C LEU E 558 29.33 6.90 6.39
N PRO E 559 28.45 5.91 6.42
CA PRO E 559 28.58 4.81 7.39
C PRO E 559 29.68 3.83 7.01
N ASP E 560 30.92 4.14 7.40
CA ASP E 560 32.06 3.30 7.05
C ASP E 560 31.81 1.85 7.46
N PHE E 561 32.13 0.93 6.55
CA PHE E 561 31.79 -0.48 6.70
C PHE E 561 32.74 -1.23 7.61
N ALA E 562 33.53 -0.53 8.43
CA ALA E 562 34.35 -1.21 9.42
C ALA E 562 33.48 -1.99 10.40
N CYS E 563 32.41 -1.37 10.89
CA CYS E 563 31.49 -2.07 11.78
C CYS E 563 30.70 -3.11 11.01
N SER E 564 30.65 -4.33 11.55
CA SER E 564 29.94 -5.41 10.89
C SER E 564 28.45 -5.12 10.81
N GLY E 565 27.86 -5.37 9.64
CA GLY E 565 26.45 -5.12 9.41
C GLY E 565 26.16 -3.86 8.61
N SER E 566 27.16 -3.01 8.38
CA SER E 566 26.95 -1.81 7.60
C SER E 566 26.56 -2.16 6.17
N LYS E 567 25.53 -1.49 5.66
CA LYS E 567 25.08 -1.75 4.30
C LYS E 567 26.15 -1.32 3.30
N LYS E 568 26.47 -2.22 2.36
CA LYS E 568 27.53 -1.97 1.40
C LYS E 568 27.01 -1.09 0.26
N ILE E 569 27.95 -0.50 -0.47
CA ILE E 569 27.62 0.32 -1.63
C ILE E 569 27.37 -0.60 -2.82
N ARG E 570 26.36 -0.27 -3.62
CA ARG E 570 25.96 -1.07 -4.76
C ARG E 570 26.36 -0.38 -6.05
N SER E 571 27.03 -1.12 -6.94
CA SER E 571 27.35 -0.60 -8.26
C SER E 571 26.09 -0.29 -9.06
N ASP E 572 25.00 -1.03 -8.81
CA ASP E 572 23.72 -0.68 -9.43
C ASP E 572 23.25 0.70 -8.98
N ASN E 573 23.39 1.00 -7.68
CA ASN E 573 23.04 2.33 -7.18
C ASN E 573 23.97 3.38 -7.76
N ILE E 574 25.26 3.06 -7.92
CA ILE E 574 26.20 3.99 -8.52
C ILE E 574 25.79 4.31 -9.96
N LYS E 575 25.41 3.28 -10.72
CA LYS E 575 24.96 3.50 -12.10
C LYS E 575 23.66 4.30 -12.13
N LYS E 576 22.75 4.03 -11.19
CA LYS E 576 21.50 4.79 -11.14
C LYS E 576 21.76 6.25 -10.84
N LEU E 577 22.74 6.54 -9.98
CA LEU E 577 23.09 7.93 -9.68
C LEU E 577 23.80 8.60 -10.84
N THR E 578 24.66 7.87 -11.55
CA THR E 578 25.44 8.43 -12.64
C THR E 578 24.70 8.45 -13.97
N GLU E 579 23.51 7.84 -14.04
CA GLU E 579 22.76 7.82 -15.28
C GLU E 579 22.23 9.22 -15.61
N PRO E 580 22.04 9.53 -16.89
CA PRO E 580 21.46 10.83 -17.26
C PRO E 580 20.04 11.03 -16.74
N CYS E 581 19.33 9.94 -16.42
CA CYS E 581 17.99 10.01 -15.87
C CYS E 581 17.98 9.35 -14.49
N VAL E 582 17.11 9.86 -13.63
CA VAL E 582 16.95 9.35 -12.27
C VAL E 582 15.55 8.77 -12.15
N ILE E 583 15.47 7.53 -11.66
CA ILE E 583 14.21 6.82 -11.53
C ILE E 583 13.68 7.01 -10.12
N GLY E 584 12.42 7.44 -10.02
CA GLY E 584 11.78 7.62 -8.74
C GLY E 584 11.08 8.95 -8.61
N ARG E 585 9.78 8.92 -8.30
CA ARG E 585 9.03 10.15 -8.16
C ARG E 585 9.07 10.65 -6.71
N PRO E 586 9.08 11.97 -6.51
CA PRO E 586 9.07 12.50 -5.15
C PRO E 586 7.73 12.26 -4.48
N CYS E 587 7.67 12.65 -3.20
CA CYS E 587 6.44 12.49 -2.44
C CYS E 587 5.31 13.30 -3.06
N PHE E 588 4.16 12.66 -3.26
CA PHE E 588 2.98 13.30 -3.84
C PHE E 588 3.28 13.90 -5.21
N SER E 589 3.95 13.11 -6.06
CA SER E 589 4.29 13.55 -7.41
C SER E 589 4.17 12.39 -8.37
N ASN E 590 3.53 12.62 -9.51
CA ASN E 590 3.40 11.60 -10.55
C ASN E 590 4.55 11.63 -11.54
N LYS E 591 5.44 12.60 -11.46
CA LYS E 591 6.59 12.71 -12.35
C LYS E 591 7.83 12.16 -11.65
N ILE E 592 8.52 11.24 -12.31
CA ILE E 592 9.70 10.61 -11.75
C ILE E 592 10.93 11.05 -12.53
N ASN E 593 10.88 12.25 -13.09
CA ASN E 593 11.97 12.79 -13.89
C ASN E 593 12.63 13.94 -13.13
N ASN E 594 13.92 13.79 -12.86
CA ASN E 594 14.73 14.82 -12.23
C ASN E 594 15.90 15.16 -13.15
N ARG E 595 16.06 16.43 -13.46
CA ARG E 595 17.13 16.88 -14.34
C ARG E 595 18.47 16.69 -13.65
N ASN E 596 19.25 15.72 -14.12
CA ASN E 596 20.56 15.42 -13.53
C ASN E 596 21.58 16.36 -14.14
N HIS E 597 22.00 17.36 -13.37
CA HIS E 597 23.07 18.28 -13.77
C HIS E 597 24.13 18.38 -12.68
N ALA E 598 24.17 17.41 -11.77
CA ALA E 598 24.94 17.52 -10.54
C ALA E 598 26.18 16.64 -10.57
N THR E 599 27.12 16.99 -9.71
CA THR E 599 28.29 16.17 -9.40
C THR E 599 28.10 15.62 -7.99
N ILE E 600 28.25 14.31 -7.84
CA ILE E 600 28.05 13.64 -6.56
C ILE E 600 29.42 13.41 -5.93
N ILE E 601 29.58 13.89 -4.70
CA ILE E 601 30.83 13.74 -3.95
C ILE E 601 30.51 13.06 -2.62
N ILE E 602 31.15 11.91 -2.38
CA ILE E 602 30.93 11.12 -1.18
C ILE E 602 32.14 11.28 -0.26
N ASP E 603 31.89 11.78 0.95
CA ASP E 603 32.95 11.98 1.94
C ASP E 603 33.03 10.75 2.83
N THR E 604 34.14 10.01 2.74
CA THR E 604 34.32 8.80 3.53
C THR E 604 35.69 8.85 4.21
N ASN E 605 35.75 8.34 5.44
CA ASN E 605 37.00 8.19 6.16
C ASN E 605 37.56 6.77 6.08
N TYR E 606 36.88 5.86 5.39
CA TYR E 606 37.33 4.49 5.25
C TYR E 606 37.24 4.08 3.79
N LYS E 607 38.12 3.17 3.38
CA LYS E 607 38.12 2.68 2.02
C LYS E 607 36.80 1.98 1.74
N PRO E 608 36.08 2.35 0.68
CA PRO E 608 34.79 1.71 0.43
C PRO E 608 34.90 0.30 -0.13
N VAL E 609 33.96 -0.54 0.28
CA VAL E 609 33.92 -1.95 -0.10
C VAL E 609 32.59 -2.22 -0.80
N PHE E 610 32.67 -2.80 -1.99
CA PHE E 610 31.50 -3.06 -2.82
C PHE E 610 31.28 -4.57 -2.90
N ASP E 611 30.06 -5.01 -2.55
CA ASP E 611 29.75 -6.43 -2.60
C ASP E 611 29.83 -6.98 -4.02
N ARG E 612 29.31 -6.22 -4.98
CA ARG E 612 29.31 -6.63 -6.39
C ARG E 612 30.26 -5.73 -7.16
N ILE E 613 31.19 -6.34 -7.89
CA ILE E 613 32.23 -5.62 -8.61
C ILE E 613 32.11 -5.93 -10.09
N ASP E 614 32.10 -4.89 -10.92
CA ASP E 614 32.03 -5.03 -12.37
C ASP E 614 32.87 -3.93 -13.01
N ASN E 615 33.08 -4.06 -14.32
CA ASN E 615 33.85 -3.05 -15.04
C ASN E 615 33.10 -1.73 -15.15
N ALA E 616 31.76 -1.76 -15.11
CA ALA E 616 31.00 -0.52 -15.09
C ALA E 616 31.31 0.31 -13.85
N LEU E 617 31.41 -0.35 -12.70
CA LEU E 617 31.86 0.34 -11.49
C LEU E 617 33.35 0.68 -11.58
N MET E 618 34.14 -0.21 -12.16
CA MET E 618 35.58 0.01 -12.26
C MET E 618 35.93 1.21 -13.12
N ARG E 619 35.07 1.61 -14.04
CA ARG E 619 35.31 2.74 -14.91
C ARG E 619 34.51 3.98 -14.53
N ARG E 620 33.95 4.02 -13.32
CA ARG E 620 33.11 5.14 -12.91
C ARG E 620 33.38 5.58 -11.48
N ILE E 621 34.55 5.22 -10.93
CA ILE E 621 34.93 5.57 -9.58
C ILE E 621 36.21 6.41 -9.64
N ALA E 622 36.17 7.59 -9.04
CA ALA E 622 37.34 8.45 -8.91
C ALA E 622 37.44 8.92 -7.47
N VAL E 623 38.65 8.87 -6.91
CA VAL E 623 38.90 9.18 -5.51
C VAL E 623 39.93 10.29 -5.43
N VAL E 624 39.64 11.30 -4.61
CA VAL E 624 40.57 12.40 -4.36
C VAL E 624 41.09 12.25 -2.95
N ARG E 625 42.42 12.21 -2.82
CA ARG E 625 43.09 11.95 -1.55
C ARG E 625 43.30 13.24 -0.77
N PHE E 626 43.22 13.13 0.55
CA PHE E 626 43.49 14.25 1.46
C PHE E 626 44.58 13.84 2.43
N ARG E 627 45.67 14.59 2.46
CA ARG E 627 46.85 14.21 3.25
C ARG E 627 47.41 15.41 4.00
N THR E 628 46.53 16.17 4.67
CA THR E 628 46.95 17.27 5.52
C THR E 628 46.04 17.33 6.73
N HIS E 629 46.59 17.72 7.88
CA HIS E 629 45.86 17.71 9.14
C HIS E 629 45.98 19.06 9.84
N PHE E 630 44.89 19.48 10.48
CA PHE E 630 44.87 20.62 11.38
C PHE E 630 44.73 20.10 12.80
N SER E 631 45.69 20.41 13.65
CA SER E 631 45.82 19.76 14.95
C SER E 631 45.76 20.78 16.09
N GLN E 632 45.19 20.34 17.22
CA GLN E 632 45.24 21.14 18.44
C GLN E 632 46.67 21.18 18.96
N PRO E 633 47.02 22.22 19.73
CA PRO E 633 48.36 22.26 20.34
C PRO E 633 48.64 21.09 21.26
N SER E 634 47.64 20.61 21.99
CA SER E 634 47.86 19.50 22.91
C SER E 634 48.23 18.22 22.16
N GLY E 635 47.52 17.94 21.06
CA GLY E 635 47.76 16.76 20.26
C GLY E 635 48.60 16.97 19.01
N ARG E 636 49.27 18.12 18.88
CA ARG E 636 50.03 18.39 17.66
C ARG E 636 51.22 17.44 17.53
N GLU E 637 51.94 17.19 18.63
CA GLU E 637 53.09 16.30 18.56
C GLU E 637 52.68 14.87 18.22
N ALA E 638 51.58 14.40 18.80
CA ALA E 638 51.07 13.08 18.45
C ALA E 638 50.60 13.03 17.00
N ALA E 639 49.96 14.10 16.54
CA ALA E 639 49.52 14.17 15.15
C ALA E 639 50.69 14.20 14.17
N GLU E 640 51.86 14.69 14.61
CA GLU E 640 53.05 14.63 13.79
C GLU E 640 53.53 13.20 13.55
N ASN E 641 53.01 12.24 14.30
CA ASN E 641 53.34 10.83 14.11
C ASN E 641 52.24 10.17 13.27
N ASN E 642 52.10 10.65 12.04
CA ASN E 642 51.08 10.11 11.13
C ASN E 642 51.49 10.39 9.69
N ASP E 643 51.98 9.36 9.01
CA ASP E 643 52.20 9.43 7.56
C ASP E 643 50.90 9.58 6.79
N ALA E 644 49.76 9.31 7.42
CA ALA E 644 48.47 9.60 6.79
C ALA E 644 48.32 11.09 6.48
N TYR E 645 49.04 11.94 7.18
CA TYR E 645 49.10 13.37 6.90
C TYR E 645 50.53 13.71 6.50
N ASP E 646 50.75 14.04 5.23
CA ASP E 646 52.08 14.40 4.77
C ASP E 646 52.60 15.64 5.48
N LYS E 647 51.73 16.62 5.70
CA LYS E 647 52.09 17.84 6.43
C LYS E 647 51.07 18.07 7.53
N VAL E 648 51.55 18.55 8.67
CA VAL E 648 50.70 18.87 9.82
C VAL E 648 50.79 20.38 10.07
N LYS E 649 49.63 21.03 10.10
CA LYS E 649 49.54 22.47 10.32
C LYS E 649 48.69 22.74 11.55
N LEU E 650 48.77 23.98 12.04
CA LEU E 650 48.04 24.41 13.22
C LEU E 650 46.58 24.70 12.87
N LEU E 651 45.69 24.38 13.80
CA LEU E 651 44.26 24.59 13.59
C LEU E 651 43.87 26.03 13.91
N ASP E 652 42.88 26.53 13.19
CA ASP E 652 42.35 27.89 13.34
C ASP E 652 40.90 27.82 13.80
N GLU E 653 40.55 28.65 14.78
CA GLU E 653 39.22 28.64 15.36
C GLU E 653 38.27 29.64 14.69
N GLY E 654 38.77 30.77 14.23
CA GLY E 654 37.94 31.74 13.55
C GLY E 654 37.68 31.45 12.09
N LEU E 655 38.35 30.44 11.53
CA LEU E 655 38.15 30.09 10.12
C LEU E 655 36.72 29.64 9.85
N ASP E 656 36.16 28.82 10.75
CA ASP E 656 34.79 28.37 10.58
C ASP E 656 33.81 29.54 10.60
N GLY E 657 34.00 30.46 11.54
CA GLY E 657 33.13 31.63 11.60
C GLY E 657 33.25 32.51 10.38
N LYS E 658 34.47 32.73 9.90
CA LYS E 658 34.67 33.55 8.72
C LYS E 658 34.05 32.90 7.49
N ILE E 659 34.13 31.57 7.40
CA ILE E 659 33.50 30.85 6.30
C ILE E 659 31.98 30.97 6.36
N GLN E 660 31.40 30.75 7.55
CA GLN E 660 29.96 30.84 7.71
C GLN E 660 29.45 32.25 7.45
N ASN E 661 30.28 33.26 7.72
CA ASN E 661 29.91 34.66 7.52
C ASN E 661 29.83 35.02 6.03
N ASN E 662 30.01 34.05 5.14
CA ASN E 662 29.99 34.27 3.69
C ASN E 662 31.08 35.25 3.27
N ARG E 663 32.19 35.25 3.99
CA ARG E 663 33.27 36.19 3.70
C ARG E 663 34.03 35.79 2.45
N TYR E 664 34.10 34.49 2.16
CA TYR E 664 34.92 33.98 1.07
C TYR E 664 34.11 33.64 -0.17
N ARG E 665 32.81 33.96 -0.17
CA ARG E 665 31.92 33.45 -1.21
C ARG E 665 32.32 33.98 -2.58
N PHE E 666 32.61 35.27 -2.70
CA PHE E 666 32.90 35.83 -4.02
C PHE E 666 34.31 35.49 -4.49
N ALA E 667 35.28 35.48 -3.56
CA ALA E 667 36.63 35.07 -3.93
C ALA E 667 36.65 33.61 -4.39
N PHE E 668 35.92 32.75 -3.69
CA PHE E 668 35.86 31.35 -4.09
C PHE E 668 35.08 31.18 -5.39
N LEU E 669 34.05 32.00 -5.62
CA LEU E 669 33.36 31.95 -6.90
C LEU E 669 34.28 32.35 -8.04
N TYR E 670 35.11 33.38 -7.84
CA TYR E 670 36.07 33.78 -8.87
C TYR E 670 37.10 32.68 -9.11
N LEU E 671 37.58 32.06 -8.03
CA LEU E 671 38.51 30.94 -8.20
C LEU E 671 37.86 29.79 -8.95
N LEU E 672 36.58 29.52 -8.67
CA LEU E 672 35.89 28.43 -9.33
C LEU E 672 35.68 28.70 -10.82
N VAL E 673 35.30 29.93 -11.18
CA VAL E 673 35.13 30.22 -12.60
C VAL E 673 36.47 30.21 -13.32
N LYS E 674 37.54 30.64 -12.63
CA LYS E 674 38.87 30.55 -13.21
C LYS E 674 39.26 29.09 -13.47
N TRP E 675 38.99 28.20 -12.50
CA TRP E 675 39.29 26.79 -12.69
C TRP E 675 38.44 26.17 -13.80
N TYR E 676 37.18 26.57 -13.88
CA TYR E 676 36.31 26.07 -14.95
C TYR E 676 36.82 26.53 -16.32
N LYS E 677 37.28 27.77 -16.41
CA LYS E 677 37.90 28.26 -17.63
C LYS E 677 39.16 27.47 -17.97
N LYS E 678 39.98 27.19 -16.96
CA LYS E 678 41.21 26.43 -17.18
C LYS E 678 40.92 25.03 -17.71
N TYR E 679 39.91 24.36 -17.14
CA TYR E 679 39.60 22.99 -17.51
C TYR E 679 38.49 22.90 -18.54
N HIS E 680 38.13 24.02 -19.17
CA HIS E 680 36.98 24.13 -20.07
C HIS E 680 37.40 24.09 -21.52
N ILE E 681 38.39 23.26 -21.85
CA ILE E 681 38.89 23.09 -23.22
C ILE E 681 37.76 22.48 -24.05
N PRO E 682 37.92 22.35 -25.40
CA PRO E 682 36.81 21.94 -26.27
C PRO E 682 35.87 20.88 -25.70
N ILE E 683 36.41 19.85 -25.05
CA ILE E 683 35.59 18.82 -24.40
C ILE E 683 36.08 18.65 -22.96
N MET E 684 35.15 18.36 -22.07
CA MET E 684 35.43 18.14 -20.65
C MET E 684 34.92 16.77 -20.22
N LYS E 685 35.71 16.08 -19.40
CA LYS E 685 35.24 14.81 -18.87
C LYS E 685 35.92 14.53 -17.54
N LEU E 686 35.29 13.66 -16.75
CA LEU E 686 35.84 13.23 -15.47
C LEU E 686 36.45 11.84 -15.66
N TYR E 687 37.75 11.73 -15.42
CA TYR E 687 38.47 10.49 -15.67
C TYR E 687 38.60 9.70 -14.39
N PRO E 688 38.11 8.48 -14.33
CA PRO E 688 38.22 7.67 -13.11
C PRO E 688 39.66 7.25 -12.85
N THR E 689 39.95 6.97 -11.59
CA THR E 689 41.26 6.49 -11.14
C THR E 689 41.07 5.23 -10.31
N PRO E 690 40.76 4.10 -10.95
CA PRO E 690 40.54 2.87 -10.18
C PRO E 690 41.75 2.41 -9.37
N GLU E 691 42.96 2.83 -9.74
CA GLU E 691 44.12 2.49 -8.92
C GLU E 691 43.98 3.01 -7.50
N GLU E 692 43.20 4.08 -7.30
CA GLU E 692 42.98 4.61 -5.96
C GLU E 692 42.13 3.70 -5.09
N ILE E 693 41.45 2.72 -5.68
CA ILE E 693 40.60 1.78 -4.93
C ILE E 693 41.35 0.46 -4.86
N PRO E 694 41.86 0.07 -3.69
CA PRO E 694 42.59 -1.21 -3.61
C PRO E 694 41.73 -2.43 -3.90
N ASP E 695 40.41 -2.33 -3.74
CA ASP E 695 39.55 -3.49 -3.97
C ASP E 695 39.50 -3.85 -5.45
N PHE E 696 39.56 -2.85 -6.33
CA PHE E 696 39.52 -3.11 -7.76
C PHE E 696 40.80 -3.76 -8.28
N ALA E 697 41.82 -3.86 -7.42
CA ALA E 697 43.11 -4.41 -7.86
C ALA E 697 42.98 -5.87 -8.29
N PHE E 698 42.11 -6.64 -7.63
CA PHE E 698 41.92 -8.04 -8.00
C PHE E 698 41.37 -8.15 -9.43
N TYR E 699 40.30 -7.41 -9.72
CA TYR E 699 39.71 -7.46 -11.05
C TYR E 699 40.64 -6.85 -12.10
N LEU E 700 41.49 -5.89 -11.70
CA LEU E 700 42.43 -5.31 -12.64
C LEU E 700 43.60 -6.25 -12.95
N LYS E 701 44.06 -7.00 -11.95
CA LYS E 701 45.21 -7.88 -12.15
C LYS E 701 44.80 -9.27 -12.57
N ILE E 702 43.51 -9.57 -12.62
CA ILE E 702 43.05 -10.85 -13.16
C ILE E 702 43.57 -11.02 -14.59
N GLY E 703 43.41 -9.98 -15.41
CA GLY E 703 43.93 -10.01 -16.77
C GLY E 703 45.38 -9.61 -16.92
N THR E 704 46.02 -9.18 -15.84
CA THR E 704 47.41 -8.73 -15.87
C THR E 704 48.39 -9.82 -15.44
N LEU E 705 47.93 -11.04 -15.21
CA LEU E 705 48.80 -12.10 -14.75
C LEU E 705 48.70 -13.35 -15.64
N LEU E 706 47.55 -13.53 -16.29
CA LEU E 706 47.30 -14.69 -17.13
C LEU E 706 46.96 -14.24 -18.55
N VAL E 707 47.55 -14.91 -19.54
CA VAL E 707 47.28 -14.64 -20.94
C VAL E 707 46.81 -15.93 -21.58
N SER E 708 45.60 -15.90 -22.13
CA SER E 708 45.00 -17.10 -22.70
C SER E 708 45.73 -17.54 -23.96
N SER E 709 45.74 -18.85 -24.19
CA SER E 709 46.36 -19.43 -25.38
C SER E 709 45.46 -19.13 -26.57
N SER E 710 45.78 -18.05 -27.28
CA SER E 710 44.95 -17.59 -28.38
C SER E 710 45.11 -18.51 -29.59
N VAL E 711 44.35 -18.20 -30.65
CA VAL E 711 44.44 -18.97 -31.88
C VAL E 711 45.80 -18.81 -32.54
N LYS E 712 46.38 -17.61 -32.45
CA LYS E 712 47.69 -17.36 -33.03
C LYS E 712 48.79 -18.16 -32.33
N HIS E 713 48.57 -18.58 -31.09
CA HIS E 713 49.55 -19.36 -30.34
C HIS E 713 49.35 -20.86 -30.51
N ILE E 714 48.45 -21.28 -31.41
CA ILE E 714 48.22 -22.71 -31.62
C ILE E 714 49.50 -23.44 -32.00
N PRO E 715 50.35 -22.91 -32.89
CA PRO E 715 51.62 -23.57 -33.25
C PRO E 715 52.75 -23.28 -32.27
N LEU E 716 52.44 -23.39 -30.97
CA LEU E 716 53.44 -23.15 -29.93
C LEU E 716 53.34 -24.13 -28.78
N MET E 717 52.63 -25.25 -28.94
CA MET E 717 52.45 -26.20 -27.87
C MET E 717 53.65 -27.14 -27.68
N THR E 718 54.65 -27.07 -28.56
CA THR E 718 55.82 -27.93 -28.43
C THR E 718 56.55 -27.67 -27.11
N ASP E 719 56.74 -26.40 -26.76
CA ASP E 719 57.37 -26.07 -25.48
C ASP E 719 56.42 -26.35 -24.32
N LEU E 720 55.12 -26.14 -24.51
CA LEU E 720 54.16 -26.41 -23.45
C LEU E 720 54.08 -27.88 -23.10
N SER E 721 54.42 -28.77 -24.05
CA SER E 721 54.40 -30.19 -23.77
C SER E 721 55.39 -30.55 -22.67
N LYS E 722 56.57 -29.93 -22.67
CA LYS E 722 57.56 -30.18 -21.62
C LYS E 722 57.23 -29.45 -20.33
N LYS E 723 56.29 -28.50 -20.36
CA LYS E 723 55.91 -27.75 -19.18
C LYS E 723 54.79 -28.41 -18.38
N GLY E 724 54.27 -29.55 -18.84
CA GLY E 724 53.20 -30.24 -18.16
C GLY E 724 51.81 -29.98 -18.72
N TYR E 725 51.68 -29.12 -19.72
CA TYR E 725 50.38 -28.84 -20.31
C TYR E 725 49.96 -29.99 -21.23
N ILE E 726 48.65 -30.06 -21.49
CA ILE E 726 48.07 -31.07 -22.35
C ILE E 726 47.39 -30.37 -23.53
N LEU E 727 47.73 -30.80 -24.74
CA LEU E 727 47.16 -30.23 -25.96
C LEU E 727 45.95 -31.06 -26.37
N TYR E 728 44.79 -30.42 -26.42
CA TYR E 728 43.55 -31.10 -26.79
C TYR E 728 42.66 -30.13 -27.55
N ASP E 729 42.06 -30.63 -28.65
CA ASP E 729 41.18 -29.83 -29.50
C ASP E 729 41.86 -28.55 -29.97
N ASN E 730 43.15 -28.67 -30.31
CA ASN E 730 43.97 -27.54 -30.76
C ASN E 730 43.99 -26.42 -29.73
N VAL E 731 43.93 -26.80 -28.44
CA VAL E 731 43.95 -25.86 -27.35
C VAL E 731 44.91 -26.35 -26.27
N VAL E 732 45.40 -25.42 -25.47
CA VAL E 732 46.30 -25.71 -24.35
C VAL E 732 45.65 -25.17 -23.07
N THR E 733 45.56 -26.02 -22.06
CA THR E 733 44.90 -25.65 -20.81
C THR E 733 45.63 -26.32 -19.65
N LEU E 734 45.15 -26.06 -18.44
CA LEU E 734 45.74 -26.58 -17.23
C LEU E 734 44.62 -27.07 -16.31
N PRO E 735 44.93 -27.98 -15.40
CA PRO E 735 43.90 -28.47 -14.48
C PRO E 735 43.48 -27.41 -13.48
N LEU E 736 42.26 -27.56 -12.95
CA LEU E 736 41.73 -26.60 -12.00
C LEU E 736 42.55 -26.58 -10.71
N THR E 737 42.97 -27.75 -10.23
CA THR E 737 43.74 -27.81 -8.99
C THR E 737 45.09 -27.11 -9.15
N THR E 738 45.77 -27.33 -10.28
CA THR E 738 47.04 -26.67 -10.51
C THR E 738 46.87 -25.16 -10.61
N PHE E 739 45.82 -24.71 -11.31
CA PHE E 739 45.57 -23.28 -11.42
C PHE E 739 45.28 -22.66 -10.06
N GLN E 740 44.48 -23.35 -9.24
CA GLN E 740 44.19 -22.84 -7.90
C GLN E 740 45.44 -22.78 -7.04
N GLN E 741 46.29 -23.80 -7.13
CA GLN E 741 47.52 -23.81 -6.34
C GLN E 741 48.50 -22.73 -6.80
N LYS E 742 48.52 -22.43 -8.10
CA LYS E 742 49.45 -21.43 -8.63
C LYS E 742 48.93 -20.00 -8.51
N ILE E 743 47.61 -19.81 -8.39
CA ILE E 743 47.06 -18.46 -8.33
C ILE E 743 47.51 -17.73 -7.07
N SER E 744 47.66 -18.46 -5.96
CA SER E 744 48.04 -17.86 -4.69
C SER E 744 49.47 -17.32 -4.70
N LYS E 745 50.27 -17.68 -5.71
CA LYS E 745 51.66 -17.21 -5.75
C LYS E 745 51.75 -15.69 -5.85
N TYR E 746 50.89 -15.08 -6.67
CA TYR E 746 50.91 -13.63 -6.82
C TYR E 746 50.21 -12.94 -5.66
N PHE E 747 48.92 -13.23 -5.47
CA PHE E 747 48.14 -12.67 -4.38
C PHE E 747 47.51 -13.79 -3.59
N ASN E 748 47.53 -13.66 -2.26
CA ASN E 748 46.95 -14.66 -1.39
C ASN E 748 45.44 -14.74 -1.59
N SER E 749 44.91 -15.96 -1.56
CA SER E 749 43.49 -16.19 -1.81
C SER E 749 42.60 -15.71 -0.68
N ARG E 750 43.17 -15.33 0.47
CA ARG E 750 42.35 -14.87 1.59
C ARG E 750 41.64 -13.56 1.24
N LEU E 751 42.34 -12.64 0.57
CA LEU E 751 41.77 -11.33 0.31
C LEU E 751 40.58 -11.39 -0.64
N PHE E 752 40.66 -12.22 -1.69
CA PHE E 752 39.65 -12.27 -2.73
C PHE E 752 39.27 -13.70 -3.05
N GLY E 753 38.98 -14.50 -2.01
CA GLY E 753 38.60 -15.88 -2.25
C GLY E 753 37.30 -16.01 -3.02
N HIS E 754 36.29 -15.24 -2.64
CA HIS E 754 35.00 -15.29 -3.34
C HIS E 754 35.15 -14.81 -4.77
N ASP E 755 35.90 -13.73 -4.99
CA ASP E 755 36.11 -13.23 -6.34
C ASP E 755 36.86 -14.24 -7.20
N ILE E 756 37.87 -14.89 -6.63
CA ILE E 756 38.62 -15.91 -7.37
C ILE E 756 37.72 -17.09 -7.72
N GLU E 757 36.89 -17.52 -6.77
CA GLU E 757 35.97 -18.62 -7.04
C GLU E 757 34.98 -18.26 -8.13
N SER E 758 34.43 -17.04 -8.10
CA SER E 758 33.51 -16.60 -9.13
C SER E 758 34.18 -16.53 -10.49
N PHE E 759 35.42 -16.00 -10.53
CA PHE E 759 36.14 -15.91 -11.79
C PHE E 759 36.45 -17.30 -12.35
N ILE E 760 36.82 -18.24 -11.49
CA ILE E 760 37.10 -19.60 -11.95
C ILE E 760 35.82 -20.25 -12.45
N ASN E 761 34.70 -20.05 -11.76
CA ASN E 761 33.45 -20.68 -12.18
C ASN E 761 32.92 -20.07 -13.47
N ARG E 762 33.16 -18.79 -13.71
CA ARG E 762 32.63 -18.12 -14.89
C ARG E 762 33.53 -18.22 -16.11
N HIS E 763 34.85 -18.26 -15.91
CA HIS E 763 35.82 -18.24 -17.00
C HIS E 763 36.59 -19.55 -17.10
N LYS E 764 35.90 -20.68 -16.92
CA LYS E 764 36.48 -22.00 -17.06
C LYS E 764 36.00 -22.60 -18.38
N LYS E 765 36.94 -23.13 -19.16
CA LYS E 765 36.58 -23.76 -20.43
C LYS E 765 35.68 -24.96 -20.18
N PHE E 766 34.51 -24.95 -20.81
CA PHE E 766 33.51 -26.01 -20.62
C PHE E 766 33.83 -27.14 -21.58
N ALA E 767 34.70 -28.05 -21.12
CA ALA E 767 35.06 -29.24 -21.89
C ALA E 767 34.84 -30.53 -21.12
N ASN E 768 35.14 -30.55 -19.82
CA ASN E 768 34.96 -31.73 -19.01
C ASN E 768 34.95 -31.32 -17.55
N VAL E 769 33.86 -31.66 -16.84
CA VAL E 769 33.80 -31.37 -15.41
C VAL E 769 34.77 -32.25 -14.63
N SER E 770 34.92 -33.51 -15.06
CA SER E 770 35.85 -34.41 -14.38
C SER E 770 37.29 -33.91 -14.50
N ASP E 771 37.67 -33.44 -15.69
CA ASP E 771 38.99 -32.85 -15.92
C ASP E 771 38.77 -31.37 -16.25
N GLU E 772 38.71 -30.55 -15.20
CA GLU E 772 38.44 -29.13 -15.38
C GLU E 772 39.67 -28.46 -15.99
N TYR E 773 39.50 -27.91 -17.19
CA TYR E 773 40.59 -27.30 -17.95
C TYR E 773 40.37 -25.80 -18.04
N LEU E 774 41.38 -25.02 -17.65
CA LEU E 774 41.32 -23.57 -17.71
C LEU E 774 42.10 -23.11 -18.92
N GLN E 775 41.41 -22.42 -19.84
CA GLN E 775 42.03 -21.96 -21.09
C GLN E 775 42.79 -20.65 -20.87
N TYR E 776 43.77 -20.72 -19.97
CA TYR E 776 44.63 -19.61 -19.66
C TYR E 776 46.07 -20.08 -19.59
N ILE E 777 47.00 -19.16 -19.82
CA ILE E 777 48.43 -19.46 -19.85
C ILE E 777 49.12 -18.58 -18.82
N PHE E 778 50.05 -19.18 -18.07
CA PHE E 778 50.81 -18.41 -17.08
C PHE E 778 51.73 -17.43 -17.79
N ILE E 779 51.95 -16.28 -17.15
CA ILE E 779 52.79 -15.25 -17.75
C ILE E 779 54.24 -15.71 -17.85
N GLU E 780 54.76 -16.35 -16.79
CA GLU E 780 56.15 -16.79 -16.81
C GLU E 780 56.39 -17.87 -17.86
N ASP E 781 55.49 -18.84 -17.96
CA ASP E 781 55.66 -19.91 -18.94
C ASP E 781 55.60 -19.38 -20.36
N ILE E 782 54.68 -18.45 -20.63
CA ILE E 782 54.58 -17.87 -21.96
C ILE E 782 55.81 -17.01 -22.27
N SER E 783 56.31 -16.29 -21.27
CA SER E 783 57.50 -15.46 -21.48
C SER E 783 58.71 -16.34 -21.79
N SER E 784 58.87 -17.44 -21.07
CA SER E 784 59.98 -18.35 -21.34
C SER E 784 59.74 -19.07 -22.67
N PRO E 785 60.72 -19.07 -23.59
CA PRO E 785 60.60 -19.71 -24.91
C PRO E 785 60.33 -21.21 -24.81
N GLY F 323 -46.93 26.22 -23.19
CA GLY F 323 -46.34 26.32 -21.86
C GLY F 323 -45.22 25.32 -21.64
N ASN F 324 -44.01 25.83 -21.40
CA ASN F 324 -42.82 25.02 -21.19
C ASN F 324 -42.54 24.11 -22.39
N LYS F 325 -42.18 24.77 -23.49
CA LYS F 325 -41.69 24.08 -24.68
C LYS F 325 -40.60 23.08 -24.33
N LEU F 326 -39.70 23.44 -23.42
CA LEU F 326 -38.61 22.54 -23.06
C LEU F 326 -39.13 21.31 -22.32
N PHE F 327 -40.11 21.48 -21.44
CA PHE F 327 -40.70 20.33 -20.77
C PHE F 327 -41.46 19.44 -21.76
N ASN F 328 -42.12 20.05 -22.75
CA ASN F 328 -42.79 19.26 -23.77
C ASN F 328 -41.78 18.45 -24.59
N ILE F 329 -40.65 19.06 -24.92
CA ILE F 329 -39.59 18.35 -25.64
C ILE F 329 -39.06 17.19 -24.79
N ALA F 330 -38.87 17.43 -23.50
CA ALA F 330 -38.40 16.37 -22.61
C ALA F 330 -39.40 15.22 -22.55
N GLN F 331 -40.69 15.53 -22.44
CA GLN F 331 -41.71 14.49 -22.42
C GLN F 331 -41.72 13.70 -23.72
N ARG F 332 -41.60 14.40 -24.86
CA ARG F 332 -41.58 13.71 -26.14
C ARG F 332 -40.37 12.78 -26.25
N ILE F 333 -39.20 13.24 -25.82
CA ILE F 333 -38.01 12.41 -25.88
C ILE F 333 -38.14 11.22 -24.94
N LEU F 334 -38.76 11.42 -23.77
CA LEU F 334 -38.94 10.32 -22.82
C LEU F 334 -39.92 9.28 -23.36
N ASP F 335 -40.94 9.70 -24.11
CA ASP F 335 -41.94 8.77 -24.60
C ASP F 335 -41.37 7.73 -25.57
N THR F 336 -40.22 8.01 -26.19
CA THR F 336 -39.62 7.08 -27.14
C THR F 336 -38.77 6.00 -26.47
N ASN F 337 -38.56 6.09 -25.15
CA ASN F 337 -37.80 5.09 -24.40
C ASN F 337 -36.37 4.99 -24.92
N SER F 338 -35.72 6.14 -25.14
CA SER F 338 -34.35 6.18 -25.59
C SER F 338 -33.35 6.43 -24.45
N VAL F 339 -33.83 6.76 -23.26
CA VAL F 339 -33.00 6.85 -22.07
C VAL F 339 -33.55 5.90 -21.03
N LEU F 340 -32.68 5.09 -20.43
CA LEU F 340 -33.08 4.16 -19.40
C LEU F 340 -32.11 4.25 -18.23
N LEU F 341 -32.63 4.00 -17.03
CA LEU F 341 -31.84 3.97 -15.80
C LEU F 341 -31.71 2.51 -15.37
N THR F 342 -30.47 2.04 -15.24
CA THR F 342 -30.21 0.64 -14.98
C THR F 342 -29.98 0.40 -13.49
N GLU F 343 -30.11 -0.87 -13.08
CA GLU F 343 -30.00 -1.25 -11.68
C GLU F 343 -28.61 -1.06 -11.11
N ARG F 344 -27.60 -0.85 -11.96
CA ARG F 344 -26.26 -0.50 -11.50
C ARG F 344 -26.09 0.99 -11.30
N GLY F 345 -27.10 1.80 -11.63
CA GLY F 345 -27.04 3.23 -11.44
C GLY F 345 -26.66 4.04 -12.67
N ASP F 346 -26.52 3.40 -13.82
CA ASP F 346 -26.06 4.08 -15.03
C ASP F 346 -27.24 4.46 -15.91
N HIS F 347 -27.07 5.56 -16.65
CA HIS F 347 -28.01 5.98 -17.68
C HIS F 347 -27.53 5.49 -19.03
N ILE F 348 -28.34 4.68 -19.69
CA ILE F 348 -28.04 4.16 -21.02
C ILE F 348 -28.90 4.89 -22.04
N VAL F 349 -28.29 5.29 -23.15
CA VAL F 349 -28.97 6.01 -24.21
C VAL F 349 -28.86 5.21 -25.49
N TRP F 350 -29.87 5.36 -26.35
CA TRP F 350 -29.97 4.61 -27.60
C TRP F 350 -29.55 5.55 -28.74
N ILE F 351 -28.24 5.63 -28.98
CA ILE F 351 -27.69 6.41 -30.08
C ILE F 351 -27.07 5.43 -31.07
N ASN F 352 -27.39 5.61 -32.35
CA ASN F 352 -26.74 4.90 -33.45
C ASN F 352 -26.94 3.39 -33.34
N ASN F 353 -28.20 2.99 -33.15
CA ASN F 353 -28.58 1.58 -33.11
C ASN F 353 -27.79 0.80 -32.06
N SER F 354 -27.59 1.42 -30.89
CA SER F 354 -26.83 0.77 -29.83
C SER F 354 -27.16 1.44 -28.50
N TRP F 355 -27.07 0.65 -27.43
CA TRP F 355 -27.18 1.17 -26.07
C TRP F 355 -25.78 1.54 -25.57
N LYS F 356 -25.57 2.81 -25.29
CA LYS F 356 -24.27 3.31 -24.86
C LYS F 356 -24.41 4.04 -23.53
N PHE F 357 -23.37 3.95 -22.70
CA PHE F 357 -23.35 4.65 -21.43
C PHE F 357 -21.91 4.95 -21.05
N ASN F 358 -21.71 6.06 -20.36
CA ASN F 358 -20.42 6.44 -19.80
C ASN F 358 -20.66 6.88 -18.37
N SER F 359 -19.98 6.22 -17.42
CA SER F 359 -20.32 6.38 -16.01
C SER F 359 -20.09 7.80 -15.52
N GLU F 360 -18.96 8.41 -15.88
CA GLU F 360 -18.62 9.74 -15.39
C GLU F 360 -19.02 10.85 -16.34
N GLU F 361 -19.54 10.53 -17.53
CA GLU F 361 -19.90 11.53 -18.52
C GLU F 361 -21.12 11.04 -19.30
N PRO F 362 -22.32 11.39 -18.85
CA PRO F 362 -23.53 10.90 -19.52
C PRO F 362 -23.67 11.47 -20.93
N LEU F 363 -24.43 10.75 -21.77
CA LEU F 363 -24.60 11.07 -23.17
C LEU F 363 -26.00 11.59 -23.50
N ILE F 364 -26.69 12.12 -22.49
CA ILE F 364 -28.09 12.51 -22.68
C ILE F 364 -28.20 13.69 -23.63
N THR F 365 -27.28 14.67 -23.53
CA THR F 365 -27.30 15.78 -24.47
C THR F 365 -26.94 15.32 -25.88
N LYS F 366 -26.05 14.33 -26.00
CA LYS F 366 -25.77 13.73 -27.30
C LYS F 366 -27.03 13.15 -27.90
N LEU F 367 -27.80 12.41 -27.09
CA LEU F 367 -29.05 11.85 -27.57
C LEU F 367 -30.04 12.94 -27.97
N ILE F 368 -30.11 14.01 -27.19
CA ILE F 368 -31.04 15.11 -27.51
C ILE F 368 -30.69 15.71 -28.86
N LEU F 369 -29.41 16.01 -29.08
CA LEU F 369 -28.98 16.59 -30.35
C LEU F 369 -29.23 15.63 -31.51
N SER F 370 -28.97 14.34 -31.31
CA SER F 370 -29.19 13.38 -32.39
C SER F 370 -30.68 13.21 -32.70
N ILE F 371 -31.52 13.25 -31.66
CA ILE F 371 -32.96 13.02 -31.83
C ILE F 371 -33.71 14.27 -32.24
N ARG F 372 -33.05 15.42 -32.28
CA ARG F 372 -33.71 16.67 -32.67
C ARG F 372 -34.45 16.59 -34.01
N HIS F 373 -34.16 15.58 -34.84
CA HIS F 373 -34.76 15.50 -36.16
C HIS F 373 -36.12 14.81 -36.17
N GLN F 374 -36.53 14.16 -35.09
CA GLN F 374 -37.83 13.48 -35.01
C GLN F 374 -38.87 14.30 -34.24
N LEU F 375 -38.69 15.61 -34.21
CA LEU F 375 -39.59 16.54 -33.53
C LEU F 375 -40.09 17.58 -34.53
N PRO F 376 -41.20 18.26 -34.23
CA PRO F 376 -41.63 19.38 -35.06
C PRO F 376 -40.53 20.42 -35.23
N LYS F 377 -40.63 21.24 -36.28
CA LYS F 377 -39.54 22.15 -36.62
C LYS F 377 -39.30 23.18 -35.52
N GLU F 378 -40.39 23.69 -34.92
CA GLU F 378 -40.23 24.68 -33.86
C GLU F 378 -39.51 24.08 -32.65
N TYR F 379 -39.80 22.82 -32.33
CA TYR F 379 -39.08 22.14 -31.26
C TYR F 379 -37.63 21.90 -31.64
N SER F 380 -37.39 21.48 -32.88
CA SER F 380 -36.03 21.15 -33.32
C SER F 380 -35.13 22.37 -33.34
N SER F 381 -35.69 23.55 -33.61
CA SER F 381 -34.86 24.76 -33.63
C SER F 381 -34.31 25.09 -32.24
N GLU F 382 -35.01 24.68 -31.18
CA GLU F 382 -34.60 25.03 -29.82
C GLU F 382 -33.46 24.17 -29.30
N LEU F 383 -33.09 23.09 -29.98
CA LEU F 383 -32.13 22.13 -29.47
C LEU F 383 -30.72 22.38 -29.96
N LEU F 384 -30.46 23.50 -30.62
CA LEU F 384 -29.13 23.87 -31.05
C LEU F 384 -28.36 24.67 -30.00
N CYS F 385 -28.97 24.91 -28.83
CA CYS F 385 -28.34 25.63 -27.74
C CYS F 385 -27.94 24.68 -26.63
N PRO F 386 -26.66 24.66 -26.24
CA PRO F 386 -26.25 23.77 -25.13
C PRO F 386 -26.99 24.03 -23.84
N ARG F 387 -27.32 25.30 -23.54
CA ARG F 387 -28.05 25.62 -22.33
C ARG F 387 -29.43 24.97 -22.33
N LYS F 388 -30.14 25.06 -23.46
CA LYS F 388 -31.46 24.46 -23.56
C LYS F 388 -31.38 22.94 -23.53
N ARG F 389 -30.33 22.37 -24.15
CA ARG F 389 -30.15 20.92 -24.09
C ARG F 389 -29.93 20.47 -22.64
N LYS F 390 -29.17 21.24 -21.87
CA LYS F 390 -28.95 20.90 -20.47
C LYS F 390 -30.24 21.02 -19.65
N THR F 391 -31.06 22.03 -19.94
CA THR F 391 -32.36 22.12 -19.27
C THR F 391 -33.22 20.90 -19.56
N VAL F 392 -33.28 20.49 -20.83
CA VAL F 392 -34.05 19.30 -21.20
C VAL F 392 -33.50 18.07 -20.51
N GLU F 393 -32.17 17.97 -20.39
CA GLU F 393 -31.56 16.84 -19.71
C GLU F 393 -31.96 16.80 -18.24
N ALA F 394 -31.99 17.96 -17.58
CA ALA F 394 -32.44 18.01 -16.20
C ALA F 394 -33.88 17.54 -16.07
N ASN F 395 -34.75 17.97 -16.98
CA ASN F 395 -36.13 17.50 -16.98
C ASN F 395 -36.20 15.98 -17.12
N ILE F 396 -35.43 15.42 -18.06
CA ILE F 396 -35.44 13.97 -18.27
C ILE F 396 -34.96 13.24 -17.03
N ARG F 397 -33.89 13.74 -16.40
CA ARG F 397 -33.36 13.11 -15.21
C ARG F 397 -34.39 13.11 -14.09
N ASP F 398 -35.11 14.22 -13.91
CA ASP F 398 -36.17 14.24 -12.91
C ASP F 398 -37.30 13.28 -13.26
N MET F 399 -37.58 13.09 -14.55
CA MET F 399 -38.62 12.14 -14.94
C MET F 399 -38.24 10.69 -14.71
N LEU F 400 -36.98 10.32 -14.88
CA LEU F 400 -36.55 8.92 -14.75
C LEU F 400 -36.50 8.53 -13.29
N VAL F 401 -37.41 7.66 -12.86
CA VAL F 401 -37.51 7.23 -11.48
C VAL F 401 -37.21 5.74 -11.33
N ASP F 402 -37.88 4.90 -12.11
CA ASP F 402 -37.76 3.46 -11.98
C ASP F 402 -36.55 2.93 -12.75
N SER F 403 -36.05 1.79 -12.30
CA SER F 403 -34.92 1.12 -12.91
C SER F 403 -35.40 -0.03 -13.80
N VAL F 404 -34.50 -0.50 -14.66
CA VAL F 404 -34.77 -1.61 -15.56
C VAL F 404 -33.61 -2.60 -15.50
N GLU F 405 -33.88 -3.82 -15.96
CA GLU F 405 -32.89 -4.88 -16.01
C GLU F 405 -32.41 -5.08 -17.44
N THR F 406 -31.10 -5.21 -17.61
CA THR F 406 -30.48 -5.28 -18.91
C THR F 406 -29.82 -6.64 -19.12
N ASP F 407 -29.58 -6.96 -20.39
CA ASP F 407 -28.84 -8.17 -20.79
C ASP F 407 -29.50 -9.43 -20.24
N THR F 408 -30.73 -9.67 -20.68
CA THR F 408 -31.52 -10.80 -20.22
C THR F 408 -31.80 -11.83 -21.32
N TYR F 409 -31.32 -11.61 -22.53
CA TYR F 409 -31.54 -12.54 -23.63
C TYR F 409 -30.24 -13.26 -23.95
N PRO F 410 -30.14 -14.58 -23.73
CA PRO F 410 -28.87 -15.28 -23.99
C PRO F 410 -28.63 -15.61 -25.45
N ASP F 411 -29.63 -15.50 -26.33
CA ASP F 411 -29.53 -15.91 -27.72
C ASP F 411 -29.54 -14.72 -28.68
N LYS F 412 -29.15 -13.54 -28.20
CA LYS F 412 -29.05 -12.35 -29.03
C LYS F 412 -27.60 -11.88 -29.03
N LEU F 413 -27.04 -11.67 -30.23
CA LEU F 413 -25.66 -11.25 -30.35
C LEU F 413 -25.63 -9.77 -30.70
N PRO F 414 -25.15 -8.90 -29.83
CA PRO F 414 -25.20 -7.46 -30.13
C PRO F 414 -24.01 -6.96 -30.92
N PHE F 415 -24.28 -6.17 -31.96
CA PHE F 415 -23.27 -5.52 -32.77
C PHE F 415 -23.34 -4.00 -32.56
N LYS F 416 -22.57 -3.26 -33.35
CA LYS F 416 -22.56 -1.79 -33.22
C LYS F 416 -23.67 -1.12 -34.02
N ASN F 417 -24.43 -1.88 -34.82
CA ASN F 417 -25.51 -1.30 -35.62
C ASN F 417 -26.77 -2.17 -35.60
N GLY F 418 -26.87 -3.11 -34.68
CA GLY F 418 -28.03 -3.97 -34.61
C GLY F 418 -27.75 -5.20 -33.78
N VAL F 419 -28.76 -6.06 -33.71
CA VAL F 419 -28.72 -7.28 -32.91
C VAL F 419 -29.02 -8.46 -33.83
N LEU F 420 -28.17 -9.48 -33.78
CA LEU F 420 -28.34 -10.69 -34.57
C LEU F 420 -29.06 -11.75 -33.75
N ASP F 421 -30.13 -12.30 -34.31
CA ASP F 421 -30.87 -13.38 -33.68
C ASP F 421 -30.15 -14.70 -33.96
N LEU F 422 -29.76 -15.41 -32.91
CA LEU F 422 -28.96 -16.62 -33.07
C LEU F 422 -29.80 -17.85 -33.34
N VAL F 423 -31.12 -17.74 -33.28
CA VAL F 423 -31.99 -18.88 -33.57
C VAL F 423 -32.56 -18.83 -34.99
N ASP F 424 -32.52 -17.68 -35.66
CA ASP F 424 -32.88 -17.59 -37.08
C ASP F 424 -31.77 -17.09 -37.98
N GLY F 425 -30.72 -16.46 -37.45
CA GLY F 425 -29.81 -15.73 -38.31
C GLY F 425 -30.36 -14.41 -38.79
N MET F 426 -31.46 -13.95 -38.21
CA MET F 426 -32.11 -12.71 -38.62
C MET F 426 -31.48 -11.52 -37.90
N PHE F 427 -31.16 -10.48 -38.66
CA PHE F 427 -30.49 -9.30 -38.13
C PHE F 427 -31.47 -8.15 -38.02
N TYR F 428 -31.55 -7.55 -36.83
CA TYR F 428 -32.44 -6.44 -36.54
C TYR F 428 -31.63 -5.16 -36.33
N SER F 429 -32.28 -4.04 -36.58
CA SER F 429 -31.64 -2.73 -36.41
C SER F 429 -32.69 -1.64 -36.27
N GLY F 430 -32.65 -0.90 -35.16
CA GLY F 430 -33.63 0.14 -34.92
C GLY F 430 -34.56 -0.15 -33.75
N ASP F 431 -35.84 0.12 -33.93
CA ASP F 431 -36.80 -0.14 -32.87
C ASP F 431 -36.98 -1.63 -32.64
N ASP F 432 -36.73 -2.46 -33.66
CA ASP F 432 -36.83 -3.90 -33.51
C ASP F 432 -35.63 -4.50 -32.79
N ALA F 433 -34.51 -3.79 -32.70
CA ALA F 433 -33.37 -4.23 -31.90
C ALA F 433 -33.30 -3.53 -30.55
N LYS F 434 -33.98 -2.39 -30.40
CA LYS F 434 -33.93 -1.65 -29.14
C LYS F 434 -34.55 -2.43 -28.00
N LYS F 435 -35.53 -3.29 -28.29
CA LYS F 435 -36.27 -3.97 -27.23
C LYS F 435 -35.41 -4.94 -26.44
N TYR F 436 -34.29 -5.41 -27.00
CA TYR F 436 -33.32 -6.21 -26.24
C TYR F 436 -32.30 -5.24 -25.67
N THR F 437 -32.38 -4.96 -24.38
CA THR F 437 -31.49 -3.99 -23.75
C THR F 437 -30.13 -4.64 -23.54
N CYS F 438 -29.39 -4.74 -24.65
CA CYS F 438 -28.05 -5.32 -24.65
C CYS F 438 -27.05 -4.17 -24.51
N THR F 439 -26.40 -4.08 -23.36
CA THR F 439 -25.47 -3.01 -23.07
C THR F 439 -24.03 -3.37 -23.39
N VAL F 440 -23.78 -4.53 -23.98
CA VAL F 440 -22.48 -4.90 -24.50
C VAL F 440 -22.59 -5.04 -26.01
N SER F 441 -21.45 -5.09 -26.68
CA SER F 441 -21.43 -5.24 -28.12
C SER F 441 -20.07 -5.71 -28.58
N THR F 442 -20.01 -6.23 -29.81
CA THR F 442 -18.73 -6.63 -30.38
C THR F 442 -17.83 -5.44 -30.69
N GLY F 443 -18.42 -4.26 -30.90
CA GLY F 443 -17.67 -3.06 -31.18
C GLY F 443 -17.51 -2.73 -32.66
N PHE F 444 -17.97 -3.59 -33.56
CA PHE F 444 -17.90 -3.32 -34.98
C PHE F 444 -19.27 -3.58 -35.60
N LYS F 445 -19.41 -3.19 -36.87
CA LYS F 445 -20.68 -3.27 -37.56
C LYS F 445 -20.84 -4.59 -38.31
N PHE F 446 -22.08 -5.06 -38.38
CA PHE F 446 -22.39 -6.27 -39.13
C PHE F 446 -22.25 -6.01 -40.63
N ASP F 447 -22.03 -7.09 -41.38
CA ASP F 447 -21.88 -7.02 -42.83
C ASP F 447 -22.55 -8.25 -43.43
N ASP F 448 -23.76 -8.07 -43.96
CA ASP F 448 -24.50 -9.21 -44.50
C ASP F 448 -23.93 -9.70 -45.82
N THR F 449 -23.11 -8.89 -46.50
CA THR F 449 -22.45 -9.33 -47.72
C THR F 449 -21.20 -10.15 -47.45
N LYS F 450 -20.76 -10.22 -46.20
CA LYS F 450 -19.63 -11.06 -45.80
C LYS F 450 -20.06 -12.22 -44.91
N PHE F 451 -21.33 -12.29 -44.53
CA PHE F 451 -21.87 -13.36 -43.70
C PHE F 451 -22.42 -14.50 -44.55
N VAL F 452 -21.88 -14.71 -45.74
CA VAL F 452 -22.34 -15.74 -46.63
C VAL F 452 -21.46 -16.97 -46.48
N GLU F 453 -21.94 -18.11 -46.97
CA GLU F 453 -21.20 -19.36 -46.88
C GLU F 453 -20.18 -19.53 -48.01
N ASP F 454 -20.51 -19.10 -49.22
CA ASP F 454 -19.65 -19.28 -50.38
C ASP F 454 -18.84 -18.02 -50.62
N SER F 455 -17.52 -18.13 -50.48
CA SER F 455 -16.61 -17.00 -50.66
C SER F 455 -15.18 -17.56 -50.66
N PRO F 456 -14.21 -16.82 -51.18
CA PRO F 456 -12.81 -17.24 -51.01
C PRO F 456 -12.24 -16.81 -49.68
N GLU F 457 -13.05 -16.98 -48.63
CA GLU F 457 -12.61 -16.89 -47.24
C GLU F 457 -13.17 -17.99 -46.37
N MET F 458 -14.34 -18.57 -46.70
CA MET F 458 -14.69 -19.85 -46.12
C MET F 458 -13.72 -20.94 -46.57
N GLU F 459 -13.29 -20.88 -47.82
CA GLU F 459 -12.08 -21.56 -48.22
C GLU F 459 -10.88 -20.88 -47.55
N GLU F 460 -9.83 -21.66 -47.36
CA GLU F 460 -8.64 -21.37 -46.57
C GLU F 460 -8.97 -21.36 -45.09
N LEU F 461 -10.24 -21.16 -44.72
CA LEU F 461 -10.61 -21.17 -43.32
C LEU F 461 -11.01 -22.57 -42.90
N MET F 462 -11.82 -23.23 -43.73
CA MET F 462 -12.06 -24.65 -43.50
C MET F 462 -10.75 -25.42 -43.56
N ASN F 463 -9.82 -24.98 -44.42
CA ASN F 463 -8.49 -25.61 -44.49
C ASN F 463 -7.69 -25.39 -43.20
N ILE F 464 -7.68 -24.16 -42.67
CA ILE F 464 -6.96 -23.93 -41.42
C ILE F 464 -7.58 -24.73 -40.28
N ILE F 465 -8.92 -24.76 -40.21
CA ILE F 465 -9.59 -25.48 -39.13
C ILE F 465 -9.32 -26.98 -39.23
N ASN F 466 -9.36 -27.53 -40.44
CA ASN F 466 -9.09 -28.96 -40.62
C ASN F 466 -7.62 -29.30 -40.44
N ASP F 467 -6.72 -28.33 -40.63
CA ASP F 467 -5.32 -28.57 -40.30
C ASP F 467 -5.10 -28.58 -38.80
N ILE F 468 -5.72 -27.64 -38.08
CA ILE F 468 -5.55 -27.58 -36.63
C ILE F 468 -6.20 -28.79 -35.97
N GLN F 469 -7.44 -29.11 -36.34
CA GLN F 469 -8.19 -30.22 -35.78
C GLN F 469 -8.71 -31.08 -36.93
N PRO F 470 -7.98 -32.12 -37.30
CA PRO F 470 -8.37 -32.94 -38.45
C PRO F 470 -9.73 -33.60 -38.27
N LEU F 471 -10.30 -34.06 -39.38
CA LEU F 471 -11.63 -34.66 -39.43
C LEU F 471 -11.57 -36.18 -39.44
N THR F 472 -10.55 -36.78 -38.83
CA THR F 472 -10.42 -38.23 -38.81
C THR F 472 -11.34 -38.83 -37.75
N ASP F 473 -11.42 -40.16 -37.76
CA ASP F 473 -12.26 -40.85 -36.79
C ASP F 473 -11.63 -40.86 -35.40
N GLU F 474 -10.30 -40.87 -35.31
CA GLU F 474 -9.64 -40.79 -34.01
C GLU F 474 -9.82 -39.42 -33.38
N ASN F 475 -10.12 -38.41 -34.18
CA ASN F 475 -10.28 -37.03 -33.72
C ASN F 475 -11.74 -36.61 -33.66
N LYS F 476 -12.66 -37.57 -33.69
CA LYS F 476 -14.09 -37.26 -33.78
C LYS F 476 -14.58 -36.50 -32.55
N LYS F 477 -14.48 -37.13 -31.38
CA LYS F 477 -14.99 -36.51 -30.15
C LYS F 477 -14.23 -35.24 -29.80
N ASN F 478 -12.91 -35.25 -30.02
CA ASN F 478 -12.12 -34.04 -29.75
C ASN F 478 -12.54 -32.90 -30.65
N ARG F 479 -12.79 -33.18 -31.93
CA ARG F 479 -13.26 -32.14 -32.85
C ARG F 479 -14.62 -31.61 -32.43
N GLU F 480 -15.53 -32.50 -32.03
CA GLU F 480 -16.85 -32.05 -31.57
C GLU F 480 -16.74 -31.19 -30.32
N LEU F 481 -15.88 -31.58 -29.37
CA LEU F 481 -15.68 -30.77 -28.17
C LEU F 481 -15.10 -29.41 -28.53
N TYR F 482 -14.15 -29.37 -29.46
CA TYR F 482 -13.58 -28.12 -29.95
C TYR F 482 -14.67 -27.21 -30.52
N GLU F 483 -15.50 -27.75 -31.41
CA GLU F 483 -16.58 -26.96 -32.01
C GLU F 483 -17.56 -26.47 -30.96
N LYS F 484 -17.95 -27.34 -30.02
CA LYS F 484 -18.92 -26.95 -29.00
C LYS F 484 -18.38 -25.85 -28.11
N THR F 485 -17.12 -25.98 -27.67
CA THR F 485 -16.53 -24.96 -26.83
C THR F 485 -16.41 -23.64 -27.57
N LEU F 486 -16.05 -23.67 -28.85
CA LEU F 486 -15.94 -22.42 -29.59
C LEU F 486 -17.30 -21.79 -29.82
N SER F 487 -18.32 -22.60 -30.10
CA SER F 487 -19.65 -22.05 -30.35
C SER F 487 -20.34 -21.56 -29.09
N SER F 488 -19.91 -22.04 -27.92
CA SER F 488 -20.48 -21.55 -26.67
C SER F 488 -20.05 -20.13 -26.35
N CYS F 489 -19.11 -19.55 -27.09
CA CYS F 489 -18.68 -18.19 -26.85
C CYS F 489 -19.69 -17.16 -27.34
N LEU F 490 -20.72 -17.58 -28.07
CA LEU F 490 -21.80 -16.68 -28.44
C LEU F 490 -22.95 -16.71 -27.45
N CYS F 491 -23.02 -17.73 -26.60
CA CYS F 491 -24.12 -17.86 -25.65
C CYS F 491 -23.97 -16.85 -24.53
N GLY F 492 -25.01 -16.07 -24.29
CA GLY F 492 -25.00 -15.09 -23.22
C GLY F 492 -25.59 -15.65 -21.94
N ALA F 493 -25.00 -16.72 -21.41
CA ALA F 493 -25.47 -17.36 -20.19
C ALA F 493 -24.26 -17.85 -19.40
N THR F 494 -24.54 -18.49 -18.27
CA THR F 494 -23.47 -18.99 -17.40
C THR F 494 -23.14 -20.42 -17.76
N LYS F 495 -21.86 -20.68 -18.02
CA LYS F 495 -21.36 -21.99 -18.38
C LYS F 495 -20.78 -22.69 -17.15
N GLY F 496 -20.86 -24.01 -17.15
CA GLY F 496 -20.51 -24.79 -15.98
C GLY F 496 -19.15 -25.45 -15.98
N CYS F 497 -18.36 -25.28 -17.03
CA CYS F 497 -17.06 -25.97 -17.12
C CYS F 497 -15.98 -24.98 -17.51
N LEU F 498 -14.75 -25.32 -17.11
CA LEU F 498 -13.55 -24.61 -17.53
C LEU F 498 -12.78 -25.52 -18.49
N THR F 499 -12.37 -24.96 -19.64
CA THR F 499 -11.78 -25.73 -20.72
C THR F 499 -10.28 -25.45 -20.82
N PHE F 500 -9.52 -26.51 -21.07
CA PHE F 500 -8.07 -26.42 -21.25
C PHE F 500 -7.74 -26.75 -22.70
N PHE F 501 -7.06 -25.82 -23.38
CA PHE F 501 -6.53 -26.07 -24.72
C PHE F 501 -5.10 -26.55 -24.55
N PHE F 502 -4.90 -27.87 -24.60
CA PHE F 502 -3.64 -28.49 -24.23
C PHE F 502 -2.94 -29.04 -25.46
N GLY F 503 -1.68 -28.67 -25.63
CA GLY F 503 -0.87 -29.21 -26.71
C GLY F 503 0.54 -28.67 -26.61
N GLU F 504 1.43 -29.29 -27.39
CA GLU F 504 2.81 -28.84 -27.42
C GLU F 504 2.92 -27.53 -28.20
N THR F 505 4.14 -27.04 -28.36
CA THR F 505 4.34 -25.75 -29.00
C THR F 505 4.06 -25.84 -30.50
N ALA F 506 3.62 -24.71 -31.06
CA ALA F 506 3.27 -24.59 -32.48
C ALA F 506 2.25 -25.66 -32.89
N THR F 507 1.08 -25.62 -32.26
CA THR F 507 0.01 -26.55 -32.56
C THR F 507 -1.31 -25.89 -32.92
N GLY F 508 -1.39 -24.56 -32.88
CA GLY F 508 -2.58 -23.86 -33.35
C GLY F 508 -3.54 -23.44 -32.26
N LYS F 509 -3.03 -23.06 -31.10
CA LYS F 509 -3.88 -22.59 -30.00
C LYS F 509 -3.98 -21.06 -29.98
N SER F 510 -2.84 -20.38 -30.11
CA SER F 510 -2.89 -18.92 -30.24
C SER F 510 -3.59 -18.52 -31.53
N THR F 511 -3.46 -19.32 -32.58
CA THR F 511 -4.19 -19.06 -33.82
C THR F 511 -5.69 -19.08 -33.59
N THR F 512 -6.18 -20.10 -32.86
CA THR F 512 -7.59 -20.18 -32.55
C THR F 512 -8.03 -19.02 -31.65
N LYS F 513 -7.20 -18.66 -30.68
CA LYS F 513 -7.53 -17.54 -29.80
C LYS F 513 -7.67 -16.24 -30.59
N ARG F 514 -6.72 -15.97 -31.51
CA ARG F 514 -6.77 -14.75 -32.30
C ARG F 514 -7.93 -14.79 -33.28
N LEU F 515 -8.24 -15.96 -33.84
CA LEU F 515 -9.38 -16.08 -34.74
C LEU F 515 -10.68 -15.78 -34.01
N LEU F 516 -10.85 -16.31 -32.80
CA LEU F 516 -12.04 -16.05 -32.01
C LEU F 516 -12.13 -14.60 -31.59
N LYS F 517 -10.98 -13.99 -31.24
CA LYS F 517 -10.97 -12.57 -30.89
C LYS F 517 -11.40 -11.71 -32.08
N SER F 518 -10.90 -12.03 -33.27
CA SER F 518 -11.32 -11.32 -34.47
C SER F 518 -12.81 -11.52 -34.74
N ALA F 519 -13.32 -12.72 -34.45
CA ALA F 519 -14.73 -13.00 -34.74
C ALA F 519 -15.66 -12.23 -33.81
N ILE F 520 -15.40 -12.26 -32.50
CA ILE F 520 -16.37 -11.77 -31.53
C ILE F 520 -16.00 -10.44 -30.90
N GLY F 521 -14.86 -9.86 -31.26
CA GLY F 521 -14.59 -8.47 -30.92
C GLY F 521 -14.51 -8.21 -29.42
N ASP F 522 -15.34 -7.28 -28.95
CA ASP F 522 -15.29 -6.77 -27.59
C ASP F 522 -15.99 -7.67 -26.57
N LEU F 523 -16.67 -8.72 -27.02
CA LEU F 523 -17.20 -9.72 -26.10
C LEU F 523 -16.12 -10.68 -25.61
N PHE F 524 -14.86 -10.37 -25.93
CA PHE F 524 -13.71 -11.21 -25.64
C PHE F 524 -12.74 -10.44 -24.77
N VAL F 525 -12.24 -11.09 -23.71
CA VAL F 525 -11.27 -10.46 -22.83
C VAL F 525 -10.18 -11.48 -22.50
N GLU F 526 -9.02 -10.98 -22.10
CA GLU F 526 -7.89 -11.80 -21.69
C GLU F 526 -7.40 -11.34 -20.33
N THR F 527 -7.15 -12.27 -19.42
CA THR F 527 -6.75 -11.97 -18.06
C THR F 527 -5.50 -12.75 -17.70
N GLY F 528 -5.07 -12.62 -16.44
CA GLY F 528 -3.87 -13.27 -15.96
C GLY F 528 -4.17 -14.47 -15.06
N GLN F 529 -3.08 -15.14 -14.66
CA GLN F 529 -3.19 -16.36 -13.85
C GLN F 529 -3.57 -16.08 -12.41
N THR F 530 -3.59 -14.80 -11.98
CA THR F 530 -4.07 -14.49 -10.64
C THR F 530 -5.50 -14.98 -10.43
N ILE F 531 -6.29 -15.03 -11.52
CA ILE F 531 -7.66 -15.53 -11.44
C ILE F 531 -7.68 -16.97 -10.95
N LEU F 532 -6.69 -17.76 -11.36
CA LEU F 532 -6.62 -19.17 -10.99
C LEU F 532 -5.79 -19.43 -9.74
N THR F 533 -4.87 -18.55 -9.37
CA THR F 533 -3.95 -18.84 -8.29
C THR F 533 -4.00 -17.87 -7.11
N ASP F 534 -4.92 -16.93 -7.08
CA ASP F 534 -4.98 -15.94 -6.01
C ASP F 534 -6.39 -15.84 -5.47
N VAL F 535 -6.50 -15.26 -4.26
CA VAL F 535 -7.79 -15.03 -3.64
C VAL F 535 -8.51 -13.90 -4.36
N LEU F 536 -9.80 -14.11 -4.65
CA LEU F 536 -10.54 -13.16 -5.47
C LEU F 536 -11.03 -11.96 -4.65
N ASP F 537 -11.55 -12.20 -3.45
CA ASP F 537 -12.16 -11.12 -2.68
C ASP F 537 -11.14 -10.05 -2.30
N LYS F 538 -10.19 -10.41 -1.44
CA LYS F 538 -9.05 -9.58 -1.03
C LYS F 538 -9.35 -8.09 -1.03
N GLY F 539 -8.59 -7.33 -1.82
CA GLY F 539 -8.86 -5.94 -2.06
C GLY F 539 -9.42 -5.72 -3.45
N PRO F 540 -8.97 -4.66 -4.12
CA PRO F 540 -9.39 -4.43 -5.51
C PRO F 540 -8.85 -5.51 -6.43
N ASN F 541 -9.61 -5.79 -7.49
CA ASN F 541 -9.25 -6.83 -8.46
C ASN F 541 -9.84 -6.48 -9.81
N PRO F 542 -9.16 -5.64 -10.59
CA PRO F 542 -9.63 -5.35 -11.96
C PRO F 542 -9.68 -6.58 -12.85
N PHE F 543 -8.84 -7.59 -12.57
CA PHE F 543 -8.81 -8.77 -13.42
C PHE F 543 -10.11 -9.58 -13.30
N ILE F 544 -10.78 -9.50 -12.15
CA ILE F 544 -12.11 -10.10 -12.01
C ILE F 544 -13.18 -9.11 -12.42
N ALA F 545 -13.03 -7.84 -12.02
CA ALA F 545 -14.06 -6.85 -12.30
C ALA F 545 -14.22 -6.57 -13.79
N ASN F 546 -13.22 -6.91 -14.61
CA ASN F 546 -13.32 -6.69 -16.05
C ASN F 546 -14.02 -7.83 -16.78
N MET F 547 -14.36 -8.91 -16.07
CA MET F 547 -15.05 -10.06 -16.66
C MET F 547 -16.57 -9.88 -16.67
N HIS F 548 -17.06 -8.69 -16.36
CA HIS F 548 -18.49 -8.46 -16.23
C HIS F 548 -19.15 -8.50 -17.61
N LEU F 549 -20.02 -9.49 -17.82
CA LEU F 549 -20.84 -9.69 -19.00
C LEU F 549 -20.04 -10.06 -20.25
N LYS F 550 -18.74 -10.29 -20.14
CA LYS F 550 -17.98 -10.81 -21.26
C LYS F 550 -18.38 -12.25 -21.54
N ARG F 551 -18.39 -12.62 -22.81
CA ARG F 551 -18.81 -13.96 -23.22
C ARG F 551 -17.64 -14.90 -23.48
N SER F 552 -16.40 -14.46 -23.28
CA SER F 552 -15.24 -15.32 -23.44
C SER F 552 -14.07 -14.73 -22.67
N VAL F 553 -13.39 -15.56 -21.88
CA VAL F 553 -12.21 -15.16 -21.13
C VAL F 553 -11.11 -16.17 -21.44
N PHE F 554 -9.93 -15.67 -21.80
CA PHE F 554 -8.77 -16.48 -22.12
C PHE F 554 -7.65 -16.22 -21.12
N CYS F 555 -7.06 -17.31 -20.63
CA CYS F 555 -5.86 -17.26 -19.80
C CYS F 555 -4.80 -18.15 -20.43
N SER F 556 -3.65 -17.56 -20.76
CA SER F 556 -2.67 -18.24 -21.59
C SER F 556 -1.38 -18.49 -20.83
N GLU F 557 -0.64 -19.51 -21.29
CA GLU F 557 0.72 -19.80 -20.86
C GLU F 557 0.82 -20.05 -19.35
N LEU F 558 0.17 -21.13 -18.92
CA LEU F 558 0.40 -21.61 -17.56
C LEU F 558 1.83 -22.14 -17.43
N PRO F 559 2.46 -21.99 -16.28
CA PRO F 559 3.82 -22.50 -16.08
C PRO F 559 3.80 -24.00 -15.80
N ASP F 560 4.98 -24.53 -15.50
CA ASP F 560 5.12 -25.93 -15.09
C ASP F 560 5.10 -25.97 -13.57
N PHE F 561 4.07 -26.59 -13.01
CA PHE F 561 3.95 -26.68 -11.56
C PHE F 561 4.86 -27.73 -10.96
N ALA F 562 5.33 -28.69 -11.74
CA ALA F 562 6.32 -29.64 -11.26
C ALA F 562 7.63 -28.93 -10.90
N CYS F 563 8.05 -27.99 -11.74
CA CYS F 563 9.25 -27.21 -11.47
C CYS F 563 9.01 -26.24 -10.32
N SER F 564 10.10 -25.74 -9.75
CA SER F 564 10.01 -24.86 -8.59
C SER F 564 9.51 -23.48 -8.99
N GLY F 565 9.06 -22.73 -7.99
CA GLY F 565 8.59 -21.38 -8.19
C GLY F 565 7.16 -21.25 -8.69
N SER F 566 6.37 -22.31 -8.61
CA SER F 566 5.01 -22.30 -9.14
C SER F 566 4.00 -22.50 -8.02
N LYS F 567 2.84 -21.87 -8.18
CA LYS F 567 1.73 -22.01 -7.25
C LYS F 567 0.69 -22.93 -7.86
N LYS F 568 0.23 -23.92 -7.08
CA LYS F 568 -0.78 -24.84 -7.56
C LYS F 568 -2.09 -24.11 -7.81
N ILE F 569 -2.84 -24.59 -8.80
CA ILE F 569 -4.12 -23.98 -9.11
C ILE F 569 -5.08 -24.14 -7.93
N ARG F 570 -5.66 -23.04 -7.48
CA ARG F 570 -6.57 -23.07 -6.35
C ARG F 570 -7.89 -23.69 -6.78
N SER F 571 -8.17 -24.89 -6.28
CA SER F 571 -9.47 -25.51 -6.52
C SER F 571 -10.61 -24.72 -5.88
N ASP F 572 -10.30 -23.80 -4.96
CA ASP F 572 -11.34 -22.98 -4.35
C ASP F 572 -11.94 -22.00 -5.35
N ASN F 573 -11.10 -21.19 -6.00
CA ASN F 573 -11.60 -20.27 -7.00
C ASN F 573 -11.56 -20.87 -8.40
N ILE F 574 -12.05 -22.11 -8.48
CA ILE F 574 -12.53 -22.70 -9.73
C ILE F 574 -14.02 -22.99 -9.67
N LYS F 575 -14.55 -23.34 -8.50
CA LYS F 575 -15.98 -23.40 -8.26
C LYS F 575 -16.58 -22.01 -8.12
N LYS F 576 -15.78 -21.00 -7.79
CA LYS F 576 -16.24 -19.62 -7.77
C LYS F 576 -16.38 -19.05 -9.17
N LEU F 577 -15.49 -19.45 -10.08
CA LEU F 577 -15.53 -18.97 -11.47
C LEU F 577 -16.68 -19.57 -12.26
N THR F 578 -17.39 -20.54 -11.69
CA THR F 578 -18.50 -21.21 -12.34
C THR F 578 -19.86 -20.67 -11.91
N GLU F 579 -19.91 -19.93 -10.80
CA GLU F 579 -21.16 -19.43 -10.26
C GLU F 579 -21.74 -18.32 -11.15
N PRO F 580 -23.06 -18.12 -11.11
CA PRO F 580 -23.66 -17.04 -11.90
C PRO F 580 -23.16 -15.66 -11.53
N CYS F 581 -22.69 -15.46 -10.31
CA CYS F 581 -22.15 -14.18 -9.87
C CYS F 581 -20.77 -14.39 -9.27
N VAL F 582 -19.83 -13.51 -9.64
CA VAL F 582 -18.47 -13.53 -9.14
C VAL F 582 -18.26 -12.29 -8.29
N ILE F 583 -17.65 -12.49 -7.12
CA ILE F 583 -17.46 -11.42 -6.15
C ILE F 583 -16.06 -10.85 -6.35
N GLY F 584 -16.00 -9.58 -6.74
CA GLY F 584 -14.73 -8.92 -6.96
C GLY F 584 -14.95 -7.42 -7.07
N ARG F 585 -13.87 -6.67 -6.89
CA ARG F 585 -13.98 -5.23 -6.75
C ARG F 585 -12.98 -4.51 -7.65
N PRO F 586 -13.42 -3.48 -8.36
CA PRO F 586 -12.47 -2.62 -9.09
C PRO F 586 -11.75 -1.67 -8.14
N CYS F 587 -10.94 -0.76 -8.68
CA CYS F 587 -10.31 0.26 -7.87
C CYS F 587 -11.26 1.43 -7.65
N PHE F 588 -11.30 1.92 -6.40
CA PHE F 588 -12.15 3.05 -6.02
C PHE F 588 -13.62 2.77 -6.28
N SER F 589 -14.04 1.52 -6.10
CA SER F 589 -15.41 1.11 -6.39
C SER F 589 -15.98 0.32 -5.22
N ASN F 590 -17.27 0.53 -4.97
CA ASN F 590 -17.99 -0.18 -3.92
C ASN F 590 -18.79 -1.36 -4.45
N LYS F 591 -18.84 -1.56 -5.76
CA LYS F 591 -19.58 -2.67 -6.36
C LYS F 591 -18.76 -3.95 -6.22
N ILE F 592 -19.40 -5.01 -5.75
CA ILE F 592 -18.69 -6.25 -5.43
C ILE F 592 -19.36 -7.45 -6.08
N ASN F 593 -20.26 -7.21 -7.04
CA ASN F 593 -20.96 -8.28 -7.72
C ASN F 593 -20.81 -8.12 -9.22
N ASN F 594 -20.40 -9.20 -9.89
CA ASN F 594 -20.22 -9.20 -11.34
C ASN F 594 -20.97 -10.39 -11.93
N ARG F 595 -21.60 -10.17 -13.08
CA ARG F 595 -22.39 -11.21 -13.73
C ARG F 595 -21.50 -12.04 -14.65
N ASN F 596 -21.55 -13.36 -14.47
CA ASN F 596 -20.67 -14.30 -15.16
C ASN F 596 -21.42 -14.87 -16.37
N HIS F 597 -21.00 -14.46 -17.57
CA HIS F 597 -21.53 -15.00 -18.82
C HIS F 597 -20.44 -15.66 -19.66
N ALA F 598 -19.26 -15.90 -19.09
CA ALA F 598 -18.06 -16.15 -19.87
C ALA F 598 -17.77 -17.64 -20.02
N THR F 599 -17.21 -17.99 -21.18
CA THR F 599 -16.55 -19.27 -21.38
C THR F 599 -15.07 -19.08 -21.11
N ILE F 600 -14.55 -19.82 -20.13
CA ILE F 600 -13.17 -19.64 -19.66
C ILE F 600 -12.31 -20.72 -20.30
N ILE F 601 -11.28 -20.29 -21.03
CA ILE F 601 -10.38 -21.20 -21.73
C ILE F 601 -8.95 -20.88 -21.33
N ILE F 602 -8.16 -21.91 -21.04
CA ILE F 602 -6.78 -21.77 -20.62
C ILE F 602 -5.88 -22.49 -21.61
N ASP F 603 -4.94 -21.75 -22.20
CA ASP F 603 -3.93 -22.34 -23.08
C ASP F 603 -2.79 -22.88 -22.23
N THR F 604 -2.43 -24.14 -22.47
CA THR F 604 -1.37 -24.78 -21.71
C THR F 604 -0.48 -25.59 -22.65
N ASN F 605 0.80 -25.67 -22.29
CA ASN F 605 1.69 -26.68 -22.83
C ASN F 605 1.98 -27.80 -21.85
N TYR F 606 1.60 -27.62 -20.58
CA TYR F 606 1.79 -28.62 -19.54
C TYR F 606 0.45 -28.88 -18.85
N LYS F 607 0.28 -30.09 -18.34
CA LYS F 607 -0.95 -30.45 -17.68
C LYS F 607 -1.10 -29.67 -16.37
N PRO F 608 -2.29 -29.21 -16.03
CA PRO F 608 -2.46 -28.41 -14.81
C PRO F 608 -2.36 -29.26 -13.56
N VAL F 609 -2.05 -28.58 -12.45
CA VAL F 609 -1.92 -29.21 -11.14
C VAL F 609 -2.74 -28.43 -10.14
N PHE F 610 -3.52 -29.14 -9.32
CA PHE F 610 -4.41 -28.53 -8.33
C PHE F 610 -3.96 -28.90 -6.93
N ASP F 611 -4.21 -28.00 -5.98
CA ASP F 611 -3.79 -28.23 -4.60
C ASP F 611 -4.60 -29.37 -3.96
N ARG F 612 -5.91 -29.36 -4.15
CA ARG F 612 -6.79 -30.40 -3.61
C ARG F 612 -7.70 -30.90 -4.70
N ILE F 613 -7.85 -32.22 -4.79
CA ILE F 613 -8.64 -32.87 -5.83
C ILE F 613 -9.82 -33.57 -5.16
N ASP F 614 -11.03 -33.26 -5.61
CA ASP F 614 -12.24 -33.86 -5.07
C ASP F 614 -13.28 -33.96 -6.18
N ASN F 615 -14.39 -34.62 -5.87
CA ASN F 615 -15.42 -34.87 -6.88
C ASN F 615 -16.03 -33.59 -7.41
N ALA F 616 -16.03 -32.52 -6.61
CA ALA F 616 -16.58 -31.25 -7.06
C ALA F 616 -15.68 -30.58 -8.08
N LEU F 617 -14.37 -30.81 -8.00
CA LEU F 617 -13.45 -30.24 -8.98
C LEU F 617 -13.51 -30.99 -10.31
N MET F 618 -13.65 -32.32 -10.26
CA MET F 618 -13.73 -33.12 -11.47
C MET F 618 -15.03 -32.92 -12.22
N ARG F 619 -16.00 -32.22 -11.64
CA ARG F 619 -17.26 -31.90 -12.29
C ARG F 619 -17.18 -30.69 -13.20
N ARG F 620 -16.05 -29.97 -13.22
CA ARG F 620 -15.98 -28.68 -13.88
C ARG F 620 -14.75 -28.53 -14.78
N ILE F 621 -14.14 -29.62 -15.22
CA ILE F 621 -12.90 -29.55 -16.00
C ILE F 621 -13.07 -30.33 -17.29
N ALA F 622 -12.75 -29.67 -18.41
CA ALA F 622 -12.73 -30.30 -19.73
C ALA F 622 -11.44 -29.87 -20.43
N VAL F 623 -11.00 -30.68 -21.40
CA VAL F 623 -9.72 -30.48 -22.05
C VAL F 623 -9.82 -30.87 -23.52
N VAL F 624 -9.28 -30.01 -24.39
CA VAL F 624 -9.17 -30.26 -25.82
C VAL F 624 -7.68 -30.37 -26.16
N ARG F 625 -7.31 -31.41 -26.88
CA ARG F 625 -5.91 -31.68 -27.20
C ARG F 625 -5.61 -31.27 -28.63
N PHE F 626 -4.50 -30.56 -28.80
CA PHE F 626 -4.04 -30.08 -30.11
C PHE F 626 -2.81 -30.89 -30.50
N ARG F 627 -2.96 -31.75 -31.51
CA ARG F 627 -1.86 -32.62 -31.97
C ARG F 627 -1.67 -32.41 -33.46
N THR F 628 -0.92 -31.36 -33.81
CA THR F 628 -0.49 -31.10 -35.18
C THR F 628 0.57 -30.02 -35.17
N HIS F 629 1.73 -30.29 -35.75
CA HIS F 629 2.84 -29.36 -35.72
C HIS F 629 2.90 -28.55 -37.00
N PHE F 630 3.18 -27.26 -36.88
CA PHE F 630 3.39 -26.37 -38.00
C PHE F 630 4.83 -25.86 -37.91
N SER F 631 5.72 -26.41 -38.72
CA SER F 631 7.15 -26.17 -38.54
C SER F 631 7.80 -25.76 -39.86
N GLN F 632 8.98 -25.18 -39.74
CA GLN F 632 9.80 -24.86 -40.89
C GLN F 632 10.41 -26.14 -41.48
N PRO F 633 10.81 -26.13 -42.74
CA PRO F 633 11.43 -27.32 -43.34
C PRO F 633 12.68 -27.78 -42.61
N SER F 634 13.42 -26.86 -41.97
CA SER F 634 14.61 -27.25 -41.24
C SER F 634 14.28 -28.17 -40.08
N GLY F 635 13.27 -27.82 -39.29
CA GLY F 635 12.84 -28.61 -38.15
C GLY F 635 11.81 -29.66 -38.46
N ARG F 636 11.35 -29.76 -39.71
CA ARG F 636 10.38 -30.80 -40.06
C ARG F 636 10.91 -32.19 -39.78
N GLU F 637 12.17 -32.45 -40.14
CA GLU F 637 12.74 -33.77 -39.91
C GLU F 637 12.88 -34.07 -38.42
N ALA F 638 13.28 -33.07 -37.63
CA ALA F 638 13.46 -33.28 -36.19
C ALA F 638 12.13 -33.39 -35.46
N ALA F 639 11.04 -32.92 -36.06
CA ALA F 639 9.73 -32.97 -35.43
C ALA F 639 8.81 -34.03 -35.99
N GLU F 640 9.17 -34.67 -37.11
CA GLU F 640 8.25 -35.59 -37.77
C GLU F 640 7.91 -36.79 -36.89
N ASN F 641 8.89 -37.62 -36.59
CA ASN F 641 8.65 -38.87 -35.87
C ASN F 641 9.46 -38.91 -34.58
N ASN F 642 9.47 -37.81 -33.85
CA ASN F 642 10.25 -37.71 -32.62
C ASN F 642 9.42 -37.59 -31.35
N ASP F 643 8.28 -36.90 -31.39
CA ASP F 643 7.53 -36.71 -30.15
C ASP F 643 6.12 -36.20 -30.44
N ALA F 644 5.16 -36.77 -29.69
CA ALA F 644 3.89 -36.13 -29.33
C ALA F 644 3.31 -35.25 -30.43
N TYR F 645 3.26 -35.79 -31.63
CA TYR F 645 2.60 -35.12 -32.75
C TYR F 645 1.94 -36.17 -33.64
N ASP F 646 0.91 -35.75 -34.35
CA ASP F 646 0.24 -36.60 -35.32
C ASP F 646 0.30 -36.09 -36.75
N LYS F 647 0.61 -34.81 -36.96
CA LYS F 647 0.79 -34.26 -38.28
C LYS F 647 1.85 -33.17 -38.23
N VAL F 648 2.65 -33.06 -39.28
CA VAL F 648 3.64 -32.00 -39.44
C VAL F 648 3.37 -31.32 -40.78
N LYS F 649 3.27 -29.99 -40.76
CA LYS F 649 2.92 -29.22 -41.94
C LYS F 649 3.77 -27.96 -42.00
N LEU F 650 3.61 -27.23 -43.10
CA LEU F 650 4.33 -25.98 -43.30
C LEU F 650 3.78 -24.88 -42.40
N LEU F 651 4.61 -23.88 -42.14
CA LEU F 651 4.24 -22.73 -41.33
C LEU F 651 4.03 -21.54 -42.28
N ASP F 652 2.76 -21.16 -42.46
CA ASP F 652 2.45 -20.00 -43.29
C ASP F 652 2.85 -18.73 -42.55
N GLU F 653 3.76 -17.95 -43.15
CA GLU F 653 4.30 -16.79 -42.46
C GLU F 653 3.31 -15.63 -42.45
N GLY F 654 2.49 -15.51 -43.49
CA GLY F 654 1.55 -14.40 -43.57
C GLY F 654 0.23 -14.61 -42.86
N LEU F 655 0.03 -15.77 -42.24
CA LEU F 655 -1.25 -16.08 -41.61
C LEU F 655 -1.52 -15.15 -40.44
N ASP F 656 -0.48 -14.83 -39.66
CA ASP F 656 -0.67 -13.94 -38.52
C ASP F 656 -1.17 -12.57 -38.96
N GLY F 657 -0.54 -12.01 -39.98
CA GLY F 657 -0.98 -10.72 -40.48
C GLY F 657 -2.36 -10.77 -41.11
N LYS F 658 -2.65 -11.85 -41.85
CA LYS F 658 -3.97 -11.98 -42.45
C LYS F 658 -5.06 -12.07 -41.38
N ILE F 659 -4.81 -12.80 -40.31
CA ILE F 659 -5.79 -12.88 -39.21
C ILE F 659 -5.91 -11.52 -38.53
N GLN F 660 -4.79 -10.86 -38.26
CA GLN F 660 -4.83 -9.56 -37.60
C GLN F 660 -5.56 -8.50 -38.42
N ASN F 661 -5.54 -8.61 -39.74
CA ASN F 661 -6.25 -7.69 -40.61
C ASN F 661 -7.74 -8.01 -40.72
N ASN F 662 -8.26 -8.90 -39.88
CA ASN F 662 -9.68 -9.23 -39.81
C ASN F 662 -10.19 -9.76 -41.16
N ARG F 663 -9.41 -10.64 -41.78
CA ARG F 663 -9.82 -11.24 -43.04
C ARG F 663 -10.88 -12.32 -42.84
N TYR F 664 -10.76 -13.11 -41.78
CA TYR F 664 -11.66 -14.24 -41.52
C TYR F 664 -12.70 -13.93 -40.46
N ARG F 665 -12.94 -12.66 -40.16
CA ARG F 665 -13.86 -12.30 -39.09
C ARG F 665 -15.26 -12.84 -39.36
N PHE F 666 -15.83 -12.53 -40.52
CA PHE F 666 -17.20 -12.93 -40.79
C PHE F 666 -17.31 -14.39 -41.21
N ALA F 667 -16.28 -14.94 -41.83
CA ALA F 667 -16.29 -16.37 -42.13
C ALA F 667 -16.31 -17.19 -40.84
N PHE F 668 -15.45 -16.83 -39.87
CA PHE F 668 -15.46 -17.52 -38.60
C PHE F 668 -16.76 -17.25 -37.83
N LEU F 669 -17.33 -16.06 -37.96
CA LEU F 669 -18.62 -15.80 -37.34
C LEU F 669 -19.70 -16.72 -37.88
N TYR F 670 -19.74 -16.89 -39.21
CA TYR F 670 -20.71 -17.79 -39.81
C TYR F 670 -20.49 -19.23 -39.35
N LEU F 671 -19.23 -19.66 -39.28
CA LEU F 671 -18.94 -21.02 -38.81
C LEU F 671 -19.39 -21.19 -37.36
N LEU F 672 -19.14 -20.19 -36.52
CA LEU F 672 -19.56 -20.27 -35.12
C LEU F 672 -21.08 -20.36 -34.98
N VAL F 673 -21.81 -19.57 -35.78
CA VAL F 673 -23.27 -19.61 -35.70
C VAL F 673 -23.79 -20.96 -36.19
N LYS F 674 -23.17 -21.51 -37.23
CA LYS F 674 -23.53 -22.85 -37.69
C LYS F 674 -23.34 -23.88 -36.57
N TRP F 675 -22.20 -23.83 -35.89
CA TRP F 675 -21.95 -24.75 -34.78
C TRP F 675 -22.93 -24.52 -33.63
N TYR F 676 -23.33 -23.26 -33.42
CA TYR F 676 -24.32 -22.95 -32.39
C TYR F 676 -25.63 -23.67 -32.68
N LYS F 677 -26.10 -23.58 -33.92
CA LYS F 677 -27.28 -24.35 -34.30
C LYS F 677 -27.06 -25.84 -34.14
N LYS F 678 -25.87 -26.33 -34.51
CA LYS F 678 -25.62 -27.77 -34.47
C LYS F 678 -25.65 -28.30 -33.05
N TYR F 679 -25.05 -27.60 -32.10
CA TYR F 679 -24.89 -28.07 -30.74
C TYR F 679 -25.91 -27.49 -29.76
N HIS F 680 -26.87 -26.70 -30.23
CA HIS F 680 -27.88 -26.14 -29.35
C HIS F 680 -29.22 -26.85 -29.46
N ILE F 681 -29.20 -28.18 -29.53
CA ILE F 681 -30.35 -28.99 -29.17
C ILE F 681 -30.89 -28.42 -27.86
N PRO F 682 -32.22 -28.43 -27.62
CA PRO F 682 -32.85 -27.39 -26.78
C PRO F 682 -32.00 -26.81 -25.66
N ILE F 683 -31.28 -27.64 -24.92
CA ILE F 683 -30.37 -27.19 -23.88
C ILE F 683 -28.94 -27.52 -24.32
N MET F 684 -28.08 -26.50 -24.31
CA MET F 684 -26.65 -26.70 -24.55
C MET F 684 -25.92 -26.68 -23.22
N LYS F 685 -25.14 -27.72 -22.95
CA LYS F 685 -24.44 -27.85 -21.68
C LYS F 685 -23.02 -28.33 -21.93
N LEU F 686 -22.08 -27.74 -21.20
CA LEU F 686 -20.68 -28.16 -21.25
C LEU F 686 -20.47 -29.30 -20.26
N TYR F 687 -19.94 -30.42 -20.74
CA TYR F 687 -19.74 -31.58 -19.88
C TYR F 687 -18.25 -31.78 -19.59
N PRO F 688 -17.90 -32.25 -18.40
CA PRO F 688 -16.49 -32.44 -18.06
C PRO F 688 -15.93 -33.72 -18.67
N THR F 689 -14.60 -33.73 -18.79
CA THR F 689 -13.86 -34.88 -19.33
C THR F 689 -12.77 -35.24 -18.33
N PRO F 690 -13.12 -35.95 -17.25
CA PRO F 690 -12.12 -36.29 -16.23
C PRO F 690 -11.18 -37.41 -16.63
N GLU F 691 -11.40 -38.05 -17.78
CA GLU F 691 -10.56 -39.14 -18.23
C GLU F 691 -9.29 -38.68 -18.93
N GLU F 692 -9.11 -37.37 -19.14
CA GLU F 692 -7.95 -36.85 -19.85
C GLU F 692 -7.06 -35.98 -18.99
N ILE F 693 -7.21 -36.02 -17.67
CA ILE F 693 -6.36 -35.30 -16.73
C ILE F 693 -5.55 -36.33 -15.95
N PRO F 694 -4.22 -36.33 -16.05
CA PRO F 694 -3.42 -37.42 -15.45
C PRO F 694 -3.62 -37.60 -13.96
N ASP F 695 -3.70 -36.52 -13.17
CA ASP F 695 -3.74 -36.69 -11.72
C ASP F 695 -5.15 -36.90 -11.19
N PHE F 696 -6.15 -36.95 -12.06
CA PHE F 696 -7.48 -37.42 -11.66
C PHE F 696 -7.61 -38.94 -11.71
N ALA F 697 -6.55 -39.64 -12.13
CA ALA F 697 -6.66 -41.07 -12.43
C ALA F 697 -6.87 -41.89 -11.16
N PHE F 698 -6.09 -41.63 -10.11
CA PHE F 698 -6.25 -42.40 -8.88
C PHE F 698 -7.62 -42.15 -8.25
N TYR F 699 -8.05 -40.88 -8.22
CA TYR F 699 -9.36 -40.57 -7.66
C TYR F 699 -10.49 -41.15 -8.51
N LEU F 700 -10.26 -41.34 -9.81
CA LEU F 700 -11.26 -41.98 -10.65
C LEU F 700 -11.32 -43.48 -10.40
N LYS F 701 -10.15 -44.12 -10.24
CA LYS F 701 -10.10 -45.57 -10.09
C LYS F 701 -10.49 -46.03 -8.69
N ILE F 702 -10.19 -45.23 -7.66
CA ILE F 702 -10.48 -45.65 -6.29
C ILE F 702 -11.98 -45.77 -6.06
N GLY F 703 -12.76 -44.90 -6.70
CA GLY F 703 -14.20 -44.97 -6.56
C GLY F 703 -14.85 -46.13 -7.28
N THR F 704 -14.11 -46.82 -8.15
CA THR F 704 -14.61 -47.99 -8.86
C THR F 704 -14.07 -49.30 -8.30
N LEU F 705 -12.86 -49.29 -7.74
CA LEU F 705 -12.30 -50.50 -7.14
C LEU F 705 -12.83 -50.76 -5.74
N LEU F 706 -13.59 -49.83 -5.17
CA LEU F 706 -13.94 -49.87 -3.75
C LEU F 706 -15.37 -49.36 -3.57
N VAL F 707 -16.11 -49.99 -2.66
CA VAL F 707 -17.51 -49.66 -2.41
C VAL F 707 -17.71 -49.45 -0.92
N SER F 708 -18.53 -48.46 -0.58
CA SER F 708 -18.85 -48.21 0.83
C SER F 708 -19.70 -49.35 1.39
N SER F 709 -19.36 -49.77 2.60
CA SER F 709 -20.10 -50.85 3.24
C SER F 709 -21.49 -50.38 3.66
N SER F 710 -22.48 -51.26 3.50
CA SER F 710 -23.86 -50.94 3.84
C SER F 710 -24.54 -52.21 4.31
N VAL F 711 -25.82 -52.06 4.69
CA VAL F 711 -26.59 -53.22 5.17
C VAL F 711 -26.75 -54.26 4.08
N LYS F 712 -26.64 -53.85 2.81
CA LYS F 712 -26.70 -54.80 1.71
C LYS F 712 -25.57 -55.83 1.77
N HIS F 713 -24.49 -55.52 2.50
CA HIS F 713 -23.40 -56.47 2.72
C HIS F 713 -23.39 -57.02 4.14
N ILE F 714 -24.46 -56.80 4.91
CA ILE F 714 -24.50 -57.31 6.28
C ILE F 714 -24.43 -58.83 6.32
N PRO F 715 -25.17 -59.57 5.49
CA PRO F 715 -25.14 -61.04 5.52
C PRO F 715 -23.97 -61.64 4.74
N LEU F 716 -22.77 -61.08 4.95
CA LEU F 716 -21.55 -61.61 4.35
C LEU F 716 -20.38 -61.62 5.32
N MET F 717 -20.63 -61.70 6.63
CA MET F 717 -19.56 -61.60 7.61
C MET F 717 -18.58 -62.75 7.50
N THR F 718 -19.08 -63.95 7.22
CA THR F 718 -18.20 -65.12 7.11
C THR F 718 -17.21 -64.95 5.95
N ASP F 719 -17.72 -64.60 4.77
CA ASP F 719 -16.85 -64.42 3.61
C ASP F 719 -15.91 -63.23 3.82
N LEU F 720 -16.41 -62.15 4.43
CA LEU F 720 -15.57 -60.99 4.67
C LEU F 720 -14.46 -61.30 5.66
N SER F 721 -14.74 -62.10 6.69
CA SER F 721 -13.72 -62.47 7.66
C SER F 721 -12.74 -63.48 7.08
N LYS F 722 -13.18 -64.27 6.10
CA LYS F 722 -12.26 -65.13 5.37
C LYS F 722 -11.17 -64.31 4.69
N LYS F 723 -11.49 -63.08 4.29
CA LYS F 723 -10.50 -62.21 3.67
C LYS F 723 -9.78 -61.36 4.70
N GLY F 724 -10.46 -60.95 5.76
CA GLY F 724 -9.84 -60.15 6.80
C GLY F 724 -10.74 -59.08 7.40
N TYR F 725 -11.89 -58.83 6.78
CA TYR F 725 -12.81 -57.83 7.32
C TYR F 725 -13.50 -58.37 8.58
N ILE F 726 -14.02 -57.44 9.38
CA ILE F 726 -14.72 -57.81 10.61
C ILE F 726 -16.10 -57.16 10.61
N LEU F 727 -17.02 -57.79 11.34
CA LEU F 727 -18.38 -57.27 11.48
C LEU F 727 -18.48 -56.57 12.83
N TYR F 728 -18.12 -55.29 12.85
CA TYR F 728 -18.06 -54.52 14.08
C TYR F 728 -19.05 -53.36 14.01
N ASP F 729 -19.86 -53.22 15.05
CA ASP F 729 -20.87 -52.16 15.12
C ASP F 729 -21.79 -52.18 13.90
N ASN F 730 -22.17 -53.39 13.47
CA ASN F 730 -23.00 -53.59 12.29
C ASN F 730 -22.38 -52.93 11.05
N VAL F 731 -21.06 -53.00 10.97
CA VAL F 731 -20.31 -52.41 9.86
C VAL F 731 -19.20 -53.37 9.45
N VAL F 732 -19.03 -53.56 8.14
CA VAL F 732 -17.90 -54.30 7.62
C VAL F 732 -16.68 -53.39 7.67
N THR F 733 -15.76 -53.69 8.58
CA THR F 733 -14.61 -52.84 8.85
C THR F 733 -13.33 -53.55 8.49
N LEU F 734 -12.47 -52.86 7.73
CA LEU F 734 -11.11 -53.30 7.46
C LEU F 734 -10.15 -52.47 8.29
N PRO F 735 -9.23 -53.09 9.03
CA PRO F 735 -8.24 -52.31 9.78
C PRO F 735 -7.38 -51.49 8.84
N LEU F 736 -6.78 -50.43 9.38
CA LEU F 736 -6.00 -49.51 8.55
C LEU F 736 -4.81 -50.20 7.90
N THR F 737 -4.09 -51.03 8.66
CA THR F 737 -2.94 -51.74 8.11
C THR F 737 -3.37 -52.73 7.03
N THR F 738 -4.46 -53.46 7.27
CA THR F 738 -4.96 -54.39 6.27
C THR F 738 -5.39 -53.67 5.00
N PHE F 739 -6.06 -52.52 5.15
CA PHE F 739 -6.47 -51.75 3.98
C PHE F 739 -5.27 -51.23 3.21
N GLN F 740 -4.24 -50.75 3.91
CA GLN F 740 -3.03 -50.29 3.24
C GLN F 740 -2.35 -51.44 2.50
N GLN F 741 -2.29 -52.61 3.12
CA GLN F 741 -1.70 -53.78 2.46
C GLN F 741 -2.48 -54.16 1.22
N LYS F 742 -3.82 -54.14 1.30
CA LYS F 742 -4.64 -54.53 0.15
C LYS F 742 -4.58 -53.49 -0.96
N ILE F 743 -4.38 -52.22 -0.62
CA ILE F 743 -4.32 -51.17 -1.63
C ILE F 743 -2.90 -50.98 -2.19
N SER F 744 -1.88 -51.53 -1.52
CA SER F 744 -0.52 -51.40 -2.02
C SER F 744 -0.31 -52.12 -3.35
N LYS F 745 -1.18 -53.07 -3.68
CA LYS F 745 -1.05 -53.79 -4.94
C LYS F 745 -1.42 -52.90 -6.13
N TYR F 746 -2.52 -52.17 -6.03
CA TYR F 746 -3.02 -51.41 -7.16
C TYR F 746 -2.22 -50.14 -7.41
N PHE F 747 -1.82 -49.44 -6.35
CA PHE F 747 -1.09 -48.19 -6.47
C PHE F 747 0.16 -48.24 -5.59
N ASN F 748 1.31 -47.91 -6.19
CA ASN F 748 2.56 -47.85 -5.45
C ASN F 748 2.60 -46.57 -4.61
N SER F 749 3.48 -46.57 -3.61
CA SER F 749 3.63 -45.42 -2.72
C SER F 749 4.60 -44.38 -3.24
N ARG F 750 5.44 -44.73 -4.23
CA ARG F 750 6.41 -43.76 -4.73
C ARG F 750 5.75 -42.67 -5.56
N LEU F 751 4.64 -42.99 -6.23
CA LEU F 751 3.93 -42.03 -7.07
C LEU F 751 2.51 -41.76 -6.59
N PHE F 752 2.08 -42.38 -5.50
CA PHE F 752 0.72 -42.17 -5.00
C PHE F 752 0.68 -42.04 -3.48
N GLY F 753 1.82 -41.80 -2.83
CA GLY F 753 1.83 -41.72 -1.39
C GLY F 753 0.96 -40.59 -0.86
N HIS F 754 1.08 -39.42 -1.47
CA HIS F 754 0.37 -38.24 -0.96
C HIS F 754 -1.14 -38.41 -1.03
N ASP F 755 -1.66 -38.76 -2.20
CA ASP F 755 -3.11 -38.86 -2.34
C ASP F 755 -3.66 -40.11 -1.66
N ILE F 756 -2.87 -41.18 -1.58
CA ILE F 756 -3.28 -42.34 -0.81
C ILE F 756 -3.42 -41.98 0.66
N GLU F 757 -2.44 -41.26 1.21
CA GLU F 757 -2.53 -40.84 2.60
C GLU F 757 -3.69 -39.88 2.83
N SER F 758 -3.91 -38.97 1.88
CA SER F 758 -5.04 -38.04 2.01
C SER F 758 -6.36 -38.78 2.04
N PHE F 759 -6.54 -39.73 1.12
CA PHE F 759 -7.76 -40.54 1.11
C PHE F 759 -7.92 -41.33 2.39
N ILE F 760 -6.82 -41.93 2.88
CA ILE F 760 -6.90 -42.75 4.08
C ILE F 760 -7.31 -41.91 5.29
N ASN F 761 -6.64 -40.77 5.49
CA ASN F 761 -6.92 -39.97 6.69
C ASN F 761 -8.26 -39.25 6.60
N ARG F 762 -8.68 -38.84 5.39
CA ARG F 762 -9.97 -38.19 5.25
C ARG F 762 -11.14 -39.17 5.28
N HIS F 763 -10.88 -40.46 5.03
CA HIS F 763 -11.92 -41.47 5.06
C HIS F 763 -11.78 -42.43 6.23
N LYS F 764 -10.98 -42.08 7.24
CA LYS F 764 -10.74 -42.95 8.38
C LYS F 764 -11.73 -42.60 9.48
N LYS F 765 -12.75 -43.44 9.65
CA LYS F 765 -13.69 -43.27 10.76
C LYS F 765 -13.03 -43.63 12.08
N PHE F 766 -13.51 -43.01 13.16
CA PHE F 766 -12.94 -43.22 14.49
C PHE F 766 -13.73 -44.33 15.17
N ALA F 767 -13.22 -45.56 15.09
CA ALA F 767 -13.79 -46.66 15.85
C ALA F 767 -13.36 -46.64 17.32
N ASN F 768 -12.34 -45.86 17.65
CA ASN F 768 -11.85 -45.71 19.02
C ASN F 768 -10.98 -44.47 19.07
N VAL F 769 -10.45 -44.19 20.25
CA VAL F 769 -9.51 -43.09 20.40
C VAL F 769 -8.22 -43.33 19.64
N SER F 770 -7.77 -44.58 19.58
CA SER F 770 -6.57 -44.96 18.84
C SER F 770 -6.88 -45.82 17.62
N ASP F 771 -7.74 -46.82 17.77
CA ASP F 771 -8.09 -47.68 16.65
C ASP F 771 -8.92 -46.92 15.62
N GLU F 772 -8.61 -47.16 14.35
CA GLU F 772 -9.28 -46.51 13.24
C GLU F 772 -10.00 -47.55 12.38
N TYR F 773 -11.04 -47.10 11.67
CA TYR F 773 -11.84 -47.97 10.84
C TYR F 773 -12.02 -47.35 9.47
N LEU F 774 -12.40 -48.18 8.50
CA LEU F 774 -12.70 -47.72 7.15
C LEU F 774 -13.89 -48.50 6.63
N GLN F 775 -15.04 -47.83 6.52
CA GLN F 775 -16.28 -48.48 6.07
C GLN F 775 -16.24 -48.63 4.55
N TYR F 776 -15.30 -49.46 4.10
CA TYR F 776 -15.10 -49.69 2.68
C TYR F 776 -14.76 -51.16 2.45
N ILE F 777 -15.07 -51.66 1.26
CA ILE F 777 -14.78 -53.03 0.88
C ILE F 777 -14.34 -53.05 -0.58
N PHE F 778 -13.32 -53.86 -0.87
CA PHE F 778 -12.87 -54.02 -2.24
C PHE F 778 -13.87 -54.86 -3.02
N ILE F 779 -14.21 -54.39 -4.23
CA ILE F 779 -15.22 -55.06 -5.03
C ILE F 779 -14.78 -56.46 -5.44
N GLU F 780 -13.46 -56.68 -5.55
CA GLU F 780 -12.96 -57.99 -5.97
C GLU F 780 -13.30 -59.07 -4.95
N ASP F 781 -13.17 -58.76 -3.66
CA ASP F 781 -13.46 -59.74 -2.62
C ASP F 781 -14.94 -60.12 -2.63
N ILE F 782 -15.83 -59.14 -2.78
CA ILE F 782 -17.25 -59.42 -2.82
C ILE F 782 -17.60 -60.20 -4.09
N SER F 783 -16.95 -59.87 -5.21
CA SER F 783 -17.20 -60.59 -6.45
C SER F 783 -16.76 -62.04 -6.34
N SER F 784 -15.66 -62.29 -5.65
CA SER F 784 -15.21 -63.66 -5.44
C SER F 784 -16.19 -64.42 -4.57
N PRO F 785 -16.39 -65.72 -4.82
CA PRO F 785 -17.32 -66.55 -4.07
C PRO F 785 -16.69 -67.20 -2.84
PG ATP H . -21.30 -10.95 24.48
O1G ATP H . -22.13 -10.52 23.32
O2G ATP H . -20.60 -12.31 24.28
O3G ATP H . -20.26 -9.91 24.90
PB ATP H . -22.62 -12.30 26.80
O1B ATP H . -22.79 -13.60 26.12
O2B ATP H . -21.61 -12.28 27.94
O3B ATP H . -22.21 -11.16 25.78
PA ATP H . -25.50 -11.64 26.89
O1A ATP H . -25.57 -11.29 25.45
O2A ATP H . -26.21 -10.66 27.82
O3A ATP H . -24.00 -11.75 27.38
O5' ATP H . -26.08 -13.08 27.15
C5' ATP H . -26.98 -13.33 28.24
C4' ATP H . -28.27 -13.93 27.70
O4' ATP H . -29.23 -14.05 28.77
C3' ATP H . -28.97 -13.09 26.65
O3' ATP H . -29.80 -13.90 25.82
C2' ATP H . -29.79 -12.13 27.50
O2' ATP H . -30.97 -11.69 26.82
C1' ATP H . -30.15 -12.99 28.72
N9 ATP H . -30.09 -12.27 29.99
C8 ATP H . -29.25 -11.23 30.31
N7 ATP H . -29.41 -10.77 31.53
C5 ATP H . -30.41 -11.57 32.05
C6 ATP H . -31.04 -11.60 33.31
N6 ATP H . -30.74 -10.76 34.31
N1 ATP H . -32.02 -12.51 33.50
C2 ATP H . -32.32 -13.35 32.50
N3 ATP H . -31.79 -13.41 31.27
C4 ATP H . -30.84 -12.50 31.12
PG ATP I . -21.65 -27.92 -5.51
O1G ATP I . -20.72 -28.60 -6.45
O2G ATP I . -21.39 -28.23 -4.04
O3G ATP I . -21.71 -26.40 -5.70
PB ATP I . -24.64 -28.11 -5.26
O1B ATP I . -24.98 -28.90 -4.07
O2B ATP I . -24.76 -26.60 -5.11
O3B ATP I . -23.16 -28.41 -5.76
PA ATP I . -26.58 -27.85 -7.48
O1A ATP I . -26.17 -26.49 -7.88
O2A ATP I . -27.93 -27.96 -6.80
O3A ATP I . -25.50 -28.53 -6.53
O5' ATP I . -26.58 -28.80 -8.74
C5' ATP I . -27.43 -29.96 -8.81
C4' ATP I . -28.00 -30.05 -10.20
O4' ATP I . -29.27 -30.74 -10.16
C3' ATP I . -28.30 -28.71 -10.88
O3' ATP I . -28.18 -28.80 -12.28
C2' ATP I . -29.73 -28.44 -10.44
O2' ATP I . -30.41 -27.59 -11.36
C1' ATP I . -30.34 -29.85 -10.46
N9 ATP I . -31.40 -30.06 -9.49
C8 ATP I . -31.53 -29.46 -8.27
N7 ATP I . -32.60 -29.84 -7.60
C5 ATP I . -33.20 -30.76 -8.45
C6 ATP I . -34.38 -31.53 -8.33
N6 ATP I . -35.19 -31.51 -7.28
N1 ATP I . -34.70 -32.35 -9.36
C2 ATP I . -33.90 -32.38 -10.43
N3 ATP I . -32.78 -31.70 -10.65
C4 ATP I . -32.48 -30.90 -9.62
MG MG J . -22.95 -24.78 -6.31
PB ADP K . 30.79 -2.07 -23.70
O1B ADP K . 30.02 -1.26 -22.69
O2B ADP K . 32.25 -2.30 -23.37
O3B ADP K . 30.07 -3.32 -24.13
PA ADP K . 30.89 0.42 -25.12
O1A ADP K . 30.21 0.85 -26.39
O2A ADP K . 30.50 1.07 -23.82
O3A ADP K . 30.84 -1.19 -25.05
O5' ADP K . 32.48 0.70 -25.30
C5' ADP K . 32.95 1.27 -26.52
C4' ADP K . 33.95 2.40 -26.24
O4' ADP K . 34.84 2.48 -27.35
C3' ADP K . 33.23 3.73 -26.11
O3' ADP K . 33.69 4.42 -24.95
C2' ADP K . 33.59 4.52 -27.36
O2' ADP K . 34.07 5.81 -27.00
C1' ADP K . 34.68 3.72 -28.05
N9 ADP K . 34.27 3.41 -29.45
C8 ADP K . 33.10 2.88 -29.82
N7 ADP K . 33.03 2.72 -31.16
C5 ADP K . 34.19 3.16 -31.67
C6 ADP K . 34.78 3.28 -33.03
N6 ADP K . 34.11 2.88 -34.13
N1 ADP K . 36.03 3.80 -33.13
C2 ADP K . 36.72 4.19 -32.03
N3 ADP K . 36.24 4.11 -30.78
C4 ADP K . 35.01 3.62 -30.54
PB ADP L . 0.95 -22.20 -30.42
O1B ADP L . 0.29 -20.99 -29.82
O2B ADP L . 0.41 -23.52 -29.94
O3B ADP L . 2.45 -22.13 -30.45
PA ADP L . 0.74 -20.83 -32.85
O1A ADP L . -0.60 -20.16 -33.07
O2A ADP L . 1.88 -20.05 -32.24
O3A ADP L . 0.53 -22.16 -31.98
O5' ADP L . 1.25 -21.40 -34.27
C5' ADP L . 2.57 -21.09 -34.72
C4' ADP L . 2.54 -20.67 -36.19
O4' ADP L . 1.84 -21.62 -36.98
C3' ADP L . 1.86 -19.34 -36.37
O3' ADP L . 2.82 -18.34 -36.71
C2' ADP L . 0.88 -19.52 -37.50
O2' ADP L . 1.11 -18.55 -38.53
C1' ADP L . 1.14 -20.93 -38.02
N9 ADP L . -0.14 -21.62 -38.37
C8 ADP L . -1.23 -21.68 -37.60
N7 ADP L . -2.22 -22.38 -38.21
C5 ADP L . -1.75 -22.77 -39.41
C6 ADP L . -2.27 -23.54 -40.57
N6 ADP L . -3.53 -24.06 -40.57
N1 ADP L . -1.45 -23.72 -41.62
C2 ADP L . -0.21 -23.22 -41.64
N3 ADP L . 0.34 -22.52 -40.63
C4 ADP L . -0.38 -22.26 -39.51
#